data_6CDE
#
_entry.id   6CDE
#
_cell.length_a   1
_cell.length_b   1
_cell.length_c   1
_cell.angle_alpha   90.00
_cell.angle_beta   90.00
_cell.angle_gamma   90.00
#
_symmetry.space_group_name_H-M   'P 1'
#
loop_
_entity.id
_entity.type
_entity.pdbx_description
1 polymer 'vFP20.01 Heavy Chain'
2 polymer 'vFP20.01 Light chain'
3 polymer 'PGT122 Heavy chain'
4 polymer 'PGT122 Light Chain'
5 polymer 'VRC03 Light Chain'
6 polymer 'VRC03 Heavy Chain'
7 polymer 'Glycoprotein 41'
8 polymer 'Glycoprotein 120'
9 branched beta-D-mannopyranose-(1-4)-2-acetamido-2-deoxy-beta-D-glucopyranose-(1-4)-2-acetamido-2-deoxy-beta-D-glucopyranose
10 branched 2-acetamido-2-deoxy-beta-D-glucopyranose-(1-4)-2-acetamido-2-deoxy-beta-D-glucopyranose
11 branched alpha-D-mannopyranose-(1-3)-beta-D-mannopyranose-(1-4)-2-acetamido-2-deoxy-beta-D-glucopyranose-(1-4)-2-acetamido-2-deoxy-beta-D-glucopyranose
12 branched alpha-D-mannopyranose-(1-2)-alpha-D-mannopyranose-(1-3)-[alpha-D-mannopyranose-(1-6)]beta-D-mannopyranose-(1-4)-2-acetamido-2-deoxy-beta-D-glucopyranose-(1-4)-2-acetamido-2-deoxy-beta-D-glucopyranose
13 branched alpha-D-mannopyranose-(1-2)-alpha-D-mannopyranose-(1-2)-alpha-D-mannopyranose-(1-3)-[alpha-D-mannopyranose-(1-3)-alpha-D-mannopyranose-(1-6)]beta-D-mannopyranose-(1-4)-2-acetamido-2-deoxy-beta-D-glucopyranose-(1-4)-2-acetamido-2-deoxy-beta-D-glucopyranose
14 branched alpha-D-mannopyranose-(1-3)-[alpha-D-mannopyranose-(1-6)]beta-D-mannopyranose-(1-4)-2-acetamido-2-deoxy-beta-D-glucopyranose-(1-4)-2-acetamido-2-deoxy-beta-D-glucopyranose
15 branched alpha-D-mannopyranose-(1-2)-alpha-D-mannopyranose-(1-3)-alpha-D-mannopyranose-(1-6)-[alpha-D-mannopyranose-(1-2)-alpha-D-mannopyranose-(1-3)]beta-D-mannopyranose-(1-4)-2-acetamido-2-deoxy-beta-D-glucopyranose-(1-4)-2-acetamido-2-deoxy-beta-D-glucopyranose
16 branched alpha-D-mannopyranose-(1-2)-alpha-D-mannopyranose-(1-3)-[alpha-D-mannopyranose-(1-6)]alpha-D-mannopyranose-(1-6)-[alpha-D-mannopyranose-(1-2)-alpha-D-mannopyranose-(1-3)]beta-D-mannopyranose-(1-4)-2-acetamido-2-deoxy-beta-D-glucopyranose-(1-4)-2-acetamido-2-deoxy-beta-D-glucopyranose
17 branched alpha-D-mannopyranose-(1-6)-beta-D-mannopyranose-(1-4)-2-acetamido-2-deoxy-beta-D-glucopyranose-(1-4)-2-acetamido-2-deoxy-beta-D-glucopyranose
18 non-polymer 2-acetamido-2-deoxy-beta-D-glucopyranose
19 non-polymer alpha-D-mannopyranose
#
loop_
_entity_poly.entity_id
_entity_poly.type
_entity_poly.pdbx_seq_one_letter_code
_entity_poly.pdbx_strand_id
1 'polypeptide(L)'
;QVQLQQSGADLVRPGASVTLSCKASGYTFTDYEMHWMKQTPVHGLEWIGAIVPETGYTAYNQKFKGKAILTADKSSNTVY
MQFRSLTSEDSAVYYCSRLKLLGYFDVWGTGTTVTVSPASTKGPSVFPLAPGTAALGCLVKDYFPEPVTVSWNSGALTSG
VHTFPAVLQSSGLYSLSSVVTVPSSSLGTQTYICNVNHKPSNTKVDKKAEP
;
h,H,3
2 'polypeptide(L)'
;DVLMTQTPLSLPVSLGDQASISCKSSQSIVYKDGNSYLEWYLQKVGQSPKLLIYRVSNRFSGVPDRFSGSGSGTDFTLKI
SRVEAEDLGVYYCFQGTHLPYTFGGGTKLEMKRTVAAPSVFIFPPSDEQLKSGTASVVCLLNNFYPREAKVQWKVDNALQ
SGNSQESVTEQDSKDSTYSLSSTLTLSKADYEKHKVYACEVTHQGLSSPVTKSFNR
;
l,L,4
3 'polypeptide(L)'
;QVHLQESGPGLVKPSETLSLTCNVSGTLVRDNYWSWIRQPLGKQPEWIGYVHDSGDTNYNPSLKSRVHLSLDKSKNLVSL
RLTGVTAADSAIYYCATTKHGRRIYGVVAFKEWFTYFYMDVWGKGTSVTVSSASTKGPSVFPLAPSSGGTAALGCLVKDY
FPEPVTVSWNSGALTSGVHTFPAVLQSSGLYSLSSVVTVPSSSLGTQTYICNVNHKPSNTKVDKRVEP
;
M,m,7
4 'polypeptide(L)'
;APTFVSVAPGQTARITCGEESLGSRSVIWYQQRPGQAPSLIIYNNNDRPSGIPDRFSGSPGSTFGTTATLTITSVEAGDE
ADYYCHIWDSRRPTNWVFGEGTTLIVLSQPKAAPSVTLFPPSSEELQANKATLVCLISDFYPGAVTVAWKADSSPVKAGV
ETTTPSKQSNNKYAASSYLSLTPEQWKSHKSYSCQVTHEGSTVEKTVAPT
;
N,n,8
5 'polypeptide(L)'
;EIVLTQSPGILSLSPGETATLFCKASQGGNAMTWYQKRRGQVPRLLIYDTSRRASGVPDRFVGSGSGTDFFLTINKLDRE
DFAVYYCQQFEFFGLGSELEVHRTVAAPSVFIFPPSDEQLKSGTASVVCLLNNFYPREAKVQWKVDNALQSGNSQESVTE
QDSKDSTYSLSSTLTLSKADYEKHKVYACEVTHQGLSSPVTKSFNRGE
;
R,r,6
6 'polypeptide(L)'
;QVQLVQSGAVIKTPGSSVKISCRASGYNFRDYSIHWVRLIPDKGFEWIGWIKPLWGAVSYARQLQGRVSMTRQLSQDPDD
PDWGVAYMEFSGLTPADTAEYFCVRRGSCDYCGDFPWQYWGQGTVVVVSSASTKGPSVFPLAPSSGGTAALGCLVKDYFP
EPVTVSWNSGALTSGVHTFPAVLQSSGLYSLSSVVTVPSSSLGTQTYICNVNHKPSNTKVDKKVEPK
;
Q,q,5
7 'polypeptide(L)'
;AVGIGAVFLGFLGAAGSTMGAASMTLTVQARNLLSGIVQQQSNLLRAIEAQQHLLKLTVWGIKQLQARVLAVERYLRDQQ
LLGIWGCSGKLICCTNVPWNSSWSNRNLSEIWDNMTWLQWDKEISNYTQIIYGLLEESQNQQEKNEQDLLALD
;
D,d,1
8 'polypeptide(L)'
;AENLWVTVYYGVPVWKDAETTLFCASDAKAYETEKHNVWATHACVPTDPNPQEIHLENVTEEFNMWKNNMVEQMHTDIIS
LWDQSLKPCVKLTPLCVTLQCTNVTNNITDDMRGELKNCSFNMTTELRDKKQKVYSLFYRLDVVQINENQGNRSNNSNKE
YRLINCNTSACTQACPKVSFEPIPIHYCAPAGFAILKCKDKKFNGTGPCPSVSTVQCTHGIKPVVSTQLLLNGSLAEEEV
MIRSENITNNAKNILVQFNTPVQINCTRPNNNTRKSIRIGPGQAFYATGDIIGDIRQAHCNVSKATWNETLGKVVKQLRK
HFGNNTIIRFANSSGGDLEVTTHSFNCGGEFFYCNTSGLFNSTWISNTSVQGSNSTGSNDSITLPCRIKQIINMWQRIGQ
CMYAPPIQGVIRCVSNITGLILTRDGGSTNSTTETFRPGGGDMRDNWRSELYKYKVVKIEPLGVAPTRCKRRV
;
C,c,2
#
loop_
_chem_comp.id
_chem_comp.type
_chem_comp.name
_chem_comp.formula
BMA D-saccharide, beta linking beta-D-mannopyranose 'C6 H12 O6'
MAN D-saccharide, alpha linking alpha-D-mannopyranose 'C6 H12 O6'
NAG D-saccharide, beta linking 2-acetamido-2-deoxy-beta-D-glucopyranose 'C8 H15 N O6'
#
# COMPACT_ATOMS: atom_id res chain seq x y z
N LEU A 4 -65.48 12.84 -19.72
CA LEU A 4 -65.78 11.75 -20.63
C LEU A 4 -66.70 12.15 -21.77
N GLN A 5 -66.12 12.70 -22.83
CA GLN A 5 -66.81 13.01 -24.07
C GLN A 5 -65.81 12.76 -25.18
N GLN A 6 -66.27 12.18 -26.30
CA GLN A 6 -65.39 11.70 -27.37
C GLN A 6 -65.88 12.19 -28.73
N SER A 7 -65.19 11.75 -29.78
CA SER A 7 -65.65 11.90 -31.16
C SER A 7 -66.31 10.61 -31.63
N GLY A 8 -66.58 10.52 -32.93
CA GLY A 8 -67.15 9.34 -33.53
C GLY A 8 -66.23 8.66 -34.52
N ALA A 9 -66.71 7.53 -35.03
CA ALA A 9 -65.93 6.71 -35.96
C ALA A 9 -65.83 7.40 -37.33
N ASP A 10 -64.77 7.08 -38.06
CA ASP A 10 -64.50 7.74 -39.33
C ASP A 10 -64.33 6.74 -40.47
N LEU A 11 -64.26 7.31 -41.68
CA LEU A 11 -63.93 6.61 -42.91
C LEU A 11 -62.79 7.37 -43.56
N VAL A 12 -61.59 6.80 -43.51
CA VAL A 12 -60.35 7.53 -43.76
C VAL A 12 -59.61 6.89 -44.92
N ARG A 13 -59.17 7.72 -45.87
CA ARG A 13 -58.35 7.31 -47.01
C ARG A 13 -56.89 7.17 -46.57
N PRO A 14 -56.11 6.30 -47.25
CA PRO A 14 -54.68 6.24 -46.97
C PRO A 14 -53.98 7.50 -47.48
N GLY A 15 -53.22 8.12 -46.60
CA GLY A 15 -52.55 9.37 -46.92
C GLY A 15 -53.29 10.62 -46.49
N ALA A 16 -54.26 10.52 -45.59
CA ALA A 16 -55.05 11.65 -45.13
C ALA A 16 -54.78 11.90 -43.66
N SER A 17 -54.70 13.18 -43.30
CA SER A 17 -54.40 13.61 -41.94
C SER A 17 -55.68 13.96 -41.20
N VAL A 18 -55.98 13.20 -40.14
CA VAL A 18 -57.25 13.29 -39.44
C VAL A 18 -56.95 13.62 -37.97
N THR A 19 -57.72 14.55 -37.40
CA THR A 19 -57.60 14.94 -35.99
C THR A 19 -58.85 14.48 -35.25
N LEU A 20 -58.64 13.63 -34.25
CA LEU A 20 -59.72 13.04 -33.47
C LEU A 20 -59.64 13.54 -32.04
N SER A 21 -60.76 14.00 -31.50
CA SER A 21 -60.71 14.60 -30.19
C SER A 21 -61.58 13.82 -29.23
N CYS A 22 -61.14 13.78 -27.99
CA CYS A 22 -62.06 13.53 -26.90
C CYS A 22 -61.88 14.64 -25.88
N LYS A 23 -62.94 15.41 -25.66
CA LYS A 23 -62.87 16.53 -24.74
C LYS A 23 -63.18 16.09 -23.32
N ALA A 24 -62.47 16.67 -22.36
CA ALA A 24 -62.62 16.32 -20.96
C ALA A 24 -63.65 17.23 -20.33
N SER A 25 -64.54 16.64 -19.53
CA SER A 25 -65.57 17.41 -18.86
C SER A 25 -65.57 17.04 -17.38
N GLY A 26 -65.94 18.01 -16.56
CA GLY A 26 -65.85 17.85 -15.12
C GLY A 26 -64.48 18.10 -14.54
N TYR A 27 -63.52 17.23 -14.84
CA TYR A 27 -62.25 17.21 -14.11
C TYR A 27 -61.21 18.12 -14.74
N THR A 28 -60.45 18.79 -13.87
CA THR A 28 -59.59 19.89 -14.28
C THR A 28 -58.36 19.41 -15.05
N PHE A 29 -57.86 20.27 -15.93
CA PHE A 29 -56.69 19.92 -16.72
C PHE A 29 -55.40 19.99 -15.93
N THR A 30 -55.38 20.74 -14.82
CA THR A 30 -54.15 20.88 -14.05
C THR A 30 -53.81 19.64 -13.23
N ASP A 31 -54.76 18.72 -13.09
CA ASP A 31 -54.59 17.57 -12.21
C ASP A 31 -54.34 16.27 -12.98
N TYR A 32 -55.09 16.04 -14.04
CA TYR A 32 -55.13 14.76 -14.73
C TYR A 32 -54.44 14.83 -16.10
N GLU A 33 -53.95 13.68 -16.54
CA GLU A 33 -53.08 13.59 -17.71
C GLU A 33 -53.57 12.48 -18.61
N MET A 34 -53.78 12.79 -19.89
CA MET A 34 -54.32 11.78 -20.79
C MET A 34 -53.24 10.93 -21.44
N HIS A 35 -53.69 9.84 -22.05
CA HIS A 35 -52.90 8.93 -22.84
C HIS A 35 -53.73 8.46 -24.02
N TRP A 36 -53.13 7.61 -24.86
CA TRP A 36 -53.83 7.05 -26.00
C TRP A 36 -53.39 5.60 -26.21
N MET A 37 -54.19 4.88 -26.97
CA MET A 37 -54.20 3.43 -26.97
C MET A 37 -54.46 2.93 -28.39
N LYS A 38 -54.15 1.66 -28.63
CA LYS A 38 -54.60 0.97 -29.84
C LYS A 38 -55.07 -0.42 -29.46
N GLN A 39 -56.17 -0.86 -30.07
CA GLN A 39 -56.70 -2.20 -29.83
C GLN A 39 -56.62 -2.96 -31.15
N THR A 40 -55.48 -3.58 -31.38
CA THR A 40 -55.25 -4.36 -32.59
C THR A 40 -55.62 -5.81 -32.34
N PRO A 41 -56.16 -6.53 -33.33
CA PRO A 41 -56.49 -7.94 -33.13
C PRO A 41 -55.29 -8.87 -33.14
N VAL A 42 -54.09 -8.37 -33.41
CA VAL A 42 -52.88 -9.19 -33.43
C VAL A 42 -51.93 -8.82 -32.29
N HIS A 43 -51.59 -7.54 -32.17
CA HIS A 43 -50.69 -7.08 -31.11
C HIS A 43 -51.43 -6.70 -29.83
N GLY A 44 -52.75 -6.91 -29.77
CA GLY A 44 -53.49 -6.64 -28.56
C GLY A 44 -53.63 -5.16 -28.28
N LEU A 45 -53.06 -4.71 -27.16
CA LEU A 45 -53.06 -3.31 -26.80
C LEU A 45 -51.65 -2.73 -26.95
N GLU A 46 -51.59 -1.48 -27.42
CA GLU A 46 -50.33 -0.75 -27.57
C GLU A 46 -50.51 0.65 -27.04
N TRP A 47 -49.41 1.23 -26.57
CA TRP A 47 -49.41 2.59 -26.05
C TRP A 47 -49.00 3.56 -27.16
N ILE A 48 -49.54 4.78 -27.10
CA ILE A 48 -49.18 5.77 -28.12
C ILE A 48 -48.43 6.95 -27.51
N GLY A 49 -49.10 7.70 -26.64
CA GLY A 49 -48.53 8.95 -26.19
C GLY A 49 -49.26 9.51 -24.99
N ALA A 50 -49.06 10.81 -24.76
CA ALA A 50 -49.59 11.46 -23.57
C ALA A 50 -49.63 12.97 -23.78
N ILE A 51 -50.31 13.66 -22.88
CA ILE A 51 -50.30 15.11 -22.79
C ILE A 51 -50.22 15.51 -21.32
N VAL A 52 -49.26 16.36 -20.99
CA VAL A 52 -49.37 17.20 -19.81
C VAL A 52 -49.75 18.60 -20.31
N PRO A 53 -50.98 19.06 -20.11
CA PRO A 53 -51.41 20.32 -20.71
C PRO A 53 -50.84 21.55 -20.05
N GLU A 54 -50.35 21.44 -18.81
CA GLU A 54 -49.66 22.56 -18.17
C GLU A 54 -48.34 22.84 -18.86
N THR A 55 -47.50 21.81 -18.99
CA THR A 55 -46.18 21.98 -19.57
C THR A 55 -46.24 22.08 -21.09
N GLY A 56 -47.08 21.25 -21.72
CA GLY A 56 -47.38 21.41 -23.13
C GLY A 56 -46.64 20.49 -24.07
N TYR A 57 -45.78 19.60 -23.58
CA TYR A 57 -45.07 18.70 -24.47
C TYR A 57 -44.67 17.46 -23.70
N THR A 58 -44.99 16.30 -24.26
CA THR A 58 -44.54 15.02 -23.73
C THR A 58 -44.06 14.19 -24.89
N ALA A 59 -43.75 12.93 -24.60
CA ALA A 59 -43.17 12.01 -25.55
C ALA A 59 -44.25 11.08 -26.09
N TYR A 60 -43.82 10.13 -26.91
CA TYR A 60 -44.71 9.23 -27.58
C TYR A 60 -44.11 7.83 -27.53
N ASN A 61 -44.83 6.86 -28.08
CA ASN A 61 -44.19 5.60 -28.42
C ASN A 61 -43.36 5.81 -29.69
N GLN A 62 -42.20 5.15 -29.72
CA GLN A 62 -41.22 5.44 -30.75
C GLN A 62 -41.64 4.93 -32.12
N LYS A 63 -42.60 4.01 -32.20
CA LYS A 63 -43.18 3.67 -33.49
C LYS A 63 -44.03 4.81 -34.03
N PHE A 64 -44.64 5.58 -33.15
CA PHE A 64 -45.74 6.46 -33.52
C PHE A 64 -45.33 7.92 -33.51
N LYS A 65 -44.05 8.21 -33.30
CA LYS A 65 -43.58 9.58 -33.41
C LYS A 65 -43.64 10.04 -34.86
N GLY A 66 -43.92 11.30 -35.05
CA GLY A 66 -44.09 11.84 -36.39
C GLY A 66 -45.50 11.73 -36.89
N LYS A 67 -46.07 10.52 -36.84
CA LYS A 67 -47.46 10.34 -37.26
C LYS A 67 -48.41 10.93 -36.22
N ALA A 68 -48.23 10.56 -34.96
CA ALA A 68 -49.13 10.98 -33.90
C ALA A 68 -48.62 12.27 -33.27
N ILE A 69 -49.45 13.31 -33.32
CA ILE A 69 -49.17 14.57 -32.64
C ILE A 69 -50.36 14.89 -31.75
N LEU A 70 -50.08 15.21 -30.50
CA LEU A 70 -51.13 15.43 -29.51
C LEU A 70 -51.16 16.91 -29.09
N THR A 71 -52.30 17.54 -29.31
CA THR A 71 -52.54 18.92 -28.89
C THR A 71 -53.75 18.95 -27.97
N ALA A 72 -53.84 19.98 -27.15
CA ALA A 72 -54.93 20.10 -26.21
C ALA A 72 -55.27 21.56 -26.03
N ASP A 73 -56.55 21.87 -25.94
CA ASP A 73 -57.02 23.21 -25.65
C ASP A 73 -57.52 23.22 -24.22
N LYS A 74 -56.73 23.84 -23.33
CA LYS A 74 -56.99 23.82 -21.90
C LYS A 74 -58.17 24.69 -21.50
N SER A 75 -58.58 25.63 -22.34
CA SER A 75 -59.71 26.48 -22.01
C SER A 75 -61.01 25.71 -22.15
N SER A 76 -61.25 25.16 -23.34
CA SER A 76 -62.41 24.32 -23.58
C SER A 76 -62.24 22.90 -23.06
N ASN A 77 -61.01 22.54 -22.67
CA ASN A 77 -60.62 21.18 -22.28
C ASN A 77 -60.96 20.17 -23.39
N THR A 78 -60.41 20.43 -24.58
CA THR A 78 -60.62 19.55 -25.73
C THR A 78 -59.27 18.96 -26.14
N VAL A 79 -59.16 17.63 -26.10
CA VAL A 79 -57.90 16.94 -26.34
C VAL A 79 -57.94 16.32 -27.74
N TYR A 80 -57.01 16.77 -28.59
CA TYR A 80 -56.96 16.40 -30.00
C TYR A 80 -55.73 15.53 -30.28
N MET A 81 -55.97 14.36 -30.87
CA MET A 81 -54.93 13.68 -31.62
C MET A 81 -54.75 14.35 -32.98
N GLN A 82 -53.74 13.88 -33.69
CA GLN A 82 -53.60 14.12 -35.11
C GLN A 82 -52.77 12.98 -35.66
N PHE A 83 -53.29 12.27 -36.64
CA PHE A 83 -52.52 11.26 -37.35
C PHE A 83 -52.13 11.80 -38.71
N ARG A 84 -51.10 11.20 -39.29
CA ARG A 84 -50.59 11.63 -40.59
C ARG A 84 -50.23 10.41 -41.41
N SER A 85 -50.70 10.37 -42.66
CA SER A 85 -50.42 9.30 -43.65
C SER A 85 -50.81 7.93 -43.12
N LEU A 86 -52.10 7.76 -42.85
CA LEU A 86 -52.60 6.53 -42.27
C LEU A 86 -52.54 5.38 -43.27
N THR A 87 -52.49 4.17 -42.74
CA THR A 87 -52.46 2.95 -43.52
C THR A 87 -53.71 2.13 -43.21
N SER A 88 -53.85 1.01 -43.91
CA SER A 88 -54.96 0.08 -43.68
C SER A 88 -54.78 -0.74 -42.41
N GLU A 89 -53.63 -0.65 -41.75
CA GLU A 89 -53.35 -1.38 -40.52
C GLU A 89 -53.97 -0.74 -39.29
N ASP A 90 -54.40 0.53 -39.37
CA ASP A 90 -54.88 1.26 -38.22
C ASP A 90 -56.36 1.06 -37.95
N SER A 91 -56.93 -0.07 -38.35
CA SER A 91 -58.26 -0.46 -37.93
C SER A 91 -58.18 -0.96 -36.51
N ALA A 92 -58.40 -0.08 -35.54
CA ALA A 92 -58.29 -0.42 -34.14
C ALA A 92 -59.28 0.43 -33.35
N VAL A 93 -59.31 0.24 -32.05
CA VAL A 93 -60.16 1.01 -31.16
C VAL A 93 -59.25 1.85 -30.26
N TYR A 94 -59.50 3.15 -30.23
CA TYR A 94 -58.61 4.11 -29.60
C TYR A 94 -59.26 4.62 -28.31
N TYR A 95 -58.55 4.52 -27.20
CA TYR A 95 -59.13 4.74 -25.89
C TYR A 95 -58.50 5.96 -25.23
N CYS A 96 -59.34 6.93 -24.89
CA CYS A 96 -58.93 7.98 -23.98
C CYS A 96 -58.76 7.39 -22.60
N SER A 97 -57.81 7.93 -21.85
CA SER A 97 -57.53 7.45 -20.51
C SER A 97 -57.03 8.59 -19.65
N ARG A 98 -57.14 8.44 -18.34
CA ARG A 98 -56.85 9.50 -17.38
C ARG A 98 -55.93 8.98 -16.29
N LEU A 99 -54.88 9.72 -15.95
CA LEU A 99 -53.97 9.26 -14.92
C LEU A 99 -53.81 10.26 -13.79
N LYS A 100 -53.48 9.72 -12.63
CA LYS A 100 -52.98 10.45 -11.48
C LYS A 100 -51.46 10.31 -11.43
N LEU A 101 -50.81 11.26 -10.77
CA LEU A 101 -49.37 11.16 -10.53
C LEU A 101 -49.10 10.06 -9.53
N LEU A 102 -48.24 9.10 -9.91
CA LEU A 102 -48.02 7.84 -9.21
C LEU A 102 -49.35 7.12 -9.00
N GLY A 103 -50.20 7.15 -10.04
CA GLY A 103 -51.58 6.78 -9.88
C GLY A 103 -52.05 5.90 -11.02
N TYR A 104 -53.27 5.40 -10.84
CA TYR A 104 -53.86 4.46 -11.76
C TYR A 104 -54.75 5.17 -12.78
N PHE A 105 -55.40 4.36 -13.60
CA PHE A 105 -56.29 4.87 -14.65
C PHE A 105 -57.69 5.09 -14.09
N ASP A 106 -58.09 6.35 -13.99
CA ASP A 106 -59.41 6.67 -13.45
C ASP A 106 -60.51 6.37 -14.45
N VAL A 107 -60.54 7.10 -15.56
CA VAL A 107 -61.63 6.99 -16.50
C VAL A 107 -61.08 6.47 -17.84
N TRP A 108 -62.01 6.11 -18.72
CA TRP A 108 -61.70 5.46 -19.98
C TRP A 108 -62.76 5.84 -20.99
N GLY A 109 -62.35 6.01 -22.23
CA GLY A 109 -63.27 6.33 -23.29
C GLY A 109 -63.83 5.07 -23.94
N THR A 110 -64.88 5.24 -24.73
CA THR A 110 -65.50 4.09 -25.36
C THR A 110 -64.68 3.62 -26.55
N GLY A 111 -64.38 4.53 -27.47
CA GLY A 111 -63.55 4.19 -28.61
C GLY A 111 -63.99 4.86 -29.90
N THR A 112 -63.03 5.30 -30.70
CA THR A 112 -63.28 5.95 -31.99
C THR A 112 -62.51 5.16 -33.05
N THR A 113 -63.18 4.20 -33.68
CA THR A 113 -62.53 3.33 -34.64
C THR A 113 -62.19 4.10 -35.92
N VAL A 114 -61.02 3.82 -36.47
CA VAL A 114 -60.57 4.44 -37.71
C VAL A 114 -60.49 3.31 -38.73
N THR A 115 -61.52 3.20 -39.56
CA THR A 115 -61.61 2.15 -40.57
C THR A 115 -61.02 2.68 -41.87
N VAL A 116 -59.84 2.22 -42.21
CA VAL A 116 -59.15 2.71 -43.40
C VAL A 116 -59.34 1.75 -44.56
N ASP B 1 -36.72 -2.18 -25.15
CA ASP B 1 -38.13 -2.20 -24.82
C ASP B 1 -38.48 -3.43 -23.98
N VAL B 2 -39.50 -3.30 -23.14
CA VAL B 2 -39.71 -4.20 -22.01
C VAL B 2 -41.01 -4.97 -22.29
N LEU B 3 -41.17 -5.40 -23.53
CA LEU B 3 -42.36 -6.15 -23.94
C LEU B 3 -42.54 -7.43 -23.12
N MET B 4 -43.80 -7.79 -22.89
CA MET B 4 -44.16 -8.96 -22.12
C MET B 4 -44.93 -9.96 -22.95
N THR B 5 -45.02 -11.18 -22.42
CA THR B 5 -45.85 -12.25 -22.96
C THR B 5 -46.79 -12.77 -21.88
N GLN B 6 -47.82 -13.49 -22.30
CA GLN B 6 -48.86 -13.99 -21.41
C GLN B 6 -48.99 -15.50 -21.53
N THR B 7 -48.77 -16.22 -20.42
CA THR B 7 -48.93 -17.66 -20.41
C THR B 7 -50.06 -18.03 -19.46
N PRO B 8 -51.12 -18.71 -19.92
CA PRO B 8 -51.48 -19.14 -21.27
C PRO B 8 -52.18 -18.05 -22.06
N LEU B 9 -52.97 -18.44 -23.07
CA LEU B 9 -53.66 -17.49 -23.94
C LEU B 9 -55.18 -17.55 -23.87
N SER B 10 -55.76 -18.67 -23.45
CA SER B 10 -57.21 -18.81 -23.34
C SER B 10 -57.52 -19.99 -22.42
N LEU B 11 -58.29 -19.74 -21.36
CA LEU B 11 -58.69 -20.81 -20.44
C LEU B 11 -60.21 -20.83 -20.29
N PRO B 12 -60.89 -21.75 -20.97
CA PRO B 12 -62.28 -22.02 -20.59
C PRO B 12 -62.34 -22.69 -19.22
N VAL B 13 -62.83 -21.95 -18.23
CA VAL B 13 -62.87 -22.42 -16.85
C VAL B 13 -64.33 -22.41 -16.39
N SER B 14 -64.76 -23.50 -15.77
CA SER B 14 -66.13 -23.64 -15.30
C SER B 14 -66.43 -22.65 -14.18
N LEU B 15 -67.72 -22.50 -13.90
CA LEU B 15 -68.20 -21.50 -12.94
C LEU B 15 -67.93 -22.01 -11.53
N GLY B 16 -66.80 -21.60 -10.96
CA GLY B 16 -66.49 -21.97 -9.59
C GLY B 16 -65.16 -22.66 -9.39
N ASP B 17 -64.23 -22.47 -10.33
CA ASP B 17 -62.88 -23.01 -10.23
C ASP B 17 -61.88 -21.86 -10.19
N GLN B 18 -60.62 -22.19 -9.93
CA GLN B 18 -59.56 -21.20 -9.86
C GLN B 18 -58.81 -21.11 -11.19
N ALA B 19 -58.68 -19.90 -11.70
CA ALA B 19 -57.92 -19.61 -12.90
C ALA B 19 -56.69 -18.79 -12.54
N SER B 20 -55.57 -19.08 -13.19
CA SER B 20 -54.29 -18.46 -12.88
C SER B 20 -53.51 -18.25 -14.17
N ILE B 21 -53.21 -16.99 -14.50
CA ILE B 21 -52.47 -16.61 -15.68
C ILE B 21 -51.25 -15.79 -15.23
N SER B 22 -50.11 -16.01 -15.88
CA SER B 22 -48.86 -15.35 -15.54
C SER B 22 -48.39 -14.44 -16.67
N CYS B 23 -47.74 -13.34 -16.29
CA CYS B 23 -47.00 -12.47 -17.19
C CYS B 23 -45.58 -12.35 -16.70
N LYS B 24 -44.62 -12.50 -17.61
CA LYS B 24 -43.22 -12.51 -17.27
C LYS B 24 -42.55 -11.25 -17.82
N SER B 25 -41.83 -10.56 -16.94
CA SER B 25 -41.17 -9.30 -17.28
C SER B 25 -39.73 -9.56 -17.67
N SER B 26 -39.31 -9.02 -18.81
CA SER B 26 -37.92 -9.08 -19.23
C SER B 26 -37.05 -8.30 -18.27
N GLN B 27 -37.23 -6.99 -18.23
CA GLN B 27 -36.55 -6.18 -17.23
C GLN B 27 -37.38 -6.12 -15.97
N SER B 28 -36.71 -5.85 -14.86
CA SER B 28 -37.42 -5.67 -13.60
C SER B 28 -38.20 -4.37 -13.63
N ILE B 29 -39.34 -4.36 -12.94
CA ILE B 29 -40.18 -3.18 -12.87
C ILE B 29 -40.16 -2.66 -11.44
N VAL B 30 -39.24 -1.76 -11.15
CA VAL B 30 -39.10 -1.18 -9.82
C VAL B 30 -38.96 0.32 -9.99
N TYR B 31 -39.76 1.08 -9.27
CA TYR B 31 -39.67 2.53 -9.31
C TYR B 31 -38.91 2.97 -8.07
N LYS B 32 -38.63 4.28 -8.00
CA LYS B 32 -38.07 4.88 -6.79
C LYS B 32 -39.00 4.74 -5.59
N ASP B 33 -40.32 4.60 -5.84
CA ASP B 33 -41.27 4.27 -4.79
C ASP B 33 -40.93 2.94 -4.13
N GLY B 34 -40.60 1.92 -4.93
CA GLY B 34 -40.35 0.59 -4.45
C GLY B 34 -41.43 -0.39 -4.87
N ASN B 35 -42.64 0.10 -5.10
CA ASN B 35 -43.73 -0.76 -5.52
C ASN B 35 -43.69 -0.98 -7.02
N SER B 36 -43.82 -2.24 -7.42
CA SER B 36 -43.77 -2.60 -8.83
C SER B 36 -45.03 -2.14 -9.52
N TYR B 37 -44.92 -1.09 -10.33
CA TYR B 37 -46.07 -0.53 -11.04
C TYR B 37 -46.47 -1.43 -12.18
N LEU B 38 -47.32 -2.41 -11.89
CA LEU B 38 -48.01 -3.20 -12.90
C LEU B 38 -49.50 -3.18 -12.61
N GLU B 39 -50.29 -3.10 -13.68
CA GLU B 39 -51.73 -3.12 -13.57
C GLU B 39 -52.28 -4.35 -14.28
N TRP B 40 -53.43 -4.81 -13.81
CA TRP B 40 -54.14 -5.94 -14.40
C TRP B 40 -55.42 -5.43 -15.04
N TYR B 41 -55.63 -5.78 -16.30
CA TYR B 41 -56.75 -5.27 -17.05
C TYR B 41 -57.73 -6.35 -17.41
N LEU B 42 -59.01 -6.01 -17.35
CA LEU B 42 -60.08 -6.81 -17.90
C LEU B 42 -60.88 -5.91 -18.82
N GLN B 43 -61.33 -6.47 -19.93
CA GLN B 43 -62.18 -5.74 -20.87
C GLN B 43 -63.28 -6.68 -21.31
N LYS B 44 -64.51 -6.40 -20.88
CA LYS B 44 -65.66 -7.06 -21.46
C LYS B 44 -65.83 -6.56 -22.89
N VAL B 45 -66.35 -7.44 -23.76
CA VAL B 45 -66.30 -7.20 -25.20
C VAL B 45 -67.20 -6.03 -25.59
N GLY B 46 -66.71 -5.19 -26.49
CA GLY B 46 -67.45 -4.02 -26.92
C GLY B 46 -67.54 -2.91 -25.90
N GLN B 47 -66.56 -2.77 -25.02
CA GLN B 47 -66.64 -1.79 -23.93
C GLN B 47 -65.36 -0.98 -23.78
N SER B 48 -65.23 -0.28 -22.66
CA SER B 48 -63.96 0.24 -22.19
C SER B 48 -63.34 -0.76 -21.21
N PRO B 49 -62.02 -0.94 -21.22
CA PRO B 49 -61.40 -1.86 -20.26
C PRO B 49 -61.38 -1.29 -18.85
N LYS B 50 -61.62 -2.16 -17.88
CA LYS B 50 -61.67 -1.78 -16.49
C LYS B 50 -60.26 -1.86 -15.88
N LEU B 51 -60.19 -1.84 -14.55
CA LEU B 51 -58.98 -2.17 -13.81
C LEU B 51 -59.31 -3.25 -12.80
N LEU B 52 -58.52 -4.32 -12.80
CA LEU B 52 -58.79 -5.43 -11.91
C LEU B 52 -58.25 -5.14 -10.51
N ILE B 53 -56.94 -4.95 -10.38
CA ILE B 53 -56.28 -4.55 -9.15
C ILE B 53 -55.23 -3.51 -9.50
N TYR B 54 -54.60 -2.95 -8.48
CA TYR B 54 -53.48 -2.06 -8.69
C TYR B 54 -52.19 -2.89 -8.73
N ARG B 55 -51.14 -2.33 -8.11
CA ARG B 55 -49.73 -2.71 -8.24
C ARG B 55 -49.45 -4.21 -8.17
N VAL B 56 -49.60 -4.84 -7.00
CA VAL B 56 -49.82 -6.28 -6.89
C VAL B 56 -50.95 -6.46 -5.87
N SER B 57 -51.03 -5.55 -4.92
CA SER B 57 -51.78 -5.78 -3.70
C SER B 57 -53.03 -4.92 -3.57
N ASN B 58 -52.97 -3.65 -3.98
CA ASN B 58 -54.10 -2.77 -3.81
C ASN B 58 -55.15 -3.07 -4.89
N ARG B 59 -56.39 -2.65 -4.64
CA ARG B 59 -57.50 -3.05 -5.50
C ARG B 59 -58.31 -1.83 -5.92
N PHE B 60 -58.77 -1.87 -7.17
CA PHE B 60 -59.57 -0.80 -7.74
C PHE B 60 -60.96 -0.80 -7.11
N SER B 61 -61.41 0.38 -6.69
CA SER B 61 -62.67 0.47 -5.98
C SER B 61 -63.84 0.29 -6.92
N GLY B 62 -64.83 -0.49 -6.50
CA GLY B 62 -65.89 -0.91 -7.36
C GLY B 62 -65.64 -2.23 -8.04
N VAL B 63 -64.83 -3.10 -7.42
CA VAL B 63 -64.52 -4.43 -7.95
C VAL B 63 -64.67 -5.41 -6.79
N PRO B 64 -65.34 -6.55 -6.98
CA PRO B 64 -65.49 -7.51 -5.88
C PRO B 64 -64.18 -8.20 -5.54
N ASP B 65 -64.23 -8.96 -4.46
CA ASP B 65 -63.06 -9.64 -3.89
C ASP B 65 -62.84 -11.03 -4.45
N ARG B 66 -63.26 -11.30 -5.69
CA ARG B 66 -62.96 -12.55 -6.36
C ARG B 66 -61.68 -12.50 -7.19
N PHE B 67 -60.80 -11.55 -6.90
CA PHE B 67 -59.58 -11.38 -7.65
C PHE B 67 -58.41 -11.24 -6.69
N SER B 68 -57.30 -11.92 -6.98
CA SER B 68 -56.09 -11.75 -6.19
C SER B 68 -54.88 -11.85 -7.11
N GLY B 69 -53.82 -11.14 -6.76
CA GLY B 69 -52.63 -11.11 -7.58
C GLY B 69 -51.38 -11.28 -6.76
N SER B 70 -50.36 -11.89 -7.39
CA SER B 70 -49.11 -12.18 -6.70
C SER B 70 -47.94 -11.98 -7.66
N GLY B 71 -46.77 -11.77 -7.07
CA GLY B 71 -45.53 -11.59 -7.81
C GLY B 71 -44.40 -11.09 -6.94
N SER B 72 -43.17 -11.20 -7.42
CA SER B 72 -42.00 -10.80 -6.64
C SER B 72 -40.99 -10.06 -7.51
N GLY B 73 -41.47 -9.15 -8.34
CA GLY B 73 -40.63 -8.30 -9.18
C GLY B 73 -40.36 -8.79 -10.59
N THR B 74 -40.11 -10.08 -10.76
CA THR B 74 -39.71 -10.63 -12.05
C THR B 74 -40.87 -11.21 -12.84
N ASP B 75 -41.61 -12.15 -12.26
CA ASP B 75 -42.74 -12.79 -12.92
C ASP B 75 -43.98 -12.71 -12.04
N PHE B 76 -45.12 -12.35 -12.65
CA PHE B 76 -46.34 -12.02 -11.94
C PHE B 76 -47.45 -12.98 -12.38
N THR B 77 -48.47 -13.14 -11.53
CA THR B 77 -49.61 -13.97 -11.90
C THR B 77 -50.84 -13.56 -11.09
N LEU B 78 -51.99 -14.08 -11.51
CA LEU B 78 -53.24 -13.90 -10.76
C LEU B 78 -53.78 -15.22 -10.25
N LYS B 79 -54.81 -15.09 -9.41
CA LYS B 79 -55.67 -16.18 -8.97
C LYS B 79 -57.08 -15.61 -8.86
N ILE B 80 -58.01 -16.15 -9.64
CA ILE B 80 -59.42 -15.77 -9.55
C ILE B 80 -60.12 -16.86 -8.72
N SER B 81 -60.83 -16.45 -7.67
CA SER B 81 -61.40 -17.41 -6.74
C SER B 81 -62.64 -18.10 -7.32
N ARG B 82 -63.60 -17.32 -7.78
CA ARG B 82 -64.83 -17.87 -8.35
C ARG B 82 -65.09 -17.23 -9.70
N VAL B 83 -65.70 -18.00 -10.59
CA VAL B 83 -65.93 -17.60 -11.98
C VAL B 83 -67.39 -17.20 -12.14
N GLU B 84 -67.64 -16.10 -12.83
CA GLU B 84 -68.97 -15.64 -13.19
C GLU B 84 -69.13 -15.64 -14.71
N ALA B 85 -70.23 -15.06 -15.18
CA ALA B 85 -70.44 -14.80 -16.59
C ALA B 85 -69.88 -13.45 -17.03
N GLU B 86 -69.81 -12.48 -16.11
CA GLU B 86 -69.15 -11.21 -16.40
C GLU B 86 -67.65 -11.34 -16.49
N ASP B 87 -67.08 -12.41 -15.94
CA ASP B 87 -65.64 -12.65 -16.00
C ASP B 87 -65.17 -13.08 -17.39
N LEU B 88 -66.10 -13.36 -18.30
CA LEU B 88 -65.81 -13.34 -19.72
C LEU B 88 -65.22 -11.99 -20.13
N GLY B 89 -64.20 -12.04 -20.96
CA GLY B 89 -63.54 -10.83 -21.42
C GLY B 89 -62.09 -11.10 -21.74
N VAL B 90 -61.37 -10.04 -22.03
CA VAL B 90 -59.98 -10.10 -22.45
C VAL B 90 -59.13 -9.48 -21.34
N TYR B 91 -58.11 -10.20 -20.90
CA TYR B 91 -57.25 -9.74 -19.82
C TYR B 91 -55.90 -9.30 -20.36
N TYR B 92 -55.29 -8.36 -19.65
CA TYR B 92 -54.02 -7.76 -20.03
C TYR B 92 -53.14 -7.55 -18.80
N CYS B 93 -51.83 -7.52 -19.03
CA CYS B 93 -50.83 -7.06 -18.06
C CYS B 93 -50.22 -5.77 -18.57
N PHE B 94 -50.09 -4.78 -17.70
CA PHE B 94 -49.68 -3.45 -18.08
C PHE B 94 -48.54 -2.97 -17.19
N GLN B 95 -47.59 -2.25 -17.79
CA GLN B 95 -46.46 -1.72 -17.04
C GLN B 95 -46.60 -0.23 -16.87
N GLY B 96 -45.99 0.31 -15.82
CA GLY B 96 -46.15 1.71 -15.54
C GLY B 96 -44.87 2.49 -15.34
N THR B 97 -43.71 1.83 -15.38
CA THR B 97 -42.47 2.54 -15.13
C THR B 97 -41.82 3.06 -16.42
N HIS B 98 -41.40 2.16 -17.29
CA HIS B 98 -40.56 2.60 -18.39
C HIS B 98 -41.39 2.91 -19.63
N LEU B 99 -40.84 3.77 -20.47
CA LEU B 99 -41.46 4.22 -21.70
C LEU B 99 -40.89 3.46 -22.88
N PRO B 100 -41.72 3.04 -23.84
CA PRO B 100 -43.18 3.12 -23.86
C PRO B 100 -43.82 2.06 -22.99
N TYR B 101 -45.04 2.31 -22.52
CA TYR B 101 -45.74 1.36 -21.66
C TYR B 101 -46.13 0.14 -22.49
N THR B 102 -45.71 -1.03 -22.04
CA THR B 102 -45.96 -2.26 -22.75
C THR B 102 -47.23 -2.92 -22.25
N PHE B 103 -47.73 -3.87 -23.03
CA PHE B 103 -48.90 -4.65 -22.66
C PHE B 103 -48.61 -6.13 -22.78
N GLY B 104 -49.48 -6.93 -22.19
CA GLY B 104 -49.53 -8.34 -22.49
C GLY B 104 -50.32 -8.59 -23.76
N GLY B 105 -50.45 -9.87 -24.09
CA GLY B 105 -51.20 -10.26 -25.27
C GLY B 105 -52.70 -10.08 -25.12
N GLY B 106 -53.28 -10.76 -24.14
CA GLY B 106 -54.71 -10.71 -23.92
C GLY B 106 -55.28 -12.11 -23.82
N THR B 107 -55.96 -12.44 -22.73
CA THR B 107 -56.55 -13.77 -22.60
C THR B 107 -58.06 -13.69 -22.58
N LYS B 108 -58.71 -14.71 -23.14
CA LYS B 108 -60.17 -14.79 -23.20
C LYS B 108 -60.64 -16.02 -22.43
N LEU B 109 -61.15 -15.82 -21.22
CA LEU B 109 -61.72 -16.92 -20.47
C LEU B 109 -63.07 -17.29 -21.06
N GLU B 110 -63.31 -18.59 -21.20
CA GLU B 110 -64.45 -19.12 -21.95
C GLU B 110 -65.24 -20.06 -21.04
N MET B 111 -66.24 -20.72 -21.61
CA MET B 111 -67.05 -21.69 -20.88
C MET B 111 -66.67 -23.13 -21.25
N LYS B 112 -67.07 -24.05 -20.38
CA LYS B 112 -66.82 -25.48 -20.56
C LYS B 112 -68.14 -26.21 -20.79
N ARG B 113 -68.14 -27.11 -21.76
CA ARG B 113 -69.30 -27.95 -22.05
C ARG B 113 -68.89 -29.28 -22.66
N GLN C 1 77.65 0.20 -38.85
CA GLN C 1 78.30 -1.08 -39.10
C GLN C 1 79.00 -1.54 -37.84
N VAL C 2 78.60 -2.73 -37.36
CA VAL C 2 79.22 -3.34 -36.20
C VAL C 2 79.71 -4.73 -36.59
N HIS C 3 80.54 -5.30 -35.73
CA HIS C 3 80.99 -6.68 -35.90
C HIS C 3 81.30 -7.23 -34.52
N LEU C 4 80.48 -8.17 -34.06
CA LEU C 4 80.58 -8.72 -32.72
C LEU C 4 80.69 -10.23 -32.79
N GLN C 5 81.40 -10.80 -31.81
CA GLN C 5 81.80 -12.20 -31.85
C GLN C 5 82.12 -12.63 -30.43
N GLU C 6 81.73 -13.86 -30.09
CA GLU C 6 82.02 -14.42 -28.78
C GLU C 6 83.10 -15.48 -28.89
N SER C 7 83.66 -15.85 -27.75
CA SER C 7 84.72 -16.86 -27.70
C SER C 7 84.61 -17.57 -26.37
N GLY C 8 84.24 -18.85 -26.41
CA GLY C 8 84.13 -19.64 -25.22
C GLY C 8 84.82 -20.98 -25.37
N PRO C 9 84.63 -21.87 -24.39
CA PRO C 9 85.27 -23.19 -24.50
C PRO C 9 84.63 -24.09 -25.57
N GLY C 10 83.30 -24.10 -25.65
CA GLY C 10 82.61 -24.90 -26.64
C GLY C 10 82.59 -26.40 -26.42
N LEU C 11 83.20 -26.88 -25.34
CA LEU C 11 83.23 -28.30 -25.05
C LEU C 11 83.18 -28.44 -23.53
N VAL C 12 81.98 -28.61 -23.00
CA VAL C 12 81.70 -28.39 -21.58
C VAL C 12 81.15 -29.68 -20.99
N LYS C 13 81.73 -30.10 -19.86
CA LYS C 13 81.25 -31.21 -19.05
C LYS C 13 80.01 -30.77 -18.28
N PRO C 14 79.06 -31.67 -18.01
CA PRO C 14 78.00 -31.37 -17.04
C PRO C 14 78.56 -31.05 -15.65
N SER C 15 77.81 -30.20 -14.93
CA SER C 15 78.19 -29.65 -13.62
C SER C 15 79.53 -28.90 -13.70
N GLU C 16 79.50 -27.81 -14.46
CA GLU C 16 80.69 -27.01 -14.73
C GLU C 16 80.26 -25.56 -14.92
N THR C 17 81.15 -24.63 -14.56
CA THR C 17 80.93 -23.22 -14.86
C THR C 17 81.16 -22.94 -16.34
N LEU C 18 80.87 -21.70 -16.75
CA LEU C 18 80.91 -21.35 -18.17
C LEU C 18 81.13 -19.85 -18.28
N SER C 19 81.78 -19.44 -19.37
CA SER C 19 82.04 -18.02 -19.61
C SER C 19 82.10 -17.76 -21.10
N LEU C 20 81.83 -16.51 -21.48
CA LEU C 20 81.86 -16.07 -22.88
C LEU C 20 82.42 -14.65 -22.94
N THR C 21 82.56 -14.14 -24.17
CA THR C 21 83.15 -12.84 -24.45
C THR C 21 82.28 -12.08 -25.44
N CYS C 22 82.58 -10.79 -25.61
CA CYS C 22 81.90 -9.94 -26.60
C CYS C 22 82.90 -8.91 -27.10
N ASN C 23 83.52 -9.15 -28.25
CA ASN C 23 84.36 -8.12 -28.83
C ASN C 23 83.50 -7.02 -29.46
N VAL C 24 84.12 -5.87 -29.71
CA VAL C 24 83.41 -4.72 -30.24
C VAL C 24 84.03 -4.31 -31.57
N SER C 25 83.20 -3.73 -32.43
CA SER C 25 83.64 -3.09 -33.66
C SER C 25 82.59 -2.08 -34.05
N GLY C 26 83.03 -0.89 -34.45
CA GLY C 26 82.07 0.17 -34.77
C GLY C 26 81.52 0.95 -33.59
N THR C 27 81.09 0.26 -32.54
CA THR C 27 80.50 0.90 -31.38
C THR C 27 81.02 0.21 -30.12
N LEU C 28 81.31 0.99 -29.08
CA LEU C 28 81.80 0.45 -27.82
C LEU C 28 80.61 -0.04 -26.99
N VAL C 29 80.87 -0.41 -25.73
CA VAL C 29 79.91 -1.15 -24.93
C VAL C 29 79.09 -0.19 -24.05
N ARG C 30 79.65 0.97 -23.70
CA ARG C 30 78.96 1.88 -22.80
C ARG C 30 77.83 2.63 -23.50
N ASP C 31 77.76 2.60 -24.82
CA ASP C 31 76.73 3.34 -25.53
C ASP C 31 75.42 2.57 -25.58
N ASN C 32 75.47 1.31 -26.01
CA ASN C 32 74.27 0.54 -26.30
C ASN C 32 73.94 -0.42 -25.16
N TYR C 33 72.90 -1.22 -25.39
CA TYR C 33 72.36 -2.17 -24.43
C TYR C 33 72.52 -3.57 -25.01
N TRP C 34 72.87 -4.54 -24.17
CA TRP C 34 73.37 -5.82 -24.66
C TRP C 34 72.49 -6.96 -24.17
N SER C 35 72.46 -8.05 -24.93
CA SER C 35 71.57 -9.16 -24.59
C SER C 35 72.27 -10.49 -24.90
N TRP C 36 71.59 -11.57 -24.57
CA TRP C 36 72.10 -12.92 -24.80
C TRP C 36 70.98 -13.81 -25.31
N ILE C 37 71.25 -14.55 -26.38
CA ILE C 37 70.25 -15.37 -27.06
C ILE C 37 70.87 -16.75 -27.27
N ARG C 38 70.10 -17.80 -27.00
CA ARG C 38 70.54 -19.17 -27.25
C ARG C 38 69.46 -19.91 -28.03
N GLN C 39 69.88 -20.94 -28.75
CA GLN C 39 68.96 -21.69 -29.61
C GLN C 39 69.38 -23.14 -29.75
N PRO C 40 68.64 -24.08 -29.15
CA PRO C 40 68.86 -25.49 -29.48
C PRO C 40 68.42 -25.78 -30.91
N LEU C 41 68.99 -26.85 -31.47
CA LEU C 41 68.74 -27.18 -32.86
C LEU C 41 67.31 -27.67 -33.06
N GLY C 42 66.68 -27.18 -34.12
CA GLY C 42 65.28 -27.50 -34.38
C GLY C 42 64.31 -26.88 -33.41
N LYS C 43 64.72 -25.85 -32.68
CA LYS C 43 63.90 -25.22 -31.65
C LYS C 43 63.88 -23.72 -31.90
N GLN C 44 62.87 -23.06 -31.32
CA GLN C 44 62.85 -21.61 -31.32
C GLN C 44 63.95 -21.08 -30.39
N PRO C 45 64.47 -19.88 -30.66
CA PRO C 45 65.54 -19.34 -29.82
C PRO C 45 65.02 -18.97 -28.44
N GLU C 46 65.96 -18.70 -27.54
CA GLU C 46 65.60 -18.34 -26.18
C GLU C 46 66.46 -17.17 -25.74
N TRP C 47 65.82 -16.16 -25.17
CA TRP C 47 66.44 -14.88 -24.86
C TRP C 47 66.77 -14.87 -23.38
N ILE C 48 68.07 -14.98 -23.06
CA ILE C 48 68.47 -15.21 -21.68
C ILE C 48 68.29 -13.95 -20.85
N GLY C 49 68.99 -12.88 -21.22
CA GLY C 49 68.95 -11.67 -20.42
C GLY C 49 69.52 -10.50 -21.17
N TYR C 50 69.48 -9.36 -20.49
CA TYR C 50 69.96 -8.11 -21.06
C TYR C 50 70.60 -7.28 -19.96
N VAL C 51 71.61 -6.52 -20.34
CA VAL C 51 72.33 -5.64 -19.43
C VAL C 51 72.36 -4.24 -20.04
N HIS C 52 72.14 -3.25 -19.20
CA HIS C 52 72.22 -1.85 -19.57
C HIS C 52 73.56 -1.29 -19.10
N ASP C 53 73.73 0.02 -19.23
CA ASP C 53 74.76 0.70 -18.48
C ASP C 53 74.24 1.01 -17.08
N SER C 54 75.17 1.30 -16.17
CA SER C 54 74.91 1.68 -14.77
C SER C 54 74.16 0.60 -13.99
N GLY C 55 74.36 -0.66 -14.36
CA GLY C 55 73.97 -1.77 -13.51
C GLY C 55 72.57 -2.30 -13.69
N ASP C 56 71.77 -1.72 -14.57
CA ASP C 56 70.43 -2.21 -14.82
C ASP C 56 70.51 -3.53 -15.59
N THR C 57 70.13 -4.62 -14.94
CA THR C 57 70.30 -5.96 -15.49
C THR C 57 69.12 -6.81 -15.08
N ASN C 58 68.56 -7.57 -16.03
CA ASN C 58 67.45 -8.46 -15.74
C ASN C 58 67.66 -9.78 -16.46
N TYR C 59 67.11 -10.85 -15.90
CA TYR C 59 67.34 -12.19 -16.40
C TYR C 59 66.01 -12.92 -16.56
N ASN C 60 66.10 -14.21 -16.90
CA ASN C 60 64.93 -15.06 -16.93
C ASN C 60 64.42 -15.27 -15.51
N PRO C 61 63.11 -15.48 -15.34
CA PRO C 61 62.64 -16.01 -14.06
C PRO C 61 62.98 -17.47 -13.87
N SER C 62 63.20 -18.20 -14.95
CA SER C 62 63.64 -19.59 -14.85
C SER C 62 65.12 -19.67 -14.49
N LEU C 63 65.95 -18.86 -15.15
CA LEU C 63 67.38 -18.84 -14.91
C LEU C 63 67.78 -17.79 -13.89
N LYS C 64 66.83 -17.34 -13.05
CA LYS C 64 67.11 -16.32 -12.04
C LYS C 64 68.09 -16.83 -10.99
N SER C 65 68.10 -18.14 -10.75
CA SER C 65 68.83 -18.71 -9.63
C SER C 65 70.34 -18.67 -9.87
N ARG C 66 70.78 -19.04 -11.07
CA ARG C 66 72.17 -19.43 -11.25
C ARG C 66 73.02 -18.49 -12.10
N VAL C 67 72.48 -17.85 -13.13
CA VAL C 67 73.32 -17.10 -14.06
C VAL C 67 73.70 -15.75 -13.43
N HIS C 68 74.90 -15.28 -13.76
CA HIS C 68 75.39 -13.99 -13.32
C HIS C 68 76.19 -13.36 -14.45
N LEU C 69 76.09 -12.05 -14.59
CA LEU C 69 76.73 -11.33 -15.67
C LEU C 69 77.46 -10.12 -15.12
N SER C 70 78.23 -9.48 -16.01
CA SER C 70 78.94 -8.23 -15.76
C SER C 70 79.44 -7.73 -17.12
N LEU C 71 80.04 -6.55 -17.09
CA LEU C 71 80.75 -6.01 -18.25
C LEU C 71 82.25 -6.13 -18.03
N ASP C 72 83.01 -5.76 -19.05
CA ASP C 72 84.46 -5.57 -18.94
C ASP C 72 84.68 -4.12 -19.31
N LYS C 73 84.76 -3.27 -18.28
CA LYS C 73 84.62 -1.82 -18.46
C LYS C 73 85.84 -1.22 -19.15
N SER C 74 87.04 -1.52 -18.63
CA SER C 74 88.25 -0.96 -19.21
C SER C 74 88.68 -1.66 -20.49
N LYS C 75 88.43 -2.97 -20.59
CA LYS C 75 88.87 -3.73 -21.74
C LYS C 75 87.84 -3.80 -22.86
N ASN C 76 86.64 -3.26 -22.62
CA ASN C 76 85.57 -3.09 -23.65
C ASN C 76 85.07 -4.45 -24.16
N LEU C 77 84.67 -5.30 -23.22
CA LEU C 77 84.00 -6.57 -23.54
C LEU C 77 82.82 -6.76 -22.60
N VAL C 78 82.05 -7.84 -22.82
CA VAL C 78 80.94 -8.25 -21.97
C VAL C 78 81.21 -9.68 -21.51
N SER C 79 80.99 -9.94 -20.23
CA SER C 79 81.24 -11.24 -19.66
C SER C 79 79.95 -12.04 -19.54
N LEU C 80 80.07 -13.26 -19.03
CA LEU C 80 78.97 -14.16 -18.73
C LEU C 80 79.47 -15.19 -17.74
N ARG C 81 78.58 -15.65 -16.88
CA ARG C 81 78.95 -16.70 -15.93
C ARG C 81 77.72 -17.53 -15.61
N LEU C 82 77.74 -18.80 -16.00
CA LEU C 82 76.64 -19.72 -15.80
C LEU C 82 77.09 -20.84 -14.86
N THR C 83 76.14 -21.39 -14.11
CA THR C 83 76.44 -22.35 -13.05
C THR C 83 75.61 -23.60 -13.25
N GLY C 84 76.27 -24.77 -13.24
CA GLY C 84 75.56 -26.03 -13.27
C GLY C 84 75.01 -26.41 -14.63
N VAL C 85 75.91 -26.67 -15.57
CA VAL C 85 75.50 -27.11 -16.90
C VAL C 85 74.91 -28.51 -16.82
N THR C 86 73.77 -28.71 -17.48
CA THR C 86 73.12 -30.01 -17.60
C THR C 86 72.94 -30.31 -19.09
N ALA C 87 72.16 -31.35 -19.38
CA ALA C 87 71.89 -31.70 -20.76
C ALA C 87 70.96 -30.73 -21.46
N ALA C 88 70.32 -29.82 -20.73
CA ALA C 88 69.46 -28.80 -21.32
C ALA C 88 70.18 -27.48 -21.57
N ASP C 89 71.48 -27.54 -21.90
CA ASP C 89 72.26 -26.35 -22.19
C ASP C 89 72.94 -26.42 -23.54
N SER C 90 72.76 -27.48 -24.30
CA SER C 90 73.40 -27.64 -25.61
C SER C 90 72.66 -26.77 -26.61
N ALA C 91 73.25 -25.61 -26.93
CA ALA C 91 72.62 -24.65 -27.81
C ALA C 91 73.69 -23.72 -28.36
N ILE C 92 73.51 -23.28 -29.61
CA ILE C 92 74.40 -22.30 -30.18
C ILE C 92 74.12 -20.95 -29.52
N TYR C 93 75.17 -20.34 -28.99
CA TYR C 93 75.02 -19.09 -28.26
C TYR C 93 75.32 -17.92 -29.16
N TYR C 94 74.63 -16.82 -28.91
CA TYR C 94 74.66 -15.61 -29.71
C TYR C 94 75.08 -14.42 -28.85
N CYS C 95 75.24 -13.28 -29.51
CA CYS C 95 75.46 -12.00 -28.87
C CYS C 95 74.73 -10.95 -29.69
N ALA C 96 74.08 -10.00 -29.03
CA ALA C 96 73.31 -9.02 -29.77
C ALA C 96 73.19 -7.73 -28.97
N THR C 97 73.15 -6.62 -29.71
CA THR C 97 72.70 -5.37 -29.14
C THR C 97 71.18 -5.37 -29.11
N THR C 98 70.62 -4.35 -28.46
CA THR C 98 69.18 -4.20 -28.46
C THR C 98 68.79 -2.73 -28.44
N LYS C 99 67.71 -2.42 -29.13
CA LYS C 99 67.10 -1.11 -29.10
C LYS C 99 65.74 -1.23 -28.43
N HIS C 100 65.43 -0.28 -27.56
CA HIS C 100 64.21 -0.32 -26.77
C HIS C 100 63.30 0.84 -27.14
N GLY C 101 62.00 0.56 -27.12
CA GLY C 101 61.02 1.60 -27.36
C GLY C 101 59.89 1.49 -26.37
N ARG C 102 59.06 2.53 -26.35
CA ARG C 102 57.86 2.52 -25.54
C ARG C 102 56.65 2.31 -26.45
N ARG C 103 55.66 1.60 -25.94
CA ARG C 103 54.40 1.43 -26.66
C ARG C 103 53.33 1.93 -25.71
N ILE C 104 53.06 3.23 -25.75
CA ILE C 104 52.10 3.85 -24.85
C ILE C 104 50.70 3.54 -25.36
N TYR C 105 49.85 3.02 -24.48
CA TYR C 105 48.48 2.71 -24.84
C TYR C 105 47.45 3.52 -24.09
N GLY C 106 47.85 4.32 -23.11
CA GLY C 106 46.86 5.05 -22.34
C GLY C 106 47.38 6.29 -21.67
N VAL C 107 46.88 6.58 -20.46
CA VAL C 107 47.31 7.76 -19.74
C VAL C 107 48.72 7.56 -19.24
N VAL C 108 49.60 8.50 -19.55
CA VAL C 108 51.02 8.30 -19.30
C VAL C 108 51.33 8.44 -17.82
N ALA C 109 50.65 9.34 -17.11
CA ALA C 109 50.92 9.55 -15.70
C ALA C 109 50.43 8.43 -14.81
N PHE C 110 49.64 7.49 -15.33
CA PHE C 110 49.14 6.36 -14.56
C PHE C 110 49.98 5.11 -14.75
N LYS C 111 51.17 5.25 -15.33
CA LYS C 111 52.08 4.14 -15.69
C LYS C 111 51.37 3.10 -16.54
N GLU C 112 50.95 3.54 -17.73
CA GLU C 112 50.25 2.70 -18.70
C GLU C 112 51.07 2.56 -19.97
N TRP C 113 52.36 2.33 -19.80
CA TRP C 113 53.28 2.10 -20.89
C TRP C 113 54.17 0.94 -20.51
N PHE C 114 54.87 0.39 -21.49
CA PHE C 114 55.78 -0.71 -21.23
C PHE C 114 56.90 -0.69 -22.25
N THR C 115 58.11 -0.94 -21.79
CA THR C 115 59.24 -1.01 -22.69
C THR C 115 59.19 -2.29 -23.49
N TYR C 116 59.64 -2.21 -24.74
CA TYR C 116 59.80 -3.41 -25.55
C TYR C 116 61.14 -3.36 -26.25
N PHE C 117 61.87 -4.46 -26.18
CA PHE C 117 63.21 -4.59 -26.74
C PHE C 117 63.15 -5.29 -28.08
N TYR C 118 64.10 -4.96 -28.95
CA TYR C 118 64.26 -5.71 -30.19
C TYR C 118 65.73 -5.71 -30.59
N MET C 119 66.18 -6.84 -31.15
CA MET C 119 67.58 -7.04 -31.49
C MET C 119 67.82 -6.53 -32.90
N ASP C 120 68.51 -5.40 -33.02
CA ASP C 120 68.74 -4.81 -34.34
C ASP C 120 69.79 -5.57 -35.14
N VAL C 121 70.90 -5.94 -34.51
CA VAL C 121 71.94 -6.71 -35.18
C VAL C 121 72.13 -8.00 -34.41
N TRP C 122 73.07 -8.83 -34.88
CA TRP C 122 73.27 -10.15 -34.29
C TRP C 122 74.74 -10.52 -34.37
N GLY C 123 75.16 -11.38 -33.46
CA GLY C 123 76.46 -11.99 -33.55
C GLY C 123 76.51 -13.07 -34.62
N LYS C 124 77.61 -13.82 -34.60
CA LYS C 124 77.77 -14.91 -35.56
C LYS C 124 77.58 -16.28 -34.94
N GLY C 125 77.60 -16.38 -33.62
CA GLY C 125 77.19 -17.60 -32.95
C GLY C 125 78.25 -18.67 -32.82
N THR C 126 78.39 -19.23 -31.64
CA THR C 126 79.29 -20.35 -31.41
C THR C 126 78.53 -21.50 -30.76
N SER C 127 78.77 -22.72 -31.25
CA SER C 127 78.13 -23.88 -30.66
C SER C 127 78.81 -24.24 -29.36
N VAL C 128 78.05 -24.23 -28.26
CA VAL C 128 78.57 -24.71 -26.98
C VAL C 128 77.79 -25.97 -26.64
N THR C 129 78.35 -27.12 -27.00
CA THR C 129 77.69 -28.40 -26.83
C THR C 129 78.16 -29.04 -25.52
N VAL C 130 77.20 -29.44 -24.70
CA VAL C 130 77.54 -30.16 -23.47
C VAL C 130 78.11 -31.52 -23.84
N SER C 131 79.16 -31.93 -23.12
CA SER C 131 79.88 -33.16 -23.45
C SER C 131 79.96 -34.04 -22.21
N SER C 132 79.17 -35.11 -22.21
CA SER C 132 79.18 -36.06 -21.11
C SER C 132 80.38 -36.99 -21.19
N ALA D 1 55.69 -29.77 -36.10
CA ALA D 1 55.35 -28.53 -35.41
C ALA D 1 55.65 -27.22 -36.20
N PRO D 2 56.80 -27.10 -36.96
CA PRO D 2 56.87 -25.98 -37.89
C PRO D 2 55.96 -26.19 -39.10
N THR D 3 54.88 -25.41 -39.15
CA THR D 3 53.90 -25.57 -40.21
C THR D 3 54.45 -25.09 -41.54
N PHE D 4 54.02 -25.68 -42.64
CA PHE D 4 54.54 -25.21 -43.92
C PHE D 4 53.50 -24.45 -44.73
N VAL D 5 53.88 -23.25 -45.14
CA VAL D 5 53.08 -22.49 -46.09
C VAL D 5 53.81 -22.42 -47.41
N SER D 6 53.16 -22.85 -48.48
CA SER D 6 53.76 -22.82 -49.81
C SER D 6 52.92 -22.02 -50.79
N VAL D 7 53.56 -21.10 -51.49
CA VAL D 7 52.87 -20.26 -52.48
C VAL D 7 53.74 -20.06 -53.71
N ALA D 8 53.12 -19.76 -54.84
CA ALA D 8 53.87 -19.53 -56.06
C ALA D 8 54.82 -18.35 -55.88
N PRO D 9 55.98 -18.36 -56.55
CA PRO D 9 56.87 -17.20 -56.49
C PRO D 9 56.29 -15.98 -57.18
N GLY D 10 55.98 -14.95 -56.40
CA GLY D 10 55.28 -13.78 -56.86
C GLY D 10 53.96 -13.52 -56.17
N GLN D 11 53.40 -14.53 -55.51
CA GLN D 11 52.14 -14.40 -54.81
C GLN D 11 52.37 -13.91 -53.38
N THR D 12 51.34 -13.94 -52.55
CA THR D 12 51.41 -13.50 -51.17
C THR D 12 51.41 -14.71 -50.24
N ALA D 13 52.19 -14.62 -49.16
CA ALA D 13 52.29 -15.69 -48.18
C ALA D 13 52.04 -15.11 -46.80
N ARG D 14 51.18 -15.76 -46.02
CA ARG D 14 50.78 -15.27 -44.71
C ARG D 14 51.26 -16.22 -43.63
N ILE D 15 51.70 -15.66 -42.51
CA ILE D 15 52.29 -16.42 -41.42
C ILE D 15 51.58 -16.02 -40.13
N THR D 16 51.06 -17.01 -39.42
CA THR D 16 50.48 -16.79 -38.09
C THR D 16 51.39 -17.39 -37.04
N CYS D 17 51.48 -16.72 -35.90
CA CYS D 17 52.42 -17.14 -34.86
C CYS D 17 51.96 -16.59 -33.52
N GLY D 18 51.82 -17.48 -32.54
CA GLY D 18 51.65 -17.07 -31.16
C GLY D 18 50.21 -17.13 -30.69
N GLU D 19 50.07 -16.84 -29.40
CA GLU D 19 48.78 -16.85 -28.72
C GLU D 19 47.89 -15.73 -29.25
N GLU D 20 46.58 -15.96 -29.19
CA GLU D 20 45.60 -14.95 -29.58
C GLU D 20 45.70 -13.74 -28.65
N SER D 21 45.40 -12.57 -29.19
CA SER D 21 45.65 -11.31 -28.48
C SER D 21 44.67 -11.10 -27.34
N LEU D 22 45.17 -10.58 -26.23
CA LEU D 22 44.33 -10.15 -25.12
C LEU D 22 44.43 -8.66 -24.88
N GLY D 23 45.63 -8.12 -24.68
CA GLY D 23 45.83 -6.70 -24.54
C GLY D 23 46.36 -6.07 -25.81
N SER D 24 46.84 -4.85 -25.67
CA SER D 24 47.58 -4.22 -26.76
C SER D 24 48.93 -4.91 -26.91
N ARG D 25 49.33 -5.18 -28.15
CA ARG D 25 50.55 -5.92 -28.37
C ARG D 25 51.59 -5.10 -29.13
N SER D 26 52.83 -5.55 -28.98
CA SER D 26 53.97 -5.06 -29.75
C SER D 26 54.67 -6.31 -30.27
N VAL D 27 54.44 -6.66 -31.51
CA VAL D 27 55.00 -7.87 -32.08
C VAL D 27 56.32 -7.51 -32.73
N ILE D 28 57.26 -8.45 -32.75
CA ILE D 28 58.54 -8.29 -33.44
C ILE D 28 58.78 -9.55 -34.26
N TRP D 29 59.04 -9.37 -35.56
CA TRP D 29 59.29 -10.47 -36.45
C TRP D 29 60.78 -10.57 -36.77
N TYR D 30 61.26 -11.80 -36.89
CA TYR D 30 62.66 -12.06 -37.22
C TYR D 30 62.75 -12.77 -38.58
N GLN D 31 63.97 -13.17 -38.93
CA GLN D 31 64.20 -13.96 -40.14
C GLN D 31 65.47 -14.77 -39.93
N GLN D 32 65.34 -16.09 -39.96
CA GLN D 32 66.41 -17.03 -39.70
C GLN D 32 66.79 -17.72 -41.00
N ARG D 33 67.95 -17.36 -41.54
CA ARG D 33 68.54 -18.12 -42.63
C ARG D 33 69.19 -19.38 -42.06
N PRO D 34 69.20 -20.47 -42.82
CA PRO D 34 69.73 -21.74 -42.30
C PRO D 34 71.23 -21.68 -42.08
N GLY D 35 71.65 -21.96 -40.86
CA GLY D 35 73.05 -21.93 -40.50
C GLY D 35 73.58 -20.60 -40.03
N GLN D 36 72.72 -19.65 -39.69
CA GLN D 36 73.14 -18.32 -39.30
C GLN D 36 72.40 -17.90 -38.03
N ALA D 37 72.67 -16.66 -37.62
CA ALA D 37 71.90 -15.98 -36.60
C ALA D 37 70.60 -15.46 -37.23
N PRO D 38 69.62 -14.98 -36.43
CA PRO D 38 68.44 -14.35 -37.04
C PRO D 38 68.74 -13.00 -37.68
N SER D 39 67.70 -12.36 -38.17
CA SER D 39 67.83 -11.02 -38.74
C SER D 39 66.47 -10.34 -38.63
N LEU D 40 66.42 -9.20 -37.97
CA LEU D 40 65.16 -8.52 -37.72
C LEU D 40 64.59 -7.96 -39.01
N ILE D 41 63.26 -8.04 -39.15
CA ILE D 41 62.56 -7.47 -40.28
C ILE D 41 61.52 -6.44 -39.86
N ILE D 42 60.76 -6.70 -38.79
CA ILE D 42 59.73 -5.78 -38.31
C ILE D 42 59.97 -5.55 -36.83
N TYR D 43 60.07 -4.29 -36.41
CA TYR D 43 60.41 -3.99 -35.02
C TYR D 43 59.25 -3.45 -34.20
N ASN D 44 58.36 -2.65 -34.79
CA ASN D 44 57.08 -2.35 -34.17
C ASN D 44 56.07 -3.37 -34.69
N ASN D 45 54.78 -3.12 -34.53
CA ASN D 45 53.78 -4.00 -35.12
C ASN D 45 53.80 -3.95 -36.64
N ASN D 46 54.14 -2.81 -37.22
CA ASN D 46 54.19 -2.67 -38.67
C ASN D 46 55.44 -1.95 -39.16
N ASP D 47 56.15 -1.23 -38.30
CA ASP D 47 57.30 -0.46 -38.74
C ASP D 47 58.50 -1.36 -38.97
N ARG D 48 59.28 -1.07 -40.00
CA ARG D 48 60.43 -1.85 -40.39
C ARG D 48 61.65 -0.96 -40.53
N PRO D 49 62.85 -1.47 -40.20
CA PRO D 49 64.04 -0.61 -40.23
C PRO D 49 64.60 -0.45 -41.64
N SER D 50 65.75 0.21 -41.74
CA SER D 50 66.36 0.49 -43.03
C SER D 50 67.00 -0.76 -43.61
N GLY D 51 66.94 -0.88 -44.93
CA GLY D 51 67.52 -2.02 -45.61
C GLY D 51 66.60 -3.19 -45.83
N ILE D 52 65.35 -3.08 -45.38
CA ILE D 52 64.35 -4.13 -45.54
C ILE D 52 63.17 -3.50 -46.25
N PRO D 53 62.74 -4.04 -47.39
CA PRO D 53 61.78 -3.33 -48.25
C PRO D 53 60.37 -3.36 -47.68
N ASP D 54 59.50 -2.57 -48.31
CA ASP D 54 58.12 -2.41 -47.89
C ASP D 54 57.17 -3.39 -48.55
N ARG D 55 57.67 -4.51 -49.05
CA ARG D 55 56.79 -5.60 -49.46
C ARG D 55 56.40 -6.49 -48.29
N PHE D 56 56.89 -6.20 -47.08
CA PHE D 56 56.48 -6.89 -45.87
C PHE D 56 55.39 -6.08 -45.18
N SER D 57 54.55 -6.77 -44.40
CA SER D 57 53.47 -6.11 -43.70
C SER D 57 53.21 -6.83 -42.39
N GLY D 58 52.92 -6.06 -41.35
CA GLY D 58 52.55 -6.64 -40.08
C GLY D 58 51.10 -6.40 -39.75
N SER D 59 50.53 -7.22 -38.89
CA SER D 59 49.20 -6.92 -38.42
C SER D 59 49.28 -5.78 -37.39
N PRO D 60 48.32 -4.84 -37.41
CA PRO D 60 48.35 -3.77 -36.44
C PRO D 60 48.03 -4.27 -35.03
N GLY D 61 48.67 -3.66 -34.04
CA GLY D 61 48.56 -4.14 -32.68
C GLY D 61 47.52 -3.42 -31.85
N SER D 62 46.44 -3.00 -32.48
CA SER D 62 45.33 -2.37 -31.77
C SER D 62 44.03 -3.14 -32.00
N THR D 63 44.14 -4.44 -32.25
CA THR D 63 42.99 -5.29 -32.50
C THR D 63 43.02 -6.42 -31.49
N PHE D 64 41.88 -6.69 -30.87
CA PHE D 64 41.82 -7.56 -29.70
C PHE D 64 41.09 -8.84 -30.05
N GLY D 65 41.68 -9.98 -29.70
CA GLY D 65 41.11 -11.26 -30.04
C GLY D 65 41.49 -11.76 -31.41
N THR D 66 42.62 -11.34 -31.95
CA THR D 66 43.15 -11.86 -33.21
C THR D 66 44.54 -12.44 -32.97
N THR D 67 45.16 -12.87 -34.06
CA THR D 67 46.47 -13.50 -34.03
C THR D 67 47.44 -12.64 -34.80
N ALA D 68 48.66 -12.50 -34.27
CA ALA D 68 49.70 -11.71 -34.92
C ALA D 68 50.12 -12.38 -36.22
N THR D 69 49.92 -11.68 -37.34
CA THR D 69 50.21 -12.21 -38.66
C THR D 69 51.27 -11.37 -39.36
N LEU D 70 52.13 -12.05 -40.11
CA LEU D 70 53.08 -11.43 -41.01
C LEU D 70 52.66 -11.71 -42.44
N THR D 71 52.55 -10.69 -43.26
CA THR D 71 52.09 -10.81 -44.63
C THR D 71 53.25 -10.47 -45.56
N ILE D 72 53.55 -11.37 -46.49
CA ILE D 72 54.64 -11.21 -47.44
C ILE D 72 54.03 -11.07 -48.82
N THR D 73 54.39 -10.00 -49.52
CA THR D 73 54.00 -9.83 -50.91
C THR D 73 55.25 -9.96 -51.78
N SER D 74 55.07 -10.56 -52.96
CA SER D 74 56.12 -10.77 -53.97
C SER D 74 57.29 -11.56 -53.39
N VAL D 75 57.00 -12.82 -53.08
CA VAL D 75 58.01 -13.72 -52.52
C VAL D 75 59.06 -14.04 -53.58
N GLU D 76 60.24 -14.46 -53.09
CA GLU D 76 61.37 -14.74 -53.96
C GLU D 76 62.19 -15.86 -53.35
N ALA D 77 63.37 -16.11 -53.92
CA ALA D 77 64.21 -17.20 -53.44
C ALA D 77 64.96 -16.80 -52.18
N GLY D 78 65.40 -15.54 -52.08
CA GLY D 78 66.10 -15.08 -50.89
C GLY D 78 65.21 -14.93 -49.68
N ASP D 79 63.90 -14.85 -49.88
CA ASP D 79 62.93 -14.78 -48.79
C ASP D 79 62.46 -16.15 -48.33
N GLU D 80 63.14 -17.22 -48.77
CA GLU D 80 62.75 -18.59 -48.41
C GLU D 80 63.60 -19.01 -47.21
N ALA D 81 63.11 -18.69 -46.01
CA ALA D 81 63.84 -18.95 -44.79
C ALA D 81 62.83 -19.06 -43.65
N ASP D 82 63.31 -19.15 -42.42
CA ASP D 82 62.42 -19.27 -41.27
C ASP D 82 62.06 -17.90 -40.74
N TYR D 83 60.89 -17.82 -40.11
CA TYR D 83 60.43 -16.60 -39.47
C TYR D 83 60.19 -16.87 -37.98
N TYR D 84 60.13 -15.80 -37.21
CA TYR D 84 59.85 -15.92 -35.78
C TYR D 84 59.05 -14.72 -35.33
N CYS D 85 58.11 -14.96 -34.42
CA CYS D 85 57.33 -13.90 -33.80
C CYS D 85 57.79 -13.75 -32.36
N HIS D 86 57.63 -12.53 -31.85
CA HIS D 86 57.96 -12.23 -30.45
C HIS D 86 56.96 -11.18 -29.99
N ILE D 87 55.94 -11.61 -29.27
CA ILE D 87 54.89 -10.70 -28.86
C ILE D 87 55.20 -10.14 -27.47
N TRP D 88 55.04 -8.83 -27.32
CA TRP D 88 55.02 -8.18 -26.03
C TRP D 88 53.57 -7.79 -25.78
N ASP D 89 52.91 -8.50 -24.89
CA ASP D 89 51.50 -8.24 -24.62
C ASP D 89 51.42 -7.30 -23.43
N SER D 90 50.57 -6.27 -23.52
CA SER D 90 50.39 -5.36 -22.41
C SER D 90 49.58 -5.96 -21.28
N ARG D 91 48.94 -7.12 -21.50
CA ARG D 91 48.23 -7.82 -20.45
C ARG D 91 48.98 -9.05 -19.97
N ARG D 92 49.43 -9.91 -20.86
CA ARG D 92 50.17 -11.09 -20.45
C ARG D 92 51.61 -10.74 -20.13
N PRO D 93 52.27 -11.47 -19.19
CA PRO D 93 53.61 -11.07 -18.76
C PRO D 93 54.70 -11.35 -19.79
N THR D 94 55.96 -11.15 -19.38
CA THR D 94 57.08 -11.05 -20.31
C THR D 94 57.38 -12.38 -20.97
N ASN D 95 57.40 -12.39 -22.30
CA ASN D 95 57.72 -13.58 -23.08
C ASN D 95 59.24 -13.69 -23.21
N TRP D 96 59.83 -14.64 -22.49
CA TRP D 96 61.26 -14.88 -22.54
C TRP D 96 61.63 -15.96 -23.57
N VAL D 97 60.71 -16.36 -24.41
CA VAL D 97 60.97 -17.36 -25.43
C VAL D 97 60.09 -17.05 -26.64
N PHE D 98 60.65 -17.21 -27.83
CA PHE D 98 59.97 -16.78 -29.03
C PHE D 98 58.86 -17.75 -29.42
N GLY D 99 58.09 -17.36 -30.43
CA GLY D 99 57.04 -18.22 -30.93
C GLY D 99 57.58 -19.36 -31.77
N GLU D 100 56.66 -20.18 -32.25
CA GLU D 100 57.04 -21.33 -33.07
C GLU D 100 57.36 -20.87 -34.48
N GLY D 101 58.55 -21.21 -34.95
CA GLY D 101 59.00 -20.77 -36.25
C GLY D 101 58.41 -21.54 -37.41
N THR D 102 57.55 -20.89 -38.18
CA THR D 102 56.99 -21.53 -39.38
C THR D 102 57.99 -21.40 -40.51
N THR D 103 58.43 -22.54 -41.04
CA THR D 103 59.38 -22.53 -42.14
C THR D 103 58.67 -22.15 -43.43
N LEU D 104 59.20 -21.14 -44.12
CA LEU D 104 58.61 -20.66 -45.37
C LEU D 104 59.33 -21.30 -46.53
N ILE D 105 58.56 -21.93 -47.44
CA ILE D 105 59.10 -22.54 -48.64
C ILE D 105 58.28 -22.09 -49.83
N VAL D 106 58.93 -21.92 -50.97
CA VAL D 106 58.28 -21.53 -52.22
C VAL D 106 58.35 -22.72 -53.17
N LEU D 107 57.30 -22.89 -53.96
CA LEU D 107 57.24 -23.99 -54.92
C LEU D 107 58.11 -23.66 -56.14
N SER D 108 58.22 -24.64 -57.04
CA SER D 108 59.00 -24.59 -58.27
C SER D 108 60.47 -24.26 -57.99
N GLN D 109 61.12 -25.18 -57.27
CA GLN D 109 62.53 -25.02 -56.90
C GLN D 109 63.43 -25.26 -58.10
N GLU E 1 41.86 36.33 14.07
CA GLU E 1 41.17 35.53 15.09
C GLU E 1 40.33 36.40 16.00
N ILE E 2 39.77 35.81 17.04
CA ILE E 2 38.92 36.51 18.01
C ILE E 2 39.55 36.36 19.38
N VAL E 3 39.83 37.48 20.03
CA VAL E 3 40.37 37.50 21.38
C VAL E 3 39.25 37.92 22.33
N LEU E 4 39.02 37.10 23.35
CA LEU E 4 38.00 37.40 24.36
C LEU E 4 38.68 37.75 25.67
N THR E 5 38.57 39.01 26.07
CA THR E 5 39.01 39.44 27.38
C THR E 5 37.86 39.29 28.36
N GLN E 6 38.13 38.69 29.51
CA GLN E 6 37.08 38.40 30.47
C GLN E 6 37.45 39.04 31.80
N SER E 7 36.60 39.93 32.30
CA SER E 7 36.93 40.60 33.54
C SER E 7 35.67 40.83 34.36
N PRO E 8 35.77 40.85 35.70
CA PRO E 8 36.93 40.76 36.62
C PRO E 8 37.55 39.37 36.70
N GLY E 9 38.87 39.30 36.95
CA GLY E 9 39.53 38.01 37.04
C GLY E 9 39.12 37.26 38.29
N ILE E 10 39.16 37.93 39.43
CA ILE E 10 38.74 37.36 40.71
C ILE E 10 37.68 38.26 41.29
N LEU E 11 36.50 37.71 41.57
CA LEU E 11 35.40 38.45 42.18
C LEU E 11 35.08 37.81 43.51
N SER E 12 35.24 38.58 44.59
CA SER E 12 35.01 38.10 45.95
C SER E 12 33.73 38.70 46.47
N LEU E 13 32.73 37.85 46.72
CA LEU E 13 31.44 38.30 47.21
C LEU E 13 31.00 37.43 48.38
N SER E 14 29.82 37.74 48.90
CA SER E 14 29.10 37.02 49.93
C SER E 14 27.75 36.59 49.37
N PRO E 15 27.15 35.51 49.89
CA PRO E 15 25.87 35.05 49.33
C PRO E 15 24.74 36.05 49.52
N GLY E 16 23.81 36.04 48.58
CA GLY E 16 22.73 36.99 48.53
C GLY E 16 22.96 38.18 47.63
N GLU E 17 24.22 38.49 47.30
CA GLU E 17 24.52 39.66 46.50
C GLU E 17 24.41 39.33 45.00
N THR E 18 24.73 40.32 44.18
CA THR E 18 24.64 40.20 42.73
C THR E 18 26.04 40.27 42.13
N ALA E 19 26.33 39.34 41.23
CA ALA E 19 27.61 39.30 40.54
C ALA E 19 27.42 39.79 39.11
N THR E 20 28.43 40.50 38.59
CA THR E 20 28.42 40.96 37.22
C THR E 20 29.77 40.69 36.57
N LEU E 21 29.77 39.96 35.46
CA LEU E 21 30.97 39.55 34.75
C LEU E 21 30.84 39.97 33.31
N PHE E 22 31.84 40.69 32.78
CA PHE E 22 31.71 41.17 31.41
C PHE E 22 32.86 40.68 30.53
N CYS E 23 32.48 40.24 29.34
CA CYS E 23 33.37 39.69 28.32
C CYS E 23 33.39 40.66 27.16
N LYS E 24 34.60 41.07 26.79
CA LYS E 24 34.87 41.97 25.68
C LYS E 24 35.42 41.16 24.51
N ALA E 25 34.89 41.40 23.32
CA ALA E 25 35.32 40.71 22.12
C ALA E 25 36.19 41.62 21.28
N SER E 26 36.57 41.13 20.10
CA SER E 26 37.28 41.94 19.11
C SER E 26 36.40 42.30 17.93
N GLN E 27 35.72 41.31 17.36
CA GLN E 27 34.71 41.56 16.34
C GLN E 27 33.34 41.62 16.99
N GLY E 28 32.41 42.30 16.31
CA GLY E 28 31.07 42.46 16.79
C GLY E 28 30.05 41.83 15.84
N GLY E 29 28.83 41.72 16.34
CA GLY E 29 27.76 41.15 15.55
C GLY E 29 27.56 39.66 15.70
N ASN E 30 28.04 39.06 16.77
CA ASN E 30 27.89 37.64 16.99
C ASN E 30 27.26 37.38 18.35
N ALA E 31 27.03 36.10 18.65
CA ALA E 31 26.45 35.73 19.92
C ALA E 31 27.54 35.46 20.95
N MET E 32 27.14 35.11 22.16
CA MET E 32 28.08 34.82 23.22
C MET E 32 27.52 33.70 24.09
N THR E 33 28.38 32.78 24.49
CA THR E 33 28.00 31.60 25.25
C THR E 33 28.68 31.61 26.61
N TRP E 34 27.94 31.32 27.67
CA TRP E 34 28.44 31.40 29.03
C TRP E 34 28.37 30.03 29.68
N TYR E 35 29.52 29.55 30.17
CA TYR E 35 29.65 28.27 30.85
C TYR E 35 29.99 28.44 32.32
N GLN E 36 29.44 27.53 33.11
CA GLN E 36 29.76 27.37 34.52
C GLN E 36 30.63 26.14 34.68
N LYS E 37 31.68 26.25 35.48
CA LYS E 37 32.53 25.11 35.80
C LYS E 37 32.84 25.16 37.29
N ARG E 38 32.30 24.22 38.04
CA ARG E 38 32.69 24.10 39.43
C ARG E 38 34.04 23.38 39.52
N ARG E 39 34.61 23.41 40.73
CA ARG E 39 35.90 22.79 40.93
C ARG E 39 35.77 21.27 40.94
N GLY E 40 36.57 20.61 40.11
CA GLY E 40 36.63 19.16 40.10
C GLY E 40 35.40 18.46 39.58
N GLN E 41 34.66 19.08 38.67
CA GLN E 41 33.48 18.46 38.09
C GLN E 41 33.48 18.70 36.59
N VAL E 42 32.35 18.39 35.97
CA VAL E 42 32.13 18.56 34.53
C VAL E 42 31.61 19.98 34.31
N PRO E 43 32.06 20.68 33.27
CA PRO E 43 31.49 22.00 32.96
C PRO E 43 30.04 21.90 32.53
N ARG E 44 29.40 23.07 32.48
CA ARG E 44 27.95 23.14 32.33
C ARG E 44 27.61 24.35 31.50
N LEU E 45 26.62 24.19 30.61
CA LEU E 45 26.12 25.32 29.83
C LEU E 45 25.18 26.15 30.68
N LEU E 46 25.35 27.47 30.65
CA LEU E 46 24.41 28.39 31.26
C LEU E 46 23.64 29.18 30.20
N ILE E 47 24.35 29.90 29.34
CA ILE E 47 23.71 30.86 28.43
C ILE E 47 24.18 30.58 27.01
N TYR E 48 23.23 30.42 26.09
CA TYR E 48 23.55 30.38 24.67
C TYR E 48 22.72 31.42 23.94
N ASP E 49 23.34 31.99 22.89
CA ASP E 49 22.81 33.12 22.11
C ASP E 49 22.51 34.31 23.01
N THR E 50 23.38 34.53 24.00
CA THR E 50 23.62 35.78 24.72
C THR E 50 22.50 36.16 25.69
N SER E 51 21.34 35.53 25.59
CA SER E 51 20.27 35.86 26.52
C SER E 51 19.37 34.69 26.88
N ARG E 52 19.64 33.49 26.40
CA ARG E 52 18.75 32.35 26.61
C ARG E 52 19.39 31.37 27.56
N ARG E 53 18.62 30.93 28.54
CA ARG E 53 19.15 30.00 29.53
C ARG E 53 19.08 28.57 29.00
N ALA E 54 19.97 27.73 29.51
CA ALA E 54 19.95 26.32 29.14
C ALA E 54 18.89 25.59 29.94
N SER E 55 18.70 24.31 29.65
CA SER E 55 17.74 23.51 30.40
C SER E 55 18.28 23.21 31.79
N GLY E 56 17.39 23.19 32.77
CA GLY E 56 17.80 22.97 34.14
C GLY E 56 18.58 24.11 34.74
N VAL E 57 18.31 25.34 34.32
CA VAL E 57 19.00 26.53 34.80
C VAL E 57 17.96 27.44 35.44
N PRO E 58 18.15 27.88 36.68
CA PRO E 58 17.20 28.81 37.29
C PRO E 58 17.30 30.19 36.66
N ASP E 59 16.26 31.00 36.90
CA ASP E 59 16.13 32.29 36.25
C ASP E 59 17.06 33.36 36.82
N ARG E 60 17.80 33.07 37.89
CA ARG E 60 18.69 34.07 38.46
C ARG E 60 19.96 34.28 37.66
N PHE E 61 20.21 33.48 36.64
CA PHE E 61 21.30 33.72 35.70
C PHE E 61 20.74 34.49 34.51
N VAL E 62 21.05 35.77 34.42
CA VAL E 62 20.56 36.60 33.34
C VAL E 62 21.76 37.07 32.54
N GLY E 63 21.65 37.05 31.22
CA GLY E 63 22.73 37.50 30.37
C GLY E 63 22.19 38.40 29.29
N SER E 64 22.99 39.41 28.95
CA SER E 64 22.59 40.35 27.90
C SER E 64 23.85 40.98 27.34
N GLY E 65 23.69 42.07 26.59
CA GLY E 65 24.84 42.73 26.01
C GLY E 65 24.77 42.66 24.50
N SER E 66 25.55 43.50 23.82
CA SER E 66 25.46 43.58 22.38
C SER E 66 26.73 44.21 21.84
N GLY E 67 27.12 43.77 20.64
CA GLY E 67 28.29 44.36 20.02
C GLY E 67 29.55 43.74 20.57
N THR E 68 30.23 44.47 21.45
CA THR E 68 31.41 43.97 22.12
C THR E 68 31.19 43.71 23.61
N ASP E 69 30.39 44.53 24.27
CA ASP E 69 30.14 44.37 25.70
C ASP E 69 29.12 43.27 25.94
N PHE E 70 29.53 42.21 26.65
CA PHE E 70 28.65 41.09 26.95
C PHE E 70 28.59 40.89 28.46
N PHE E 71 27.40 40.97 29.02
CA PHE E 71 27.18 41.00 30.47
C PHE E 71 26.54 39.71 30.94
N LEU E 72 27.04 39.18 32.06
CA LEU E 72 26.39 38.08 32.76
C LEU E 72 26.17 38.51 34.20
N THR E 73 24.91 38.57 34.61
CA THR E 73 24.50 38.97 35.95
C THR E 73 23.92 37.78 36.69
N ILE E 74 24.44 37.53 37.88
CA ILE E 74 23.95 36.46 38.75
C ILE E 74 23.44 37.17 40.01
N ASN E 75 22.16 37.50 40.04
CA ASN E 75 21.59 38.02 41.27
C ASN E 75 21.23 36.87 42.19
N LYS E 76 21.20 37.16 43.50
CA LYS E 76 20.79 36.23 44.56
C LYS E 76 21.67 34.98 44.56
N LEU E 77 22.93 35.19 44.93
CA LEU E 77 23.93 34.14 44.92
C LEU E 77 23.58 33.02 45.90
N ASP E 78 24.10 31.84 45.60
CA ASP E 78 23.92 30.64 46.40
C ASP E 78 25.29 30.21 46.91
N ARG E 79 25.28 29.32 47.91
CA ARG E 79 26.53 28.72 48.35
C ARG E 79 27.11 27.81 47.27
N GLU E 80 26.24 27.16 46.49
CA GLU E 80 26.69 26.25 45.45
C GLU E 80 27.22 26.97 44.22
N ASP E 81 26.73 28.18 43.93
CA ASP E 81 27.01 28.86 42.68
C ASP E 81 28.42 29.44 42.60
N PHE E 82 29.21 29.36 43.66
CA PHE E 82 30.59 29.84 43.63
C PHE E 82 31.43 28.92 42.77
N ALA E 83 31.83 29.39 41.60
CA ALA E 83 32.52 28.54 40.63
C ALA E 83 33.31 29.44 39.69
N VAL E 84 33.76 28.86 38.58
CA VAL E 84 34.51 29.58 37.55
C VAL E 84 33.59 29.73 36.34
N TYR E 85 33.64 30.89 35.69
CA TYR E 85 32.75 31.18 34.58
C TYR E 85 33.54 31.53 33.33
N TYR E 86 33.14 30.96 32.21
CA TYR E 86 33.85 31.13 30.94
C TYR E 86 32.92 31.71 29.88
N CYS E 87 33.47 32.53 29.00
CA CYS E 87 32.74 33.03 27.83
C CYS E 87 33.35 32.43 26.56
N GLN E 88 32.50 31.77 25.77
CA GLN E 88 32.86 31.14 24.50
C GLN E 88 32.20 31.88 23.36
N GLN E 89 32.99 32.31 22.39
CA GLN E 89 32.42 32.88 21.19
C GLN E 89 33.06 31.95 20.19
N PHE E 90 32.24 31.21 19.44
CA PHE E 90 32.74 30.25 18.46
C PHE E 90 33.71 29.29 19.15
N GLU E 91 34.90 29.11 18.59
CA GLU E 91 35.89 28.25 19.20
C GLU E 91 36.94 29.00 20.03
N PHE E 92 36.81 30.32 20.17
CA PHE E 92 37.80 31.06 20.91
C PHE E 92 37.29 31.27 22.32
N PHE E 93 37.95 30.66 23.29
CA PHE E 93 37.41 30.72 24.65
C PHE E 93 37.99 31.88 25.43
N GLY E 94 37.34 32.17 26.54
CA GLY E 94 37.87 33.09 27.52
C GLY E 94 38.85 32.39 28.43
N LEU E 95 39.24 33.09 29.49
CA LEU E 95 40.25 32.57 30.39
C LEU E 95 39.70 32.16 31.76
N GLY E 96 38.69 32.86 32.26
CA GLY E 96 38.05 32.44 33.48
C GLY E 96 37.88 33.52 34.53
N SER E 97 36.68 33.63 35.08
CA SER E 97 36.40 34.51 36.20
C SER E 97 36.09 33.65 37.40
N GLU E 98 36.92 33.77 38.44
CA GLU E 98 36.73 32.96 39.65
C GLU E 98 35.87 33.73 40.63
N LEU E 99 34.89 33.04 41.20
CA LEU E 99 33.94 33.65 42.13
C LEU E 99 34.24 33.12 43.54
N GLU E 100 34.67 34.01 44.43
CA GLU E 100 35.28 33.64 45.69
C GLU E 100 34.44 34.14 46.86
N VAL E 101 34.49 33.39 47.97
CA VAL E 101 33.84 33.80 49.20
C VAL E 101 34.60 34.98 49.79
N HIS E 102 33.87 35.98 50.27
CA HIS E 102 34.45 37.13 50.96
C HIS E 102 34.16 37.05 52.44
N ARG E 103 35.17 37.32 53.27
CA ARG E 103 34.99 37.34 54.72
C ARG E 103 35.98 38.28 55.40
N GLN F 1 17.21 10.22 27.60
CA GLN F 1 18.24 11.22 27.87
C GLN F 1 19.42 11.03 26.93
N VAL F 2 20.45 11.85 27.10
CA VAL F 2 21.65 11.82 26.27
C VAL F 2 22.84 11.51 27.15
N GLN F 3 23.59 10.47 26.81
CA GLN F 3 24.75 10.07 27.60
C GLN F 3 25.98 10.00 26.73
N LEU F 4 27.11 10.46 27.29
CA LEU F 4 28.40 10.52 26.62
C LEU F 4 29.42 9.86 27.54
N VAL F 5 29.60 8.57 27.39
CA VAL F 5 30.56 7.82 28.18
C VAL F 5 31.91 7.91 27.50
N GLN F 6 32.97 8.05 28.26
CA GLN F 6 34.30 8.00 27.67
C GLN F 6 35.04 6.77 28.19
N SER F 7 36.32 6.68 27.82
CA SER F 7 37.20 5.69 28.39
C SER F 7 37.93 6.28 29.59
N GLY F 8 38.57 5.41 30.36
CA GLY F 8 39.18 5.83 31.61
C GLY F 8 40.45 6.64 31.40
N ALA F 9 41.09 6.94 32.53
CA ALA F 9 42.34 7.68 32.49
C ALA F 9 43.44 6.82 31.90
N VAL F 10 44.49 7.49 31.42
CA VAL F 10 45.56 6.80 30.71
C VAL F 10 46.88 7.51 30.99
N ILE F 11 47.95 6.73 31.06
CA ILE F 11 49.31 7.24 31.22
C ILE F 11 50.09 6.84 29.99
N LYS F 12 50.68 7.83 29.32
CA LYS F 12 51.45 7.58 28.10
C LYS F 12 52.84 8.19 28.22
N THR F 13 53.71 7.74 27.34
CA THR F 13 55.09 8.17 27.21
C THR F 13 55.21 9.23 26.13
N PRO F 14 56.24 10.09 26.20
CA PRO F 14 56.43 11.07 25.11
C PRO F 14 56.80 10.39 23.81
N GLY F 15 56.13 10.81 22.74
CA GLY F 15 56.27 10.20 21.45
C GLY F 15 55.22 9.17 21.11
N SER F 16 54.38 8.78 22.07
CA SER F 16 53.38 7.75 21.84
C SER F 16 52.13 8.35 21.20
N SER F 17 51.07 7.57 21.15
CA SER F 17 49.79 8.00 20.58
C SER F 17 48.67 7.44 21.44
N VAL F 18 47.65 8.27 21.68
CA VAL F 18 46.55 7.90 22.56
C VAL F 18 45.28 7.79 21.74
N LYS F 19 44.42 6.83 22.10
CA LYS F 19 43.12 6.67 21.47
C LYS F 19 42.04 6.73 22.54
N ILE F 20 41.08 7.64 22.35
CA ILE F 20 40.01 7.90 23.30
C ILE F 20 38.69 7.63 22.60
N SER F 21 37.83 6.85 23.24
CA SER F 21 36.57 6.40 22.67
C SER F 21 35.42 7.09 23.37
N CYS F 22 34.78 8.03 22.69
CA CYS F 22 33.58 8.70 23.18
C CYS F 22 32.37 7.94 22.68
N ARG F 23 31.75 7.14 23.53
CA ARG F 23 30.54 6.43 23.15
C ARG F 23 29.33 7.30 23.47
N ALA F 24 28.45 7.45 22.49
CA ALA F 24 27.26 8.28 22.63
C ALA F 24 26.02 7.42 22.53
N SER F 25 25.06 7.68 23.41
CA SER F 25 23.85 6.87 23.42
C SER F 25 22.67 7.73 23.87
N GLY F 26 21.54 7.57 23.18
CA GLY F 26 20.33 8.22 23.61
C GLY F 26 19.65 9.05 22.53
N TYR F 27 20.32 9.23 21.40
CA TYR F 27 19.78 9.99 20.29
C TYR F 27 20.21 9.33 19.00
N ASN F 28 19.78 9.89 17.88
CA ASN F 28 20.17 9.36 16.58
C ASN F 28 21.57 9.86 16.27
N PHE F 29 22.54 8.95 16.28
CA PHE F 29 23.95 9.33 16.16
C PHE F 29 24.31 9.78 14.76
N ARG F 30 23.51 9.43 13.76
CA ARG F 30 23.77 9.81 12.38
C ARG F 30 23.32 11.23 12.05
N ASP F 31 23.07 12.08 13.04
CA ASP F 31 22.55 13.41 12.76
C ASP F 31 23.44 14.52 13.28
N TYR F 32 23.87 14.45 14.54
CA TYR F 32 24.41 15.62 15.20
C TYR F 32 25.93 15.50 15.34
N SER F 33 26.60 16.64 15.21
CA SER F 33 28.04 16.68 15.19
C SER F 33 28.62 16.38 16.57
N ILE F 34 29.87 15.93 16.58
CA ILE F 34 30.62 15.71 17.81
C ILE F 34 31.82 16.63 17.75
N HIS F 35 32.11 17.31 18.85
CA HIS F 35 33.27 18.18 18.94
C HIS F 35 34.20 17.64 20.01
N TRP F 36 35.48 18.00 19.91
CA TRP F 36 36.46 17.60 20.92
C TRP F 36 37.18 18.83 21.44
N VAL F 37 37.38 18.87 22.76
CA VAL F 37 37.95 20.06 23.39
C VAL F 37 38.84 19.58 24.53
N ARG F 38 39.81 20.41 24.91
CA ARG F 38 40.76 20.00 25.94
C ARG F 38 41.04 21.12 26.91
N LEU F 39 41.03 20.77 28.20
CA LEU F 39 41.40 21.69 29.27
C LEU F 39 42.85 21.45 29.65
N ILE F 40 43.69 22.42 29.34
CA ILE F 40 45.08 22.45 29.78
C ILE F 40 45.08 23.16 31.13
N PRO F 41 45.74 22.63 32.16
CA PRO F 41 45.72 23.31 33.46
C PRO F 41 46.53 24.59 33.43
N ASP F 42 45.90 25.67 33.94
CA ASP F 42 46.47 27.02 33.99
C ASP F 42 46.82 27.56 32.60
N LYS F 43 46.11 27.10 31.57
CA LYS F 43 46.22 27.66 30.22
C LYS F 43 44.88 27.90 29.55
N GLY F 44 43.78 27.34 30.04
CA GLY F 44 42.47 27.58 29.47
C GLY F 44 41.98 26.42 28.63
N PHE F 45 40.90 26.68 27.90
CA PHE F 45 40.35 25.75 26.94
C PHE F 45 41.03 25.89 25.59
N GLU F 46 40.91 24.83 24.78
CA GLU F 46 41.37 24.86 23.40
C GLU F 46 40.55 23.86 22.59
N TRP F 47 40.03 24.32 21.47
CA TRP F 47 39.26 23.48 20.58
C TRP F 47 40.19 22.56 19.80
N ILE F 48 39.67 21.40 19.40
CA ILE F 48 40.47 20.43 18.66
C ILE F 48 39.90 20.18 17.28
N GLY F 49 38.67 19.70 17.20
CA GLY F 49 38.08 19.42 15.90
C GLY F 49 36.67 18.90 16.01
N TRP F 50 35.97 18.96 14.89
CA TRP F 50 34.61 18.42 14.82
C TRP F 50 34.52 17.29 13.81
N ILE F 51 33.46 16.52 13.96
CA ILE F 51 33.20 15.35 13.12
C ILE F 51 31.69 15.21 12.93
N LYS F 52 31.27 15.06 11.68
CA LYS F 52 29.86 14.84 11.36
C LYS F 52 29.65 13.37 11.05
N PRO F 53 29.02 12.60 11.94
CA PRO F 53 29.01 11.14 11.78
C PRO F 53 28.09 10.59 10.71
N LEU F 54 27.46 11.43 9.87
CA LEU F 54 26.69 10.88 8.76
C LEU F 54 27.63 10.24 7.74
N TRP F 55 28.72 10.92 7.41
CA TRP F 55 29.78 10.28 6.67
C TRP F 55 31.07 10.20 7.44
N GLY F 56 31.42 11.24 8.18
CA GLY F 56 32.67 11.24 8.88
C GLY F 56 33.54 12.38 8.40
N ALA F 57 32.92 13.41 7.85
CA ALA F 57 33.66 14.61 7.49
C ALA F 57 34.15 15.29 8.76
N VAL F 58 35.45 15.55 8.81
CA VAL F 58 36.07 16.09 10.00
C VAL F 58 36.76 17.39 9.67
N SER F 59 37.02 18.17 10.71
CA SER F 59 37.92 19.31 10.59
C SER F 59 38.69 19.46 11.89
N TYR F 60 39.88 20.04 11.79
CA TYR F 60 40.78 20.12 12.92
C TYR F 60 41.26 21.55 13.06
N ALA F 61 41.87 21.85 14.20
CA ALA F 61 42.49 23.15 14.39
C ALA F 61 43.74 23.28 13.52
N ARG F 62 44.16 24.53 13.31
CA ARG F 62 45.32 24.77 12.44
C ARG F 62 46.61 24.32 13.09
N GLN F 63 46.76 24.55 14.38
CA GLN F 63 48.00 24.20 15.07
C GLN F 63 48.02 22.75 15.55
N LEU F 64 47.09 21.92 15.08
CA LEU F 64 47.08 20.50 15.42
C LEU F 64 47.08 19.60 14.20
N GLN F 65 47.21 20.14 12.99
CA GLN F 65 47.20 19.28 11.81
C GLN F 65 48.51 18.52 11.68
N GLY F 66 48.41 17.28 11.22
CA GLY F 66 49.54 16.38 11.24
C GLY F 66 49.75 15.66 12.55
N ARG F 67 48.86 15.85 13.51
CA ARG F 67 49.01 15.25 14.83
C ARG F 67 47.79 14.50 15.31
N VAL F 68 46.59 14.82 14.83
CA VAL F 68 45.35 14.30 15.39
C VAL F 68 44.53 13.68 14.27
N SER F 69 43.89 12.55 14.56
CA SER F 69 42.99 11.92 13.61
C SER F 69 41.72 11.51 14.34
N MET F 70 40.58 11.62 13.67
CA MET F 70 39.30 11.30 14.30
C MET F 70 38.49 10.42 13.37
N THR F 71 37.99 9.31 13.88
CA THR F 71 37.12 8.43 13.12
C THR F 71 35.84 8.18 13.92
N ARG F 72 34.96 7.38 13.35
CA ARG F 72 33.70 7.09 14.02
C ARG F 72 33.26 5.68 13.66
N GLN F 73 32.30 5.17 14.40
CA GLN F 73 31.69 3.88 14.14
C GLN F 73 30.20 4.01 14.36
N LEU F 74 29.44 3.83 13.29
CA LEU F 74 27.99 3.82 13.33
C LEU F 74 27.49 2.49 13.85
N SER F 75 26.19 2.41 14.08
CA SER F 75 25.53 1.18 14.47
C SER F 75 24.71 0.67 13.30
N GLN F 76 24.93 -0.59 12.92
CA GLN F 76 24.35 -1.13 11.71
C GLN F 76 23.14 -2.02 11.96
N ASP F 77 22.89 -2.42 13.20
CA ASP F 77 21.73 -3.27 13.45
C ASP F 77 20.49 -2.41 13.60
N PRO F 78 19.36 -2.79 12.97
CA PRO F 78 18.14 -1.97 13.08
C PRO F 78 17.43 -2.09 14.41
N ASP F 79 17.88 -2.97 15.30
CA ASP F 79 17.23 -3.05 16.61
C ASP F 79 17.77 -1.99 17.57
N ASP F 80 18.99 -1.53 17.40
CA ASP F 80 19.55 -0.41 18.16
C ASP F 80 20.14 0.62 17.20
N PRO F 81 19.31 1.41 16.53
CA PRO F 81 19.83 2.34 15.54
C PRO F 81 20.35 3.64 16.13
N ASP F 82 20.38 3.78 17.45
CA ASP F 82 20.66 5.07 18.06
C ASP F 82 22.11 5.27 18.48
N TRP F 83 22.71 4.30 19.17
CA TRP F 83 24.02 4.51 19.77
C TRP F 83 25.11 4.61 18.70
N GLY F 84 26.26 5.13 19.10
CA GLY F 84 27.37 5.30 18.18
C GLY F 84 28.64 5.55 18.93
N VAL F 85 29.78 5.48 18.23
CA VAL F 85 31.08 5.65 18.87
C VAL F 85 31.89 6.66 18.09
N ALA F 86 32.58 7.56 18.78
CA ALA F 86 33.57 8.44 18.20
C ALA F 86 34.95 8.05 18.72
N TYR F 87 35.97 8.18 17.87
CA TYR F 87 37.35 7.83 18.20
C TYR F 87 38.25 9.02 17.91
N MET F 88 39.06 9.40 18.88
CA MET F 88 40.11 10.39 18.66
C MET F 88 41.46 9.77 18.95
N GLU F 89 42.36 9.79 17.97
CA GLU F 89 43.72 9.32 18.14
C GLU F 89 44.64 10.52 18.02
N PHE F 90 45.25 10.89 19.14
CA PHE F 90 46.09 12.07 19.25
C PHE F 90 47.53 11.58 19.31
N SER F 91 48.34 11.99 18.34
CA SER F 91 49.70 11.52 18.19
C SER F 91 50.67 12.66 18.42
N GLY F 92 51.96 12.31 18.51
CA GLY F 92 53.00 13.29 18.73
C GLY F 92 52.93 13.91 20.11
N LEU F 93 52.80 13.08 21.13
CA LEU F 93 52.61 13.57 22.49
C LEU F 93 53.88 14.17 23.05
N THR F 94 53.72 15.31 23.72
CA THR F 94 54.78 16.02 24.43
C THR F 94 54.34 16.13 25.88
N PRO F 95 55.21 16.50 26.82
CA PRO F 95 54.73 16.80 28.17
C PRO F 95 53.85 18.05 28.27
N ALA F 96 53.75 18.85 27.22
CA ALA F 96 52.81 19.97 27.22
C ALA F 96 51.37 19.52 27.04
N ASP F 97 51.13 18.29 26.62
CA ASP F 97 49.78 17.80 26.38
C ASP F 97 49.19 17.08 27.58
N THR F 98 49.79 17.21 28.76
CA THR F 98 49.17 16.73 29.99
C THR F 98 47.92 17.56 30.26
N ALA F 99 46.74 16.97 30.07
CA ALA F 99 45.53 17.77 30.05
C ALA F 99 44.33 16.88 30.36
N GLU F 100 43.15 17.43 30.16
CA GLU F 100 41.90 16.70 30.34
C GLU F 100 41.04 16.86 29.10
N TYR F 101 40.72 15.75 28.45
CA TYR F 101 40.10 15.78 27.13
C TYR F 101 38.62 15.44 27.25
N PHE F 102 37.79 16.23 26.56
CA PHE F 102 36.34 16.11 26.55
C PHE F 102 35.84 15.92 25.13
N CYS F 103 34.77 15.14 25.00
CA CYS F 103 33.94 15.11 23.80
C CYS F 103 32.60 15.72 24.13
N VAL F 104 32.07 16.54 23.21
CA VAL F 104 30.78 17.19 23.44
C VAL F 104 29.88 17.01 22.23
N ARG F 105 28.61 17.33 22.45
CA ARG F 105 27.56 17.26 21.46
C ARG F 105 26.90 18.62 21.43
N ARG F 106 26.19 18.92 20.34
CA ARG F 106 25.55 20.20 20.10
C ARG F 106 24.39 20.40 21.08
N GLY F 107 23.89 21.63 21.17
CA GLY F 107 22.59 21.83 21.78
C GLY F 107 21.50 21.17 20.96
N SER F 108 20.47 20.69 21.64
CA SER F 108 19.41 19.95 20.96
C SER F 108 18.33 20.84 20.38
N CYS F 109 18.36 22.13 20.69
CA CYS F 109 17.37 23.10 20.21
C CYS F 109 17.48 23.50 18.74
N ASP F 110 16.35 23.87 18.14
CA ASP F 110 16.32 24.31 16.76
C ASP F 110 16.71 25.78 16.61
N TYR F 111 16.92 26.44 17.74
CA TYR F 111 17.32 27.85 17.74
C TYR F 111 18.80 27.99 18.04
N CYS F 112 19.34 27.08 18.84
CA CYS F 112 20.75 27.13 19.19
C CYS F 112 21.61 26.81 17.97
N GLY F 113 22.85 27.28 18.01
CA GLY F 113 23.76 27.10 16.90
C GLY F 113 24.43 25.76 16.90
N ASP F 114 25.73 25.74 16.56
CA ASP F 114 26.50 24.50 16.56
C ASP F 114 27.43 24.39 17.76
N PHE F 115 28.21 25.43 18.01
CA PHE F 115 29.11 25.49 19.16
C PHE F 115 28.54 25.62 20.59
N PRO F 116 27.29 26.11 20.84
CA PRO F 116 26.74 25.90 22.20
C PRO F 116 26.62 24.44 22.58
N TRP F 117 27.39 24.02 23.58
CA TRP F 117 27.60 22.61 23.90
C TRP F 117 26.76 22.24 25.10
N GLN F 118 25.67 21.51 24.85
CA GLN F 118 24.81 21.10 25.95
C GLN F 118 25.40 19.91 26.71
N TYR F 119 25.59 18.79 26.02
CA TYR F 119 25.96 17.54 26.67
C TYR F 119 27.46 17.33 26.58
N TRP F 120 28.03 16.78 27.65
CA TRP F 120 29.47 16.71 27.83
C TRP F 120 29.88 15.29 28.16
N GLY F 121 31.16 15.01 28.01
CA GLY F 121 31.70 13.74 28.41
C GLY F 121 32.16 13.77 29.85
N GLN F 122 32.51 12.60 30.37
CA GLN F 122 32.88 12.52 31.78
C GLN F 122 34.29 13.03 32.04
N GLY F 123 35.17 13.00 31.05
CA GLY F 123 36.50 13.54 31.25
C GLY F 123 37.63 12.53 31.24
N THR F 124 38.45 12.55 30.20
CA THR F 124 39.60 11.67 30.11
C THR F 124 40.85 12.42 30.54
N VAL F 125 41.51 11.95 31.58
CA VAL F 125 42.72 12.59 32.08
C VAL F 125 43.91 11.97 31.38
N VAL F 126 44.71 12.78 30.68
CA VAL F 126 45.85 12.29 29.93
C VAL F 126 47.11 12.90 30.53
N VAL F 127 48.01 12.03 30.99
CA VAL F 127 49.28 12.44 31.59
C VAL F 127 50.40 11.87 30.74
N VAL F 128 51.27 12.74 30.22
CA VAL F 128 52.40 12.30 29.45
C VAL F 128 53.65 12.22 30.32
N ALA G 1 5.02 42.79 -27.49
CA ALA G 1 4.96 43.19 -26.09
C ALA G 1 3.62 42.79 -25.48
N VAL G 2 3.64 42.45 -24.19
CA VAL G 2 2.40 42.11 -23.49
C VAL G 2 1.73 43.35 -22.92
N GLY G 3 2.48 44.17 -22.20
CA GLY G 3 1.91 45.37 -21.63
C GLY G 3 1.93 45.30 -20.11
N ILE G 4 2.14 46.46 -19.47
CA ILE G 4 2.28 46.48 -18.03
C ILE G 4 0.93 46.38 -17.33
N GLY G 5 -0.16 46.72 -18.01
CA GLY G 5 -1.48 46.57 -17.42
C GLY G 5 -1.87 45.13 -17.18
N ALA G 6 -1.31 44.21 -17.97
CA ALA G 6 -1.49 42.78 -17.74
C ALA G 6 -0.83 42.32 -16.44
N VAL G 7 0.09 43.11 -15.88
CA VAL G 7 0.56 42.88 -14.53
C VAL G 7 -0.57 43.06 -13.53
N PHE G 8 -1.36 44.12 -13.69
CA PHE G 8 -2.35 44.44 -12.66
C PHE G 8 -3.56 43.51 -12.72
N LEU G 9 -3.96 43.08 -13.90
CA LEU G 9 -4.98 42.06 -13.98
C LEU G 9 -4.43 40.66 -13.72
N GLY G 10 -3.11 40.51 -13.64
CA GLY G 10 -2.53 39.24 -13.25
C GLY G 10 -2.73 38.96 -11.77
N PHE G 11 -2.39 37.73 -11.39
CA PHE G 11 -2.47 37.29 -10.00
C PHE G 11 -1.51 38.07 -9.13
N LEU G 12 -2.05 38.69 -8.08
CA LEU G 12 -1.30 39.32 -6.99
C LEU G 12 -0.44 40.49 -7.47
N GLY G 13 -0.78 41.05 -8.64
CA GLY G 13 0.02 42.14 -9.19
C GLY G 13 -0.12 43.44 -8.42
N ALA G 14 -1.26 43.67 -7.80
CA ALA G 14 -1.49 44.89 -7.05
C ALA G 14 -0.91 44.86 -5.65
N ALA G 15 -0.09 43.85 -5.32
CA ALA G 15 0.44 43.69 -3.98
C ALA G 15 1.33 44.85 -3.55
N GLY G 16 1.95 45.54 -4.51
CA GLY G 16 2.76 46.68 -4.17
C GLY G 16 2.07 47.99 -4.42
N SER G 17 1.01 47.98 -5.22
CA SER G 17 0.28 49.20 -5.50
C SER G 17 -0.55 49.60 -4.28
N THR G 18 -1.14 50.79 -4.37
CA THR G 18 -1.81 51.37 -3.22
C THR G 18 -3.15 50.69 -2.95
N MET G 19 -3.73 51.01 -1.79
CA MET G 19 -4.99 50.38 -1.38
C MET G 19 -6.16 50.87 -2.22
N GLY G 20 -6.07 52.08 -2.76
CA GLY G 20 -7.11 52.59 -3.62
C GLY G 20 -7.11 52.03 -5.01
N ALA G 21 -6.08 51.29 -5.40
CA ALA G 21 -6.00 50.72 -6.73
C ALA G 21 -6.03 49.19 -6.75
N ALA G 22 -6.00 48.54 -5.59
CA ALA G 22 -6.10 47.09 -5.55
C ALA G 22 -7.54 46.62 -5.54
N SER G 23 -8.48 47.51 -5.22
CA SER G 23 -9.88 47.12 -5.14
C SER G 23 -10.49 46.87 -6.52
N MET G 24 -9.94 47.46 -7.58
CA MET G 24 -10.46 47.17 -8.91
C MET G 24 -10.08 45.77 -9.36
N THR G 25 -8.84 45.36 -9.12
CA THR G 25 -8.35 44.04 -9.49
C THR G 25 -8.38 43.07 -8.32
N LEU G 26 -9.35 43.22 -7.42
CA LEU G 26 -9.44 42.42 -6.22
C LEU G 26 -10.05 41.05 -6.46
N THR G 27 -10.66 40.81 -7.62
CA THR G 27 -11.34 39.54 -7.83
C THR G 27 -10.41 38.43 -8.30
N VAL G 28 -9.19 38.76 -8.73
CA VAL G 28 -8.29 37.73 -9.25
C VAL G 28 -7.74 36.87 -8.12
N GLN G 29 -7.44 37.51 -6.98
CA GLN G 29 -7.05 36.76 -5.78
C GLN G 29 -8.20 35.92 -5.26
N ALA G 30 -9.44 36.35 -5.48
CA ALA G 30 -10.58 35.55 -5.09
C ALA G 30 -10.74 34.35 -6.01
N ARG G 31 -10.51 34.54 -7.30
CA ARG G 31 -10.77 33.46 -8.25
C ARG G 31 -9.67 32.41 -8.22
N ASN G 32 -8.40 32.82 -8.14
CA ASN G 32 -7.31 31.86 -8.14
C ASN G 32 -7.02 31.28 -6.76
N LEU G 33 -7.92 31.48 -5.80
CA LEU G 33 -7.77 30.86 -4.49
C LEU G 33 -8.28 29.44 -4.46
N LEU G 34 -9.25 29.11 -5.30
CA LEU G 34 -9.95 27.83 -5.22
C LEU G 34 -9.48 26.80 -6.24
N SER G 35 -9.49 27.16 -7.53
CA SER G 35 -9.30 26.15 -8.57
C SER G 35 -7.84 25.74 -8.71
N GLY G 36 -6.96 26.69 -9.02
CA GLY G 36 -5.56 26.38 -9.22
C GLY G 36 -5.29 25.70 -10.55
N THR G 58 1.04 5.53 -4.93
CA THR G 58 -0.28 5.89 -4.44
C THR G 58 -0.19 6.81 -3.23
N VAL G 59 1.03 7.06 -2.75
CA VAL G 59 1.21 7.98 -1.64
C VAL G 59 1.14 9.42 -2.14
N TRP G 60 1.62 9.66 -3.36
CA TRP G 60 1.55 10.99 -3.96
C TRP G 60 0.12 11.41 -4.24
N GLY G 61 -0.74 10.45 -4.61
CA GLY G 61 -2.16 10.74 -4.73
C GLY G 61 -2.77 11.17 -3.42
N ILE G 62 -2.35 10.55 -2.31
CA ILE G 62 -2.88 10.90 -1.01
C ILE G 62 -2.40 12.28 -0.58
N LYS G 63 -1.12 12.61 -0.87
CA LYS G 63 -0.61 13.94 -0.53
C LYS G 63 -1.31 15.03 -1.33
N GLN G 64 -1.47 14.82 -2.64
CA GLN G 64 -2.10 15.84 -3.48
C GLN G 64 -3.59 15.98 -3.15
N LEU G 65 -4.24 14.85 -2.85
CA LEU G 65 -5.64 14.86 -2.45
C LEU G 65 -5.84 15.59 -1.13
N GLN G 66 -4.94 15.36 -0.18
CA GLN G 66 -5.05 16.00 1.13
C GLN G 66 -4.80 17.50 1.02
N ALA G 67 -3.85 17.90 0.18
CA ALA G 67 -3.62 19.33 -0.01
C ALA G 67 -4.80 20.00 -0.68
N ARG G 68 -5.44 19.33 -1.64
CA ARG G 68 -6.56 19.93 -2.33
C ARG G 68 -7.79 20.05 -1.43
N VAL G 69 -8.05 19.04 -0.60
CA VAL G 69 -9.17 19.18 0.31
C VAL G 69 -8.86 20.16 1.44
N LEU G 70 -7.59 20.35 1.78
CA LEU G 70 -7.25 21.41 2.74
C LEU G 70 -7.53 22.79 2.16
N ALA G 71 -7.21 22.98 0.87
CA ALA G 71 -7.48 24.25 0.23
C ALA G 71 -8.99 24.54 0.14
N VAL G 72 -9.79 23.52 -0.17
CA VAL G 72 -11.23 23.81 -0.25
C VAL G 72 -11.85 23.94 1.14
N GLU G 73 -11.29 23.30 2.17
CA GLU G 73 -11.78 23.56 3.52
C GLU G 73 -11.44 24.98 3.97
N ARG G 74 -10.27 25.48 3.60
CA ARG G 74 -9.91 26.85 3.96
C ARG G 74 -10.82 27.86 3.25
N TYR G 75 -11.10 27.63 1.97
CA TYR G 75 -12.02 28.49 1.25
C TYR G 75 -13.42 28.44 1.83
N LEU G 76 -13.87 27.26 2.24
CA LEU G 76 -15.23 27.16 2.78
C LEU G 76 -15.33 27.76 4.17
N ARG G 77 -14.25 27.66 4.98
CA ARG G 77 -14.22 28.36 6.26
C ARG G 77 -14.29 29.85 6.08
N ASP G 78 -13.57 30.39 5.09
CA ASP G 78 -13.63 31.84 4.88
C ASP G 78 -14.97 32.28 4.34
N GLN G 79 -15.62 31.47 3.49
CA GLN G 79 -16.96 31.83 3.03
C GLN G 79 -17.99 31.75 4.13
N GLN G 80 -17.85 30.81 5.06
CA GLN G 80 -18.79 30.75 6.18
C GLN G 80 -18.57 31.91 7.14
N LEU G 81 -17.31 32.27 7.38
CA LEU G 81 -17.02 33.42 8.24
C LEU G 81 -17.42 34.74 7.57
N LEU G 82 -17.51 34.77 6.25
CA LEU G 82 -18.01 35.97 5.59
C LEU G 82 -19.52 35.97 5.49
N GLY G 83 -20.16 34.80 5.51
CA GLY G 83 -21.60 34.75 5.38
C GLY G 83 -22.35 35.04 6.65
N ILE G 84 -21.74 34.82 7.81
CA ILE G 84 -22.42 35.16 9.06
C ILE G 84 -22.33 36.64 9.38
N TRP G 85 -21.62 37.41 8.57
CA TRP G 85 -21.73 38.86 8.57
C TRP G 85 -22.80 39.25 7.57
N GLY G 86 -22.86 40.52 7.20
CA GLY G 86 -23.90 40.96 6.31
C GLY G 86 -23.65 40.74 4.83
N CYS G 87 -22.55 40.10 4.44
CA CYS G 87 -22.21 39.97 3.03
C CYS G 87 -21.83 38.52 2.72
N SER G 88 -22.83 37.75 2.29
CA SER G 88 -22.60 36.34 1.99
C SER G 88 -21.92 36.15 0.63
N GLY G 89 -22.25 36.98 -0.35
CA GLY G 89 -21.70 36.81 -1.68
C GLY G 89 -21.17 38.09 -2.28
N LYS G 90 -20.59 38.95 -1.45
CA LYS G 90 -20.15 40.27 -1.88
C LYS G 90 -18.66 40.41 -1.60
N LEU G 91 -17.92 40.89 -2.61
CA LEU G 91 -16.49 41.13 -2.42
C LEU G 91 -16.26 42.38 -1.60
N ILE G 92 -17.04 43.43 -1.85
CA ILE G 92 -16.99 44.66 -1.09
C ILE G 92 -18.23 44.67 -0.22
N CYS G 93 -18.13 45.26 0.96
CA CYS G 93 -19.24 45.19 1.89
C CYS G 93 -19.30 46.47 2.71
N CYS G 94 -20.40 46.63 3.43
CA CYS G 94 -20.55 47.72 4.38
C CYS G 94 -21.23 47.20 5.63
N THR G 95 -20.85 47.75 6.77
CA THR G 95 -21.32 47.25 8.06
C THR G 95 -21.96 48.34 8.90
N ASN G 96 -22.20 48.07 10.17
CA ASN G 96 -22.80 49.04 11.07
C ASN G 96 -22.07 49.11 12.41
N VAL G 97 -20.75 49.00 12.42
CA VAL G 97 -20.02 49.23 13.66
C VAL G 97 -18.94 50.29 13.46
N PRO G 98 -18.79 51.22 14.39
CA PRO G 98 -17.84 52.32 14.21
C PRO G 98 -16.43 51.99 14.69
N TRP G 99 -15.48 52.68 14.09
CA TRP G 99 -14.06 52.49 14.35
C TRP G 99 -13.67 53.17 15.67
N ASN G 100 -13.18 52.40 16.64
CA ASN G 100 -12.54 53.04 17.81
C ASN G 100 -11.26 53.72 17.33
N SER G 101 -11.04 54.94 17.81
CA SER G 101 -9.97 55.75 17.24
C SER G 101 -8.60 55.23 17.66
N SER G 102 -8.52 54.48 18.74
CA SER G 102 -7.25 53.88 19.16
C SER G 102 -6.80 52.73 18.27
N TRP G 103 -7.61 52.31 17.29
CA TRP G 103 -7.23 51.21 16.43
C TRP G 103 -6.13 51.62 15.46
N SER G 104 -6.35 52.69 14.70
CA SER G 104 -5.32 53.07 13.74
C SER G 104 -5.03 54.56 13.64
N ASN G 105 -5.91 55.44 14.15
CA ASN G 105 -5.80 56.92 14.26
C ASN G 105 -5.10 57.61 13.08
N ARG G 106 -5.48 57.22 11.87
CA ARG G 106 -4.96 57.80 10.65
C ARG G 106 -6.14 58.14 9.74
N ASN G 107 -6.04 59.28 9.05
CA ASN G 107 -7.18 59.76 8.28
C ASN G 107 -7.31 59.02 6.95
N LEU G 108 -8.31 59.42 6.17
CA LEU G 108 -8.78 58.62 5.05
C LEU G 108 -7.82 58.67 3.87
N SER G 109 -7.22 59.83 3.61
CA SER G 109 -6.45 60.01 2.38
C SER G 109 -5.14 59.26 2.40
N GLU G 110 -4.53 59.07 3.57
CA GLU G 110 -3.25 58.38 3.60
C GLU G 110 -3.41 56.86 3.66
N ILE G 111 -4.56 56.35 4.09
CA ILE G 111 -4.77 54.91 4.10
C ILE G 111 -5.54 54.45 2.87
N TRP G 112 -5.69 55.30 1.87
CA TRP G 112 -6.25 54.87 0.59
C TRP G 112 -5.49 55.41 -0.60
N ASP G 113 -4.45 56.22 -0.39
CA ASP G 113 -3.59 56.65 -1.48
C ASP G 113 -2.11 56.41 -1.23
N ASN G 114 -1.67 56.25 0.02
CA ASN G 114 -0.26 56.02 0.32
C ASN G 114 0.04 54.56 0.62
N MET G 115 -0.62 53.99 1.62
CA MET G 115 -0.18 52.73 2.19
C MET G 115 -0.54 51.54 1.30
N THR G 116 0.21 50.46 1.48
CA THR G 116 -0.05 49.17 0.87
C THR G 116 -0.73 48.26 1.88
N TRP G 117 -1.29 47.17 1.38
CA TRP G 117 -2.08 46.28 2.24
C TRP G 117 -1.20 45.49 3.19
N LEU G 118 0.02 45.18 2.78
CA LEU G 118 0.96 44.48 3.66
C LEU G 118 1.31 45.35 4.87
N GLN G 119 1.48 46.64 4.66
CA GLN G 119 1.74 47.53 5.78
C GLN G 119 0.50 47.73 6.63
N TRP G 120 -0.68 47.71 6.02
CA TRP G 120 -1.90 47.88 6.78
C TRP G 120 -2.20 46.68 7.64
N ASP G 121 -1.84 45.47 7.17
CA ASP G 121 -2.14 44.26 7.91
C ASP G 121 -1.30 44.18 9.18
N LYS G 122 -0.08 44.68 9.14
CA LYS G 122 0.78 44.66 10.30
C LYS G 122 0.65 45.90 11.17
N GLU G 123 -0.35 46.74 10.92
CA GLU G 123 -0.66 47.82 11.84
C GLU G 123 -1.93 47.59 12.65
N ILE G 124 -2.79 46.65 12.25
CA ILE G 124 -3.99 46.34 13.01
C ILE G 124 -4.03 44.88 13.40
N SER G 125 -2.87 44.22 13.46
CA SER G 125 -2.81 42.78 13.67
C SER G 125 -3.22 42.36 15.07
N ASN G 126 -3.20 43.28 16.04
CA ASN G 126 -3.63 42.93 17.39
C ASN G 126 -5.14 43.00 17.56
N TYR G 127 -5.81 43.83 16.78
CA TYR G 127 -7.17 44.23 17.05
C TYR G 127 -8.20 43.48 16.22
N THR G 128 -7.81 42.39 15.56
CA THR G 128 -8.65 41.79 14.53
C THR G 128 -9.78 40.96 15.12
N GLN G 129 -9.50 40.22 16.19
CA GLN G 129 -10.53 39.41 16.82
C GLN G 129 -11.62 40.26 17.46
N ILE G 130 -11.24 41.44 17.96
CA ILE G 130 -12.20 42.42 18.47
C ILE G 130 -13.14 42.86 17.36
N ILE G 131 -12.59 43.11 16.17
CA ILE G 131 -13.39 43.53 15.03
C ILE G 131 -14.35 42.42 14.60
N TYR G 132 -13.88 41.17 14.62
CA TYR G 132 -14.73 40.06 14.19
C TYR G 132 -15.86 39.82 15.19
N GLY G 133 -15.57 39.98 16.49
CA GLY G 133 -16.63 39.89 17.49
C GLY G 133 -17.66 41.00 17.37
N LEU G 134 -17.20 42.22 17.06
CA LEU G 134 -18.12 43.33 16.86
C LEU G 134 -19.00 43.11 15.64
N LEU G 135 -18.44 42.54 14.57
CA LEU G 135 -19.24 42.24 13.39
C LEU G 135 -20.28 41.17 13.67
N GLU G 136 -19.91 40.16 14.46
CA GLU G 136 -20.86 39.12 14.82
C GLU G 136 -22.01 39.67 15.65
N GLU G 137 -21.70 40.54 16.62
CA GLU G 137 -22.74 41.19 17.42
C GLU G 137 -23.63 42.07 16.56
N SER G 138 -23.05 42.78 15.58
CA SER G 138 -23.81 43.65 14.71
C SER G 138 -24.80 42.88 13.85
N GLN G 139 -24.35 41.77 13.28
CA GLN G 139 -25.27 40.98 12.45
C GLN G 139 -26.33 40.30 13.30
N ASN G 140 -26.00 39.90 14.53
CA ASN G 140 -26.99 39.29 15.41
C ASN G 140 -28.09 40.29 15.79
N GLN G 141 -27.70 41.51 16.17
CA GLN G 141 -28.72 42.49 16.51
C GLN G 141 -29.48 42.98 15.29
N GLN G 142 -28.85 42.96 14.11
CA GLN G 142 -29.56 43.30 12.89
C GLN G 142 -30.61 42.26 12.54
N GLU G 143 -30.30 40.98 12.75
CA GLU G 143 -31.28 39.92 12.51
C GLU G 143 -32.45 40.02 13.48
N LYS G 144 -32.18 40.28 14.76
CA LYS G 144 -33.31 40.38 15.68
C LYS G 144 -34.14 41.65 15.45
N ASN G 145 -33.50 42.74 14.99
CA ASN G 145 -34.26 43.93 14.65
C ASN G 145 -35.11 43.73 13.40
N GLU G 146 -34.59 42.96 12.43
CA GLU G 146 -35.38 42.67 11.23
C GLU G 146 -36.56 41.76 11.56
N GLN G 147 -36.36 40.82 12.48
CA GLN G 147 -37.47 39.97 12.92
C GLN G 147 -38.51 40.77 13.69
N ASP G 148 -38.07 41.73 14.51
CA ASP G 148 -39.03 42.58 15.21
C ASP G 148 -39.75 43.52 14.25
N LEU G 149 -39.11 43.92 13.15
CA LEU G 149 -39.78 44.80 12.19
C LEU G 149 -40.82 44.04 11.39
N LEU G 150 -40.51 42.82 10.94
CA LEU G 150 -41.50 42.05 10.20
C LEU G 150 -42.49 41.32 11.10
N ALA G 151 -42.29 41.33 12.42
CA ALA G 151 -43.21 40.64 13.30
C ALA G 151 -44.56 41.34 13.39
N LEU G 152 -44.58 42.68 13.29
CA LEU G 152 -45.80 43.44 13.48
C LEU G 152 -46.75 43.35 12.28
N ASP G 153 -46.25 43.01 11.11
CA ASP G 153 -47.08 42.93 9.91
C ASP G 153 -47.98 41.69 9.92
N ALA H 1 -18.91 63.65 8.50
CA ALA H 1 -18.22 62.47 7.99
C ALA H 1 -16.97 62.16 8.81
N GLU H 2 -16.95 62.66 10.04
CA GLU H 2 -15.86 62.32 10.96
C GLU H 2 -15.94 60.87 11.44
N ASN H 3 -17.09 60.22 11.29
CA ASN H 3 -17.19 58.81 11.58
C ASN H 3 -16.78 57.96 10.39
N LEU H 4 -16.13 56.84 10.67
CA LEU H 4 -15.73 55.89 9.65
C LEU H 4 -16.32 54.53 9.99
N TRP H 5 -16.93 53.88 9.01
CA TRP H 5 -17.61 52.62 9.22
C TRP H 5 -16.77 51.52 8.60
N VAL H 6 -16.60 50.43 9.32
CA VAL H 6 -15.62 49.43 8.94
C VAL H 6 -16.18 48.58 7.81
N THR H 7 -15.34 48.26 6.83
CA THR H 7 -15.74 47.48 5.67
C THR H 7 -14.76 46.33 5.48
N VAL H 8 -15.29 45.17 5.13
CA VAL H 8 -14.46 44.01 4.91
C VAL H 8 -14.17 43.91 3.42
N TYR H 9 -13.09 43.20 3.10
CA TYR H 9 -12.66 43.02 1.72
C TYR H 9 -12.15 41.60 1.58
N TYR H 10 -12.74 40.84 0.67
CA TYR H 10 -12.38 39.43 0.50
C TYR H 10 -11.72 39.24 -0.86
N GLY H 11 -10.44 38.90 -0.84
CA GLY H 11 -9.70 38.78 -2.07
C GLY H 11 -8.62 39.84 -2.15
N VAL H 12 -8.12 40.26 -0.99
CA VAL H 12 -7.11 41.29 -0.93
C VAL H 12 -5.72 40.65 -1.03
N PRO H 13 -4.81 41.20 -1.84
CA PRO H 13 -3.47 40.59 -1.90
C PRO H 13 -2.60 40.95 -0.71
N VAL H 14 -2.45 39.99 0.19
CA VAL H 14 -1.62 40.10 1.39
C VAL H 14 -1.27 38.70 1.86
N TRP H 15 -0.01 38.47 2.18
CA TRP H 15 0.44 37.13 2.51
C TRP H 15 1.11 37.10 3.87
N LYS H 16 1.16 35.90 4.45
CA LYS H 16 1.97 35.62 5.62
C LYS H 16 2.71 34.31 5.40
N ASP H 17 3.84 34.17 6.06
CA ASP H 17 4.73 33.04 5.82
C ASP H 17 4.14 31.76 6.41
N ALA H 18 4.26 30.67 5.67
CA ALA H 18 3.79 29.37 6.10
C ALA H 18 4.55 28.31 5.32
N GLU H 19 4.32 27.05 5.68
CA GLU H 19 4.98 25.92 5.04
C GLU H 19 3.93 24.88 4.70
N THR H 20 4.03 24.30 3.51
CA THR H 20 3.09 23.27 3.09
C THR H 20 3.76 22.35 2.11
N THR H 21 3.04 21.28 1.76
CA THR H 21 3.53 20.36 0.75
C THR H 21 3.45 21.00 -0.62
N LEU H 22 4.37 20.60 -1.49
CA LEU H 22 4.41 21.07 -2.85
C LEU H 22 4.41 19.87 -3.78
N PHE H 23 3.56 19.90 -4.80
CA PHE H 23 3.50 18.78 -5.73
C PHE H 23 4.41 19.06 -6.91
N CYS H 24 5.17 18.04 -7.31
CA CYS H 24 6.12 18.18 -8.39
C CYS H 24 5.43 18.05 -9.74
N ALA H 25 6.04 18.67 -10.75
CA ALA H 25 5.48 18.67 -12.10
C ALA H 25 6.62 18.47 -13.09
N SER H 26 6.73 17.27 -13.64
CA SER H 26 7.73 17.02 -14.66
C SER H 26 7.21 17.40 -16.03
N ASP H 27 8.14 17.69 -16.93
CA ASP H 27 7.73 18.11 -18.26
C ASP H 27 7.25 16.91 -19.07
N ALA H 28 6.28 17.17 -19.96
CA ALA H 28 5.64 16.13 -20.76
C ALA H 28 6.54 15.58 -21.86
N LYS H 29 7.66 16.25 -22.15
CA LYS H 29 8.59 15.77 -23.18
C LYS H 29 9.22 14.45 -22.77
N ALA H 30 9.41 14.24 -21.47
CA ALA H 30 9.87 12.95 -20.96
C ALA H 30 8.82 11.86 -21.14
N TYR H 31 7.54 12.22 -21.30
CA TYR H 31 6.51 11.23 -21.53
C TYR H 31 6.59 10.63 -22.93
N GLU H 32 7.25 11.32 -23.87
CA GLU H 32 7.40 10.80 -25.23
C GLU H 32 8.32 9.58 -25.27
N THR H 33 9.22 9.43 -24.31
CA THR H 33 9.98 8.19 -24.11
C THR H 33 9.45 7.61 -22.80
N GLU H 34 8.45 6.76 -22.92
CA GLU H 34 7.60 6.33 -21.82
C GLU H 34 8.15 5.06 -21.18
N LYS H 35 7.31 4.38 -20.40
CA LYS H 35 7.56 3.05 -19.81
C LYS H 35 8.73 3.11 -18.82
N HIS H 36 8.52 3.89 -17.75
CA HIS H 36 9.26 3.81 -16.48
C HIS H 36 10.76 3.98 -16.65
N ASN H 37 11.17 4.72 -17.68
CA ASN H 37 12.59 4.84 -18.01
C ASN H 37 13.34 5.62 -16.94
N VAL H 38 12.83 6.79 -16.57
CA VAL H 38 13.30 7.53 -15.41
C VAL H 38 12.16 7.54 -14.40
N TRP H 39 12.50 7.91 -13.18
CA TRP H 39 11.51 7.99 -12.13
C TRP H 39 10.58 9.19 -12.34
N ALA H 40 9.38 9.09 -11.75
CA ALA H 40 8.31 10.09 -11.83
C ALA H 40 7.93 10.45 -13.25
N THR H 41 7.97 9.49 -14.16
CA THR H 41 7.30 9.63 -15.43
C THR H 41 5.86 9.15 -15.35
N HIS H 42 5.46 8.59 -14.20
CA HIS H 42 4.12 8.09 -13.98
C HIS H 42 3.55 8.67 -12.69
N ALA H 43 4.42 8.98 -11.74
CA ALA H 43 4.02 9.48 -10.42
C ALA H 43 4.17 10.99 -10.32
N CYS H 44 3.86 11.73 -11.39
CA CYS H 44 4.09 13.16 -11.44
C CYS H 44 3.22 13.77 -12.52
N VAL H 45 2.61 14.90 -12.21
CA VAL H 45 1.70 15.58 -13.14
C VAL H 45 2.52 16.24 -14.25
N PRO H 46 2.03 16.31 -15.49
CA PRO H 46 2.68 17.17 -16.49
C PRO H 46 2.43 18.64 -16.20
N THR H 47 3.30 19.47 -16.77
CA THR H 47 3.36 20.88 -16.43
C THR H 47 2.34 21.70 -17.22
N ASP H 48 2.21 22.94 -16.81
CA ASP H 48 1.67 23.97 -17.68
C ASP H 48 2.72 24.24 -18.76
N PRO H 49 2.38 24.14 -20.05
CA PRO H 49 3.33 24.57 -21.08
C PRO H 49 3.49 26.08 -21.19
N ASN H 50 2.73 26.87 -20.43
CA ASN H 50 2.82 28.32 -20.43
C ASN H 50 3.08 28.80 -19.01
N PRO H 51 4.34 28.79 -18.55
CA PRO H 51 4.64 29.40 -17.26
C PRO H 51 4.60 30.92 -17.36
N GLN H 52 4.10 31.57 -16.31
CA GLN H 52 3.84 33.01 -16.35
C GLN H 52 4.19 33.62 -15.00
N GLU H 53 5.39 34.16 -14.88
CA GLU H 53 5.70 34.91 -13.68
C GLU H 53 5.12 36.33 -13.81
N ILE H 54 4.86 36.95 -12.68
CA ILE H 54 4.16 38.22 -12.62
C ILE H 54 5.02 39.15 -11.77
N HIS H 55 5.81 40.00 -12.43
CA HIS H 55 6.80 40.82 -11.74
C HIS H 55 6.10 41.88 -10.90
N LEU H 56 6.34 41.85 -9.60
CA LEU H 56 5.68 42.78 -8.69
C LEU H 56 6.44 44.11 -8.71
N GLU H 57 6.03 45.05 -7.86
CA GLU H 57 6.65 46.37 -7.88
C GLU H 57 6.54 47.04 -6.53
N ASN H 58 7.66 47.64 -6.10
CA ASN H 58 7.80 48.39 -4.84
C ASN H 58 7.41 47.51 -3.65
N VAL H 59 8.12 46.39 -3.54
CA VAL H 59 7.76 45.33 -2.63
C VAL H 59 9.05 44.71 -2.09
N THR H 60 9.03 44.36 -0.81
CA THR H 60 10.22 43.85 -0.13
C THR H 60 9.80 42.67 0.72
N GLU H 61 10.37 41.50 0.44
CA GLU H 61 10.10 40.29 1.20
C GLU H 61 11.41 39.73 1.70
N GLU H 62 11.46 39.37 2.97
CA GLU H 62 12.68 38.85 3.58
C GLU H 62 12.86 37.39 3.21
N PHE H 63 13.97 37.07 2.54
CA PHE H 63 14.28 35.70 2.18
C PHE H 63 15.37 35.16 3.09
N ASN H 64 15.34 33.84 3.29
CA ASN H 64 16.35 33.19 4.12
C ASN H 64 16.42 31.74 3.65
N MET H 65 17.47 31.42 2.89
CA MET H 65 17.59 30.08 2.35
C MET H 65 18.01 29.06 3.39
N TRP H 66 18.59 29.49 4.51
CA TRP H 66 19.13 28.53 5.45
C TRP H 66 18.03 27.93 6.33
N LYS H 67 17.01 28.72 6.66
CA LYS H 67 15.86 28.21 7.40
C LYS H 67 14.70 27.87 6.48
N ASN H 68 14.99 27.48 5.24
CA ASN H 68 13.94 27.17 4.30
C ASN H 68 13.41 25.76 4.57
N ASN H 69 12.13 25.56 4.27
CA ASN H 69 11.49 24.27 4.45
C ASN H 69 11.30 23.51 3.15
N MET H 70 11.40 24.19 2.01
CA MET H 70 11.15 23.52 0.75
C MET H 70 12.28 22.58 0.38
N VAL H 71 13.51 22.95 0.75
CA VAL H 71 14.67 22.08 0.54
C VAL H 71 14.55 20.82 1.38
N GLU H 72 13.95 20.91 2.57
CA GLU H 72 13.79 19.75 3.42
C GLU H 72 12.70 18.83 2.87
N GLN H 73 11.65 19.40 2.29
CA GLN H 73 10.66 18.59 1.61
C GLN H 73 11.24 17.93 0.36
N MET H 74 12.18 18.57 -0.32
CA MET H 74 12.77 17.94 -1.48
C MET H 74 13.71 16.81 -1.08
N HIS H 75 14.45 17.01 0.02
CA HIS H 75 15.33 15.95 0.52
C HIS H 75 14.53 14.78 1.06
N THR H 76 13.31 15.00 1.55
CA THR H 76 12.47 13.87 1.93
C THR H 76 11.86 13.20 0.70
N ASP H 77 11.41 13.99 -0.29
CA ASP H 77 10.71 13.43 -1.43
C ASP H 77 11.62 12.62 -2.33
N ILE H 78 12.88 13.04 -2.49
CA ILE H 78 13.80 12.29 -3.34
C ILE H 78 14.16 10.95 -2.70
N ILE H 79 14.33 10.93 -1.37
CA ILE H 79 14.61 9.68 -0.67
C ILE H 79 13.43 8.72 -0.76
N SER H 80 12.22 9.23 -0.51
CA SER H 80 11.04 8.37 -0.54
C SER H 80 10.77 7.85 -1.94
N LEU H 81 10.97 8.67 -2.96
CA LEU H 81 10.71 8.24 -4.32
C LEU H 81 11.81 7.30 -4.82
N TRP H 82 13.04 7.53 -4.38
CA TRP H 82 14.16 6.67 -4.73
C TRP H 82 13.99 5.29 -4.13
N ASP H 83 13.46 5.21 -2.91
CA ASP H 83 13.07 3.92 -2.38
C ASP H 83 11.87 3.34 -3.11
N GLN H 84 10.95 4.19 -3.59
CA GLN H 84 9.81 3.67 -4.35
C GLN H 84 10.18 3.22 -5.76
N SER H 85 11.40 3.46 -6.22
CA SER H 85 11.82 2.99 -7.53
C SER H 85 12.79 1.80 -7.43
N LEU H 86 12.74 1.06 -6.32
CA LEU H 86 13.52 -0.17 -6.18
C LEU H 86 12.70 -1.38 -5.76
N LYS H 87 11.49 -1.19 -5.24
CA LYS H 87 10.67 -2.32 -4.81
C LYS H 87 10.30 -3.36 -5.88
N PRO H 88 10.00 -3.02 -7.15
CA PRO H 88 9.75 -4.11 -8.11
C PRO H 88 11.00 -4.85 -8.55
N CYS H 89 12.20 -4.35 -8.28
CA CYS H 89 13.39 -5.01 -8.79
C CYS H 89 13.78 -6.19 -7.90
N VAL H 90 14.71 -6.98 -8.42
CA VAL H 90 15.07 -8.26 -7.80
C VAL H 90 15.96 -8.04 -6.58
N LYS H 91 15.60 -8.66 -5.47
CA LYS H 91 16.46 -8.65 -4.30
C LYS H 91 17.54 -9.69 -4.48
N LEU H 92 18.76 -9.35 -4.04
CA LEU H 92 19.94 -10.15 -4.33
C LEU H 92 20.40 -10.90 -3.08
N THR H 93 19.44 -11.46 -2.35
CA THR H 93 19.75 -12.35 -1.24
C THR H 93 20.57 -13.58 -1.62
N PRO H 94 20.23 -14.40 -2.64
CA PRO H 94 20.94 -15.68 -2.81
C PRO H 94 22.37 -15.54 -3.29
N LEU H 95 22.76 -14.38 -3.79
CA LEU H 95 24.12 -14.22 -4.29
C LEU H 95 25.12 -14.02 -3.16
N CYS H 96 24.65 -13.67 -1.98
CA CYS H 96 25.51 -13.52 -0.82
C CYS H 96 26.04 -14.87 -0.38
N VAL H 97 27.22 -15.23 -0.87
CA VAL H 97 27.74 -16.59 -0.74
C VAL H 97 29.26 -16.51 -0.75
N THR H 98 29.89 -17.57 -0.26
CA THR H 98 31.35 -17.67 -0.22
C THR H 98 31.95 -17.68 -1.62
N LEU H 99 32.84 -16.74 -1.89
CA LEU H 99 33.46 -16.58 -3.18
C LEU H 99 34.88 -17.11 -3.14
N GLN H 100 35.32 -17.72 -4.24
CA GLN H 100 36.71 -18.12 -4.39
C GLN H 100 37.31 -17.27 -5.50
N CYS H 101 38.18 -16.36 -5.14
CA CYS H 101 38.62 -15.30 -6.04
C CYS H 101 40.11 -15.42 -6.32
N THR H 102 40.49 -14.99 -7.50
CA THR H 102 41.88 -14.93 -7.92
C THR H 102 42.11 -13.61 -8.63
N ASN H 103 43.36 -13.32 -8.96
CA ASN H 103 43.66 -12.11 -9.70
C ASN H 103 43.16 -12.23 -11.13
N VAL H 104 42.74 -11.09 -11.69
CA VAL H 104 42.38 -11.03 -13.09
C VAL H 104 43.65 -11.22 -13.92
N THR H 105 43.49 -11.81 -15.11
CA THR H 105 44.61 -12.02 -16.01
C THR H 105 45.20 -10.68 -16.43
N ASN H 106 46.41 -10.39 -15.96
CA ASN H 106 47.07 -9.11 -16.17
C ASN H 106 48.52 -9.29 -15.77
N ASN H 107 49.39 -8.47 -16.38
CA ASN H 107 50.81 -8.43 -16.00
C ASN H 107 50.89 -7.75 -14.64
N ILE H 108 50.65 -8.52 -13.59
CA ILE H 108 50.55 -7.97 -12.26
C ILE H 108 51.94 -7.60 -11.75
N THR H 109 52.06 -6.37 -11.25
CA THR H 109 53.35 -5.73 -11.08
C THR H 109 53.93 -5.86 -9.68
N ASP H 110 53.10 -6.21 -8.69
CA ASP H 110 53.45 -6.34 -7.27
C ASP H 110 54.05 -5.03 -6.72
N MET H 112 51.50 -3.53 -8.09
CA MET H 112 51.24 -2.69 -6.94
C MET H 112 49.76 -2.39 -6.81
N ARG H 113 48.93 -3.22 -7.41
CA ARG H 113 47.52 -2.88 -7.53
C ARG H 113 46.69 -4.14 -7.69
N GLY H 114 45.51 -4.12 -7.10
CA GLY H 114 44.48 -5.12 -7.31
C GLY H 114 43.49 -4.59 -8.32
N GLU H 115 42.37 -4.04 -7.81
CA GLU H 115 41.36 -3.23 -8.47
C GLU H 115 40.41 -4.07 -9.34
N LEU H 116 40.73 -5.31 -9.63
CA LEU H 116 39.77 -6.21 -10.25
C LEU H 116 39.96 -7.59 -9.64
N LYS H 117 38.87 -8.32 -9.51
CA LYS H 117 38.91 -9.66 -8.97
C LYS H 117 38.07 -10.59 -9.82
N ASN H 118 38.56 -11.80 -10.02
CA ASN H 118 37.92 -12.83 -10.82
C ASN H 118 37.43 -13.89 -9.84
N CYS H 119 36.14 -13.86 -9.53
CA CYS H 119 35.57 -14.64 -8.44
C CYS H 119 34.65 -15.72 -8.99
N SER H 120 34.95 -16.98 -8.67
CA SER H 120 34.12 -18.11 -9.02
C SER H 120 33.33 -18.56 -7.80
N PHE H 121 32.08 -18.97 -8.02
CA PHE H 121 31.23 -19.35 -6.90
C PHE H 121 30.09 -20.23 -7.39
N ASN H 122 29.48 -20.95 -6.45
CA ASN H 122 28.32 -21.77 -6.74
C ASN H 122 27.09 -20.88 -6.77
N MET H 123 26.14 -21.22 -7.63
CA MET H 123 24.93 -20.42 -7.71
C MET H 123 23.78 -21.31 -8.10
N THR H 124 22.60 -21.01 -7.56
CA THR H 124 21.42 -21.80 -7.89
C THR H 124 20.98 -21.53 -9.32
N THR H 125 20.07 -22.35 -9.80
CA THR H 125 19.63 -22.30 -11.19
C THR H 125 18.13 -22.03 -11.23
N GLU H 126 17.57 -22.17 -12.43
CA GLU H 126 16.13 -22.08 -12.61
C GLU H 126 15.41 -23.13 -11.77
N LEU H 127 15.87 -24.36 -11.81
CA LEU H 127 15.38 -25.37 -10.89
C LEU H 127 15.97 -25.13 -9.51
N ARG H 128 15.29 -25.67 -8.50
CA ARG H 128 15.76 -25.50 -7.13
C ARG H 128 16.85 -26.51 -6.77
N ASP H 129 16.83 -27.68 -7.40
CA ASP H 129 17.75 -28.75 -7.02
C ASP H 129 19.16 -28.49 -7.52
N LYS H 130 19.30 -28.20 -8.81
CA LYS H 130 20.62 -28.15 -9.42
C LYS H 130 21.35 -26.87 -9.02
N LYS H 131 22.62 -26.80 -9.42
CA LYS H 131 23.44 -25.63 -9.16
C LYS H 131 24.54 -25.58 -10.21
N GLN H 132 25.18 -24.42 -10.31
CA GLN H 132 26.13 -24.17 -11.38
C GLN H 132 27.31 -23.38 -10.85
N LYS H 133 28.50 -23.72 -11.34
CA LYS H 133 29.68 -22.92 -11.03
C LYS H 133 29.71 -21.75 -12.01
N VAL H 134 29.93 -20.55 -11.50
CA VAL H 134 29.88 -19.38 -12.35
C VAL H 134 30.91 -18.37 -11.87
N TYR H 135 31.47 -17.60 -12.80
CA TYR H 135 32.52 -16.65 -12.49
C TYR H 135 32.04 -15.24 -12.80
N SER H 136 32.62 -14.27 -12.12
CA SER H 136 32.29 -12.87 -12.34
C SER H 136 33.51 -12.03 -12.02
N LEU H 137 33.40 -10.73 -12.28
CA LEU H 137 34.48 -9.79 -12.00
C LEU H 137 33.95 -8.73 -11.07
N PHE H 138 34.47 -8.68 -9.86
CA PHE H 138 34.07 -7.68 -8.88
C PHE H 138 35.23 -6.73 -8.62
N TYR H 139 34.90 -5.53 -8.17
CA TYR H 139 35.95 -4.60 -7.81
C TYR H 139 36.46 -4.91 -6.41
N ARG H 140 37.62 -4.36 -6.08
CA ARG H 140 38.24 -4.69 -4.80
C ARG H 140 37.50 -4.03 -3.64
N LEU H 141 36.74 -2.98 -3.90
CA LEU H 141 35.97 -2.31 -2.86
C LEU H 141 34.65 -2.99 -2.56
N ASP H 142 34.39 -4.16 -3.14
CA ASP H 142 33.17 -4.90 -2.87
C ASP H 142 33.41 -6.27 -2.28
N VAL H 143 34.65 -6.71 -2.19
CA VAL H 143 34.96 -8.02 -1.62
C VAL H 143 35.87 -7.82 -0.42
N VAL H 144 35.70 -8.69 0.58
CA VAL H 144 36.46 -8.62 1.83
C VAL H 144 36.95 -10.02 2.15
N GLN H 145 38.25 -10.16 2.42
CA GLN H 145 38.84 -11.45 2.71
C GLN H 145 38.35 -11.97 4.05
N ILE H 146 37.47 -12.94 4.01
CA ILE H 146 37.08 -13.65 5.21
C ILE H 146 38.13 -14.73 5.43
N ASN H 147 38.38 -15.08 6.69
CA ASN H 147 39.46 -15.99 7.01
C ASN H 147 38.96 -17.09 7.93
N SER H 157 46.76 -22.13 -1.19
CA SER H 157 45.59 -22.17 -2.05
C SER H 157 45.15 -20.76 -2.43
N ASN H 158 44.15 -20.69 -3.32
CA ASN H 158 43.50 -19.43 -3.61
C ASN H 158 42.70 -18.96 -2.40
N LYS H 159 42.45 -17.66 -2.35
CA LYS H 159 41.85 -17.07 -1.17
C LYS H 159 40.33 -17.31 -1.18
N GLU H 160 39.62 -16.66 -0.26
CA GLU H 160 38.22 -17.00 -0.03
C GLU H 160 37.53 -15.75 0.48
N TYR H 161 36.67 -15.16 -0.36
CA TYR H 161 36.14 -13.82 -0.10
C TYR H 161 34.64 -13.88 0.13
N ARG H 162 34.08 -12.73 0.46
CA ARG H 162 32.64 -12.54 0.48
C ARG H 162 32.34 -11.10 0.13
N LEU H 163 31.08 -10.82 -0.20
CA LEU H 163 30.71 -9.45 -0.47
C LEU H 163 30.63 -8.66 0.82
N ILE H 164 30.79 -7.34 0.69
CA ILE H 164 30.85 -6.48 1.87
C ILE H 164 29.47 -6.25 2.48
N ASN H 165 28.41 -6.24 1.67
CA ASN H 165 27.09 -6.02 2.25
C ASN H 165 26.53 -7.23 2.99
N CYS H 166 27.19 -8.39 2.89
CA CYS H 166 26.69 -9.60 3.51
C CYS H 166 26.74 -9.59 5.02
N ASN H 167 27.54 -8.71 5.60
CA ASN H 167 27.61 -8.63 7.05
C ASN H 167 26.39 -7.94 7.64
N THR H 168 25.72 -7.10 6.87
CA THR H 168 24.61 -6.34 7.43
C THR H 168 23.28 -6.52 6.72
N SER H 169 23.24 -6.52 5.39
CA SER H 169 21.96 -6.48 4.68
C SER H 169 22.09 -6.85 3.22
N ALA H 170 21.20 -7.71 2.73
CA ALA H 170 21.12 -7.97 1.31
C ALA H 170 20.50 -6.78 0.60
N CYS H 171 20.81 -6.63 -0.68
CA CYS H 171 20.52 -5.38 -1.36
C CYS H 171 19.93 -5.61 -2.74
N THR H 172 18.86 -4.88 -3.03
CA THR H 172 18.19 -4.96 -4.32
C THR H 172 19.05 -4.34 -5.40
N GLN H 173 19.19 -5.03 -6.53
CA GLN H 173 19.90 -4.39 -7.62
C GLN H 173 18.93 -3.56 -8.43
N ALA H 174 19.49 -2.61 -9.19
CA ALA H 174 18.67 -1.69 -9.96
C ALA H 174 18.37 -2.28 -11.33
N CYS H 175 17.10 -2.25 -11.71
CA CYS H 175 16.70 -2.76 -13.01
C CYS H 175 17.21 -1.84 -14.12
N PRO H 176 17.91 -2.36 -15.13
CA PRO H 176 18.46 -1.49 -16.17
C PRO H 176 17.43 -0.86 -17.10
N LYS H 177 16.15 -1.17 -16.96
CA LYS H 177 15.14 -0.35 -17.61
C LYS H 177 14.99 1.00 -16.90
N VAL H 178 15.41 1.11 -15.64
CA VAL H 178 15.32 2.33 -14.89
C VAL H 178 16.62 3.12 -15.08
N SER H 179 16.53 4.27 -15.72
CA SER H 179 17.68 5.12 -15.89
C SER H 179 17.89 5.97 -14.65
N PHE H 180 19.15 6.36 -14.43
CA PHE H 180 19.49 7.19 -13.28
C PHE H 180 19.57 8.66 -13.60
N GLU H 181 19.45 9.05 -14.87
CA GLU H 181 19.75 10.40 -15.26
C GLU H 181 18.67 11.36 -14.77
N PRO H 182 19.02 12.60 -14.46
CA PRO H 182 18.02 13.54 -13.98
C PRO H 182 17.14 14.08 -15.09
N ILE H 183 15.88 14.30 -14.74
CA ILE H 183 14.95 15.04 -15.59
C ILE H 183 14.55 16.27 -14.78
N PRO H 184 14.26 17.40 -15.41
CA PRO H 184 13.98 18.62 -14.63
C PRO H 184 12.67 18.52 -13.87
N ILE H 185 12.73 18.86 -12.58
CA ILE H 185 11.59 18.76 -11.68
C ILE H 185 11.14 20.16 -11.34
N HIS H 186 9.90 20.49 -11.67
CA HIS H 186 9.31 21.77 -11.34
C HIS H 186 8.47 21.63 -10.09
N TYR H 187 8.27 22.73 -9.38
CA TYR H 187 7.43 22.76 -8.17
C TYR H 187 6.29 23.75 -8.36
N CYS H 188 5.15 23.24 -8.79
CA CYS H 188 3.95 24.07 -8.89
C CYS H 188 3.31 24.19 -7.52
N ALA H 189 3.02 25.42 -7.11
CA ALA H 189 2.37 25.66 -5.83
C ALA H 189 0.91 25.23 -5.89
N PRO H 190 0.36 24.74 -4.78
CA PRO H 190 -1.04 24.35 -4.77
C PRO H 190 -1.94 25.56 -4.69
N ALA H 191 -3.24 25.31 -4.60
CA ALA H 191 -4.19 26.39 -4.45
C ALA H 191 -4.08 26.99 -3.06
N GLY H 192 -4.31 28.30 -2.97
CA GLY H 192 -4.24 29.00 -1.71
C GLY H 192 -2.88 29.55 -1.37
N PHE H 193 -1.83 28.96 -1.90
CA PHE H 193 -0.47 29.39 -1.62
C PHE H 193 0.12 30.05 -2.87
N ALA H 194 1.37 30.47 -2.75
CA ALA H 194 2.08 31.08 -3.86
C ALA H 194 3.57 30.93 -3.62
N ILE H 195 4.34 31.06 -4.69
CA ILE H 195 5.79 30.94 -4.62
C ILE H 195 6.39 32.25 -5.11
N LEU H 196 7.16 32.91 -4.25
CA LEU H 196 7.87 34.10 -4.65
C LEU H 196 9.22 33.73 -5.24
N LYS H 197 9.87 34.70 -5.86
CA LYS H 197 11.17 34.47 -6.47
C LYS H 197 11.99 35.73 -6.40
N CYS H 198 13.18 35.66 -5.80
CA CYS H 198 14.10 36.79 -5.89
C CYS H 198 14.61 36.92 -7.31
N LYS H 199 14.99 38.13 -7.67
CA LYS H 199 15.57 38.36 -8.97
C LYS H 199 16.78 39.29 -8.86
N ASP H 200 17.10 39.75 -7.65
CA ASP H 200 18.26 40.61 -7.45
C ASP H 200 19.54 39.82 -7.71
N LYS H 201 20.37 40.34 -8.60
CA LYS H 201 21.57 39.62 -9.00
C LYS H 201 22.63 39.60 -7.91
N LYS H 202 22.60 40.57 -7.00
CA LYS H 202 23.53 40.63 -5.89
C LYS H 202 22.93 40.07 -4.61
N PHE H 203 22.01 39.11 -4.73
CA PHE H 203 21.34 38.58 -3.55
C PHE H 203 22.27 37.67 -2.75
N ASN H 204 22.52 38.07 -1.51
CA ASN H 204 23.53 37.41 -0.69
C ASN H 204 23.11 36.02 -0.27
N GLY H 205 21.83 35.82 0.01
CA GLY H 205 21.35 34.56 0.53
C GLY H 205 20.43 34.77 1.71
N THR H 206 20.65 35.85 2.45
CA THR H 206 19.87 36.16 3.64
C THR H 206 19.58 37.64 3.63
N GLY H 207 18.32 38.01 3.86
CA GLY H 207 17.94 39.40 3.94
C GLY H 207 16.94 39.78 2.87
N PRO H 208 16.68 41.08 2.73
CA PRO H 208 15.64 41.54 1.80
C PRO H 208 16.10 41.47 0.35
N CYS H 209 15.24 40.95 -0.51
CA CYS H 209 15.41 41.02 -1.95
C CYS H 209 14.44 42.05 -2.49
N PRO H 210 14.89 43.24 -2.90
CA PRO H 210 13.97 44.31 -3.25
C PRO H 210 13.36 44.22 -4.64
N SER H 211 13.45 43.08 -5.32
CA SER H 211 12.79 42.90 -6.61
C SER H 211 12.33 41.45 -6.69
N VAL H 212 11.10 41.19 -6.26
CA VAL H 212 10.58 39.84 -6.21
C VAL H 212 9.61 39.65 -7.37
N SER H 213 9.19 38.40 -7.57
CA SER H 213 8.24 38.09 -8.64
C SER H 213 7.53 36.80 -8.26
N THR H 214 6.22 36.86 -8.12
CA THR H 214 5.47 35.64 -7.88
C THR H 214 5.44 34.78 -9.14
N VAL H 215 5.26 33.47 -8.94
CA VAL H 215 5.29 32.52 -10.03
C VAL H 215 4.48 31.31 -9.57
N GLN H 216 3.78 30.68 -10.51
CA GLN H 216 2.94 29.55 -10.14
C GLN H 216 3.69 28.25 -10.12
N CYS H 217 4.85 28.17 -10.78
CA CYS H 217 5.56 26.90 -10.84
C CYS H 217 7.03 27.21 -11.15
N THR H 218 7.93 26.51 -10.46
CA THR H 218 9.34 26.87 -10.42
C THR H 218 10.04 26.48 -11.73
N HIS H 219 11.31 26.86 -11.82
CA HIS H 219 12.09 26.60 -13.02
C HIS H 219 12.56 25.15 -13.06
N GLY H 220 13.33 24.83 -14.09
CA GLY H 220 13.85 23.49 -14.25
C GLY H 220 14.94 23.17 -13.26
N ILE H 221 14.68 22.21 -12.38
CA ILE H 221 15.65 21.74 -11.41
C ILE H 221 16.00 20.31 -11.78
N LYS H 222 17.21 20.10 -12.28
CA LYS H 222 17.64 18.75 -12.57
C LYS H 222 18.37 18.16 -11.38
N PRO H 223 17.90 17.07 -10.82
CA PRO H 223 18.52 16.50 -9.62
C PRO H 223 19.78 15.70 -9.87
N VAL H 224 20.94 16.30 -9.61
CA VAL H 224 22.19 15.57 -9.67
C VAL H 224 22.51 15.11 -8.27
N VAL H 225 23.43 14.15 -8.17
CA VAL H 225 23.95 13.71 -6.88
C VAL H 225 25.48 13.79 -6.93
N SER H 226 26.05 14.67 -6.12
CA SER H 226 27.48 14.93 -6.16
C SER H 226 27.89 15.60 -4.86
N THR H 227 29.14 15.41 -4.47
CA THR H 227 29.59 15.75 -3.13
C THR H 227 30.61 16.89 -3.09
N GLN H 228 31.75 16.73 -3.77
CA GLN H 228 32.81 17.72 -3.66
C GLN H 228 32.46 19.00 -4.38
N LEU H 229 31.92 18.87 -5.58
CA LEU H 229 31.64 20.05 -6.39
C LEU H 229 30.41 19.75 -7.25
N LEU H 230 29.39 20.57 -7.10
CA LEU H 230 28.11 20.27 -7.71
C LEU H 230 28.12 20.58 -9.19
N LEU H 231 27.41 19.75 -9.95
CA LEU H 231 27.43 19.84 -11.42
C LEU H 231 26.09 20.14 -12.04
N ASN H 232 26.14 20.81 -13.18
CA ASN H 232 24.94 21.22 -13.94
C ASN H 232 24.00 22.03 -13.06
N GLY H 233 24.55 22.96 -12.30
CA GLY H 233 23.79 23.78 -11.39
C GLY H 233 23.70 25.18 -11.93
N SER H 234 22.48 25.67 -12.01
CA SER H 234 22.21 27.00 -12.53
C SER H 234 23.28 27.95 -12.03
N LEU H 235 23.99 28.58 -12.97
CA LEU H 235 25.09 29.47 -12.65
C LEU H 235 24.63 30.92 -12.53
N ALA H 236 25.34 31.69 -11.71
CA ALA H 236 25.04 33.11 -11.54
C ALA H 236 25.47 33.88 -12.77
N GLU H 237 24.97 35.10 -12.90
CA GLU H 237 25.07 35.83 -14.15
C GLU H 237 26.15 36.92 -14.16
N GLU H 238 26.15 37.81 -13.16
CA GLU H 238 27.10 38.92 -13.21
C GLU H 238 28.50 38.49 -12.84
N GLU H 239 28.65 37.79 -11.73
CA GLU H 239 29.97 37.40 -11.25
C GLU H 239 29.84 36.16 -10.38
N VAL H 240 30.99 35.57 -10.07
CA VAL H 240 31.04 34.42 -9.19
C VAL H 240 30.64 34.86 -7.79
N MET H 241 29.81 34.08 -7.12
CA MET H 241 29.26 34.48 -5.84
C MET H 241 29.54 33.41 -4.79
N ILE H 242 29.67 33.85 -3.54
CA ILE H 242 29.77 32.94 -2.42
C ILE H 242 28.58 33.17 -1.51
N ARG H 243 28.27 32.16 -0.71
CA ARG H 243 27.11 32.16 0.16
C ARG H 243 27.44 31.38 1.42
N SER H 244 26.87 31.83 2.53
CA SER H 244 27.10 31.18 3.82
C SER H 244 25.94 31.53 4.74
N GLU H 245 26.06 31.15 6.01
CA GLU H 245 25.11 31.54 7.03
C GLU H 245 25.75 32.48 8.05
N ASN H 246 26.81 32.04 8.72
CA ASN H 246 27.73 32.92 9.41
C ASN H 246 29.12 32.54 8.91
N ILE H 247 29.79 33.48 8.24
CA ILE H 247 31.04 33.16 7.56
C ILE H 247 32.13 32.91 8.59
N THR H 248 32.02 33.54 9.76
CA THR H 248 32.96 33.31 10.85
C THR H 248 32.62 32.06 11.66
N ASN H 249 31.74 31.20 11.16
CA ASN H 249 31.47 29.90 11.77
C ASN H 249 32.12 28.82 10.92
N ASN H 250 32.52 27.74 11.58
CA ASN H 250 33.27 26.69 10.93
C ASN H 250 32.42 25.51 10.49
N ALA H 251 31.35 25.22 11.23
CA ALA H 251 30.56 24.04 10.94
C ALA H 251 29.71 24.22 9.69
N LYS H 252 29.38 25.45 9.34
CA LYS H 252 28.57 25.69 8.15
C LYS H 252 29.45 25.74 6.91
N ASN H 253 28.97 25.10 5.86
CA ASN H 253 29.67 25.09 4.59
C ASN H 253 29.61 26.46 3.94
N ILE H 254 30.48 26.67 2.97
CA ILE H 254 30.60 27.93 2.26
C ILE H 254 30.32 27.61 0.79
N LEU H 255 29.07 27.78 0.37
CA LEU H 255 28.72 27.46 -1.01
C LEU H 255 29.27 28.51 -1.95
N VAL H 256 29.66 28.07 -3.14
CA VAL H 256 30.21 28.95 -4.16
C VAL H 256 29.53 28.60 -5.47
N GLN H 257 29.01 29.61 -6.17
CA GLN H 257 28.36 29.42 -7.46
C GLN H 257 29.13 30.20 -8.51
N PHE H 258 29.47 29.54 -9.62
CA PHE H 258 30.34 30.16 -10.59
C PHE H 258 29.58 31.05 -11.56
N ASN H 259 30.35 31.80 -12.35
CA ASN H 259 29.87 32.56 -13.50
C ASN H 259 30.10 31.80 -14.79
N THR H 260 31.30 31.27 -14.98
CA THR H 260 31.65 30.56 -16.19
C THR H 260 31.74 29.08 -15.90
N PRO H 261 31.00 28.24 -16.60
CA PRO H 261 31.05 26.80 -16.32
C PRO H 261 32.32 26.14 -16.80
N VAL H 262 33.20 25.77 -15.86
CA VAL H 262 34.38 25.01 -16.22
C VAL H 262 33.96 23.58 -16.55
N GLN H 263 34.58 23.00 -17.57
CA GLN H 263 34.11 21.76 -18.17
C GLN H 263 34.92 20.58 -17.65
N ILE H 264 34.25 19.48 -17.40
CA ILE H 264 34.89 18.24 -16.95
C ILE H 264 34.51 17.11 -17.90
N ASN H 265 35.48 16.27 -18.24
CA ASN H 265 35.27 15.10 -19.06
C ASN H 265 35.68 13.87 -18.28
N CYS H 266 34.77 12.91 -18.15
CA CYS H 266 35.03 11.72 -17.37
C CYS H 266 34.67 10.48 -18.18
N THR H 267 35.38 9.40 -17.93
CA THR H 267 35.24 8.20 -18.74
C THR H 267 35.69 6.98 -17.94
N ARG H 268 35.49 5.82 -18.55
CA ARG H 268 35.92 4.54 -18.03
C ARG H 268 36.38 3.71 -19.22
N PRO H 269 37.67 3.50 -19.38
CA PRO H 269 38.18 2.89 -20.62
C PRO H 269 37.97 1.39 -20.75
N ASN H 270 37.58 0.70 -19.70
CA ASN H 270 37.50 -0.76 -19.74
C ASN H 270 36.26 -1.19 -20.52
N ASN H 271 36.46 -1.93 -21.60
CA ASN H 271 35.35 -2.43 -22.41
C ASN H 271 34.82 -3.68 -21.73
N ASN H 272 33.74 -3.54 -20.95
CA ASN H 272 33.16 -4.65 -20.21
C ASN H 272 32.38 -5.58 -21.13
N THR H 273 31.75 -6.57 -20.51
CA THR H 273 30.83 -7.45 -21.21
C THR H 273 29.78 -7.88 -20.19
N ARG H 274 28.55 -7.41 -20.36
CA ARG H 274 27.49 -7.73 -19.43
C ARG H 274 27.01 -9.15 -19.69
N LYS H 275 26.87 -9.92 -18.62
CA LYS H 275 26.55 -11.35 -18.72
C LYS H 275 25.42 -11.68 -17.76
N SER H 276 24.42 -12.41 -18.27
CA SER H 276 23.22 -12.69 -17.50
C SER H 276 23.35 -14.04 -16.79
N ILE H 277 23.10 -14.03 -15.49
CA ILE H 277 23.10 -15.23 -14.66
C ILE H 277 21.70 -15.36 -14.05
N ARG H 278 21.10 -16.54 -14.18
CA ARG H 278 19.77 -16.70 -13.62
C ARG H 278 19.84 -17.24 -12.20
N ILE H 279 19.66 -16.34 -11.25
CA ILE H 279 19.68 -16.72 -9.84
C ILE H 279 18.53 -17.64 -9.52
N GLY H 280 17.37 -17.32 -10.09
CA GLY H 280 16.12 -17.93 -9.72
C GLY H 280 15.16 -17.82 -10.90
N PRO H 281 14.04 -18.56 -10.87
CA PRO H 281 13.16 -18.41 -12.02
C PRO H 281 12.61 -17.00 -12.02
N GLY H 282 12.73 -16.32 -13.15
CA GLY H 282 12.21 -14.96 -13.29
C GLY H 282 13.14 -13.90 -12.77
N GLN H 283 14.29 -14.30 -12.28
CA GLN H 283 15.25 -13.35 -11.76
C GLN H 283 16.55 -13.51 -12.51
N ALA H 284 17.08 -12.41 -13.02
CA ALA H 284 18.32 -12.46 -13.76
C ALA H 284 19.36 -11.60 -13.09
N PHE H 285 20.60 -12.07 -13.04
CA PHE H 285 21.65 -11.29 -12.43
C PHE H 285 22.66 -10.89 -13.49
N TYR H 286 23.10 -9.63 -13.43
CA TYR H 286 23.96 -9.05 -14.44
C TYR H 286 25.37 -8.93 -13.88
N ALA H 287 26.30 -9.67 -14.46
CA ALA H 287 27.66 -9.74 -13.96
C ALA H 287 28.64 -9.28 -15.02
N THR H 288 29.73 -8.67 -14.55
CA THR H 288 30.82 -8.25 -15.43
C THR H 288 31.52 -9.49 -15.96
N GLY H 289 31.32 -9.78 -17.24
CA GLY H 289 31.75 -11.05 -17.77
C GLY H 289 33.21 -11.10 -18.15
N ASP H 290 33.67 -10.12 -18.91
CA ASP H 290 35.03 -10.17 -19.44
C ASP H 290 35.48 -8.76 -19.74
N ILE H 291 36.78 -8.57 -19.75
CA ILE H 291 37.40 -7.29 -20.07
C ILE H 291 38.17 -7.51 -21.37
N ILE H 292 37.54 -7.25 -22.49
CA ILE H 292 38.26 -7.29 -23.75
C ILE H 292 38.80 -5.90 -24.02
N GLY H 293 39.81 -5.83 -24.84
CA GLY H 293 40.54 -4.56 -24.99
C GLY H 293 41.72 -4.49 -24.03
N ASP H 294 41.63 -3.61 -23.04
CA ASP H 294 42.78 -3.39 -22.18
C ASP H 294 42.31 -2.88 -20.83
N ILE H 295 43.10 -3.15 -19.80
CA ILE H 295 42.82 -2.71 -18.44
C ILE H 295 43.38 -1.31 -18.27
N ARG H 296 42.51 -0.33 -18.17
CA ARG H 296 42.94 1.06 -18.06
C ARG H 296 42.05 1.77 -17.05
N GLN H 297 42.69 2.57 -16.19
CA GLN H 297 42.02 3.14 -15.04
C GLN H 297 41.15 4.32 -15.44
N ALA H 298 40.01 4.46 -14.77
CA ALA H 298 39.08 5.54 -15.05
C ALA H 298 39.60 6.87 -14.51
N HIS H 299 39.35 7.95 -15.25
CA HIS H 299 39.93 9.24 -14.91
C HIS H 299 38.96 10.35 -15.29
N CYS H 300 39.35 11.58 -14.96
CA CYS H 300 38.61 12.77 -15.37
C CYS H 300 39.58 13.87 -15.77
N ASN H 301 39.15 14.73 -16.68
CA ASN H 301 39.97 15.81 -17.20
C ASN H 301 39.21 17.12 -17.13
N VAL H 302 39.89 18.16 -16.64
CA VAL H 302 39.42 19.54 -16.75
C VAL H 302 40.52 20.36 -17.40
N SER H 303 40.14 21.49 -17.95
CA SER H 303 41.13 22.37 -18.57
C SER H 303 41.88 23.12 -17.47
N LYS H 304 43.21 23.08 -17.55
CA LYS H 304 44.03 23.65 -16.48
C LYS H 304 43.98 25.17 -16.48
N ALA H 305 43.88 25.78 -17.66
CA ALA H 305 43.89 27.23 -17.76
C ALA H 305 42.59 27.82 -17.22
N THR H 306 41.46 27.25 -17.64
CA THR H 306 40.18 27.75 -17.15
C THR H 306 40.00 27.46 -15.66
N TRP H 307 40.60 26.38 -15.16
CA TRP H 307 40.48 26.11 -13.74
C TRP H 307 41.34 27.06 -12.92
N ASN H 308 42.51 27.43 -13.43
CA ASN H 308 43.30 28.45 -12.74
C ASN H 308 42.60 29.80 -12.77
N GLU H 309 41.95 30.12 -13.89
CA GLU H 309 41.18 31.36 -13.99
C GLU H 309 39.99 31.36 -13.04
N THR H 310 39.33 30.21 -12.89
CA THR H 310 38.14 30.14 -12.05
C THR H 310 38.50 30.18 -10.58
N LEU H 311 39.63 29.58 -10.21
CA LEU H 311 40.11 29.76 -8.85
C LEU H 311 40.57 31.19 -8.61
N GLY H 312 41.08 31.87 -9.64
CA GLY H 312 41.40 33.28 -9.50
C GLY H 312 40.17 34.12 -9.22
N LYS H 313 39.06 33.78 -9.88
CA LYS H 313 37.79 34.47 -9.61
C LYS H 313 37.30 34.22 -8.19
N VAL H 314 37.34 32.96 -7.74
CA VAL H 314 36.79 32.72 -6.39
C VAL H 314 37.72 33.26 -5.31
N VAL H 315 39.03 33.37 -5.59
CA VAL H 315 39.92 34.00 -4.63
C VAL H 315 39.70 35.51 -4.60
N LYS H 316 39.41 36.09 -5.77
CA LYS H 316 39.04 37.51 -5.83
C LYS H 316 37.76 37.78 -5.04
N GLN H 317 36.82 36.84 -5.07
CA GLN H 317 35.59 37.04 -4.31
C GLN H 317 35.77 36.81 -2.82
N LEU H 318 36.57 35.82 -2.43
CA LEU H 318 36.70 35.49 -1.01
C LEU H 318 37.48 36.52 -0.22
N ARG H 319 38.26 37.38 -0.88
CA ARG H 319 39.04 38.37 -0.14
C ARG H 319 38.19 39.51 0.40
N LYS H 320 36.96 39.65 -0.06
CA LYS H 320 36.08 40.68 0.47
C LYS H 320 35.68 40.38 1.91
N HIS H 321 35.29 39.14 2.18
CA HIS H 321 34.79 38.80 3.50
C HIS H 321 35.89 38.62 4.53
N PHE H 322 37.16 38.57 4.12
CA PHE H 322 38.24 38.20 5.02
C PHE H 322 39.37 39.23 5.11
N GLY H 323 39.32 40.29 4.34
CA GLY H 323 40.41 41.25 4.33
C GLY H 323 41.20 41.11 3.05
N ASN H 324 41.72 42.24 2.56
CA ASN H 324 42.40 42.24 1.27
C ASN H 324 43.83 41.71 1.35
N ASN H 325 44.38 41.54 2.55
CA ASN H 325 45.73 41.03 2.71
C ASN H 325 45.66 39.74 3.52
N THR H 326 45.33 38.64 2.84
CA THR H 326 45.31 37.31 3.43
C THR H 326 45.83 36.32 2.41
N ILE H 327 46.21 35.15 2.88
CA ILE H 327 46.81 34.13 2.02
C ILE H 327 45.84 32.97 1.87
N ILE H 328 44.98 33.03 0.86
CA ILE H 328 44.00 31.96 0.65
C ILE H 328 44.69 30.80 -0.02
N ARG H 329 44.62 29.62 0.58
CA ARG H 329 45.16 28.41 -0.02
C ARG H 329 44.14 27.30 0.08
N PHE H 330 44.21 26.37 -0.87
CA PHE H 330 43.26 25.28 -0.99
C PHE H 330 43.96 23.97 -0.69
N ALA H 331 43.34 23.15 0.12
CA ALA H 331 43.90 21.85 0.47
C ALA H 331 42.94 20.75 0.03
N ASN H 332 43.43 19.52 0.05
CA ASN H 332 42.55 18.40 -0.20
C ASN H 332 41.75 18.09 1.06
N SER H 333 40.86 17.10 0.96
CA SER H 333 39.94 16.78 2.04
C SER H 333 40.68 16.20 3.25
N SER H 334 40.12 16.46 4.43
CA SER H 334 40.80 16.06 5.66
C SER H 334 40.73 14.55 5.89
N GLY H 335 39.63 13.93 5.52
CA GLY H 335 39.52 12.50 5.66
C GLY H 335 38.08 12.11 5.98
N GLY H 336 37.90 10.85 6.31
CA GLY H 336 36.58 10.36 6.64
C GLY H 336 36.21 9.10 5.92
N ASP H 337 34.95 8.97 5.54
CA ASP H 337 34.52 7.85 4.70
C ASP H 337 34.95 8.13 3.26
N LEU H 338 34.64 7.21 2.36
CA LEU H 338 35.06 7.36 0.97
C LEU H 338 34.38 8.54 0.30
N GLU H 339 33.06 8.49 0.19
CA GLU H 339 32.35 9.41 -0.69
C GLU H 339 32.09 10.78 -0.08
N VAL H 340 32.88 11.21 0.90
CA VAL H 340 32.95 12.60 1.27
C VAL H 340 34.34 13.20 1.00
N THR H 341 35.39 12.37 0.90
CA THR H 341 36.69 12.90 0.54
C THR H 341 36.83 12.97 -0.97
N THR H 342 36.53 11.88 -1.65
CA THR H 342 36.61 11.83 -3.09
C THR H 342 35.38 12.49 -3.71
N HIS H 343 35.42 12.66 -5.02
CA HIS H 343 34.36 13.32 -5.77
C HIS H 343 33.42 12.26 -6.32
N SER H 344 32.19 12.24 -5.81
CA SER H 344 31.21 11.25 -6.20
C SER H 344 30.29 11.84 -7.24
N PHE H 345 29.93 11.03 -8.23
CA PHE H 345 28.84 11.31 -9.15
C PHE H 345 28.50 10.04 -9.90
N ASN H 346 27.52 10.15 -10.78
CA ASN H 346 27.10 9.05 -11.63
C ASN H 346 27.31 9.46 -13.08
N CYS H 347 27.57 8.47 -13.92
CA CYS H 347 27.95 8.75 -15.31
C CYS H 347 27.47 7.58 -16.17
N GLY H 348 26.33 7.77 -16.83
CA GLY H 348 25.76 6.70 -17.61
C GLY H 348 25.24 5.53 -16.80
N GLY H 349 24.95 5.75 -15.53
CA GLY H 349 24.46 4.67 -14.69
C GLY H 349 25.52 3.88 -13.99
N GLU H 350 26.67 4.49 -13.69
CA GLU H 350 27.73 3.79 -12.97
C GLU H 350 28.52 4.81 -12.18
N PHE H 351 28.79 4.50 -10.92
CA PHE H 351 29.12 5.50 -9.91
C PHE H 351 30.63 5.65 -9.79
N PHE H 352 31.12 6.85 -10.06
CA PHE H 352 32.54 7.10 -9.98
C PHE H 352 32.90 7.66 -8.61
N TYR H 353 34.20 7.62 -8.29
CA TYR H 353 34.74 8.26 -7.10
C TYR H 353 36.13 8.75 -7.48
N CYS H 354 36.28 10.06 -7.65
CA CYS H 354 37.44 10.63 -8.32
C CYS H 354 38.25 11.50 -7.35
N ASN H 355 39.52 11.17 -7.18
CA ASN H 355 40.40 11.88 -6.26
C ASN H 355 40.65 13.29 -6.77
N THR H 356 40.43 14.28 -5.91
CA THR H 356 40.52 15.69 -6.31
C THR H 356 41.61 16.43 -5.55
N SER H 357 42.72 15.76 -5.27
CA SER H 357 43.85 16.51 -4.74
C SER H 357 44.57 17.29 -5.82
N GLY H 358 44.37 16.93 -7.09
CA GLY H 358 45.05 17.58 -8.18
C GLY H 358 44.50 18.93 -8.56
N LEU H 359 43.36 19.32 -7.98
CA LEU H 359 42.78 20.63 -8.20
C LEU H 359 42.99 21.56 -7.02
N PHE H 360 42.89 21.02 -5.82
CA PHE H 360 42.86 21.80 -4.59
C PHE H 360 44.23 21.82 -3.91
N ASN H 361 45.24 22.30 -4.63
CA ASN H 361 46.50 22.69 -3.99
C ASN H 361 47.03 23.95 -4.66
N SER H 362 47.04 25.04 -3.90
CA SER H 362 47.55 26.31 -4.41
C SER H 362 47.92 27.18 -3.23
N THR H 363 48.31 28.41 -3.55
CA THR H 363 48.40 29.48 -2.57
C THR H 363 48.18 30.78 -3.34
N TRP H 364 47.72 31.80 -2.63
CA TRP H 364 47.35 33.06 -3.30
C TRP H 364 47.79 34.22 -2.42
N ILE H 365 48.75 34.98 -2.90
CA ILE H 365 49.24 36.15 -2.21
C ILE H 365 48.53 37.34 -2.86
N SER H 366 48.65 38.52 -2.25
CA SER H 366 47.86 39.70 -2.59
C SER H 366 48.12 40.24 -4.01
N ASN H 367 49.12 39.75 -4.72
CA ASN H 367 49.29 40.11 -6.13
C ASN H 367 49.77 38.94 -6.98
N ASN H 379 45.50 24.78 -22.75
CA ASN H 379 46.48 23.97 -23.48
C ASN H 379 46.56 22.57 -22.88
N ASP H 380 47.13 22.49 -21.67
CA ASP H 380 47.20 21.22 -20.96
C ASP H 380 45.87 20.94 -20.27
N SER H 381 45.81 19.82 -19.57
CA SER H 381 44.60 19.43 -18.87
C SER H 381 44.98 18.58 -17.66
N ILE H 382 44.30 18.82 -16.54
CA ILE H 382 44.62 18.14 -15.30
C ILE H 382 43.92 16.78 -15.28
N THR H 383 44.69 15.71 -15.20
CA THR H 383 44.12 14.39 -15.01
C THR H 383 43.96 14.14 -13.52
N LEU H 384 42.98 13.31 -13.18
CA LEU H 384 42.77 12.95 -11.79
C LEU H 384 42.14 11.57 -11.76
N PRO H 385 42.65 10.66 -10.93
CA PRO H 385 42.23 9.26 -11.00
C PRO H 385 40.86 9.07 -10.40
N CYS H 386 40.24 7.96 -10.77
CA CYS H 386 38.88 7.66 -10.33
C CYS H 386 38.77 6.19 -9.95
N ARG H 387 38.03 5.93 -8.87
CA ARG H 387 37.79 4.58 -8.40
C ARG H 387 36.29 4.30 -8.47
N ILE H 388 35.93 3.05 -8.68
CA ILE H 388 34.53 2.69 -8.96
C ILE H 388 34.09 1.64 -7.97
N LYS H 389 32.92 1.87 -7.35
CA LYS H 389 32.24 0.86 -6.58
C LYS H 389 31.04 0.37 -7.37
N GLN H 390 30.74 -0.92 -7.25
CA GLN H 390 29.48 -1.37 -7.83
C GLN H 390 28.33 -1.30 -6.84
N ILE H 391 28.56 -1.65 -5.57
CA ILE H 391 27.49 -1.41 -4.62
C ILE H 391 27.66 -0.01 -4.10
N ILE H 392 26.54 0.64 -3.76
CA ILE H 392 26.57 1.98 -3.22
C ILE H 392 25.64 2.04 -2.03
N ASN H 393 25.95 2.91 -1.09
CA ASN H 393 25.05 3.18 0.03
C ASN H 393 24.91 4.69 0.13
N MET H 394 24.02 5.27 -0.66
CA MET H 394 23.79 6.69 -0.56
C MET H 394 22.64 6.98 0.41
N TRP H 395 22.78 8.12 1.09
CA TRP H 395 21.99 8.66 2.20
C TRP H 395 22.14 7.88 3.50
N GLN H 396 22.92 6.80 3.53
CA GLN H 396 23.41 6.12 4.74
C GLN H 396 22.24 5.64 5.62
N ARG H 397 21.45 4.74 5.07
CA ARG H 397 20.38 4.14 5.84
C ARG H 397 20.92 2.95 6.63
N ILE H 398 20.04 2.25 7.34
CA ILE H 398 20.47 1.11 8.14
C ILE H 398 20.78 -0.08 7.25
N GLY H 399 19.79 -0.57 6.53
CA GLY H 399 19.92 -1.84 5.84
C GLY H 399 19.53 -1.81 4.39
N GLN H 400 19.84 -0.73 3.68
CA GLN H 400 19.54 -0.62 2.27
C GLN H 400 20.77 -0.14 1.54
N CYS H 401 21.37 -1.02 0.75
CA CYS H 401 22.28 -0.58 -0.29
C CYS H 401 21.67 -0.99 -1.63
N MET H 402 22.36 -0.71 -2.72
CA MET H 402 21.92 -1.27 -3.98
C MET H 402 23.12 -1.70 -4.78
N TYR H 403 22.91 -2.59 -5.72
CA TYR H 403 23.97 -3.11 -6.56
C TYR H 403 23.74 -2.55 -7.96
N ALA H 404 24.51 -1.52 -8.31
CA ALA H 404 24.41 -0.93 -9.63
C ALA H 404 25.00 -1.88 -10.66
N PRO H 405 24.23 -2.37 -11.61
CA PRO H 405 24.73 -3.39 -12.52
C PRO H 405 25.71 -2.78 -13.51
N PRO H 406 26.69 -3.54 -13.98
CA PRO H 406 27.64 -3.01 -14.95
C PRO H 406 26.98 -2.82 -16.30
N ILE H 407 27.57 -1.95 -17.10
CA ILE H 407 26.97 -1.52 -18.35
C ILE H 407 27.92 -1.86 -19.50
N GLN H 408 27.32 -2.22 -20.64
CA GLN H 408 28.06 -2.71 -21.78
C GLN H 408 28.86 -1.59 -22.42
N GLY H 409 30.15 -1.83 -22.65
CA GLY H 409 30.96 -0.95 -23.45
C GLY H 409 31.54 0.23 -22.70
N VAL H 410 32.45 0.92 -23.38
CA VAL H 410 33.12 2.10 -22.83
C VAL H 410 32.12 3.25 -22.77
N ILE H 411 32.07 3.91 -21.61
CA ILE H 411 31.13 5.01 -21.42
C ILE H 411 31.88 6.27 -21.02
N ARG H 412 31.31 7.41 -21.39
CA ARG H 412 31.85 8.70 -21.00
C ARG H 412 30.72 9.71 -20.95
N CYS H 413 30.89 10.74 -20.13
CA CYS H 413 29.89 11.77 -20.01
C CYS H 413 30.56 13.11 -19.74
N VAL H 414 29.95 14.17 -20.25
CA VAL H 414 30.48 15.51 -20.21
C VAL H 414 29.56 16.37 -19.36
N SER H 415 30.14 17.19 -18.48
CA SER H 415 29.31 17.99 -17.59
C SER H 415 29.94 19.35 -17.33
N ASN H 416 29.09 20.37 -17.25
CA ASN H 416 29.50 21.68 -16.79
C ASN H 416 29.56 21.66 -15.27
N ILE H 417 30.59 22.29 -14.71
CA ILE H 417 30.68 22.44 -13.26
C ILE H 417 30.06 23.78 -12.89
N THR H 418 28.97 23.72 -12.15
CA THR H 418 28.23 24.92 -11.77
C THR H 418 28.82 25.58 -10.53
N GLY H 419 29.22 24.78 -9.54
CA GLY H 419 29.82 25.35 -8.36
C GLY H 419 30.51 24.28 -7.53
N LEU H 420 30.99 24.70 -6.38
CA LEU H 420 31.68 23.78 -5.48
C LEU H 420 31.33 24.16 -4.05
N ILE H 421 31.57 23.22 -3.14
CA ILE H 421 31.27 23.40 -1.72
C ILE H 421 32.59 23.43 -0.97
N LEU H 422 32.77 24.46 -0.15
CA LEU H 422 34.02 24.66 0.56
C LEU H 422 33.79 24.55 2.05
N THR H 423 34.89 24.63 2.79
CA THR H 423 34.87 24.59 4.25
C THR H 423 36.14 25.23 4.75
N ARG H 424 36.00 26.27 5.57
CA ARG H 424 37.10 26.93 6.23
C ARG H 424 37.44 26.18 7.51
N ASP H 425 38.67 26.35 8.00
CA ASP H 425 39.03 25.81 9.29
C ASP H 425 39.92 26.80 10.03
N GLY H 426 39.96 26.66 11.36
CA GLY H 426 40.88 27.44 12.14
C GLY H 426 40.64 27.35 13.64
N GLY H 427 41.69 27.14 14.42
CA GLY H 427 41.52 27.06 15.85
C GLY H 427 41.94 28.30 16.61
N SER H 428 43.14 28.79 16.33
CA SER H 428 43.74 29.91 17.03
C SER H 428 44.99 30.38 16.30
N THR H 429 45.81 31.18 16.97
CA THR H 429 47.18 31.54 16.58
C THR H 429 47.24 32.35 15.28
N ASN H 430 46.22 33.19 15.08
CA ASN H 430 46.20 34.44 14.28
C ASN H 430 46.99 34.46 12.98
N SER H 431 47.02 33.35 12.26
CA SER H 431 47.79 33.31 11.03
C SER H 431 47.00 33.99 9.91
N THR H 432 47.73 34.55 8.95
CA THR H 432 47.09 35.28 7.87
C THR H 432 46.45 34.35 6.84
N THR H 433 46.79 33.06 6.86
CA THR H 433 46.24 32.13 5.89
C THR H 433 44.81 31.75 6.25
N GLU H 434 44.07 31.31 5.23
CA GLU H 434 42.72 30.76 5.42
C GLU H 434 42.63 29.53 4.52
N THR H 435 42.94 28.37 5.08
CA THR H 435 42.91 27.15 4.29
C THR H 435 41.47 26.73 4.04
N PHE H 436 41.14 26.49 2.78
CA PHE H 436 39.83 25.97 2.40
C PHE H 436 39.96 24.53 1.93
N ARG H 437 38.97 23.73 2.28
CA ARG H 437 38.96 22.32 1.96
C ARG H 437 37.57 22.00 1.43
N PRO H 438 37.41 20.91 0.69
CA PRO H 438 36.07 20.56 0.22
C PRO H 438 35.22 19.99 1.34
N GLY H 439 33.93 19.96 1.08
CA GLY H 439 32.99 19.50 2.07
C GLY H 439 32.21 18.30 1.59
N GLY H 440 30.89 18.42 1.59
CA GLY H 440 30.05 17.28 1.31
C GLY H 440 29.08 17.08 2.45
N GLY H 441 29.23 15.99 3.19
CA GLY H 441 28.44 15.75 4.38
C GLY H 441 26.97 15.60 4.10
N ASP H 442 26.20 16.61 4.48
CA ASP H 442 24.77 16.61 4.19
C ASP H 442 24.54 16.72 2.69
N MET H 443 23.53 16.01 2.22
CA MET H 443 23.15 16.06 0.82
C MET H 443 22.31 17.29 0.50
N ARG H 444 21.80 17.97 1.52
CA ARG H 444 20.88 19.09 1.34
C ARG H 444 21.56 20.32 0.78
N ASP H 445 22.87 20.47 0.97
CA ASP H 445 23.58 21.64 0.49
C ASP H 445 23.53 21.72 -1.03
N ASN H 446 23.57 20.57 -1.70
CA ASN H 446 23.39 20.48 -3.14
C ASN H 446 22.04 20.99 -3.59
N TRP H 447 21.04 21.00 -2.70
CA TRP H 447 19.76 21.57 -3.05
C TRP H 447 19.64 23.01 -2.64
N ARG H 448 20.50 23.47 -1.75
CA ARG H 448 20.36 24.85 -1.29
C ARG H 448 21.06 25.82 -2.23
N SER H 449 21.67 25.29 -3.29
CA SER H 449 22.20 26.11 -4.37
C SER H 449 21.23 26.27 -5.51
N GLU H 450 20.03 25.68 -5.42
CA GLU H 450 19.02 25.80 -6.47
C GLU H 450 17.65 26.16 -5.97
N LEU H 451 17.44 26.23 -4.65
CA LEU H 451 16.19 26.70 -4.08
C LEU H 451 16.43 27.94 -3.22
N TYR H 452 17.50 28.65 -3.49
CA TYR H 452 17.84 29.81 -2.69
C TYR H 452 16.96 30.99 -3.01
N LYS H 453 16.55 31.13 -4.26
CA LYS H 453 15.79 32.30 -4.68
C LYS H 453 14.30 32.16 -4.46
N TYR H 454 13.83 31.05 -3.88
CA TYR H 454 12.41 30.80 -3.75
C TYR H 454 11.97 30.91 -2.31
N LYS H 455 10.66 31.07 -2.13
CA LYS H 455 10.01 31.13 -0.82
C LYS H 455 8.54 30.83 -1.03
N VAL H 456 7.94 30.10 -0.12
CA VAL H 456 6.53 29.77 -0.19
C VAL H 456 5.76 30.67 0.78
N VAL H 457 4.59 31.15 0.35
CA VAL H 457 3.77 32.06 1.15
C VAL H 457 2.34 31.57 1.14
N LYS H 458 1.58 32.03 2.14
CA LYS H 458 0.16 31.71 2.26
C LYS H 458 -0.67 32.98 2.12
N ILE H 459 -1.70 32.92 1.29
CA ILE H 459 -2.59 34.05 1.09
C ILE H 459 -3.58 34.12 2.24
N GLU H 460 -3.78 35.32 2.78
CA GLU H 460 -4.84 35.58 3.76
C GLU H 460 -5.76 36.63 3.16
N PRO H 461 -6.70 36.21 2.31
CA PRO H 461 -7.40 37.15 1.42
C PRO H 461 -8.51 37.97 2.08
N LEU H 462 -8.66 37.94 3.40
CA LEU H 462 -9.76 38.62 4.06
C LEU H 462 -9.18 39.73 4.94
N GLY H 463 -9.14 40.93 4.40
CA GLY H 463 -8.63 42.08 5.12
C GLY H 463 -9.75 43.07 5.40
N VAL H 464 -9.50 44.02 6.30
CA VAL H 464 -10.57 44.90 6.76
C VAL H 464 -9.99 46.31 6.91
N ALA H 465 -10.82 47.32 6.64
CA ALA H 465 -10.34 48.68 6.48
C ALA H 465 -11.51 49.64 6.66
N PRO H 466 -11.24 50.90 7.03
CA PRO H 466 -12.30 51.90 7.08
C PRO H 466 -12.51 52.63 5.76
N THR H 467 -13.77 52.95 5.51
CA THR H 467 -14.16 53.95 4.51
C THR H 467 -15.53 54.47 4.88
N ARG H 468 -15.98 55.52 4.19
CA ARG H 468 -17.27 56.12 4.47
C ARG H 468 -18.37 55.42 3.65
N CYS H 469 -19.18 54.61 4.34
CA CYS H 469 -20.38 54.04 3.76
C CYS H 469 -21.26 53.55 4.91
N LYS H 470 -22.47 53.14 4.54
CA LYS H 470 -23.39 52.47 5.44
C LYS H 470 -24.04 51.34 4.67
N ARG H 471 -24.87 50.56 5.37
CA ARG H 471 -25.72 49.57 4.74
C ARG H 471 -27.17 49.96 4.99
N ARG H 472 -27.98 49.91 3.95
CA ARG H 472 -29.33 50.44 4.02
C ARG H 472 -30.26 49.40 4.61
N VAL H 473 -30.94 49.77 5.69
CA VAL H 473 -31.85 48.88 6.38
C VAL H 473 -33.14 48.70 5.58
N LEU I 4 1.61 62.43 -30.59
CA LEU I 4 3.03 62.63 -30.88
C LEU I 4 3.47 64.07 -30.77
N GLN I 5 3.79 64.49 -29.56
CA GLN I 5 4.38 65.80 -29.28
C GLN I 5 5.35 65.60 -28.13
N GLN I 6 6.52 66.25 -28.19
CA GLN I 6 7.63 65.99 -27.26
C GLN I 6 8.17 67.30 -26.70
N SER I 7 9.23 67.18 -25.89
CA SER I 7 10.03 68.32 -25.46
C SER I 7 11.27 68.44 -26.33
N GLY I 8 12.22 69.29 -25.91
CA GLY I 8 13.47 69.48 -26.61
C GLY I 8 14.67 69.04 -25.78
N ALA I 9 15.82 69.13 -26.43
CA ALA I 9 17.08 68.72 -25.81
C ALA I 9 17.51 69.70 -24.73
N ASP I 10 18.27 69.22 -23.75
CA ASP I 10 18.65 70.02 -22.61
C ASP I 10 20.16 70.05 -22.40
N LEU I 11 20.56 70.92 -21.47
CA LEU I 11 21.93 71.04 -20.97
C LEU I 11 21.84 70.95 -19.45
N VAL I 12 22.26 69.82 -18.89
CA VAL I 12 21.94 69.42 -17.52
C VAL I 12 23.23 69.25 -16.74
N ARG I 13 23.27 69.84 -15.53
CA ARG I 13 24.36 69.69 -14.58
C ARG I 13 24.23 68.37 -13.83
N PRO I 14 25.34 67.80 -13.37
CA PRO I 14 25.25 66.61 -12.51
C PRO I 14 24.70 66.98 -11.14
N GLY I 15 23.67 66.26 -10.72
CA GLY I 15 22.99 66.55 -9.48
C GLY I 15 21.75 67.41 -9.61
N ALA I 16 21.18 67.55 -10.80
CA ALA I 16 20.02 68.39 -11.04
C ALA I 16 18.84 67.52 -11.45
N SER I 17 17.65 67.86 -10.96
CA SER I 17 16.44 67.10 -11.20
C SER I 17 15.64 67.76 -12.32
N VAL I 18 15.47 67.04 -13.43
CA VAL I 18 14.88 67.59 -14.64
C VAL I 18 13.66 66.74 -15.01
N THR I 19 12.56 67.41 -15.38
CA THR I 19 11.34 66.75 -15.81
C THR I 19 11.12 66.99 -17.29
N LEU I 20 11.08 65.91 -18.07
CA LEU I 20 10.95 65.96 -19.51
C LEU I 20 9.62 65.36 -19.92
N SER I 21 8.88 66.07 -20.76
CA SER I 21 7.56 65.61 -21.09
C SER I 21 7.46 65.32 -22.57
N CYS I 22 6.66 64.33 -22.90
CA CYS I 22 6.08 64.26 -24.22
C CYS I 22 4.58 64.10 -24.06
N LYS I 23 3.83 65.08 -24.54
CA LYS I 23 2.38 65.05 -24.40
C LYS I 23 1.74 64.29 -25.56
N ALA I 24 0.69 63.54 -25.24
CA ALA I 24 0.00 62.73 -26.22
C ALA I 24 -1.14 63.53 -26.82
N SER I 25 -1.27 63.44 -28.15
CA SER I 25 -2.33 64.15 -28.84
C SER I 25 -3.06 63.17 -29.76
N GLY I 26 -4.34 63.43 -29.95
CA GLY I 26 -5.19 62.52 -30.70
C GLY I 26 -5.72 61.36 -29.87
N TYR I 27 -4.84 60.45 -29.47
CA TYR I 27 -5.29 59.16 -28.95
C TYR I 27 -5.49 59.20 -27.44
N THR I 28 -6.54 58.51 -26.99
CA THR I 28 -7.06 58.63 -25.64
C THR I 28 -6.14 57.98 -24.61
N PHE I 29 -6.15 58.50 -23.40
CA PHE I 29 -5.32 57.96 -22.34
C PHE I 29 -5.87 56.64 -21.78
N THR I 30 -7.16 56.38 -21.94
CA THR I 30 -7.74 55.16 -21.38
C THR I 30 -7.37 53.92 -22.16
N ASP I 31 -6.82 54.06 -23.36
CA ASP I 31 -6.56 52.95 -24.24
C ASP I 31 -5.08 52.57 -24.32
N TYR I 32 -4.21 53.58 -24.43
CA TYR I 32 -2.81 53.37 -24.74
C TYR I 32 -1.91 53.68 -23.54
N GLU I 33 -0.75 53.03 -23.53
CA GLU I 33 0.14 53.02 -22.37
C GLU I 33 1.55 53.33 -22.82
N MET I 34 2.17 54.32 -22.17
CA MET I 34 3.50 54.72 -22.60
C MET I 34 4.61 53.91 -21.92
N HIS I 35 5.81 54.06 -22.48
CA HIS I 35 7.04 53.51 -21.97
C HIS I 35 8.16 54.52 -22.19
N TRP I 36 9.36 54.15 -21.76
CA TRP I 36 10.53 54.99 -21.98
C TRP I 36 11.75 54.13 -22.26
N MET I 37 12.77 54.78 -22.81
CA MET I 37 13.84 54.11 -23.54
C MET I 37 15.16 54.82 -23.25
N LYS I 38 16.26 54.15 -23.54
CA LYS I 38 17.56 54.80 -23.59
C LYS I 38 18.32 54.28 -24.79
N GLN I 39 19.02 55.17 -25.49
CA GLN I 39 19.83 54.79 -26.65
C GLN I 39 21.28 55.10 -26.31
N THR I 40 21.94 54.14 -25.68
CA THR I 40 23.34 54.27 -25.30
C THR I 40 24.22 53.71 -26.39
N PRO I 41 25.40 54.30 -26.64
CA PRO I 41 26.30 53.76 -27.67
C PRO I 41 27.03 52.50 -27.26
N VAL I 42 26.88 52.04 -26.02
CA VAL I 42 27.54 50.82 -25.56
C VAL I 42 26.53 49.71 -25.26
N HIS I 43 25.52 50.01 -24.45
CA HIS I 43 24.49 49.02 -24.12
C HIS I 43 23.33 49.01 -25.09
N GLY I 44 23.40 49.79 -26.17
CA GLY I 44 22.35 49.79 -27.18
C GLY I 44 21.07 50.42 -26.69
N LEU I 45 20.00 49.63 -26.62
CA LEU I 45 18.72 50.08 -26.10
C LEU I 45 18.45 49.45 -24.74
N GLU I 46 17.85 50.24 -23.85
CA GLU I 46 17.46 49.79 -22.53
C GLU I 46 16.05 50.27 -22.22
N TRP I 47 15.35 49.52 -21.39
CA TRP I 47 14.00 49.87 -20.98
C TRP I 47 14.04 50.64 -19.66
N ILE I 48 13.08 51.54 -19.47
CA ILE I 48 13.06 52.30 -18.23
C ILE I 48 11.81 52.00 -17.43
N GLY I 49 10.65 52.35 -17.96
CA GLY I 49 9.44 52.28 -17.16
C GLY I 49 8.19 52.40 -18.00
N ALA I 50 7.08 52.74 -17.34
CA ALA I 50 5.78 52.76 -17.99
C ALA I 50 4.81 53.61 -17.17
N ILE I 51 3.67 53.92 -17.78
CA ILE I 51 2.54 54.54 -17.10
C ILE I 51 1.26 53.87 -17.59
N VAL I 52 0.44 53.41 -16.64
CA VAL I 52 -0.98 53.25 -16.89
C VAL I 52 -1.69 54.42 -16.23
N PRO I 53 -2.20 55.39 -16.99
CA PRO I 53 -2.74 56.62 -16.37
C PRO I 53 -4.07 56.43 -15.69
N GLU I 54 -4.81 55.36 -16.02
CA GLU I 54 -6.05 55.05 -15.30
C GLU I 54 -5.74 54.63 -13.87
N THR I 55 -4.86 53.64 -13.71
CA THR I 55 -4.55 53.11 -12.40
C THR I 55 -3.60 54.02 -11.63
N GLY I 56 -2.60 54.56 -12.31
CA GLY I 56 -1.77 55.61 -11.76
C GLY I 56 -0.43 55.18 -11.21
N TYR I 57 -0.08 53.90 -11.29
CA TYR I 57 1.21 53.46 -10.77
C TYR I 57 1.62 52.19 -11.48
N THR I 58 2.85 52.18 -11.99
CA THR I 58 3.43 50.98 -12.56
C THR I 58 4.85 50.88 -12.05
N ALA I 59 5.60 49.93 -12.60
CA ALA I 59 6.93 49.62 -12.15
C ALA I 59 7.94 50.23 -13.11
N TYR I 60 9.21 49.93 -12.85
CA TYR I 60 10.31 50.50 -13.61
C TYR I 60 11.31 49.40 -13.89
N ASN I 61 12.38 49.75 -14.60
CA ASN I 61 13.56 48.90 -14.59
C ASN I 61 14.28 49.11 -13.28
N GLN I 62 14.84 48.02 -12.75
CA GLN I 62 15.36 48.02 -11.39
C GLN I 62 16.64 48.82 -11.25
N LYS I 63 17.34 49.10 -12.35
CA LYS I 63 18.44 50.05 -12.29
C LYS I 63 17.94 51.47 -12.07
N PHE I 64 16.75 51.78 -12.56
CA PHE I 64 16.33 53.15 -12.73
C PHE I 64 15.25 53.54 -11.74
N LYS I 65 14.94 52.67 -10.78
CA LYS I 65 14.02 53.04 -9.72
C LYS I 65 14.66 54.08 -8.80
N GLY I 66 13.84 54.97 -8.29
CA GLY I 66 14.35 56.06 -7.48
C GLY I 66 14.72 57.27 -8.30
N LYS I 67 15.55 57.08 -9.33
CA LYS I 67 15.92 58.19 -10.19
C LYS I 67 14.75 58.57 -11.10
N ALA I 68 14.18 57.59 -11.78
CA ALA I 68 13.12 57.83 -12.75
C ALA I 68 11.76 57.74 -12.06
N ILE I 69 11.00 58.83 -12.12
CA ILE I 69 9.63 58.84 -11.63
C ILE I 69 8.76 59.33 -12.78
N LEU I 70 7.68 58.62 -13.05
CA LEU I 70 6.81 58.92 -14.17
C LEU I 70 5.44 59.40 -13.70
N THR I 71 5.08 60.62 -14.08
CA THR I 71 3.78 61.19 -13.78
C THR I 71 3.10 61.54 -15.09
N ALA I 72 1.78 61.65 -15.06
CA ALA I 72 1.02 61.96 -16.26
C ALA I 72 -0.20 62.77 -15.87
N ASP I 73 -0.53 63.76 -16.68
CA ASP I 73 -1.73 64.56 -16.49
C ASP I 73 -2.72 64.12 -17.56
N LYS I 74 -3.74 63.39 -17.14
CA LYS I 74 -4.70 62.79 -18.04
C LYS I 74 -5.66 63.80 -18.67
N SER I 75 -5.80 64.97 -18.06
CA SER I 75 -6.69 65.98 -18.62
C SER I 75 -6.07 66.61 -19.87
N SER I 76 -4.87 67.17 -19.72
CA SER I 76 -4.13 67.71 -20.84
C SER I 76 -3.43 66.66 -21.66
N ASN I 77 -3.39 65.41 -21.17
CA ASN I 77 -2.62 64.30 -21.74
C ASN I 77 -1.15 64.66 -21.92
N THR I 78 -0.52 65.06 -20.83
CA THR I 78 0.90 65.41 -20.82
C THR I 78 1.66 64.42 -19.95
N VAL I 79 2.61 63.70 -20.54
CA VAL I 79 3.33 62.63 -19.86
C VAL I 79 4.73 63.13 -19.49
N TYR I 80 5.01 63.14 -18.19
CA TYR I 80 6.24 63.71 -17.62
C TYR I 80 7.11 62.60 -17.04
N MET I 81 8.36 62.55 -17.48
CA MET I 81 9.39 61.91 -16.70
C MET I 81 9.83 62.82 -15.56
N GLN I 82 10.70 62.28 -14.72
CA GLN I 82 11.48 63.08 -13.79
C GLN I 82 12.71 62.26 -13.48
N PHE I 83 13.88 62.83 -13.72
CA PHE I 83 15.13 62.22 -13.31
C PHE I 83 15.68 62.93 -12.09
N ARG I 84 16.54 62.25 -11.36
CA ARG I 84 17.12 62.79 -10.13
C ARG I 84 18.59 62.41 -10.06
N SER I 85 19.44 63.40 -9.80
CA SER I 85 20.89 63.25 -9.62
C SER I 85 21.54 62.59 -10.84
N LEU I 86 21.44 63.28 -11.98
CA LEU I 86 21.94 62.74 -13.23
C LEU I 86 23.47 62.70 -13.24
N THR I 87 23.99 61.81 -14.07
CA THR I 87 25.42 61.65 -14.26
C THR I 87 25.78 61.97 -15.71
N SER I 88 27.07 61.94 -16.02
CA SER I 88 27.56 62.15 -17.37
C SER I 88 27.31 60.96 -18.30
N GLU I 89 26.84 59.83 -17.76
CA GLU I 89 26.56 58.63 -18.52
C GLU I 89 25.23 58.68 -19.26
N ASP I 90 24.35 59.62 -18.91
CA ASP I 90 23.00 59.68 -19.47
C ASP I 90 22.92 60.48 -20.76
N SER I 91 24.00 60.56 -21.51
CA SER I 91 23.96 61.10 -22.87
C SER I 91 23.38 60.02 -23.77
N ALA I 92 22.06 60.07 -23.97
CA ALA I 92 21.37 59.07 -24.77
C ALA I 92 20.18 59.72 -25.44
N VAL I 93 19.43 58.94 -26.22
CA VAL I 93 18.24 59.42 -26.88
C VAL I 93 17.05 58.69 -26.28
N TYR I 94 16.06 59.45 -25.82
CA TYR I 94 14.95 58.93 -25.03
C TYR I 94 13.69 58.92 -25.89
N TYR I 95 13.04 57.77 -25.99
CA TYR I 95 11.97 57.57 -26.95
C TYR I 95 10.65 57.34 -26.24
N CYS I 96 9.68 58.20 -26.52
CA CYS I 96 8.30 57.91 -26.17
C CYS I 96 7.81 56.76 -27.02
N SER I 97 6.94 55.94 -26.45
CA SER I 97 6.40 54.79 -27.17
C SER I 97 4.99 54.50 -26.67
N ARG I 98 4.21 53.81 -27.48
CA ARG I 98 2.80 53.58 -27.24
C ARG I 98 2.49 52.10 -27.38
N LEU I 99 1.74 51.53 -26.43
CA LEU I 99 1.41 50.11 -26.52
C LEU I 99 -0.08 49.86 -26.48
N LYS I 100 -0.45 48.73 -27.09
CA LYS I 100 -1.75 48.10 -26.95
C LYS I 100 -1.63 46.94 -25.96
N LEU I 101 -2.76 46.58 -25.36
CA LEU I 101 -2.80 45.40 -24.50
C LEU I 101 -2.65 44.16 -25.35
N LEU I 102 -1.66 43.32 -25.01
CA LEU I 102 -1.19 42.20 -25.83
C LEU I 102 -0.85 42.68 -27.23
N GLY I 103 -0.20 43.83 -27.30
CA GLY I 103 -0.08 44.55 -28.55
C GLY I 103 1.32 45.09 -28.75
N TYR I 104 1.52 45.61 -29.95
CA TYR I 104 2.81 46.09 -30.39
C TYR I 104 2.95 47.58 -30.14
N PHE I 105 4.08 48.12 -30.61
CA PHE I 105 4.39 49.54 -30.47
C PHE I 105 3.80 50.33 -31.64
N ASP I 106 2.79 51.14 -31.35
CA ASP I 106 2.14 51.91 -32.42
C ASP I 106 3.00 53.09 -32.85
N VAL I 107 3.21 54.05 -31.96
CA VAL I 107 3.89 55.28 -32.31
C VAL I 107 5.18 55.38 -31.51
N TRP I 108 6.03 56.33 -31.92
CA TRP I 108 7.36 56.49 -31.39
C TRP I 108 7.73 57.97 -31.46
N GLY I 109 8.46 58.43 -30.45
CA GLY I 109 8.91 59.80 -30.42
C GLY I 109 10.24 59.95 -31.12
N THR I 110 10.61 61.20 -31.39
CA THR I 110 11.87 61.44 -32.08
C THR I 110 13.05 61.29 -31.13
N GLY I 111 13.01 62.01 -30.01
CA GLY I 111 14.06 61.89 -29.02
C GLY I 111 14.41 63.20 -28.37
N THR I 112 14.67 63.17 -27.06
CA THR I 112 15.05 64.35 -26.27
C THR I 112 16.38 64.02 -25.59
N THR I 113 17.49 64.39 -26.22
CA THR I 113 18.80 64.05 -25.70
C THR I 113 19.11 64.86 -24.45
N VAL I 114 19.73 64.21 -23.46
CA VAL I 114 20.12 64.86 -22.23
C VAL I 114 21.65 64.84 -22.21
N THR I 115 22.26 65.96 -22.60
CA THR I 115 23.71 66.07 -22.67
C THR I 115 24.21 66.63 -21.33
N VAL I 116 24.83 65.76 -20.54
CA VAL I 116 25.29 66.16 -19.21
C VAL I 116 26.77 66.47 -19.25
N ASP J 1 17.34 38.29 -14.70
CA ASP J 1 17.09 39.09 -15.89
C ASP J 1 17.42 38.30 -17.17
N VAL J 2 16.71 38.62 -18.25
CA VAL J 2 16.61 37.73 -19.41
C VAL J 2 17.31 38.43 -20.57
N LEU J 3 18.47 39.03 -20.28
CA LEU J 3 19.26 39.72 -21.30
C LEU J 3 19.64 38.81 -22.45
N MET J 4 19.71 39.40 -23.64
CA MET J 4 20.04 38.68 -24.87
C MET J 4 21.31 39.22 -25.49
N THR J 5 21.85 38.42 -26.41
CA THR J 5 22.97 38.80 -27.27
C THR J 5 22.59 38.62 -28.73
N GLN J 6 23.37 39.24 -29.62
CA GLN J 6 23.10 39.25 -31.05
C GLN J 6 24.29 38.70 -31.82
N THR J 7 24.08 37.63 -32.56
CA THR J 7 25.13 37.04 -33.39
C THR J 7 24.72 37.15 -34.85
N PRO J 8 25.50 37.82 -35.71
CA PRO J 8 26.71 38.62 -35.51
C PRO J 8 26.42 40.04 -35.08
N LEU J 9 27.36 40.96 -35.33
CA LEU J 9 27.22 42.34 -34.93
C LEU J 9 27.17 43.35 -36.08
N SER J 10 27.69 43.01 -37.25
CA SER J 10 27.66 43.90 -38.42
C SER J 10 27.90 43.07 -39.67
N LEU J 11 26.98 43.14 -40.63
CA LEU J 11 27.13 42.43 -41.89
C LEU J 11 27.00 43.39 -43.06
N PRO J 12 28.10 43.82 -43.66
CA PRO J 12 28.01 44.45 -44.98
C PRO J 12 27.57 43.45 -46.03
N VAL J 13 26.34 43.59 -46.52
CA VAL J 13 25.75 42.65 -47.47
C VAL J 13 25.38 43.43 -48.72
N SER J 14 25.75 42.89 -49.88
CA SER J 14 25.49 43.52 -51.17
C SER J 14 23.99 43.58 -51.46
N LEU J 15 23.65 44.40 -52.44
CA LEU J 15 22.24 44.68 -52.77
C LEU J 15 21.68 43.48 -53.53
N GLY J 16 21.04 42.58 -52.80
CA GLY J 16 20.40 41.44 -53.45
C GLY J 16 20.82 40.09 -52.93
N ASP J 17 21.33 40.03 -51.71
CA ASP J 17 21.70 38.78 -51.07
C ASP J 17 20.88 38.60 -49.80
N GLN J 18 20.98 37.43 -49.20
CA GLN J 18 20.24 37.11 -47.98
C GLN J 18 21.10 37.34 -46.74
N ALA J 19 20.56 38.10 -45.80
CA ALA J 19 21.19 38.34 -44.52
C ALA J 19 20.37 37.68 -43.42
N SER J 20 21.07 37.10 -42.43
CA SER J 20 20.44 36.34 -41.37
C SER J 20 21.19 36.59 -40.06
N ILE J 21 20.49 37.13 -39.07
CA ILE J 21 21.04 37.45 -37.76
C ILE J 21 20.17 36.73 -36.73
N SER J 22 20.81 36.18 -35.69
CA SER J 22 20.14 35.44 -34.64
C SER J 22 20.26 36.13 -33.29
N CYS J 23 19.20 35.98 -32.48
CA CYS J 23 19.19 36.37 -31.08
C CYS J 23 18.83 35.16 -30.24
N LYS J 24 19.59 34.92 -29.18
CA LYS J 24 19.40 33.74 -28.35
C LYS J 24 18.87 34.16 -26.99
N SER J 25 17.81 33.50 -26.57
CA SER J 25 17.13 33.81 -25.32
C SER J 25 17.62 32.89 -24.22
N SER J 26 18.01 33.47 -23.08
CA SER J 26 18.39 32.70 -21.91
C SER J 26 17.19 31.93 -21.38
N GLN J 27 16.20 32.64 -20.89
CA GLN J 27 14.95 32.00 -20.50
C GLN J 27 14.02 31.93 -21.69
N SER J 28 13.10 30.98 -21.65
CA SER J 28 12.09 30.87 -22.68
C SER J 28 11.12 32.05 -22.59
N ILE J 29 10.61 32.46 -23.75
CA ILE J 29 9.67 33.57 -23.80
C ILE J 29 8.33 33.02 -24.25
N VAL J 30 7.48 32.64 -23.30
CA VAL J 30 6.17 32.09 -23.57
C VAL J 30 5.19 32.79 -22.65
N TYR J 31 4.12 33.31 -23.21
CA TYR J 31 3.08 33.94 -22.41
C TYR J 31 1.94 32.94 -22.27
N LYS J 32 0.94 33.32 -21.47
CA LYS J 32 -0.30 32.54 -21.37
C LYS J 32 -1.05 32.48 -22.71
N ASP J 33 -0.81 33.47 -23.58
CA ASP J 33 -1.32 33.40 -24.95
C ASP J 33 -0.77 32.19 -25.70
N GLY J 34 0.53 31.93 -25.56
CA GLY J 34 1.21 30.87 -26.28
C GLY J 34 2.17 31.39 -27.32
N ASN J 35 1.92 32.60 -27.82
CA ASN J 35 2.79 33.19 -28.82
C ASN J 35 3.98 33.87 -28.15
N SER J 36 5.16 33.60 -28.66
CA SER J 36 6.39 34.15 -28.09
C SER J 36 6.47 35.63 -28.43
N TYR J 37 6.25 36.48 -27.43
CA TYR J 37 6.27 37.93 -27.63
C TYR J 37 7.70 38.40 -27.78
N LEU J 38 8.18 38.39 -29.01
CA LEU J 38 9.43 39.06 -29.38
C LEU J 38 9.17 39.95 -30.59
N GLU J 39 9.80 41.12 -30.58
CA GLU J 39 9.70 42.06 -31.67
C GLU J 39 11.06 42.26 -32.31
N TRP J 40 11.05 42.59 -33.60
CA TRP J 40 12.25 42.88 -34.37
C TRP J 40 12.27 44.35 -34.71
N TYR J 41 13.37 45.02 -34.40
CA TYR J 41 13.46 46.46 -34.57
C TYR J 41 14.47 46.83 -35.62
N LEU J 42 14.13 47.85 -36.40
CA LEU J 42 15.05 48.52 -37.29
C LEU J 42 14.98 50.00 -36.95
N GLN J 43 16.13 50.67 -36.99
CA GLN J 43 16.20 52.10 -36.78
C GLN J 43 17.15 52.68 -37.80
N LYS J 44 16.61 53.43 -38.75
CA LYS J 44 17.45 54.26 -39.62
C LYS J 44 18.05 55.38 -38.77
N VAL J 45 19.26 55.79 -39.14
CA VAL J 45 20.06 56.66 -38.27
C VAL J 45 19.42 58.05 -38.16
N GLY J 46 19.43 58.57 -36.93
CA GLY J 46 18.84 59.87 -36.66
C GLY J 46 17.32 59.91 -36.70
N GLN J 47 16.66 58.79 -36.38
CA GLN J 47 15.20 58.73 -36.50
C GLN J 47 14.56 58.13 -35.26
N SER J 48 13.29 57.76 -35.38
CA SER J 48 12.63 56.84 -34.46
C SER J 48 12.72 55.42 -34.99
N PRO J 49 12.89 54.42 -34.13
CA PRO J 49 12.96 53.03 -34.62
C PRO J 49 11.58 52.53 -35.02
N LYS J 50 11.57 51.75 -36.10
CA LYS J 50 10.34 51.20 -36.65
C LYS J 50 10.04 49.86 -36.00
N LEU J 51 9.12 49.09 -36.60
CA LEU J 51 8.91 47.69 -36.26
C LEU J 51 9.01 46.88 -37.53
N LEU J 52 9.83 45.83 -37.49
CA LEU J 52 10.04 45.00 -38.68
C LEU J 52 8.89 44.01 -38.85
N ILE J 53 8.73 43.11 -37.89
CA ILE J 53 7.61 42.17 -37.84
C ILE J 53 7.12 42.11 -36.40
N TYR J 54 6.04 41.37 -36.18
CA TYR J 54 5.57 41.11 -34.83
C TYR J 54 6.24 39.85 -34.31
N ARG J 55 5.45 39.05 -33.58
CA ARG J 55 5.86 37.96 -32.71
C ARG J 55 6.93 37.01 -33.27
N VAL J 56 6.60 36.19 -34.27
CA VAL J 56 7.58 35.63 -35.20
C VAL J 56 6.99 35.78 -36.60
N SER J 57 5.67 35.74 -36.68
CA SER J 57 4.99 35.49 -37.94
C SER J 57 4.22 36.69 -38.47
N ASN J 58 3.58 37.46 -37.60
CA ASN J 58 2.77 38.58 -38.07
C ASN J 58 3.68 39.76 -38.41
N ARG J 59 3.17 40.69 -39.22
CA ARG J 59 4.00 41.74 -39.78
C ARG J 59 3.36 43.10 -39.56
N PHE J 60 4.21 44.08 -39.27
CA PHE J 60 3.78 45.45 -39.05
C PHE J 60 3.31 46.07 -40.34
N SER J 61 2.14 46.72 -40.30
CA SER J 61 1.54 47.25 -41.51
C SER J 61 2.30 48.49 -41.96
N GLY J 62 2.53 48.59 -43.27
CA GLY J 62 3.39 49.62 -43.80
C GLY J 62 4.83 49.19 -43.93
N VAL J 63 5.08 47.89 -44.09
CA VAL J 63 6.42 47.34 -44.26
C VAL J 63 6.35 46.35 -45.42
N PRO J 64 7.30 46.40 -46.36
CA PRO J 64 7.27 45.46 -47.49
C PRO J 64 7.58 44.03 -47.05
N ASP J 65 7.42 43.13 -48.02
CA ASP J 65 7.57 41.69 -47.78
C ASP J 65 8.99 41.19 -48.04
N ARG J 66 10.00 42.03 -47.86
CA ARG J 66 11.39 41.60 -47.93
C ARG J 66 11.96 41.19 -46.57
N PHE J 67 11.09 40.84 -45.62
CA PHE J 67 11.52 40.49 -44.28
C PHE J 67 10.81 39.22 -43.86
N SER J 68 11.55 38.27 -43.27
CA SER J 68 10.92 37.09 -42.69
C SER J 68 11.67 36.69 -41.43
N GLY J 69 10.94 36.07 -40.50
CA GLY J 69 11.51 35.71 -39.22
C GLY J 69 11.13 34.31 -38.82
N SER J 70 12.03 33.66 -38.08
CA SER J 70 11.83 32.29 -37.67
C SER J 70 12.37 32.08 -36.26
N GLY J 71 11.86 31.03 -35.62
CA GLY J 71 12.26 30.66 -34.28
C GLY J 71 11.35 29.62 -33.66
N SER J 72 11.80 28.97 -32.59
CA SER J 72 11.01 27.92 -31.95
C SER J 72 11.09 28.03 -30.43
N GLY J 73 10.97 29.25 -29.91
CA GLY J 73 10.93 29.49 -28.48
C GLY J 73 12.26 29.85 -27.82
N THR J 74 13.33 29.17 -28.20
CA THR J 74 14.62 29.33 -27.52
C THR J 74 15.54 30.31 -28.25
N ASP J 75 15.82 30.08 -29.53
CA ASP J 75 16.70 30.92 -30.33
C ASP J 75 16.01 31.35 -31.61
N PHE J 76 16.10 32.63 -31.93
CA PHE J 76 15.33 33.27 -33.00
C PHE J 76 16.31 33.82 -34.04
N THR J 77 15.82 34.01 -35.27
CA THR J 77 16.64 34.62 -36.32
C THR J 77 15.75 35.24 -37.39
N LEU J 78 16.37 36.02 -38.27
CA LEU J 78 15.69 36.57 -39.44
C LEU J 78 16.30 36.06 -40.73
N LYS J 79 15.60 36.38 -41.83
CA LYS J 79 16.08 36.23 -43.20
C LYS J 79 15.54 37.43 -43.97
N ILE J 80 16.43 38.25 -44.52
CA ILE J 80 16.05 39.36 -45.38
C ILE J 80 16.26 38.90 -46.83
N SER J 81 15.22 39.02 -47.65
CA SER J 81 15.28 38.46 -49.00
C SER J 81 16.13 39.32 -49.93
N ARG J 82 15.85 40.61 -50.01
CA ARG J 82 16.59 41.52 -50.87
C ARG J 82 17.03 42.74 -50.08
N VAL J 83 18.18 43.28 -50.44
CA VAL J 83 18.80 44.39 -49.71
C VAL J 83 18.57 45.68 -50.49
N GLU J 84 18.21 46.74 -49.77
CA GLU J 84 18.08 48.09 -50.32
C GLU J 84 19.09 49.02 -49.67
N ALA J 85 18.94 50.31 -49.94
CA ALA J 85 19.70 51.34 -49.25
C ALA J 85 19.02 51.82 -47.98
N GLU J 86 17.69 51.72 -47.91
CA GLU J 86 16.98 52.02 -46.67
C GLU J 86 17.18 50.95 -45.61
N ASP J 87 17.61 49.75 -46.01
CA ASP J 87 17.88 48.67 -45.07
C ASP J 87 19.15 48.90 -44.25
N LEU J 88 19.94 49.91 -44.59
CA LEU J 88 20.90 50.49 -43.67
C LEU J 88 20.20 50.92 -42.39
N GLY J 89 20.83 50.63 -41.25
CA GLY J 89 20.28 50.99 -39.97
C GLY J 89 20.75 50.03 -38.91
N VAL J 90 20.17 50.18 -37.73
CA VAL J 90 20.55 49.39 -36.55
C VAL J 90 19.38 48.50 -36.19
N TYR J 91 19.65 47.20 -36.05
CA TYR J 91 18.61 46.22 -35.74
C TYR J 91 18.70 45.78 -34.29
N TYR J 92 17.54 45.41 -33.75
CA TYR J 92 17.40 44.99 -32.36
C TYR J 92 16.45 43.82 -32.24
N CYS J 93 16.62 43.04 -31.18
CA CYS J 93 15.66 42.04 -30.73
C CYS J 93 15.08 42.48 -29.40
N PHE J 94 13.77 42.38 -29.26
CA PHE J 94 13.05 42.92 -28.11
C PHE J 94 12.16 41.86 -27.51
N GLN J 95 12.05 41.85 -26.18
CA GLN J 95 11.20 40.90 -25.48
C GLN J 95 9.96 41.61 -24.94
N GLY J 96 8.89 40.85 -24.76
CA GLY J 96 7.66 41.47 -24.33
C GLY J 96 7.00 40.82 -23.13
N THR J 97 7.56 39.73 -22.62
CA THR J 97 6.90 39.07 -21.50
C THR J 97 7.41 39.54 -20.14
N HIS J 98 8.68 39.31 -19.85
CA HIS J 98 9.11 39.53 -18.48
C HIS J 98 9.70 40.92 -18.30
N LEU J 99 9.65 41.40 -17.06
CA LEU J 99 10.14 42.70 -16.68
C LEU J 99 11.51 42.59 -16.06
N PRO J 100 12.43 43.49 -16.38
CA PRO J 100 12.34 44.57 -17.37
C PRO J 100 12.52 44.05 -18.79
N TYR J 101 11.96 44.76 -19.77
CA TYR J 101 12.07 44.34 -21.15
C TYR J 101 13.51 44.50 -21.63
N THR J 102 14.08 43.42 -22.12
CA THR J 102 15.46 43.41 -22.54
C THR J 102 15.56 43.71 -24.03
N PHE J 103 16.77 44.04 -24.47
CA PHE J 103 17.06 44.31 -25.86
C PHE J 103 18.25 43.47 -26.32
N GLY J 104 18.40 43.39 -27.63
CA GLY J 104 19.63 42.93 -28.21
C GLY J 104 20.66 44.06 -28.26
N GLY J 105 21.82 43.73 -28.82
CA GLY J 105 22.87 44.71 -28.96
C GLY J 105 22.59 45.77 -30.01
N GLY J 106 22.42 45.33 -31.25
CA GLY J 106 22.17 46.23 -32.36
C GLY J 106 23.13 45.93 -33.50
N THR J 107 22.60 45.66 -34.69
CA THR J 107 23.47 45.38 -35.83
C THR J 107 23.35 46.47 -36.89
N LYS J 108 24.46 46.74 -37.57
CA LYS J 108 24.51 47.76 -38.63
C LYS J 108 24.89 47.09 -39.94
N LEU J 109 23.89 46.89 -40.81
CA LEU J 109 24.18 46.37 -42.13
C LEU J 109 24.80 47.46 -43.00
N GLU J 110 25.86 47.10 -43.72
CA GLU J 110 26.71 48.05 -44.42
C GLU J 110 26.76 47.68 -45.91
N MET J 111 27.60 48.39 -46.67
CA MET J 111 27.79 48.10 -48.08
C MET J 111 29.11 47.38 -48.32
N LYS J 112 29.19 46.74 -49.50
CA LYS J 112 30.37 46.01 -49.93
C LYS J 112 31.02 46.71 -51.11
N ARG J 113 32.35 46.82 -51.07
CA ARG J 113 33.11 47.40 -52.17
C ARG J 113 34.52 46.82 -52.22
N GLN K 1 -25.25 -76.17 -33.14
CA GLN K 1 -24.53 -77.37 -32.76
C GLN K 1 -23.27 -77.48 -33.60
N VAL K 2 -22.11 -77.50 -32.94
CA VAL K 2 -20.84 -77.68 -33.59
C VAL K 2 -20.12 -78.87 -32.97
N HIS K 3 -19.09 -79.34 -33.66
CA HIS K 3 -18.23 -80.39 -33.13
C HIS K 3 -16.84 -80.19 -33.73
N LEU K 4 -15.89 -79.80 -32.90
CA LEU K 4 -14.55 -79.47 -33.33
C LEU K 4 -13.53 -80.29 -32.55
N GLN K 5 -12.41 -80.60 -33.21
CA GLN K 5 -11.45 -81.56 -32.71
C GLN K 5 -10.12 -81.30 -33.40
N GLU K 6 -9.04 -81.41 -32.64
CA GLU K 6 -7.69 -81.25 -33.17
C GLU K 6 -7.00 -82.60 -33.27
N SER K 7 -5.90 -82.62 -34.02
CA SER K 7 -5.13 -83.84 -34.21
C SER K 7 -3.68 -83.45 -34.42
N GLY K 8 -2.83 -83.79 -33.45
CA GLY K 8 -1.42 -83.49 -33.55
C GLY K 8 -0.57 -84.69 -33.21
N PRO K 9 0.74 -84.49 -33.08
CA PRO K 9 1.60 -85.63 -32.74
C PRO K 9 1.44 -86.08 -31.30
N GLY K 10 1.36 -85.16 -30.34
CA GLY K 10 1.17 -85.51 -28.95
C GLY K 10 2.38 -86.08 -28.24
N LEU K 11 3.52 -86.22 -28.92
CA LEU K 11 4.72 -86.76 -28.32
C LEU K 11 5.89 -86.05 -28.97
N VAL K 12 6.35 -84.97 -28.33
CA VAL K 12 7.20 -83.98 -28.97
C VAL K 12 8.51 -83.88 -28.19
N LYS K 13 9.63 -83.95 -28.91
CA LYS K 13 10.96 -83.72 -28.39
C LYS K 13 11.17 -82.21 -28.18
N PRO K 14 11.95 -81.80 -27.19
CA PRO K 14 12.40 -80.41 -27.12
C PRO K 14 13.19 -79.99 -28.35
N SER K 15 13.09 -78.69 -28.69
CA SER K 15 13.64 -78.07 -29.88
C SER K 15 13.11 -78.74 -31.15
N GLU K 16 11.81 -78.60 -31.35
CA GLU K 16 11.10 -79.23 -32.46
C GLU K 16 9.93 -78.33 -32.86
N THR K 17 9.57 -78.38 -34.13
CA THR K 17 8.37 -77.70 -34.61
C THR K 17 7.12 -78.47 -34.17
N LEU K 18 5.95 -77.89 -34.45
CA LEU K 18 4.70 -78.45 -33.96
C LEU K 18 3.57 -77.97 -34.86
N SER K 19 2.53 -78.79 -34.99
CA SER K 19 1.37 -78.44 -35.81
C SER K 19 0.12 -79.10 -35.25
N LEU K 20 -1.03 -78.50 -35.55
CA LEU K 20 -2.33 -79.01 -35.12
C LEU K 20 -3.35 -78.79 -36.24
N THR K 21 -4.57 -79.26 -36.00
CA THR K 21 -5.66 -79.22 -36.96
C THR K 21 -6.94 -78.72 -36.29
N CYS K 22 -7.95 -78.42 -37.11
CA CYS K 22 -9.27 -78.02 -36.62
C CYS K 22 -10.32 -78.50 -37.61
N ASN K 23 -10.95 -79.65 -37.31
CA ASN K 23 -12.05 -80.07 -38.16
C ASN K 23 -13.30 -79.23 -37.86
N VAL K 24 -14.26 -79.29 -38.77
CA VAL K 24 -15.47 -78.49 -38.64
C VAL K 24 -16.69 -79.40 -38.63
N SER K 25 -17.73 -78.94 -37.96
CA SER K 25 -19.04 -79.58 -37.99
C SER K 25 -20.07 -78.51 -37.64
N GLY K 26 -21.17 -78.49 -38.37
CA GLY K 26 -22.17 -77.45 -38.15
C GLY K 26 -21.89 -76.10 -38.78
N THR K 27 -20.67 -75.59 -38.65
CA THR K 27 -20.30 -74.28 -39.18
C THR K 27 -18.91 -74.37 -39.78
N LEU K 28 -18.71 -73.71 -40.92
CA LEU K 28 -17.42 -73.69 -41.58
C LEU K 28 -16.51 -72.64 -40.94
N VAL K 29 -15.36 -72.40 -41.53
CA VAL K 29 -14.30 -71.63 -40.88
C VAL K 29 -14.37 -70.16 -41.29
N ARG K 30 -14.90 -69.87 -42.47
CA ARG K 30 -14.93 -68.49 -42.95
C ARG K 30 -15.99 -67.64 -42.25
N ASP K 31 -16.91 -68.25 -41.52
CA ASP K 31 -17.97 -67.50 -40.87
C ASP K 31 -17.51 -66.93 -39.54
N ASN K 32 -16.95 -67.75 -38.68
CA ASN K 32 -16.65 -67.36 -37.31
C ASN K 32 -15.17 -67.01 -37.13
N TYR K 33 -14.82 -66.72 -35.88
CA TYR K 33 -13.48 -66.30 -35.47
C TYR K 33 -12.91 -67.36 -34.54
N TRP K 34 -11.62 -67.66 -34.66
CA TRP K 34 -11.07 -68.85 -34.06
C TRP K 34 -9.95 -68.50 -33.10
N SER K 35 -9.72 -69.35 -32.10
CA SER K 35 -8.73 -69.05 -31.08
C SER K 35 -8.01 -70.33 -30.67
N TRP K 36 -7.03 -70.16 -29.78
CA TRP K 36 -6.25 -71.29 -29.27
C TRP K 36 -6.02 -71.13 -27.78
N ILE K 37 -6.26 -72.20 -27.04
CA ILE K 37 -6.20 -72.18 -25.57
C ILE K 37 -5.37 -73.38 -25.14
N ARG K 38 -4.46 -73.17 -24.17
CA ARG K 38 -3.68 -74.25 -23.60
C ARG K 38 -3.75 -74.18 -22.09
N GLN K 39 -3.53 -75.33 -21.45
CA GLN K 39 -3.65 -75.41 -20.00
C GLN K 39 -2.72 -76.46 -19.43
N PRO K 40 -1.67 -76.07 -18.72
CA PRO K 40 -0.91 -77.04 -17.93
C PRO K 40 -1.74 -77.56 -16.76
N LEU K 41 -1.38 -78.75 -16.29
CA LEU K 41 -2.15 -79.40 -15.24
C LEU K 41 -1.99 -78.68 -13.91
N GLY K 42 -3.12 -78.50 -13.21
CA GLY K 42 -3.12 -77.75 -11.97
C GLY K 42 -2.89 -76.27 -12.14
N LYS K 43 -3.07 -75.74 -13.35
CA LYS K 43 -2.82 -74.34 -13.64
C LYS K 43 -4.04 -73.74 -14.32
N GLN K 44 -4.12 -72.40 -14.28
CA GLN K 44 -5.14 -71.71 -15.06
C GLN K 44 -4.82 -71.82 -16.54
N PRO K 45 -5.83 -71.79 -17.42
CA PRO K 45 -5.56 -71.90 -18.86
C PRO K 45 -4.85 -70.67 -19.39
N GLU K 46 -4.37 -70.79 -20.62
CA GLU K 46 -3.66 -69.70 -21.27
C GLU K 46 -4.13 -69.57 -22.69
N TRP K 47 -4.46 -68.35 -23.09
CA TRP K 47 -5.10 -68.06 -24.35
C TRP K 47 -4.04 -67.57 -25.33
N ILE K 48 -3.69 -68.42 -26.30
CA ILE K 48 -2.54 -68.15 -27.15
C ILE K 48 -2.84 -67.03 -28.12
N GLY K 49 -3.81 -67.23 -29.00
CA GLY K 49 -4.09 -66.24 -30.01
C GLY K 49 -5.43 -66.48 -30.66
N TYR K 50 -5.75 -65.60 -31.61
CA TYR K 50 -7.01 -65.64 -32.32
C TYR K 50 -6.78 -65.18 -33.74
N VAL K 51 -7.55 -65.76 -34.66
CA VAL K 51 -7.49 -65.43 -36.07
C VAL K 51 -8.91 -65.12 -36.54
N HIS K 52 -9.02 -64.07 -37.35
CA HIS K 52 -10.25 -63.66 -37.99
C HIS K 52 -10.25 -64.16 -39.43
N ASP K 53 -11.25 -63.73 -40.19
CA ASP K 53 -11.16 -63.82 -41.63
C ASP K 53 -10.39 -62.61 -42.14
N SER K 54 -9.91 -62.71 -43.38
CA SER K 54 -9.19 -61.65 -44.11
C SER K 54 -7.91 -61.22 -43.41
N GLY K 55 -7.28 -62.14 -42.67
CA GLY K 55 -5.91 -61.95 -42.24
C GLY K 55 -5.72 -61.24 -40.91
N ASP K 56 -6.79 -60.82 -40.25
CA ASP K 56 -6.65 -60.18 -38.95
C ASP K 56 -6.29 -61.23 -37.91
N THR K 57 -5.06 -61.14 -37.38
CA THR K 57 -4.53 -62.15 -36.49
C THR K 57 -3.68 -61.48 -35.43
N ASN K 58 -3.84 -61.89 -34.18
CA ASN K 58 -3.05 -61.34 -33.09
C ASN K 58 -2.63 -62.47 -32.15
N TYR K 59 -1.50 -62.27 -31.48
CA TYR K 59 -0.91 -63.32 -30.65
C TYR K 59 -0.57 -62.76 -29.28
N ASN K 60 0.09 -63.60 -28.47
CA ASN K 60 0.63 -63.14 -27.21
C ASN K 60 1.78 -62.16 -27.46
N PRO K 61 1.99 -61.22 -26.55
CA PRO K 61 3.26 -60.48 -26.58
C PRO K 61 4.42 -61.32 -26.11
N SER K 62 4.18 -62.36 -25.31
CA SER K 62 5.24 -63.27 -24.92
C SER K 62 5.60 -64.23 -26.04
N LEU K 63 4.60 -64.78 -26.72
CA LEU K 63 4.80 -65.71 -27.82
C LEU K 63 4.81 -65.01 -29.17
N LYS K 64 5.05 -63.69 -29.20
CA LYS K 64 5.08 -62.93 -30.43
C LYS K 64 6.22 -63.37 -31.34
N SER K 65 7.30 -63.87 -30.75
CA SER K 65 8.52 -64.13 -31.50
C SER K 65 8.38 -65.34 -32.42
N ARG K 66 7.79 -66.43 -31.92
CA ARG K 66 7.99 -67.72 -32.56
C ARG K 66 6.76 -68.33 -33.22
N VAL K 67 5.56 -68.13 -32.68
CA VAL K 67 4.40 -68.86 -33.20
C VAL K 67 3.92 -68.21 -34.49
N HIS K 68 3.40 -69.03 -35.39
CA HIS K 68 2.82 -68.57 -36.66
C HIS K 68 1.61 -69.43 -36.97
N LEU K 69 0.58 -68.81 -37.54
CA LEU K 69 -0.68 -69.49 -37.83
C LEU K 69 -1.11 -69.19 -39.25
N SER K 70 -2.15 -69.90 -39.67
CA SER K 70 -2.83 -69.72 -40.95
C SER K 70 -4.13 -70.52 -40.89
N LEU K 71 -4.92 -70.40 -41.95
CA LEU K 71 -6.09 -71.23 -42.14
C LEU K 71 -5.80 -72.29 -43.20
N ASP K 72 -6.77 -73.18 -43.41
CA ASP K 72 -6.77 -74.10 -44.54
C ASP K 72 -8.04 -73.76 -45.30
N LYS K 73 -7.91 -72.93 -46.33
CA LYS K 73 -9.05 -72.25 -46.93
C LYS K 73 -9.92 -73.21 -47.73
N SER K 74 -9.30 -73.97 -48.63
CA SER K 74 -10.06 -74.88 -49.48
C SER K 74 -10.46 -76.15 -48.73
N LYS K 75 -9.63 -76.63 -47.81
CA LYS K 75 -9.91 -77.88 -47.12
C LYS K 75 -10.69 -77.69 -45.83
N ASN K 76 -10.95 -76.44 -45.42
CA ASN K 76 -11.83 -76.08 -44.30
C ASN K 76 -11.26 -76.59 -42.96
N LEU K 77 -10.00 -76.24 -42.68
CA LEU K 77 -9.37 -76.48 -41.39
C LEU K 77 -8.61 -75.24 -40.96
N VAL K 78 -8.04 -75.30 -39.75
CA VAL K 78 -7.18 -74.24 -39.19
C VAL K 78 -5.85 -74.87 -38.83
N SER K 79 -4.76 -74.21 -39.19
CA SER K 79 -3.42 -74.72 -38.93
C SER K 79 -2.83 -74.08 -37.68
N LEU K 80 -1.60 -74.49 -37.36
CA LEU K 80 -0.81 -73.95 -36.28
C LEU K 80 0.63 -74.31 -36.55
N ARG K 81 1.55 -73.45 -36.13
CA ARG K 81 2.97 -73.75 -36.28
C ARG K 81 3.73 -73.06 -35.16
N LEU K 82 4.35 -73.87 -34.29
CA LEU K 82 5.09 -73.38 -33.14
C LEU K 82 6.57 -73.77 -33.31
N THR K 83 7.45 -72.96 -32.74
CA THR K 83 8.89 -73.11 -32.95
C THR K 83 9.60 -73.18 -31.61
N GLY K 84 10.44 -74.19 -31.44
CA GLY K 84 11.28 -74.27 -30.25
C GLY K 84 10.55 -74.72 -29.00
N VAL K 85 10.09 -75.97 -28.99
CA VAL K 85 9.44 -76.52 -27.81
C VAL K 85 10.46 -76.69 -26.70
N THR K 86 10.09 -76.27 -25.48
CA THR K 86 10.88 -76.45 -24.28
C THR K 86 10.03 -77.20 -23.25
N ALA K 87 10.51 -77.25 -22.01
CA ALA K 87 9.76 -77.89 -20.94
C ALA K 87 8.55 -77.10 -20.50
N ALA K 88 8.41 -75.84 -20.93
CA ALA K 88 7.25 -75.02 -20.61
C ALA K 88 6.17 -75.07 -21.69
N ASP K 89 6.03 -76.20 -22.37
CA ASP K 89 5.02 -76.38 -23.39
C ASP K 89 4.12 -77.57 -23.15
N SER K 90 4.32 -78.31 -22.07
CA SER K 90 3.52 -79.49 -21.76
C SER K 90 2.16 -79.04 -21.24
N ALA K 91 1.15 -79.08 -22.10
CA ALA K 91 -0.17 -78.61 -21.76
C ALA K 91 -1.18 -79.23 -22.72
N ILE K 92 -2.38 -79.50 -22.20
CA ILE K 92 -3.45 -79.99 -23.05
C ILE K 92 -3.94 -78.84 -23.93
N TYR K 93 -3.94 -79.06 -25.23
CA TYR K 93 -4.29 -78.01 -26.17
C TYR K 93 -5.76 -78.13 -26.56
N TYR K 94 -6.36 -76.98 -26.82
CA TYR K 94 -7.78 -76.84 -27.09
C TYR K 94 -7.98 -76.18 -28.45
N CYS K 95 -9.25 -76.08 -28.85
CA CYS K 95 -9.68 -75.33 -30.01
C CYS K 95 -11.02 -74.72 -29.67
N ALA K 96 -11.24 -73.47 -30.09
CA ALA K 96 -12.48 -72.81 -29.74
C ALA K 96 -12.82 -71.73 -30.75
N THR K 97 -14.11 -71.54 -30.96
CA THR K 97 -14.59 -70.35 -31.61
C THR K 97 -14.64 -69.21 -30.61
N THR K 98 -14.90 -68.01 -31.11
CA THR K 98 -15.06 -66.88 -30.21
C THR K 98 -16.08 -65.91 -30.76
N LYS K 99 -16.83 -65.31 -29.85
CA LYS K 99 -17.74 -64.22 -30.18
C LYS K 99 -17.23 -62.95 -29.52
N HIS K 100 -17.28 -61.85 -30.26
CA HIS K 100 -16.73 -60.59 -29.81
C HIS K 100 -17.83 -59.56 -29.64
N GLY K 101 -17.67 -58.72 -28.62
CA GLY K 101 -18.61 -57.64 -28.39
C GLY K 101 -17.86 -56.36 -28.08
N ARG K 102 -18.60 -55.25 -28.09
CA ARG K 102 -18.05 -53.98 -27.68
C ARG K 102 -18.60 -53.63 -26.30
N ARG K 103 -17.78 -52.99 -25.50
CA ARG K 103 -18.21 -52.49 -24.19
C ARG K 103 -17.92 -51.00 -24.21
N ILE K 104 -18.86 -50.22 -24.72
CA ILE K 104 -18.69 -48.79 -24.85
C ILE K 104 -18.88 -48.14 -23.49
N TYR K 105 -17.92 -47.33 -23.08
CA TYR K 105 -18.01 -46.64 -21.80
C TYR K 105 -18.08 -45.13 -21.92
N GLY K 106 -17.92 -44.57 -23.11
CA GLY K 106 -17.90 -43.13 -23.22
C GLY K 106 -18.29 -42.61 -24.59
N VAL K 107 -17.65 -41.52 -25.00
CA VAL K 107 -17.95 -40.92 -26.30
C VAL K 107 -17.39 -41.81 -27.39
N VAL K 108 -18.25 -42.18 -28.34
CA VAL K 108 -17.87 -43.20 -29.32
C VAL K 108 -16.90 -42.63 -30.35
N ALA K 109 -17.05 -41.37 -30.72
CA ALA K 109 -16.18 -40.77 -31.73
C ALA K 109 -14.77 -40.50 -31.23
N PHE K 110 -14.52 -40.61 -29.92
CA PHE K 110 -13.20 -40.38 -29.37
C PHE K 110 -12.43 -41.68 -29.16
N LYS K 111 -12.90 -42.78 -29.75
CA LYS K 111 -12.36 -44.13 -29.58
C LYS K 111 -12.26 -44.52 -28.10
N GLU K 112 -13.43 -44.58 -27.47
CA GLU K 112 -13.55 -44.93 -26.06
C GLU K 112 -14.34 -46.22 -25.90
N TRP K 113 -14.01 -47.20 -26.73
CA TRP K 113 -14.59 -48.52 -26.68
C TRP K 113 -13.48 -49.53 -26.84
N PHE K 114 -13.77 -50.78 -26.53
CA PHE K 114 -12.78 -51.83 -26.66
C PHE K 114 -13.49 -53.15 -26.93
N THR K 115 -12.95 -53.93 -27.84
CA THR K 115 -13.51 -55.24 -28.12
C THR K 115 -13.19 -56.19 -26.98
N TYR K 116 -14.11 -57.11 -26.71
CA TYR K 116 -13.84 -58.17 -25.76
C TYR K 116 -14.34 -59.48 -26.36
N PHE K 117 -13.49 -60.49 -26.28
CA PHE K 117 -13.76 -61.82 -26.84
C PHE K 117 -14.23 -62.76 -25.74
N TYR K 118 -15.04 -63.74 -26.13
CA TYR K 118 -15.41 -64.80 -25.21
C TYR K 118 -15.64 -66.09 -26.00
N MET K 119 -15.23 -67.21 -25.41
CA MET K 119 -15.29 -68.50 -26.08
C MET K 119 -16.64 -69.14 -25.81
N ASP K 120 -17.50 -69.18 -26.84
CA ASP K 120 -18.84 -69.72 -26.65
C ASP K 120 -18.85 -71.25 -26.55
N VAL K 121 -18.10 -71.93 -27.41
CA VAL K 121 -18.00 -73.38 -27.37
C VAL K 121 -16.54 -73.76 -27.17
N TRP K 122 -16.26 -75.04 -27.12
CA TRP K 122 -14.92 -75.52 -26.84
C TRP K 122 -14.67 -76.81 -27.59
N GLY K 123 -13.39 -77.08 -27.85
CA GLY K 123 -12.98 -78.37 -28.37
C GLY K 123 -12.99 -79.43 -27.28
N LYS K 124 -12.42 -80.58 -27.62
CA LYS K 124 -12.34 -81.68 -26.66
C LYS K 124 -10.95 -81.87 -26.09
N GLY K 125 -9.92 -81.29 -26.71
CA GLY K 125 -8.61 -81.22 -26.11
C GLY K 125 -7.74 -82.44 -26.30
N THR K 126 -6.49 -82.21 -26.68
CA THR K 126 -5.51 -83.30 -26.81
C THR K 126 -4.28 -82.94 -25.99
N SER K 127 -3.77 -83.92 -25.26
CA SER K 127 -2.56 -83.71 -24.47
C SER K 127 -1.35 -83.74 -25.38
N VAL K 128 -0.60 -82.64 -25.42
CA VAL K 128 0.66 -82.61 -26.15
C VAL K 128 1.77 -82.46 -25.11
N THR K 129 2.32 -83.58 -24.69
CA THR K 129 3.33 -83.60 -23.63
C THR K 129 4.71 -83.61 -24.26
N VAL K 130 5.57 -82.68 -23.81
CA VAL K 130 6.95 -82.67 -24.26
C VAL K 130 7.66 -83.89 -23.72
N SER K 131 8.50 -84.50 -24.56
CA SER K 131 9.14 -85.78 -24.23
C SER K 131 10.64 -85.64 -24.41
N SER K 132 11.37 -85.55 -23.30
CA SER K 132 12.82 -85.45 -23.35
C SER K 132 13.44 -86.82 -23.60
N ALA L 1 -3.09 -72.58 -3.40
CA ALA L 1 -3.48 -71.42 -4.19
C ALA L 1 -4.95 -71.41 -4.72
N PRO L 2 -5.53 -72.58 -5.17
CA PRO L 2 -6.99 -72.57 -5.37
C PRO L 2 -7.73 -72.59 -4.04
N THR L 3 -8.35 -71.46 -3.70
CA THR L 3 -9.03 -71.33 -2.43
C THR L 3 -10.30 -72.15 -2.40
N PHE L 4 -10.69 -72.66 -1.24
CA PHE L 4 -11.91 -73.45 -1.23
C PHE L 4 -13.04 -72.75 -0.50
N VAL L 5 -14.18 -72.66 -1.18
CA VAL L 5 -15.39 -72.19 -0.53
C VAL L 5 -16.38 -73.33 -0.44
N SER L 6 -16.85 -73.60 0.77
CA SER L 6 -17.80 -74.67 0.97
C SER L 6 -19.08 -74.16 1.64
N VAL L 7 -20.21 -74.54 1.07
CA VAL L 7 -21.51 -74.16 1.62
C VAL L 7 -22.43 -75.37 1.58
N ALA L 8 -23.57 -75.23 2.24
CA ALA L 8 -24.57 -76.27 2.23
C ALA L 8 -25.24 -76.33 0.85
N PRO L 9 -25.66 -77.53 0.41
CA PRO L 9 -26.40 -77.62 -0.86
C PRO L 9 -27.77 -76.95 -0.77
N GLY L 10 -27.94 -75.86 -1.52
CA GLY L 10 -29.12 -75.03 -1.45
C GLY L 10 -28.85 -73.61 -1.05
N GLN L 11 -27.69 -73.33 -0.45
CA GLN L 11 -27.32 -72.00 -0.01
C GLN L 11 -26.64 -71.25 -1.16
N THR L 12 -26.07 -70.09 -0.86
CA THR L 12 -25.38 -69.26 -1.84
C THR L 12 -23.87 -69.36 -1.64
N ALA L 13 -23.14 -69.37 -2.75
CA ALA L 13 -21.69 -69.46 -2.74
C ALA L 13 -21.10 -68.33 -3.57
N ARG L 14 -20.13 -67.61 -3.01
CA ARG L 14 -19.55 -66.45 -3.67
C ARG L 14 -18.09 -66.71 -4.01
N ILE L 15 -17.67 -66.23 -5.18
CA ILE L 15 -16.34 -66.48 -5.70
C ILE L 15 -15.73 -65.14 -6.08
N THR L 16 -14.54 -64.86 -5.56
CA THR L 16 -13.77 -63.69 -5.94
C THR L 16 -12.57 -64.12 -6.76
N CYS L 17 -12.23 -63.31 -7.75
CA CYS L 17 -11.16 -63.68 -8.67
C CYS L 17 -10.59 -62.44 -9.33
N GLY L 18 -9.28 -62.27 -9.25
CA GLY L 18 -8.58 -61.28 -10.04
C GLY L 18 -8.26 -60.01 -9.27
N GLU L 19 -7.54 -59.14 -9.98
CA GLU L 19 -7.09 -57.86 -9.45
C GLU L 19 -8.29 -56.95 -9.18
N GLU L 20 -8.13 -56.05 -8.20
CA GLU L 20 -9.15 -55.06 -7.89
C GLU L 20 -9.32 -54.11 -9.08
N SER L 21 -10.55 -53.61 -9.25
CA SER L 21 -10.90 -52.87 -10.45
C SER L 21 -10.27 -51.48 -10.47
N LEU L 22 -9.82 -51.06 -11.66
CA LEU L 22 -9.35 -49.70 -11.88
C LEU L 22 -10.23 -48.96 -12.87
N GLY L 23 -10.41 -49.50 -14.07
CA GLY L 23 -11.31 -48.92 -15.05
C GLY L 23 -12.64 -49.64 -15.11
N SER L 24 -13.38 -49.36 -16.18
CA SER L 24 -14.57 -50.14 -16.47
C SER L 24 -14.16 -51.53 -16.93
N ARG L 25 -14.84 -52.56 -16.44
CA ARG L 25 -14.42 -53.91 -16.75
C ARG L 25 -15.50 -54.67 -17.52
N SER L 26 -15.04 -55.71 -18.18
CA SER L 26 -15.90 -56.70 -18.84
C SER L 26 -15.37 -58.06 -18.37
N VAL L 27 -16.02 -58.65 -17.41
CA VAL L 27 -15.56 -59.92 -16.84
C VAL L 27 -16.24 -61.05 -17.60
N ILE L 28 -15.55 -62.18 -17.72
CA ILE L 28 -16.11 -63.38 -18.32
C ILE L 28 -15.82 -64.55 -17.40
N TRP L 29 -16.86 -65.29 -17.02
CA TRP L 29 -16.71 -66.44 -16.14
C TRP L 29 -16.82 -67.73 -16.94
N TYR L 30 -16.04 -68.72 -16.54
CA TYR L 30 -16.04 -70.03 -17.17
C TYR L 30 -16.50 -71.09 -16.17
N GLN L 31 -16.44 -72.35 -16.60
CA GLN L 31 -16.74 -73.49 -15.73
C GLN L 31 -15.98 -74.70 -16.25
N GLN L 32 -15.09 -75.22 -15.42
CA GLN L 32 -14.20 -76.32 -15.76
C GLN L 32 -14.63 -77.56 -15.00
N ARG L 33 -15.23 -78.50 -15.71
CA ARG L 33 -15.46 -79.83 -15.15
C ARG L 33 -14.15 -80.63 -15.19
N PRO L 34 -13.94 -81.51 -14.22
CA PRO L 34 -12.66 -82.23 -14.15
C PRO L 34 -12.49 -83.21 -15.30
N GLY L 35 -11.41 -83.05 -16.06
CA GLY L 35 -11.11 -83.89 -17.19
C GLY L 35 -11.69 -83.44 -18.50
N GLN L 36 -12.14 -82.19 -18.61
CA GLN L 36 -12.79 -81.69 -19.81
C GLN L 36 -12.20 -80.32 -20.18
N ALA L 37 -12.76 -79.74 -21.23
CA ALA L 37 -12.54 -78.35 -21.59
C ALA L 37 -13.39 -77.47 -20.68
N PRO L 38 -13.18 -76.13 -20.68
CA PRO L 38 -14.11 -75.26 -19.93
C PRO L 38 -15.49 -75.18 -20.54
N SER L 39 -16.34 -74.35 -19.93
CA SER L 39 -17.67 -74.09 -20.47
C SER L 39 -18.11 -72.73 -19.98
N LEU L 40 -18.45 -71.84 -20.90
CA LEU L 40 -18.78 -70.47 -20.54
C LEU L 40 -20.12 -70.43 -19.81
N ILE L 41 -20.21 -69.55 -18.81
CA ILE L 41 -21.43 -69.32 -18.08
C ILE L 41 -21.90 -67.87 -18.14
N ILE L 42 -20.98 -66.91 -18.01
CA ILE L 42 -21.31 -65.48 -18.06
C ILE L 42 -20.39 -64.83 -19.09
N TYR L 43 -20.98 -64.11 -20.05
CA TYR L 43 -20.19 -63.54 -21.14
C TYR L 43 -20.02 -62.03 -21.05
N ASN L 44 -21.02 -61.30 -20.59
CA ASN L 44 -20.83 -59.90 -20.20
C ASN L 44 -20.53 -59.90 -18.71
N ASN L 45 -20.64 -58.74 -18.05
CA ASN L 45 -20.48 -58.71 -16.60
C ASN L 45 -21.60 -59.46 -15.89
N ASN L 46 -22.81 -59.45 -16.45
CA ASN L 46 -23.92 -60.14 -15.84
C ASN L 46 -24.74 -60.96 -16.82
N ASP L 47 -24.61 -60.72 -18.12
CA ASP L 47 -25.42 -61.43 -19.10
C ASP L 47 -24.91 -62.85 -19.30
N ARG L 48 -25.83 -63.79 -19.46
CA ARG L 48 -25.51 -65.20 -19.63
C ARG L 48 -26.20 -65.75 -20.87
N PRO L 49 -25.57 -66.70 -21.58
CA PRO L 49 -26.15 -67.21 -22.82
C PRO L 49 -27.24 -68.23 -22.59
N SER L 50 -27.74 -68.81 -23.67
CA SER L 50 -28.83 -69.77 -23.59
C SER L 50 -28.35 -71.11 -23.04
N GLY L 51 -29.22 -71.77 -22.29
CA GLY L 51 -28.90 -73.06 -21.72
C GLY L 51 -28.25 -73.02 -20.35
N ILE L 52 -28.04 -71.84 -19.79
CA ILE L 52 -27.46 -71.67 -18.47
C ILE L 52 -28.45 -70.85 -17.65
N PRO L 53 -28.91 -71.35 -16.50
CA PRO L 53 -30.05 -70.73 -15.81
C PRO L 53 -29.67 -69.43 -15.13
N ASP L 54 -30.70 -68.74 -14.66
CA ASP L 54 -30.56 -67.44 -14.03
C ASP L 54 -30.38 -67.51 -12.51
N ARG L 55 -29.92 -68.65 -12.00
CA ARG L 55 -29.50 -68.70 -10.61
C ARG L 55 -28.05 -68.26 -10.45
N PHE L 56 -27.38 -67.90 -11.53
CA PHE L 56 -26.05 -67.31 -11.49
C PHE L 56 -26.15 -65.80 -11.53
N SER L 57 -25.14 -65.13 -10.99
CA SER L 57 -25.14 -63.68 -10.97
C SER L 57 -23.71 -63.18 -11.06
N GLY L 58 -23.51 -62.09 -11.80
CA GLY L 58 -22.21 -61.47 -11.86
C GLY L 58 -22.20 -60.12 -11.17
N SER L 59 -21.03 -59.67 -10.78
CA SER L 59 -20.96 -58.30 -10.28
C SER L 59 -21.02 -57.33 -11.46
N PRO L 60 -21.71 -56.21 -11.32
CA PRO L 60 -21.76 -55.23 -12.41
C PRO L 60 -20.42 -54.56 -12.61
N GLY L 61 -20.12 -54.26 -13.87
CA GLY L 61 -18.82 -53.73 -14.22
C GLY L 61 -18.77 -52.22 -14.33
N SER L 62 -19.54 -51.53 -13.51
CA SER L 62 -19.52 -50.07 -13.45
C SER L 62 -19.19 -49.59 -12.04
N THR L 63 -18.45 -50.40 -11.28
CA THR L 63 -18.07 -50.06 -9.93
C THR L 63 -16.56 -50.13 -9.84
N PHE L 64 -15.96 -49.11 -9.22
CA PHE L 64 -14.53 -48.90 -9.30
C PHE L 64 -13.91 -49.13 -7.93
N GLY L 65 -12.85 -49.92 -7.90
CA GLY L 65 -12.21 -50.26 -6.64
C GLY L 65 -12.82 -51.44 -5.94
N THR L 66 -13.46 -52.35 -6.67
CA THR L 66 -13.98 -53.58 -6.12
C THR L 66 -13.35 -54.77 -6.85
N THR L 67 -13.82 -55.97 -6.50
CA THR L 67 -13.30 -57.21 -7.05
C THR L 67 -14.43 -57.90 -7.80
N ALA L 68 -14.11 -58.47 -8.96
CA ALA L 68 -15.09 -59.19 -9.76
C ALA L 68 -15.54 -60.45 -9.02
N THR L 69 -16.83 -60.53 -8.72
CA THR L 69 -17.39 -61.64 -7.96
C THR L 69 -18.43 -62.37 -8.79
N LEU L 70 -18.48 -63.68 -8.62
CA LEU L 70 -19.52 -64.54 -9.16
C LEU L 70 -20.35 -65.07 -8.00
N THR L 71 -21.66 -64.90 -8.09
CA THR L 71 -22.57 -65.30 -7.02
C THR L 71 -23.43 -66.45 -7.52
N ILE L 72 -23.45 -67.54 -6.76
CA ILE L 72 -24.20 -68.73 -7.12
C ILE L 72 -25.30 -68.90 -6.09
N THR L 73 -26.55 -69.01 -6.56
CA THR L 73 -27.67 -69.33 -5.70
C THR L 73 -28.16 -70.74 -6.04
N SER L 74 -28.59 -71.47 -5.01
CA SER L 74 -29.13 -72.83 -5.10
C SER L 74 -28.12 -73.78 -5.75
N VAL L 75 -27.02 -73.99 -5.02
CA VAL L 75 -25.96 -74.89 -5.49
C VAL L 75 -26.45 -76.33 -5.51
N GLU L 76 -25.78 -77.15 -6.30
CA GLU L 76 -26.17 -78.55 -6.49
C GLU L 76 -24.91 -79.37 -6.74
N ALA L 77 -25.11 -80.63 -7.12
CA ALA L 77 -23.97 -81.53 -7.34
C ALA L 77 -23.32 -81.27 -8.69
N GLY L 78 -24.12 -80.96 -9.71
CA GLY L 78 -23.57 -80.68 -11.02
C GLY L 78 -22.84 -79.36 -11.11
N ASP L 79 -23.08 -78.45 -10.17
CA ASP L 79 -22.39 -77.18 -10.11
C ASP L 79 -21.12 -77.25 -9.27
N GLU L 80 -20.65 -78.45 -8.92
CA GLU L 80 -19.45 -78.62 -8.10
C GLU L 80 -18.29 -78.85 -9.04
N ALA L 81 -17.67 -77.76 -9.49
CA ALA L 81 -16.58 -77.82 -10.45
C ALA L 81 -15.73 -76.57 -10.27
N ASP L 82 -14.77 -76.36 -11.17
CA ASP L 82 -13.89 -75.20 -11.07
C ASP L 82 -14.49 -74.03 -11.84
N TYR L 83 -14.13 -72.83 -11.41
CA TYR L 83 -14.53 -71.60 -12.08
C TYR L 83 -13.30 -70.83 -12.52
N TYR L 84 -13.49 -69.90 -13.45
CA TYR L 84 -12.41 -69.06 -13.90
C TYR L 84 -12.95 -67.68 -14.24
N CYS L 85 -12.17 -66.65 -13.92
CA CYS L 85 -12.49 -65.29 -14.28
C CYS L 85 -11.56 -64.84 -15.41
N HIS L 86 -12.04 -63.91 -16.21
CA HIS L 86 -11.24 -63.33 -17.29
C HIS L 86 -11.68 -61.88 -17.41
N ILE L 87 -10.90 -60.96 -16.85
CA ILE L 87 -11.29 -59.57 -16.84
C ILE L 87 -10.67 -58.85 -18.04
N TRP L 88 -11.48 -58.07 -18.73
CA TRP L 88 -11.02 -57.10 -19.71
C TRP L 88 -11.18 -55.74 -19.06
N ASP L 89 -10.06 -55.14 -18.67
CA ASP L 89 -10.10 -53.85 -18.01
C ASP L 89 -9.90 -52.76 -19.06
N SER L 90 -10.71 -51.71 -18.99
CA SER L 90 -10.56 -50.60 -19.92
C SER L 90 -9.37 -49.73 -19.61
N ARG L 91 -8.74 -49.91 -18.44
CA ARG L 91 -7.53 -49.20 -18.10
C ARG L 91 -6.29 -50.08 -18.18
N ARG L 92 -6.31 -51.26 -17.57
CA ARG L 92 -5.16 -52.15 -17.63
C ARG L 92 -5.14 -52.89 -18.97
N PRO L 93 -3.93 -53.25 -19.47
CA PRO L 93 -3.86 -53.85 -20.82
C PRO L 93 -4.36 -55.28 -20.89
N THR L 94 -4.16 -55.91 -22.05
CA THR L 94 -4.85 -57.15 -22.40
C THR L 94 -4.39 -58.32 -21.53
N ASN L 95 -5.34 -58.99 -20.90
CA ASN L 95 -5.04 -60.16 -20.08
C ASN L 95 -5.01 -61.39 -20.97
N TRP L 96 -3.81 -61.92 -21.21
CA TRP L 96 -3.63 -63.11 -22.01
C TRP L 96 -3.60 -64.38 -21.19
N VAL L 97 -3.95 -64.30 -19.91
CA VAL L 97 -3.97 -65.46 -19.03
C VAL L 97 -5.08 -65.26 -18.01
N PHE L 98 -5.80 -66.33 -17.70
CA PHE L 98 -6.99 -66.23 -16.88
C PHE L 98 -6.62 -66.05 -15.42
N GLY L 99 -7.64 -65.80 -14.59
CA GLY L 99 -7.44 -65.67 -13.18
C GLY L 99 -7.21 -67.00 -12.50
N GLU L 100 -7.01 -66.95 -11.18
CA GLU L 100 -6.79 -68.16 -10.41
C GLU L 100 -8.11 -68.88 -10.18
N GLY L 101 -8.16 -70.14 -10.57
CA GLY L 101 -9.39 -70.90 -10.45
C GLY L 101 -9.70 -71.40 -9.06
N THR L 102 -10.72 -70.85 -8.43
CA THR L 102 -11.15 -71.32 -7.12
C THR L 102 -12.02 -72.55 -7.30
N THR L 103 -11.58 -73.66 -6.71
CA THR L 103 -12.34 -74.90 -6.81
C THR L 103 -13.55 -74.83 -5.90
N LEU L 104 -14.73 -75.08 -6.45
CA LEU L 104 -15.97 -75.04 -5.69
C LEU L 104 -16.34 -76.45 -5.25
N ILE L 105 -16.57 -76.61 -3.95
CA ILE L 105 -16.98 -77.89 -3.38
C ILE L 105 -18.18 -77.66 -2.47
N VAL L 106 -19.09 -78.62 -2.44
CA VAL L 106 -20.27 -78.56 -1.59
C VAL L 106 -20.12 -79.63 -0.52
N LEU L 107 -20.60 -79.33 0.69
CA LEU L 107 -20.52 -80.28 1.79
C LEU L 107 -21.60 -81.36 1.65
N SER L 108 -21.55 -82.34 2.55
CA SER L 108 -22.44 -83.50 2.60
C SER L 108 -22.42 -84.28 1.29
N GLN L 109 -21.24 -84.83 1.00
CA GLN L 109 -21.03 -85.61 -0.22
C GLN L 109 -21.70 -86.98 -0.10
N GLU M 1 -13.95 -7.03 -55.01
CA GLU M 1 -12.70 -6.40 -54.62
C GLU M 1 -12.69 -4.92 -54.98
N ILE M 2 -11.54 -4.28 -54.79
CA ILE M 2 -11.37 -2.86 -55.09
C ILE M 2 -10.27 -2.72 -56.12
N VAL M 3 -10.58 -2.07 -57.23
CA VAL M 3 -9.61 -1.80 -58.28
C VAL M 3 -9.25 -0.32 -58.24
N LEU M 4 -7.96 -0.02 -58.14
CA LEU M 4 -7.48 1.36 -58.12
C LEU M 4 -6.78 1.66 -59.43
N THR M 5 -7.38 2.53 -60.23
CA THR M 5 -6.72 3.05 -61.42
C THR M 5 -5.96 4.31 -61.05
N GLN M 6 -4.71 4.39 -61.48
CA GLN M 6 -3.85 5.50 -61.09
C GLN M 6 -3.35 6.18 -62.35
N SER M 7 -3.64 7.46 -62.51
CA SER M 7 -3.21 8.14 -63.71
C SER M 7 -2.83 9.58 -63.40
N PRO M 8 -1.88 10.18 -64.16
CA PRO M 8 -1.12 9.72 -65.33
C PRO M 8 -0.07 8.65 -65.04
N GLY M 9 0.19 7.79 -66.02
CA GLY M 9 1.19 6.75 -65.81
C GLY M 9 2.59 7.31 -65.76
N ILE M 10 2.95 8.15 -66.72
CA ILE M 10 4.25 8.82 -66.76
C ILE M 10 3.99 10.32 -66.83
N LEU M 11 4.54 11.05 -65.87
CA LEU M 11 4.41 12.51 -65.83
C LEU M 11 5.80 13.10 -65.93
N SER M 12 6.03 13.87 -67.00
CA SER M 12 7.33 14.48 -67.26
C SER M 12 7.24 15.98 -66.98
N LEU M 13 7.99 16.43 -65.98
CA LEU M 13 7.97 17.83 -65.59
C LEU M 13 9.41 18.32 -65.40
N SER M 14 9.51 19.59 -65.02
CA SER M 14 10.73 20.29 -64.66
C SER M 14 10.59 20.81 -63.25
N PRO M 15 11.68 21.01 -62.51
CA PRO M 15 11.58 21.46 -61.11
C PRO M 15 10.96 22.85 -61.00
N GLY M 16 10.27 23.06 -59.88
CA GLY M 16 9.54 24.28 -59.66
C GLY M 16 8.07 24.23 -60.01
N GLU M 17 7.66 23.27 -60.86
CA GLU M 17 6.28 23.21 -61.29
C GLU M 17 5.44 22.40 -60.30
N THR M 18 4.17 22.22 -60.63
CA THR M 18 3.20 21.52 -59.78
C THR M 18 2.79 20.23 -60.47
N ALA M 19 2.80 19.14 -59.72
CA ALA M 19 2.38 17.84 -60.21
C ALA M 19 1.01 17.50 -59.64
N THR M 20 0.18 16.84 -60.44
CA THR M 20 -1.13 16.38 -60.00
C THR M 20 -1.35 14.95 -60.45
N LEU M 21 -1.63 14.07 -59.49
CA LEU M 21 -1.81 12.64 -59.73
C LEU M 21 -3.15 12.22 -59.15
N PHE M 22 -4.00 11.56 -59.95
CA PHE M 22 -5.31 11.21 -59.44
C PHE M 22 -5.55 9.70 -59.51
N CYS M 23 -6.11 9.19 -58.42
CA CYS M 23 -6.42 7.79 -58.21
C CYS M 23 -7.92 7.64 -58.18
N LYS M 24 -8.44 6.76 -59.04
CA LYS M 24 -9.84 6.43 -59.15
C LYS M 24 -10.10 5.09 -58.49
N ALA M 25 -11.13 5.00 -57.68
CA ALA M 25 -11.49 3.78 -56.99
C ALA M 25 -12.70 3.14 -57.65
N SER M 26 -13.19 2.07 -57.06
CA SER M 26 -14.43 1.43 -57.49
C SER M 26 -15.55 1.67 -56.49
N GLN M 27 -15.30 1.42 -55.21
CA GLN M 27 -16.23 1.78 -54.16
C GLN M 27 -15.86 3.14 -53.60
N GLY M 28 -16.86 3.80 -52.99
CA GLY M 28 -16.68 5.11 -52.41
C GLY M 28 -16.94 5.09 -50.91
N GLY M 29 -16.55 6.18 -50.26
CA GLY M 29 -16.75 6.32 -48.84
C GLY M 29 -15.61 5.85 -47.97
N ASN M 30 -14.41 5.75 -48.51
CA ASN M 30 -13.27 5.30 -47.74
C ASN M 30 -12.14 6.31 -47.85
N ALA M 31 -11.04 6.03 -47.17
CA ALA M 31 -9.88 6.92 -47.19
C ALA M 31 -8.93 6.49 -48.30
N MET M 32 -7.83 7.22 -48.44
CA MET M 32 -6.83 6.91 -49.46
C MET M 32 -5.45 7.22 -48.90
N THR M 33 -4.49 6.36 -49.19
CA THR M 33 -3.15 6.47 -48.66
C THR M 33 -2.16 6.63 -49.81
N TRP M 34 -1.22 7.56 -49.67
CA TRP M 34 -0.29 7.90 -50.73
C TRP M 34 1.13 7.64 -50.27
N TYR M 35 1.85 6.82 -51.03
CA TYR M 35 3.23 6.46 -50.76
C TYR M 35 4.18 7.00 -51.82
N GLN M 36 5.37 7.38 -51.35
CA GLN M 36 6.50 7.75 -52.18
C GLN M 36 7.50 6.61 -52.18
N LYS M 37 8.03 6.29 -53.35
CA LYS M 37 9.09 5.29 -53.46
C LYS M 37 10.12 5.82 -54.44
N ARG M 38 11.30 6.15 -53.94
CA ARG M 38 12.39 6.49 -54.83
C ARG M 38 13.01 5.21 -55.40
N ARG M 39 13.86 5.39 -56.40
CA ARG M 39 14.49 4.24 -57.04
C ARG M 39 15.56 3.63 -56.14
N GLY M 40 15.44 2.33 -55.90
CA GLY M 40 16.45 1.61 -55.15
C GLY M 40 16.54 1.93 -53.67
N GLN M 41 15.43 2.33 -53.06
CA GLN M 41 15.41 2.62 -51.63
C GLN M 41 14.16 2.00 -51.02
N VAL M 42 13.89 2.38 -49.78
CA VAL M 42 12.75 1.91 -49.00
C VAL M 42 11.58 2.84 -49.31
N PRO M 43 10.35 2.34 -49.47
CA PRO M 43 9.20 3.22 -49.65
C PRO M 43 8.90 4.03 -48.40
N ARG M 44 8.04 5.02 -48.58
CA ARG M 44 7.83 6.05 -47.57
C ARG M 44 6.36 6.45 -47.58
N LEU M 45 5.82 6.67 -46.39
CA LEU M 45 4.47 7.19 -46.27
C LEU M 45 4.45 8.68 -46.50
N LEU M 46 3.51 9.15 -47.33
CA LEU M 46 3.27 10.57 -47.49
C LEU M 46 1.94 10.99 -46.88
N ILE M 47 0.84 10.38 -47.31
CA ILE M 47 -0.50 10.84 -46.95
C ILE M 47 -1.30 9.67 -46.40
N TYR M 48 -1.88 9.84 -45.22
CA TYR M 48 -2.86 8.90 -44.71
C TYR M 48 -4.14 9.63 -44.34
N ASP M 49 -5.26 8.93 -44.55
CA ASP M 49 -6.62 9.46 -44.41
C ASP M 49 -6.84 10.68 -45.30
N THR M 50 -6.25 10.62 -46.51
CA THR M 50 -6.59 11.37 -47.72
C THR M 50 -6.20 12.85 -47.65
N SER M 51 -5.89 13.38 -46.46
CA SER M 51 -5.49 14.77 -46.39
C SER M 51 -4.43 15.06 -45.33
N ARG M 52 -3.93 14.07 -44.61
CA ARG M 52 -3.03 14.30 -43.50
C ARG M 52 -1.63 13.84 -43.87
N ARG M 53 -0.64 14.68 -43.61
CA ARG M 53 0.72 14.35 -43.95
C ARG M 53 1.34 13.48 -42.87
N ALA M 54 2.32 12.68 -43.26
CA ALA M 54 3.05 11.85 -42.31
C ALA M 54 4.09 12.70 -41.58
N SER M 55 4.78 12.09 -40.63
CA SER M 55 5.83 12.79 -39.91
C SER M 55 7.06 12.93 -40.80
N GLY M 56 7.74 14.07 -40.68
CA GLY M 56 8.89 14.33 -41.52
C GLY M 56 8.55 14.59 -42.98
N VAL M 57 7.37 15.15 -43.24
CA VAL M 57 6.92 15.43 -44.60
C VAL M 57 6.69 16.93 -44.71
N PRO M 58 7.28 17.60 -45.70
CA PRO M 58 7.04 19.04 -45.86
C PRO M 58 5.62 19.30 -46.37
N ASP M 59 5.20 20.55 -46.23
CA ASP M 59 3.82 20.93 -46.52
C ASP M 59 3.51 21.02 -48.01
N ARG M 60 4.51 20.86 -48.88
CA ARG M 60 4.26 20.96 -50.31
C ARG M 60 3.57 19.72 -50.89
N PHE M 61 3.41 18.66 -50.11
CA PHE M 61 2.61 17.52 -50.50
C PHE M 61 1.20 17.71 -49.95
N VAL M 62 0.25 18.03 -50.81
CA VAL M 62 -1.12 18.25 -50.39
C VAL M 62 -1.98 17.19 -51.07
N GLY M 63 -2.90 16.61 -50.31
CA GLY M 63 -3.80 15.61 -50.87
C GLY M 63 -5.22 15.90 -50.45
N SER M 64 -6.14 15.61 -51.37
CA SER M 64 -7.55 15.83 -51.09
C SER M 64 -8.35 14.91 -52.00
N GLY M 65 -9.64 15.17 -52.10
CA GLY M 65 -10.50 14.34 -52.94
C GLY M 65 -11.52 13.62 -52.11
N SER M 66 -12.55 13.11 -52.77
CA SER M 66 -13.66 12.50 -52.02
C SER M 66 -14.45 11.59 -52.94
N GLY M 67 -14.97 10.52 -52.39
CA GLY M 67 -15.79 9.63 -53.17
C GLY M 67 -14.92 8.67 -53.97
N THR M 68 -14.77 8.95 -55.25
CA THR M 68 -13.90 8.17 -56.13
C THR M 68 -12.68 8.93 -56.58
N ASP M 69 -12.80 10.25 -56.81
CA ASP M 69 -11.68 11.04 -57.27
C ASP M 69 -10.77 11.40 -56.09
N PHE M 70 -9.52 10.96 -56.15
CA PHE M 70 -8.53 11.23 -55.10
C PHE M 70 -7.33 11.93 -55.71
N PHE M 71 -7.02 13.13 -55.23
CA PHE M 71 -6.02 13.99 -55.83
C PHE M 71 -4.80 14.12 -54.92
N LEU M 72 -3.61 14.05 -55.53
CA LEU M 72 -2.36 14.36 -54.85
C LEU M 72 -1.64 15.42 -55.65
N THR M 73 -1.43 16.59 -55.03
CA THR M 73 -0.78 17.72 -55.65
C THR M 73 0.57 17.96 -54.97
N ILE M 74 1.61 18.04 -55.78
CA ILE M 74 2.95 18.34 -55.30
C ILE M 74 3.35 19.65 -55.97
N ASN M 75 3.08 20.77 -55.31
CA ASN M 75 3.59 22.04 -55.81
C ASN M 75 5.04 22.21 -55.41
N LYS M 76 5.77 23.02 -56.20
CA LYS M 76 7.16 23.41 -55.94
C LYS M 76 8.07 22.18 -55.86
N LEU M 77 8.22 21.53 -57.02
CA LEU M 77 8.99 20.31 -57.11
C LEU M 77 10.46 20.52 -56.76
N ASP M 78 11.09 19.44 -56.31
CA ASP M 78 12.49 19.41 -55.94
C ASP M 78 13.21 18.45 -56.88
N ARG M 79 14.53 18.52 -56.90
CA ARG M 79 15.32 17.54 -57.64
C ARG M 79 15.20 16.17 -56.99
N GLU M 80 15.06 16.12 -55.67
CA GLU M 80 14.98 14.86 -54.95
C GLU M 80 13.61 14.20 -55.10
N ASP M 81 12.55 14.99 -55.27
CA ASP M 81 11.18 14.47 -55.21
C ASP M 81 10.76 13.66 -56.43
N PHE M 82 11.61 13.57 -57.45
CA PHE M 82 11.30 12.77 -58.63
C PHE M 82 11.36 11.29 -58.27
N ALA M 83 10.21 10.64 -58.21
CA ALA M 83 10.13 9.27 -57.73
C ALA M 83 8.87 8.63 -58.29
N VAL M 84 8.49 7.50 -57.72
CA VAL M 84 7.28 6.77 -58.10
C VAL M 84 6.28 6.93 -56.96
N TYR M 85 5.00 7.11 -57.30
CA TYR M 85 3.98 7.36 -56.29
C TYR M 85 2.87 6.33 -56.41
N TYR M 86 2.45 5.80 -55.26
CA TYR M 86 1.45 4.74 -55.19
C TYR M 86 0.26 5.17 -54.35
N CYS M 87 -0.94 4.71 -54.73
CA CYS M 87 -2.14 4.90 -53.93
C CYS M 87 -2.60 3.57 -53.38
N GLN M 88 -2.69 3.47 -52.06
CA GLN M 88 -3.12 2.25 -51.43
C GLN M 88 -4.34 2.47 -50.57
N GLN M 89 -5.39 1.73 -50.85
CA GLN M 89 -6.60 1.82 -50.05
C GLN M 89 -6.70 0.39 -49.55
N PHE M 90 -6.76 0.22 -48.23
CA PHE M 90 -6.82 -1.10 -47.62
C PHE M 90 -5.65 -1.93 -48.14
N GLU M 91 -5.92 -3.12 -48.63
CA GLU M 91 -4.85 -3.96 -49.18
C GLU M 91 -4.77 -3.93 -50.70
N PHE M 92 -5.57 -3.12 -51.37
CA PHE M 92 -5.53 -3.14 -52.82
C PHE M 92 -4.69 -1.97 -53.31
N PHE M 93 -3.54 -2.26 -53.89
CA PHE M 93 -2.63 -1.18 -54.23
C PHE M 93 -2.86 -0.67 -55.65
N GLY M 94 -2.30 0.49 -55.93
CA GLY M 94 -2.22 1.01 -57.27
C GLY M 94 -1.05 0.40 -58.01
N LEU M 95 -0.77 0.97 -59.18
CA LEU M 95 0.29 0.42 -60.03
C LEU M 95 1.51 1.30 -60.12
N GLY M 96 1.35 2.62 -60.07
CA GLY M 96 2.51 3.49 -60.01
C GLY M 96 2.48 4.63 -61.01
N SER M 97 2.75 5.84 -60.53
CA SER M 97 2.93 7.01 -61.38
C SER M 97 4.39 7.43 -61.31
N GLU M 98 5.07 7.38 -62.44
CA GLU M 98 6.49 7.73 -62.48
C GLU M 98 6.63 9.21 -62.81
N LEU M 99 7.48 9.89 -62.06
CA LEU M 99 7.69 11.33 -62.21
C LEU M 99 9.07 11.55 -62.83
N GLU M 100 9.10 12.09 -64.04
CA GLU M 100 10.28 12.09 -64.89
C GLU M 100 10.75 13.51 -65.17
N VAL M 101 12.06 13.67 -65.36
CA VAL M 101 12.62 14.95 -65.76
C VAL M 101 12.25 15.23 -67.20
N HIS M 102 11.87 16.48 -67.50
CA HIS M 102 11.57 16.91 -68.85
C HIS M 102 12.68 17.81 -69.36
N ARG M 103 13.10 17.60 -70.60
CA ARG M 103 14.13 18.44 -71.20
C ARG M 103 13.99 18.50 -72.73
N GLN N 1 13.11 5.63 -30.94
CA GLN N 1 12.64 5.47 -32.31
C GLN N 1 12.15 4.05 -32.54
N VAL N 2 11.73 3.75 -33.77
CA VAL N 2 11.20 2.45 -34.14
C VAL N 2 12.08 1.86 -35.23
N GLN N 3 12.59 0.66 -34.99
CA GLN N 3 13.48 0.01 -35.95
C GLN N 3 12.95 -1.37 -36.30
N LEU N 4 13.06 -1.70 -37.60
CA LEU N 4 12.59 -2.95 -38.17
C LEU N 4 13.74 -3.57 -38.96
N VAL N 5 14.55 -4.37 -38.30
CA VAL N 5 15.67 -5.04 -38.93
C VAL N 5 15.16 -6.33 -39.55
N GLN N 6 15.64 -6.67 -40.73
CA GLN N 6 15.31 -7.96 -41.31
C GLN N 6 16.56 -8.83 -41.40
N SER N 7 16.40 -9.99 -42.03
CA SER N 7 17.53 -10.83 -42.37
C SER N 7 18.01 -10.49 -43.78
N GLY N 8 19.18 -10.98 -44.13
CA GLY N 8 19.81 -10.63 -45.39
C GLY N 8 19.14 -11.29 -46.58
N ALA N 9 19.74 -11.07 -47.74
CA ALA N 9 19.24 -11.67 -48.97
C ALA N 9 19.46 -13.18 -48.96
N VAL N 10 18.69 -13.87 -49.79
CA VAL N 10 18.70 -15.32 -49.77
C VAL N 10 18.46 -15.82 -51.19
N ILE N 11 19.08 -16.96 -51.52
CA ILE N 11 18.89 -17.63 -52.80
C ILE N 11 18.31 -19.00 -52.50
N LYS N 12 17.16 -19.30 -53.09
CA LYS N 12 16.51 -20.58 -52.87
C LYS N 12 16.21 -21.26 -54.19
N THR N 13 15.91 -22.54 -54.11
CA THR N 13 15.58 -23.43 -55.21
C THR N 13 14.06 -23.55 -55.33
N PRO N 14 13.54 -23.87 -56.52
CA PRO N 14 12.10 -24.09 -56.64
C PRO N 14 11.65 -25.32 -55.86
N GLY N 15 10.56 -25.16 -55.11
CA GLY N 15 10.08 -26.19 -54.23
C GLY N 15 10.52 -26.05 -52.79
N SER N 16 11.45 -25.15 -52.50
CA SER N 16 11.98 -25.00 -51.14
C SER N 16 11.05 -24.11 -50.32
N SER N 17 11.52 -23.71 -49.13
CA SER N 17 10.78 -22.86 -48.23
C SER N 17 11.73 -21.87 -47.59
N VAL N 18 11.30 -20.62 -47.48
CA VAL N 18 12.14 -19.54 -46.98
C VAL N 18 11.59 -19.06 -45.64
N LYS N 19 12.49 -18.70 -44.73
CA LYS N 19 12.11 -18.12 -43.45
C LYS N 19 12.79 -16.77 -43.28
N ILE N 20 11.99 -15.74 -43.03
CA ILE N 20 12.45 -14.36 -42.93
C ILE N 20 12.09 -13.86 -41.54
N SER N 21 13.07 -13.27 -40.86
CA SER N 21 12.92 -12.83 -39.47
C SER N 21 12.91 -11.32 -39.42
N CYS N 22 11.75 -10.74 -39.16
CA CYS N 22 11.59 -9.31 -38.97
C CYS N 22 11.71 -9.01 -37.48
N ARG N 23 12.87 -8.50 -37.05
CA ARG N 23 13.04 -8.14 -35.66
C ARG N 23 12.62 -6.68 -35.47
N ALA N 24 11.79 -6.44 -34.47
CA ALA N 24 11.26 -5.12 -34.19
C ALA N 24 11.76 -4.65 -32.84
N SER N 25 12.17 -3.39 -32.76
CA SER N 25 12.70 -2.87 -31.52
C SER N 25 12.38 -1.38 -31.41
N GLY N 26 11.96 -0.96 -30.22
CA GLY N 26 11.76 0.44 -29.97
C GLY N 26 10.40 0.79 -29.42
N TYR N 27 9.49 -0.17 -29.41
CA TYR N 27 8.14 0.04 -28.90
C TYR N 27 7.70 -1.21 -28.19
N ASN N 28 6.49 -1.19 -27.64
CA ASN N 28 5.95 -2.36 -26.97
C ASN N 28 5.42 -3.31 -28.03
N PHE N 29 6.10 -4.44 -28.20
CA PHE N 29 5.80 -5.36 -29.29
C PHE N 29 4.49 -6.10 -29.09
N ARG N 30 4.00 -6.18 -27.86
CA ARG N 30 2.75 -6.86 -27.55
C ARG N 30 1.51 -6.03 -27.86
N ASP N 31 1.62 -4.96 -28.63
CA ASP N 31 0.46 -4.11 -28.87
C ASP N 31 0.10 -3.99 -30.34
N TYR N 32 1.05 -3.72 -31.21
CA TYR N 32 0.73 -3.25 -32.55
C TYR N 32 0.97 -4.35 -33.57
N SER N 33 0.10 -4.38 -34.58
CA SER N 33 0.11 -5.44 -35.57
C SER N 33 1.32 -5.32 -36.48
N ILE N 34 1.69 -6.45 -37.08
CA ILE N 34 2.74 -6.51 -38.09
C ILE N 34 2.10 -6.99 -39.38
N HIS N 35 2.43 -6.34 -40.49
CA HIS N 35 1.92 -6.76 -41.79
C HIS N 35 3.09 -7.17 -42.66
N TRP N 36 2.81 -7.99 -43.67
CA TRP N 36 3.84 -8.40 -44.60
C TRP N 36 3.39 -8.10 -46.02
N VAL N 37 4.30 -7.60 -46.84
CA VAL N 37 3.95 -7.14 -48.18
C VAL N 37 5.12 -7.47 -49.10
N ARG N 38 4.85 -7.61 -50.39
CA ARG N 38 5.90 -7.99 -51.32
C ARG N 38 5.83 -7.20 -52.61
N LEU N 39 6.98 -6.73 -53.06
CA LEU N 39 7.12 -6.04 -54.34
C LEU N 39 7.60 -7.03 -55.37
N ILE N 40 6.73 -7.35 -56.32
CA ILE N 40 7.09 -8.15 -57.49
C ILE N 40 7.55 -7.15 -58.55
N PRO N 41 8.68 -7.38 -59.21
CA PRO N 41 9.13 -6.41 -60.22
C PRO N 41 8.24 -6.43 -61.46
N ASP N 42 7.83 -5.23 -61.87
CA ASP N 42 6.94 -4.98 -63.00
C ASP N 42 5.58 -5.67 -62.85
N LYS N 43 5.14 -5.86 -61.60
CA LYS N 43 3.79 -6.35 -61.31
C LYS N 43 3.10 -5.59 -60.20
N GLY N 44 3.80 -4.79 -59.39
CA GLY N 44 3.19 -4.00 -58.36
C GLY N 44 3.38 -4.59 -56.98
N PHE N 45 2.64 -4.02 -56.03
CA PHE N 45 2.58 -4.52 -54.66
C PHE N 45 1.55 -5.62 -54.52
N GLU N 46 1.70 -6.43 -53.47
CA GLU N 46 0.72 -7.43 -53.11
C GLU N 46 0.80 -7.68 -51.61
N TRP N 47 -0.34 -7.63 -50.94
CA TRP N 47 -0.42 -7.90 -49.53
C TRP N 47 -0.30 -9.40 -49.26
N ILE N 48 0.22 -9.74 -48.08
CA ILE N 48 0.39 -11.15 -47.73
C ILE N 48 -0.45 -11.52 -46.52
N GLY N 49 -0.22 -10.87 -45.38
CA GLY N 49 -0.97 -11.21 -44.19
C GLY N 49 -0.56 -10.35 -43.01
N TRP N 50 -1.43 -10.36 -42.00
CA TRP N 50 -1.15 -9.65 -40.77
C TRP N 50 -1.08 -10.60 -39.59
N ILE N 51 -0.48 -10.11 -38.52
CA ILE N 51 -0.27 -10.86 -37.29
C ILE N 51 -0.35 -9.91 -36.11
N LYS N 52 -1.16 -10.28 -35.11
CA LYS N 52 -1.28 -9.51 -33.89
C LYS N 52 -0.48 -10.19 -32.79
N PRO N 53 0.67 -9.65 -32.38
CA PRO N 53 1.58 -10.39 -31.51
C PRO N 53 1.16 -10.50 -30.06
N LEU N 54 -0.03 -10.06 -29.67
CA LEU N 54 -0.47 -10.30 -28.30
C LEU N 54 -0.73 -11.78 -28.08
N TRP N 55 -1.39 -12.42 -29.01
CA TRP N 55 -1.44 -13.88 -29.00
C TRP N 55 -0.79 -14.49 -30.22
N GLY N 56 -0.98 -13.89 -31.39
CA GLY N 56 -0.45 -14.47 -32.59
C GLY N 56 -1.54 -14.82 -33.56
N ALA N 57 -2.68 -14.15 -33.42
CA ALA N 57 -3.75 -14.32 -34.39
C ALA N 57 -3.31 -13.74 -35.73
N VAL N 58 -3.41 -14.55 -36.77
CA VAL N 58 -2.90 -14.17 -38.08
C VAL N 58 -4.03 -14.24 -39.08
N SER N 59 -3.83 -13.56 -40.20
CA SER N 59 -4.68 -13.75 -41.37
C SER N 59 -3.82 -13.61 -42.62
N TYR N 60 -4.26 -14.26 -43.68
CA TYR N 60 -3.48 -14.34 -44.90
C TYR N 60 -4.37 -13.96 -46.08
N ALA N 61 -3.74 -13.71 -47.22
CA ALA N 61 -4.49 -13.47 -48.43
C ALA N 61 -5.16 -14.74 -48.91
N ARG N 62 -6.17 -14.59 -49.78
CA ARG N 62 -6.92 -15.75 -50.24
C ARG N 62 -6.10 -16.60 -51.20
N GLN N 63 -5.32 -15.97 -52.08
CA GLN N 63 -4.55 -16.71 -53.07
C GLN N 63 -3.20 -17.17 -52.53
N LEU N 64 -2.98 -17.09 -51.22
CA LEU N 64 -1.75 -17.58 -50.61
C LEU N 64 -1.98 -18.60 -49.51
N GLN N 65 -3.22 -19.03 -49.29
CA GLN N 65 -3.46 -20.00 -48.24
C GLN N 65 -2.98 -21.38 -48.63
N GLY N 66 -2.45 -22.11 -47.67
CA GLY N 66 -1.78 -23.35 -47.95
C GLY N 66 -0.32 -23.21 -48.35
N ARG N 67 0.21 -21.99 -48.34
CA ARG N 67 1.57 -21.73 -48.77
C ARG N 67 2.40 -20.94 -47.78
N VAL N 68 1.79 -20.15 -46.91
CA VAL N 68 2.51 -19.20 -46.07
C VAL N 68 2.12 -19.43 -44.61
N SER N 69 3.08 -19.33 -43.71
CA SER N 69 2.82 -19.44 -42.28
C SER N 69 3.59 -18.34 -41.57
N MET N 70 2.99 -17.77 -40.53
CA MET N 70 3.61 -16.67 -39.80
C MET N 70 3.53 -16.94 -38.31
N THR N 71 4.67 -16.83 -37.63
CA THR N 71 4.71 -16.98 -36.19
C THR N 71 5.41 -15.76 -35.59
N ARG N 72 5.53 -15.76 -34.27
CA ARG N 72 6.17 -14.64 -33.59
C ARG N 72 6.88 -15.16 -32.35
N GLN N 73 7.74 -14.31 -31.80
CA GLN N 73 8.44 -14.59 -30.55
C GLN N 73 8.46 -13.33 -29.72
N LEU N 74 7.78 -13.38 -28.58
CA LEU N 74 7.76 -12.30 -27.62
C LEU N 74 9.06 -12.29 -26.82
N SER N 75 9.22 -11.25 -26.01
CA SER N 75 10.35 -11.15 -25.10
C SER N 75 9.84 -11.36 -23.68
N GLN N 76 10.45 -12.30 -22.96
CA GLN N 76 9.95 -12.71 -21.66
C GLN N 76 10.72 -12.11 -20.49
N ASP N 77 11.86 -11.51 -20.72
CA ASP N 77 12.59 -10.91 -19.61
C ASP N 77 12.05 -9.53 -19.30
N PRO N 78 11.83 -9.19 -18.03
CA PRO N 78 11.30 -7.86 -17.70
C PRO N 78 12.31 -6.73 -17.82
N ASP N 79 13.57 -7.02 -18.09
CA ASP N 79 14.55 -5.96 -18.27
C ASP N 79 14.51 -5.37 -19.67
N ASP N 80 14.11 -6.16 -20.67
CA ASP N 80 13.89 -5.67 -22.04
C ASP N 80 12.52 -6.10 -22.52
N PRO N 81 11.45 -5.45 -22.04
CA PRO N 81 10.10 -5.87 -22.41
C PRO N 81 9.63 -5.37 -23.76
N ASP N 82 10.47 -4.69 -24.52
CA ASP N 82 10.02 -3.98 -25.71
C ASP N 82 10.23 -4.76 -27.01
N TRP N 83 11.42 -5.31 -27.23
CA TRP N 83 11.76 -5.89 -28.53
C TRP N 83 10.95 -7.16 -28.79
N GLY N 84 10.91 -7.57 -30.05
CA GLY N 84 10.17 -8.77 -30.42
C GLY N 84 10.58 -9.22 -31.81
N VAL N 85 10.17 -10.43 -32.17
CA VAL N 85 10.55 -11.00 -33.46
C VAL N 85 9.31 -11.51 -34.17
N ALA N 86 9.21 -11.26 -35.47
CA ALA N 86 8.21 -11.86 -36.33
C ALA N 86 8.89 -12.81 -37.31
N TYR N 87 8.24 -13.92 -37.64
CA TYR N 87 8.77 -14.92 -38.55
C TYR N 87 7.76 -15.17 -39.65
N MET N 88 8.22 -15.13 -40.90
CA MET N 88 7.40 -15.55 -42.02
C MET N 88 8.09 -16.69 -42.75
N GLU N 89 7.40 -17.82 -42.88
CA GLU N 89 7.90 -18.96 -43.63
C GLU N 89 7.01 -19.14 -44.85
N PHE N 90 7.58 -18.87 -46.01
CA PHE N 90 6.86 -18.89 -47.28
C PHE N 90 7.29 -20.15 -48.02
N SER N 91 6.34 -21.03 -48.29
CA SER N 91 6.61 -22.32 -48.89
C SER N 91 6.00 -22.41 -50.28
N GLY N 92 6.36 -23.46 -50.99
CA GLY N 92 5.86 -23.67 -52.35
C GLY N 92 6.41 -22.66 -53.33
N LEU N 93 7.72 -22.43 -53.29
CA LEU N 93 8.34 -21.39 -54.11
C LEU N 93 8.36 -21.78 -55.58
N THR N 94 8.04 -20.81 -56.42
CA THR N 94 8.08 -20.91 -57.87
C THR N 94 9.03 -19.82 -58.36
N PRO N 95 9.47 -19.83 -59.62
CA PRO N 95 10.21 -18.67 -60.13
C PRO N 95 9.38 -17.39 -60.26
N ALA N 96 8.06 -17.47 -60.12
CA ALA N 96 7.25 -16.26 -60.09
C ALA N 96 7.39 -15.48 -58.78
N ASP N 97 7.94 -16.10 -57.74
CA ASP N 97 8.06 -15.45 -56.44
C ASP N 97 9.40 -14.75 -56.24
N THR N 98 10.17 -14.56 -57.31
CA THR N 98 11.37 -13.71 -57.24
C THR N 98 10.94 -12.28 -56.99
N ALA N 99 11.18 -11.78 -55.78
CA ALA N 99 10.55 -10.53 -55.38
C ALA N 99 11.36 -9.91 -54.25
N GLU N 100 10.79 -8.87 -53.64
CA GLU N 100 11.40 -8.21 -52.49
C GLU N 100 10.36 -8.11 -51.39
N TYR N 101 10.66 -8.70 -50.24
CA TYR N 101 9.68 -8.88 -49.18
C TYR N 101 9.94 -7.89 -48.06
N PHE N 102 8.88 -7.26 -47.58
CA PHE N 102 8.92 -6.24 -46.53
C PHE N 102 8.00 -6.66 -45.39
N CYS N 103 8.42 -6.30 -44.18
CA CYS N 103 7.56 -6.29 -43.00
C CYS N 103 7.32 -4.85 -42.59
N VAL N 104 6.07 -4.54 -42.20
CA VAL N 104 5.74 -3.17 -41.81
C VAL N 104 4.97 -3.18 -40.50
N ARG N 105 4.86 -1.99 -39.93
CA ARG N 105 4.16 -1.73 -38.68
C ARG N 105 3.16 -0.62 -38.96
N ARG N 106 2.16 -0.50 -38.09
CA ARG N 106 1.07 0.44 -38.24
C ARG N 106 1.58 1.87 -38.06
N GLY N 107 0.78 2.86 -38.43
CA GLY N 107 1.02 4.20 -37.97
C GLY N 107 0.86 4.31 -36.46
N SER N 108 1.65 5.18 -35.85
CA SER N 108 1.65 5.28 -34.40
C SER N 108 0.57 6.20 -33.86
N CYS N 109 -0.10 6.93 -34.74
CA CYS N 109 -1.15 7.88 -34.35
C CYS N 109 -2.49 7.26 -33.91
N ASP N 110 -3.21 7.97 -33.05
CA ASP N 110 -4.52 7.52 -32.58
C ASP N 110 -5.63 7.84 -33.57
N TYR N 111 -5.29 8.55 -34.64
CA TYR N 111 -6.25 8.91 -35.66
C TYR N 111 -6.08 8.03 -36.90
N CYS N 112 -4.85 7.59 -37.17
CA CYS N 112 -4.60 6.75 -38.31
C CYS N 112 -5.22 5.38 -38.12
N GLY N 113 -5.47 4.70 -39.24
CA GLY N 113 -6.10 3.40 -39.19
C GLY N 113 -5.14 2.28 -38.92
N ASP N 114 -5.33 1.15 -39.60
CA ASP N 114 -4.44 0.01 -39.45
C ASP N 114 -3.48 -0.14 -40.63
N PHE N 115 -3.99 -0.11 -41.84
CA PHE N 115 -3.19 -0.18 -43.06
C PHE N 115 -2.28 1.00 -43.45
N PRO N 116 -2.47 2.28 -43.00
CA PRO N 116 -1.38 3.24 -43.21
C PRO N 116 -0.09 2.84 -42.51
N TRP N 117 0.94 2.57 -43.30
CA TRP N 117 2.16 1.92 -42.84
C TRP N 117 3.26 2.96 -42.66
N GLN N 118 3.55 3.29 -41.41
CA GLN N 118 4.59 4.28 -41.15
C GLN N 118 5.98 3.66 -41.29
N TYR N 119 6.29 2.67 -40.46
CA TYR N 119 7.63 2.13 -40.36
C TYR N 119 7.76 0.88 -41.22
N TRP N 120 8.94 0.73 -41.83
CA TRP N 120 9.17 -0.27 -42.86
C TRP N 120 10.41 -1.07 -42.53
N GLY N 121 10.53 -2.22 -43.16
CA GLY N 121 11.74 -3.01 -43.04
C GLY N 121 12.76 -2.63 -44.09
N GLN N 122 13.96 -3.17 -43.94
CA GLN N 122 15.02 -2.79 -44.86
C GLN N 122 14.91 -3.47 -46.22
N GLY N 123 14.26 -4.62 -46.30
CA GLY N 123 14.07 -5.26 -47.58
C GLY N 123 14.80 -6.56 -47.79
N THR N 124 14.06 -7.66 -47.84
CA THR N 124 14.67 -8.96 -48.10
C THR N 124 14.49 -9.32 -49.56
N VAL N 125 15.59 -9.52 -50.27
CA VAL N 125 15.53 -9.86 -51.69
C VAL N 125 15.51 -11.38 -51.81
N VAL N 126 14.47 -11.92 -52.44
CA VAL N 126 14.32 -13.37 -52.57
C VAL N 126 14.37 -13.72 -54.04
N VAL N 127 15.33 -14.56 -54.42
CA VAL N 127 15.51 -15.01 -55.79
C VAL N 127 15.35 -16.52 -55.82
N VAL N 128 14.40 -17.00 -56.61
CA VAL N 128 14.19 -18.43 -56.75
C VAL N 128 14.91 -18.95 -57.99
N ALA O 1 -49.43 2.72 -12.90
CA ALA O 1 -48.70 3.65 -13.77
C ALA O 1 -48.03 4.74 -12.95
N VAL O 2 -46.88 5.20 -13.42
CA VAL O 2 -46.17 6.29 -12.76
C VAL O 2 -46.66 7.64 -13.26
N GLY O 3 -46.69 7.84 -14.56
CA GLY O 3 -47.14 9.09 -15.13
C GLY O 3 -46.01 9.79 -15.86
N ILE O 4 -46.36 10.48 -16.95
CA ILE O 4 -45.34 11.10 -17.77
C ILE O 4 -44.81 12.39 -17.16
N GLY O 5 -45.58 13.02 -16.26
CA GLY O 5 -45.10 14.22 -15.58
C GLY O 5 -43.93 13.94 -14.66
N ALA O 6 -43.83 12.71 -14.15
CA ALA O 6 -42.67 12.31 -13.37
C ALA O 6 -41.40 12.25 -14.21
N VAL O 7 -41.53 12.20 -15.54
CA VAL O 7 -40.37 12.40 -16.40
C VAL O 7 -39.83 13.82 -16.24
N PHE O 8 -40.72 14.82 -16.20
CA PHE O 8 -40.24 16.20 -16.22
C PHE O 8 -39.68 16.62 -14.87
N LEU O 9 -40.22 16.14 -13.78
CA LEU O 9 -39.60 16.38 -12.48
C LEU O 9 -38.42 15.45 -12.23
N GLY O 10 -38.21 14.45 -13.08
CA GLY O 10 -37.03 13.62 -12.98
C GLY O 10 -35.78 14.36 -13.43
N PHE O 11 -34.63 13.72 -13.18
CA PHE O 11 -33.34 14.27 -13.57
C PHE O 11 -33.24 14.34 -15.08
N LEU O 12 -32.93 15.55 -15.57
CA LEU O 12 -32.57 15.82 -16.97
C LEU O 12 -33.71 15.50 -17.95
N GLY O 13 -34.94 15.44 -17.45
CA GLY O 13 -36.06 15.09 -18.31
C GLY O 13 -36.43 16.16 -19.30
N ALA O 14 -36.19 17.42 -18.97
CA ALA O 14 -36.52 18.53 -19.85
C ALA O 14 -35.47 18.77 -20.92
N ALA O 15 -34.51 17.86 -21.09
CA ALA O 15 -33.42 18.06 -22.03
C ALA O 15 -33.89 18.14 -23.48
N GLY O 16 -35.04 17.54 -23.79
CA GLY O 16 -35.56 17.64 -25.12
C GLY O 16 -36.68 18.63 -25.25
N SER O 17 -37.28 19.02 -24.12
CA SER O 17 -38.36 19.98 -24.15
C SER O 17 -37.80 21.39 -24.42
N THR O 18 -38.71 22.33 -24.62
CA THR O 18 -38.31 23.66 -25.06
C THR O 18 -37.70 24.46 -23.92
N MET O 19 -37.12 25.61 -24.28
CA MET O 19 -36.43 26.44 -23.30
C MET O 19 -37.41 27.12 -22.36
N GLY O 20 -38.64 27.34 -22.81
CA GLY O 20 -39.63 27.94 -21.93
C GLY O 20 -40.25 26.98 -20.94
N ALA O 21 -39.96 25.70 -21.05
CA ALA O 21 -40.51 24.71 -20.13
C ALA O 21 -39.46 24.02 -19.27
N ALA O 22 -38.17 24.26 -19.51
CA ALA O 22 -37.14 23.68 -18.68
C ALA O 22 -36.85 24.53 -17.45
N SER O 23 -37.28 25.80 -17.46
CA SER O 23 -37.00 26.68 -16.34
C SER O 23 -37.82 26.34 -15.10
N MET O 24 -38.97 25.68 -15.27
CA MET O 24 -39.75 25.28 -14.10
C MET O 24 -39.08 24.13 -13.37
N THR O 25 -38.57 23.14 -14.10
CA THR O 25 -37.89 21.98 -13.53
C THR O 25 -36.38 22.12 -13.56
N LEU O 26 -35.89 23.35 -13.45
CA LEU O 26 -34.47 23.64 -13.55
C LEU O 26 -33.70 23.34 -12.27
N THR O 27 -34.38 23.11 -11.16
CA THR O 27 -33.67 22.92 -9.91
C THR O 27 -33.21 21.48 -9.69
N VAL O 28 -33.69 20.52 -10.48
CA VAL O 28 -33.31 19.12 -10.27
C VAL O 28 -31.89 18.88 -10.75
N GLN O 29 -31.51 19.51 -11.86
CA GLN O 29 -30.12 19.46 -12.30
C GLN O 29 -29.20 20.18 -11.34
N ALA O 30 -29.70 21.18 -10.62
CA ALA O 30 -28.89 21.84 -9.62
C ALA O 30 -28.72 20.95 -8.39
N ARG O 31 -29.77 20.24 -8.01
CA ARG O 31 -29.70 19.46 -6.78
C ARG O 31 -28.90 18.17 -6.96
N ASN O 32 -29.10 17.47 -8.08
CA ASN O 32 -28.38 16.21 -8.29
C ASN O 32 -26.98 16.41 -8.86
N LEU O 33 -26.46 17.63 -8.84
CA LEU O 33 -25.10 17.89 -9.27
C LEU O 33 -24.09 17.61 -8.16
N LEU O 34 -24.50 17.76 -6.90
CA LEU O 34 -23.58 17.72 -5.77
C LEU O 34 -23.57 16.40 -5.03
N SER O 35 -24.74 15.93 -4.57
CA SER O 35 -24.78 14.82 -3.65
C SER O 35 -24.52 13.49 -4.34
N GLY O 36 -25.38 13.12 -5.29
CA GLY O 36 -25.27 11.86 -5.97
C GLY O 36 -25.73 10.69 -5.11
N THR O 58 -7.39 -0.61 -1.25
CA THR O 58 -7.33 0.78 -0.79
C THR O 58 -7.11 1.74 -1.95
N VAL O 59 -6.90 1.19 -3.15
CA VAL O 59 -6.75 2.03 -4.32
C VAL O 59 -8.12 2.50 -4.81
N TRP O 60 -9.14 1.67 -4.65
CA TRP O 60 -10.50 2.04 -5.03
C TRP O 60 -11.04 3.14 -4.16
N GLY O 61 -10.66 3.15 -2.87
CA GLY O 61 -11.01 4.26 -2.01
C GLY O 61 -10.39 5.57 -2.48
N ILE O 62 -9.15 5.51 -2.97
CA ILE O 62 -8.48 6.72 -3.47
C ILE O 62 -9.13 7.20 -4.76
N LYS O 63 -9.52 6.28 -5.65
CA LYS O 63 -10.19 6.67 -6.88
C LYS O 63 -11.54 7.32 -6.60
N GLN O 64 -12.34 6.69 -5.74
CA GLN O 64 -13.67 7.22 -5.44
C GLN O 64 -13.58 8.53 -4.66
N LEU O 65 -12.60 8.65 -3.76
CA LEU O 65 -12.38 9.89 -3.02
C LEU O 65 -11.95 11.01 -3.95
N GLN O 66 -11.07 10.71 -4.91
CA GLN O 66 -10.60 11.72 -5.83
C GLN O 66 -11.71 12.19 -6.77
N ALA O 67 -12.57 11.26 -7.20
CA ALA O 67 -13.69 11.65 -8.04
C ALA O 67 -14.69 12.51 -7.27
N ARG O 68 -14.90 12.20 -6.00
CA ARG O 68 -15.87 12.97 -5.22
C ARG O 68 -15.36 14.37 -4.91
N VAL O 69 -14.06 14.50 -4.60
CA VAL O 69 -13.55 15.85 -4.36
C VAL O 69 -13.42 16.62 -5.68
N LEU O 70 -13.26 15.94 -6.82
CA LEU O 70 -13.31 16.66 -8.09
C LEU O 70 -14.70 17.22 -8.36
N ALA O 71 -15.73 16.44 -8.04
CA ALA O 71 -17.10 16.91 -8.22
C ALA O 71 -17.40 18.11 -7.32
N VAL O 72 -16.95 18.09 -6.07
CA VAL O 72 -17.25 19.23 -5.22
C VAL O 72 -16.38 20.44 -5.56
N GLU O 73 -15.18 20.24 -6.11
CA GLU O 73 -14.40 21.38 -6.59
C GLU O 73 -15.06 22.01 -7.81
N ARG O 74 -15.64 21.20 -8.70
CA ARG O 74 -16.33 21.74 -9.85
C ARG O 74 -17.56 22.53 -9.44
N TYR O 75 -18.33 22.01 -8.49
CA TYR O 75 -19.49 22.74 -7.97
C TYR O 75 -19.09 24.03 -7.28
N LEU O 76 -17.97 24.02 -6.54
CA LEU O 76 -17.58 25.23 -5.85
C LEU O 76 -17.00 26.27 -6.81
N ARG O 77 -16.32 25.82 -7.87
CA ARG O 77 -15.89 26.75 -8.92
C ARG O 77 -17.07 27.41 -9.59
N ASP O 78 -18.12 26.64 -9.88
CA ASP O 78 -19.29 27.25 -10.52
C ASP O 78 -20.03 28.19 -9.58
N GLN O 79 -20.08 27.87 -8.28
CA GLN O 79 -20.72 28.79 -7.34
C GLN O 79 -19.91 30.07 -7.14
N GLN O 80 -18.58 29.98 -7.19
CA GLN O 80 -17.78 31.19 -7.09
C GLN O 80 -17.90 32.04 -8.35
N LEU O 81 -17.93 31.39 -9.52
CA LEU O 81 -18.12 32.14 -10.75
C LEU O 81 -19.52 32.72 -10.87
N LEU O 82 -20.49 32.15 -10.17
CA LEU O 82 -21.82 32.75 -10.15
C LEU O 82 -21.94 33.82 -9.09
N GLY O 83 -21.14 33.75 -8.02
CA GLY O 83 -21.24 34.73 -6.96
C GLY O 83 -20.57 36.04 -7.24
N ILE O 84 -19.56 36.06 -8.12
CA ILE O 84 -18.92 37.33 -8.47
C ILE O 84 -19.73 38.10 -9.50
N TRP O 85 -20.82 37.55 -9.97
CA TRP O 85 -21.84 38.29 -10.70
C TRP O 85 -22.86 38.78 -9.69
N GLY O 86 -24.02 39.23 -10.16
CA GLY O 86 -25.00 39.76 -9.25
C GLY O 86 -25.89 38.76 -8.55
N CYS O 87 -25.68 37.46 -8.77
CA CYS O 87 -26.59 36.45 -8.22
C CYS O 87 -25.79 35.34 -7.53
N SER O 88 -25.58 35.51 -6.23
CA SER O 88 -24.81 34.54 -5.46
C SER O 88 -25.62 33.29 -5.14
N GLY O 89 -26.91 33.43 -4.87
CA GLY O 89 -27.72 32.29 -4.50
C GLY O 89 -29.03 32.20 -5.25
N LYS O 90 -29.02 32.59 -6.52
CA LYS O 90 -30.23 32.65 -7.31
C LYS O 90 -30.09 31.77 -8.54
N LEU O 91 -31.11 30.96 -8.80
CA LEU O 91 -31.10 30.10 -9.98
C LEU O 91 -31.38 30.92 -11.24
N ILE O 92 -32.32 31.85 -11.15
CA ILE O 92 -32.64 32.76 -12.24
C ILE O 92 -32.06 34.11 -11.84
N CYS O 93 -31.63 34.89 -12.81
CA CYS O 93 -30.95 36.14 -12.48
C CYS O 93 -31.26 37.18 -13.55
N CYS O 94 -30.90 38.41 -13.26
CA CYS O 94 -30.99 39.49 -14.23
C CYS O 94 -29.75 40.37 -14.09
N THR O 95 -29.31 40.90 -15.22
CA THR O 95 -28.05 41.65 -15.28
C THR O 95 -28.25 43.03 -15.87
N ASN O 96 -27.15 43.71 -16.19
CA ASN O 96 -27.20 45.06 -16.76
C ASN O 96 -26.27 45.21 -17.95
N VAL O 97 -26.14 44.18 -18.78
CA VAL O 97 -25.40 44.37 -20.03
C VAL O 97 -26.24 43.96 -21.23
N PRO O 98 -26.23 44.74 -22.31
CA PRO O 98 -27.09 44.46 -23.46
C PRO O 98 -26.47 43.51 -24.47
N TRP O 99 -27.35 42.84 -25.18
CA TRP O 99 -26.98 41.83 -26.17
C TRP O 99 -26.50 42.50 -27.45
N ASN O 100 -25.24 42.26 -27.86
CA ASN O 100 -24.83 42.65 -29.21
C ASN O 100 -25.61 41.80 -30.21
N SER O 101 -26.11 42.43 -31.26
CA SER O 101 -27.04 41.75 -32.15
C SER O 101 -26.35 40.70 -33.00
N SER O 102 -25.04 40.82 -33.18
CA SER O 102 -24.28 39.82 -33.92
C SER O 102 -24.10 38.52 -33.15
N TRP O 103 -24.53 38.44 -31.90
CA TRP O 103 -24.36 37.22 -31.12
C TRP O 103 -25.30 36.12 -31.60
N SER O 104 -26.60 36.41 -31.66
CA SER O 104 -27.52 35.35 -32.08
C SER O 104 -28.63 35.79 -33.04
N ASN O 105 -28.89 37.09 -33.17
CA ASN O 105 -29.86 37.76 -34.10
C ASN O 105 -31.15 36.98 -34.37
N ARG O 106 -31.76 36.49 -33.29
CA ARG O 106 -33.03 35.77 -33.34
C ARG O 106 -33.95 36.35 -32.29
N ASN O 107 -35.23 36.47 -32.62
CA ASN O 107 -36.15 37.15 -31.73
C ASN O 107 -36.59 36.25 -30.57
N LEU O 108 -37.46 36.80 -29.73
CA LEU O 108 -37.72 36.21 -28.42
C LEU O 108 -38.56 34.95 -28.50
N SER O 109 -39.55 34.93 -29.41
CA SER O 109 -40.52 33.85 -29.41
C SER O 109 -39.93 32.53 -29.89
N GLU O 110 -38.95 32.58 -30.79
CA GLU O 110 -38.40 31.33 -31.29
C GLU O 110 -37.31 30.76 -30.40
N ILE O 111 -36.68 31.58 -29.56
CA ILE O 111 -35.67 31.07 -28.63
C ILE O 111 -36.25 30.82 -27.25
N TRP O 112 -37.57 30.84 -27.12
CA TRP O 112 -38.19 30.42 -25.87
C TRP O 112 -39.40 29.53 -26.08
N ASP O 113 -39.78 29.24 -27.32
CA ASP O 113 -40.83 28.27 -27.60
C ASP O 113 -40.43 27.20 -28.59
N ASN O 114 -39.41 27.41 -29.42
CA ASN O 114 -38.99 26.42 -30.40
C ASN O 114 -37.75 25.65 -29.96
N MET O 115 -36.66 26.37 -29.70
CA MET O 115 -35.35 25.74 -29.60
C MET O 115 -35.17 25.01 -28.26
N THR O 116 -34.26 24.05 -28.28
CA THR O 116 -33.81 23.35 -27.09
C THR O 116 -32.47 23.91 -26.65
N TRP O 117 -32.08 23.58 -25.42
CA TRP O 117 -30.87 24.17 -24.84
C TRP O 117 -29.61 23.61 -25.48
N LEU O 118 -29.64 22.37 -25.93
CA LEU O 118 -28.51 21.79 -26.63
C LEU O 118 -28.22 22.53 -27.93
N GLN O 119 -29.27 22.91 -28.65
CA GLN O 119 -29.09 23.67 -29.87
C GLN O 119 -28.66 25.09 -29.56
N TRP O 120 -29.13 25.65 -28.45
CA TRP O 120 -28.75 27.01 -28.09
C TRP O 120 -27.29 27.09 -27.66
N ASP O 121 -26.79 26.03 -27.02
CA ASP O 121 -25.41 26.06 -26.54
C ASP O 121 -24.42 26.02 -27.68
N LYS O 122 -24.77 25.34 -28.76
CA LYS O 122 -23.88 25.25 -29.91
C LYS O 122 -24.14 26.35 -30.93
N GLU O 123 -24.94 27.36 -30.58
CA GLU O 123 -25.05 28.55 -31.43
C GLU O 123 -24.34 29.78 -30.85
N ILE O 124 -24.01 29.78 -29.57
CA ILE O 124 -23.29 30.89 -28.97
C ILE O 124 -21.98 30.42 -28.33
N SER O 125 -21.45 29.30 -28.79
CA SER O 125 -20.29 28.68 -28.15
C SER O 125 -19.01 29.48 -28.35
N ASN O 126 -18.95 30.38 -29.34
CA ASN O 126 -17.76 31.18 -29.54
C ASN O 126 -17.74 32.41 -28.64
N TYR O 127 -18.91 32.90 -28.24
CA TYR O 127 -19.05 34.23 -27.67
C TYR O 127 -19.15 34.24 -26.15
N THR O 128 -18.84 33.11 -25.51
CA THR O 128 -19.19 32.94 -24.10
C THR O 128 -18.22 33.69 -23.17
N GLN O 129 -16.93 33.65 -23.49
CA GLN O 129 -15.94 34.35 -22.67
C GLN O 129 -16.13 35.87 -22.73
N ILE O 130 -16.58 36.37 -23.88
CA ILE O 130 -16.94 37.79 -24.01
C ILE O 130 -18.06 38.15 -23.05
N ILE O 131 -19.07 37.27 -22.98
CA ILE O 131 -20.21 37.49 -22.08
C ILE O 131 -19.76 37.48 -20.63
N TYR O 132 -18.87 36.56 -20.28
CA TYR O 132 -18.43 36.47 -18.89
C TYR O 132 -17.59 37.68 -18.50
N GLY O 133 -16.76 38.18 -19.42
CA GLY O 133 -16.02 39.40 -19.15
C GLY O 133 -16.91 40.61 -19.01
N LEU O 134 -17.97 40.70 -19.83
CA LEU O 134 -18.92 41.79 -19.70
C LEU O 134 -19.67 41.74 -18.38
N LEU O 135 -20.01 40.53 -17.91
CA LEU O 135 -20.69 40.41 -16.63
C LEU O 135 -19.77 40.82 -15.48
N GLU O 136 -18.48 40.46 -15.57
CA GLU O 136 -17.53 40.85 -14.53
C GLU O 136 -17.36 42.36 -14.49
N GLU O 137 -17.27 43.01 -15.65
CA GLU O 137 -17.19 44.46 -15.71
C GLU O 137 -18.44 45.12 -15.15
N SER O 138 -19.62 44.53 -15.44
CA SER O 138 -20.88 45.09 -14.97
C SER O 138 -20.99 45.02 -13.45
N GLN O 139 -20.60 43.89 -12.85
CA GLN O 139 -20.67 43.80 -11.40
C GLN O 139 -19.63 44.68 -10.73
N ASN O 140 -18.46 44.86 -11.37
CA ASN O 140 -17.43 45.73 -10.80
C ASN O 140 -17.90 47.19 -10.78
N GLN O 141 -18.47 47.66 -11.90
CA GLN O 141 -18.95 49.04 -11.92
C GLN O 141 -20.20 49.22 -11.06
N GLN O 142 -21.00 48.17 -10.89
CA GLN O 142 -22.14 48.25 -9.98
C GLN O 142 -21.68 48.38 -8.53
N GLU O 143 -20.63 47.65 -8.15
CA GLU O 143 -20.10 47.76 -6.80
C GLU O 143 -19.52 49.15 -6.54
N LYS O 144 -18.77 49.70 -7.50
CA LYS O 144 -18.22 51.03 -7.25
C LYS O 144 -19.30 52.12 -7.28
N ASN O 145 -20.37 51.93 -8.06
CA ASN O 145 -21.47 52.89 -8.03
C ASN O 145 -22.25 52.80 -6.72
N GLU O 146 -22.39 51.58 -6.17
CA GLU O 146 -23.07 51.44 -4.88
C GLU O 146 -22.25 52.05 -3.76
N GLN O 147 -20.92 51.91 -3.83
CA GLN O 147 -20.05 52.54 -2.85
C GLN O 147 -20.10 54.06 -2.96
N ASP O 148 -20.17 54.59 -4.19
CA ASP O 148 -20.30 56.03 -4.35
C ASP O 148 -21.66 56.54 -3.90
N LEU O 149 -22.71 55.71 -4.01
CA LEU O 149 -24.02 56.14 -3.55
C LEU O 149 -24.10 56.16 -2.03
N LEU O 150 -23.56 55.15 -1.35
CA LEU O 150 -23.59 55.15 0.10
C LEU O 150 -22.46 55.98 0.72
N ALA O 151 -21.52 56.49 -0.08
CA ALA O 151 -20.44 57.28 0.47
C ALA O 151 -20.92 58.65 0.96
N LEU O 152 -21.92 59.22 0.29
CA LEU O 152 -22.36 60.57 0.61
C LEU O 152 -23.19 60.64 1.90
N ASP O 153 -23.77 59.53 2.33
CA ASP O 153 -24.60 59.53 3.55
C ASP O 153 -23.76 59.62 4.82
N ALA P 1 -39.13 47.71 -26.03
CA ALA P 1 -38.64 46.42 -25.60
C ALA P 1 -37.80 45.75 -26.68
N GLU P 2 -37.25 46.57 -27.59
CA GLU P 2 -36.33 46.06 -28.60
C GLU P 2 -34.99 45.68 -27.99
N ASN P 3 -34.67 46.14 -26.79
CA ASN P 3 -33.48 45.72 -26.09
C ASN P 3 -33.73 44.42 -25.32
N LEU P 4 -32.72 43.56 -25.30
CA LEU P 4 -32.76 42.33 -24.53
C LEU P 4 -31.59 42.29 -23.58
N TRP P 5 -31.86 41.97 -22.33
CA TRP P 5 -30.85 41.98 -21.27
C TRP P 5 -30.50 40.54 -20.94
N VAL P 6 -29.22 40.27 -20.83
CA VAL P 6 -28.76 38.89 -20.75
C VAL P 6 -28.98 38.36 -19.34
N THR P 7 -29.43 37.11 -19.25
CA THR P 7 -29.74 36.47 -17.98
C THR P 7 -29.03 35.14 -17.92
N VAL P 8 -28.50 34.81 -16.77
CA VAL P 8 -27.81 33.55 -16.58
C VAL P 8 -28.79 32.55 -15.98
N TYR P 9 -28.49 31.27 -16.16
CA TYR P 9 -29.33 30.19 -15.67
C TYR P 9 -28.42 29.08 -15.17
N TYR P 10 -28.55 28.72 -13.90
CA TYR P 10 -27.68 27.72 -13.29
C TYR P 10 -28.49 26.48 -12.96
N GLY P 11 -28.21 25.38 -13.65
CA GLY P 11 -28.96 24.17 -13.47
C GLY P 11 -29.73 23.83 -14.74
N VAL P 12 -29.18 24.24 -15.87
CA VAL P 12 -29.83 23.99 -17.16
C VAL P 12 -29.41 22.63 -17.69
N PRO P 13 -30.32 21.81 -18.19
CA PRO P 13 -29.91 20.52 -18.74
C PRO P 13 -29.27 20.62 -20.12
N VAL P 14 -27.95 20.51 -20.15
CA VAL P 14 -27.15 20.55 -21.37
C VAL P 14 -25.82 19.85 -21.07
N TRP P 15 -25.38 18.98 -21.97
CA TRP P 15 -24.19 18.19 -21.71
C TRP P 15 -23.17 18.34 -22.82
N LYS P 16 -21.93 18.03 -22.49
CA LYS P 16 -20.86 17.89 -23.46
C LYS P 16 -20.09 16.61 -23.15
N ASP P 17 -19.47 16.05 -24.17
CA ASP P 17 -18.83 14.75 -24.03
C ASP P 17 -17.52 14.88 -23.24
N ALA P 18 -17.29 13.92 -22.36
CA ALA P 18 -16.09 13.87 -21.54
C ALA P 18 -15.88 12.43 -21.09
N GLU P 19 -14.75 12.19 -20.44
CA GLU P 19 -14.40 10.88 -19.94
C GLU P 19 -13.94 10.99 -18.50
N THR P 20 -14.40 10.06 -17.66
CA THR P 20 -13.99 10.08 -16.27
C THR P 20 -14.03 8.67 -15.72
N THR P 21 -13.56 8.53 -14.49
CA THR P 21 -13.61 7.25 -13.80
C THR P 21 -15.04 6.92 -13.42
N LEU P 22 -15.35 5.63 -13.39
CA LEU P 22 -16.67 5.16 -12.99
C LEU P 22 -16.49 4.15 -11.88
N PHE P 23 -17.26 4.29 -10.81
CA PHE P 23 -17.15 3.36 -9.70
C PHE P 23 -18.15 2.23 -9.87
N CYS P 24 -17.69 1.02 -9.63
CA CYS P 24 -18.53 -0.15 -9.82
C CYS P 24 -19.43 -0.38 -8.61
N ALA P 25 -20.56 -1.03 -8.84
CA ALA P 25 -21.55 -1.27 -7.79
C ALA P 25 -22.08 -2.70 -7.95
N SER P 26 -21.63 -3.60 -7.11
CA SER P 26 -22.14 -4.97 -7.14
C SER P 26 -23.40 -5.07 -6.30
N ASP P 27 -24.23 -6.06 -6.64
CA ASP P 27 -25.49 -6.23 -5.93
C ASP P 27 -25.24 -6.82 -4.55
N ALA P 28 -26.09 -6.43 -3.60
CA ALA P 28 -25.95 -6.84 -2.21
C ALA P 28 -26.32 -8.29 -1.96
N LYS P 29 -26.97 -8.95 -2.93
CA LYS P 29 -27.33 -10.35 -2.78
C LYS P 29 -26.09 -11.25 -2.70
N ALA P 30 -25.01 -10.83 -3.37
CA ALA P 30 -23.73 -11.52 -3.22
C ALA P 30 -23.12 -11.34 -1.84
N TYR P 31 -23.54 -10.31 -1.10
CA TYR P 31 -23.04 -10.13 0.26
C TYR P 31 -23.63 -11.16 1.23
N GLU P 32 -24.76 -11.78 0.88
CA GLU P 32 -25.35 -12.80 1.73
C GLU P 32 -24.51 -14.07 1.81
N THR P 33 -23.69 -14.33 0.79
CA THR P 33 -22.65 -15.36 0.87
C THR P 33 -21.32 -14.61 0.87
N GLU P 34 -20.85 -14.32 2.08
CA GLU P 34 -19.79 -13.35 2.33
C GLU P 34 -18.43 -14.05 2.33
N LYS P 35 -17.41 -13.35 2.87
CA LYS P 35 -16.06 -13.86 3.13
C LYS P 35 -15.35 -14.21 1.82
N HIS P 36 -15.15 -13.16 1.01
CA HIS P 36 -14.16 -13.12 -0.08
C HIS P 36 -14.35 -14.23 -1.11
N ASN P 37 -15.59 -14.70 -1.28
CA ASN P 37 -15.85 -15.85 -2.14
C ASN P 37 -15.61 -15.51 -3.60
N VAL P 38 -16.18 -14.42 -4.07
CA VAL P 38 -15.86 -13.84 -5.36
C VAL P 38 -15.17 -12.51 -5.11
N TRP P 39 -14.56 -11.98 -6.15
CA TRP P 39 -13.89 -10.70 -6.04
C TRP P 39 -14.91 -9.56 -5.97
N ALA P 40 -14.47 -8.44 -5.40
CA ALA P 40 -15.26 -7.22 -5.18
C ALA P 40 -16.54 -7.46 -4.41
N THR P 41 -16.51 -8.40 -3.47
CA THR P 41 -17.54 -8.47 -2.44
C THR P 41 -17.20 -7.59 -1.25
N HIS P 42 -16.01 -6.99 -1.26
CA HIS P 42 -15.54 -6.12 -0.19
C HIS P 42 -15.05 -4.79 -0.76
N ALA P 43 -14.55 -4.83 -2.00
CA ALA P 43 -13.98 -3.65 -2.65
C ALA P 43 -14.95 -3.01 -3.62
N CYS P 44 -16.24 -2.97 -3.26
CA CYS P 44 -17.28 -2.51 -4.18
C CYS P 44 -18.50 -2.10 -3.39
N VAL P 45 -19.09 -0.97 -3.75
CA VAL P 45 -20.27 -0.44 -3.04
C VAL P 45 -21.49 -1.28 -3.40
N PRO P 46 -22.44 -1.50 -2.48
CA PRO P 46 -23.72 -2.07 -2.88
C PRO P 46 -24.56 -1.06 -3.67
N THR P 47 -25.52 -1.59 -4.42
CA THR P 47 -26.26 -0.81 -5.39
C THR P 47 -27.43 -0.08 -4.76
N ASP P 48 -28.01 0.80 -5.55
CA ASP P 48 -29.38 1.25 -5.31
C ASP P 48 -30.29 0.08 -5.63
N PRO P 49 -31.16 -0.35 -4.71
CA PRO P 49 -32.17 -1.36 -5.06
C PRO P 49 -33.29 -0.83 -5.94
N ASN P 50 -33.32 0.47 -6.23
CA ASN P 50 -34.34 1.09 -7.08
C ASN P 50 -33.65 1.81 -8.23
N PRO P 51 -33.28 1.10 -9.30
CA PRO P 51 -32.76 1.80 -10.48
C PRO P 51 -33.90 2.49 -11.22
N GLN P 52 -33.62 3.67 -11.76
CA GLN P 52 -34.67 4.50 -12.35
C GLN P 52 -34.12 5.20 -13.59
N GLU P 53 -34.36 4.61 -14.76
CA GLU P 53 -34.03 5.34 -15.97
C GLU P 53 -35.13 6.34 -16.28
N ILE P 54 -34.77 7.39 -17.01
CA ILE P 54 -35.63 8.54 -17.25
C ILE P 54 -35.65 8.74 -18.77
N HIS P 55 -36.68 8.23 -19.43
CA HIS P 55 -36.74 8.23 -20.88
C HIS P 55 -36.90 9.65 -21.41
N LEU P 56 -35.95 10.10 -22.20
CA LEU P 56 -35.97 11.45 -22.72
C LEU P 56 -36.88 11.50 -23.95
N GLU P 57 -36.95 12.66 -24.61
CA GLU P 57 -37.87 12.81 -25.73
C GLU P 57 -37.36 13.86 -26.70
N ASN P 58 -37.45 13.53 -28.00
CA ASN P 58 -37.06 14.39 -29.11
C ASN P 58 -35.61 14.85 -28.98
N VAL P 59 -34.74 13.86 -28.90
CA VAL P 59 -33.34 14.08 -28.54
C VAL P 59 -32.48 13.11 -29.34
N THR P 60 -31.32 13.58 -29.77
CA THR P 60 -30.44 12.81 -30.64
C THR P 60 -29.02 12.98 -30.15
N GLU P 61 -28.40 11.88 -29.75
CA GLU P 61 -27.01 11.91 -29.28
C GLU P 61 -26.22 10.91 -30.12
N GLU P 62 -25.05 11.34 -30.59
CA GLU P 62 -24.22 10.49 -31.44
C GLU P 62 -23.45 9.50 -30.58
N PHE P 63 -23.66 8.21 -30.83
CA PHE P 63 -22.96 7.17 -30.12
C PHE P 63 -21.89 6.55 -31.00
N ASN P 64 -20.83 6.06 -30.38
CA ASN P 64 -19.74 5.42 -31.12
C ASN P 64 -19.07 4.47 -30.14
N MET P 65 -19.34 3.17 -30.29
CA MET P 65 -18.78 2.19 -29.38
C MET P 65 -17.31 1.92 -29.63
N TRP P 66 -16.80 2.24 -30.81
CA TRP P 66 -15.43 1.87 -31.12
C TRP P 66 -14.43 2.82 -30.49
N LYS P 67 -14.78 4.10 -30.40
CA LYS P 67 -13.94 5.08 -29.71
C LYS P 67 -14.39 5.32 -28.29
N ASN P 68 -15.01 4.32 -27.66
CA ASN P 68 -15.48 4.48 -26.30
C ASN P 68 -14.33 4.36 -25.32
N ASN P 69 -14.45 5.06 -24.19
CA ASN P 69 -13.44 5.02 -23.15
C ASN P 69 -13.84 4.17 -21.96
N MET P 70 -15.12 3.85 -21.83
CA MET P 70 -15.58 3.11 -20.67
C MET P 70 -15.14 1.64 -20.74
N VAL P 71 -15.09 1.09 -21.95
CA VAL P 71 -14.59 -0.27 -22.15
C VAL P 71 -13.11 -0.35 -21.81
N GLU P 72 -12.35 0.73 -22.05
CA GLU P 72 -10.94 0.71 -21.73
C GLU P 72 -10.72 0.81 -20.23
N GLN P 73 -11.58 1.58 -19.54
CA GLN P 73 -11.53 1.59 -18.08
C GLN P 73 -11.93 0.25 -17.50
N MET P 74 -12.84 -0.48 -18.15
CA MET P 74 -13.21 -1.79 -17.62
C MET P 74 -12.10 -2.80 -17.84
N HIS P 75 -11.43 -2.72 -19.00
CA HIS P 75 -10.29 -3.61 -19.26
C HIS P 75 -9.12 -3.31 -18.35
N THR P 76 -8.97 -2.06 -17.90
CA THR P 76 -7.94 -1.78 -16.90
C THR P 76 -8.37 -2.25 -15.51
N ASP P 77 -9.63 -2.03 -15.15
CA ASP P 77 -10.09 -2.34 -13.80
C ASP P 77 -10.12 -3.83 -13.52
N ILE P 78 -10.50 -4.64 -14.52
CA ILE P 78 -10.53 -6.08 -14.32
C ILE P 78 -9.14 -6.65 -14.16
N ILE P 79 -8.17 -6.14 -14.91
CA ILE P 79 -6.79 -6.59 -14.78
C ILE P 79 -6.22 -6.20 -13.42
N SER P 80 -6.45 -4.95 -13.00
CA SER P 80 -5.90 -4.50 -11.72
C SER P 80 -6.55 -5.22 -10.55
N LEU P 81 -7.85 -5.49 -10.63
CA LEU P 81 -8.52 -6.17 -9.54
C LEU P 81 -8.18 -7.66 -9.52
N TRP P 82 -7.99 -8.24 -10.70
CA TRP P 82 -7.60 -9.64 -10.81
C TRP P 82 -6.21 -9.87 -10.26
N ASP P 83 -5.30 -8.90 -10.46
CA ASP P 83 -4.03 -8.96 -9.76
C ASP P 83 -4.19 -8.70 -8.27
N GLN P 84 -5.16 -7.87 -7.87
CA GLN P 84 -5.38 -7.64 -6.44
C GLN P 84 -6.05 -8.81 -5.74
N SER P 85 -6.51 -9.83 -6.46
CA SER P 85 -7.09 -11.01 -5.84
C SER P 85 -6.17 -12.22 -5.91
N LEU P 86 -4.86 -11.98 -6.01
CA LEU P 86 -3.88 -13.06 -5.95
C LEU P 86 -2.75 -12.81 -4.95
N LYS P 87 -2.55 -11.58 -4.48
CA LYS P 87 -1.48 -11.30 -3.53
C LYS P 87 -1.54 -12.02 -2.19
N PRO P 88 -2.69 -12.28 -1.54
CA PRO P 88 -2.63 -13.07 -0.30
C PRO P 88 -2.37 -14.54 -0.52
N CYS P 89 -2.50 -15.06 -1.73
CA CYS P 89 -2.35 -16.49 -1.93
C CYS P 89 -0.89 -16.89 -1.99
N VAL P 90 -0.66 -18.21 -1.93
CA VAL P 90 0.68 -18.77 -1.79
C VAL P 90 1.42 -18.71 -3.12
N LYS P 91 2.64 -18.19 -3.09
CA LYS P 91 3.50 -18.25 -4.26
C LYS P 91 4.14 -19.63 -4.34
N LEU P 92 4.26 -20.15 -5.56
CA LEU P 92 4.64 -21.53 -5.78
C LEU P 92 6.07 -21.60 -6.30
N THR P 93 6.95 -20.79 -5.73
CA THR P 93 8.38 -20.89 -6.00
C THR P 93 9.00 -22.27 -5.69
N PRO P 94 8.83 -22.88 -4.50
CA PRO P 94 9.64 -24.08 -4.22
C PRO P 94 9.24 -25.31 -5.01
N LEU P 95 8.08 -25.31 -5.66
CA LEU P 95 7.67 -26.47 -6.42
C LEU P 95 8.36 -26.57 -7.76
N CYS P 96 8.95 -25.48 -8.22
CA CYS P 96 9.70 -25.46 -9.46
C CYS P 96 10.98 -26.28 -9.31
N VAL P 97 10.92 -27.56 -9.67
CA VAL P 97 11.98 -28.50 -9.35
C VAL P 97 11.97 -29.59 -10.41
N THR P 98 13.08 -30.32 -10.50
CA THR P 98 13.22 -31.41 -11.45
C THR P 98 12.26 -32.55 -11.15
N LEU P 99 11.45 -32.89 -12.14
CA LEU P 99 10.42 -33.92 -11.99
C LEU P 99 10.88 -35.19 -12.68
N GLN P 100 10.53 -36.33 -12.10
CA GLN P 100 10.75 -37.61 -12.75
C GLN P 100 9.39 -38.20 -13.06
N CYS P 101 9.04 -38.25 -14.33
CA CYS P 101 7.67 -38.52 -14.75
C CYS P 101 7.60 -39.81 -15.55
N THR P 102 6.47 -40.48 -15.45
CA THR P 102 6.18 -41.68 -16.22
C THR P 102 4.75 -41.58 -16.73
N ASN P 103 4.37 -42.53 -17.57
CA ASN P 103 3.00 -42.55 -18.05
C ASN P 103 2.04 -42.94 -16.94
N VAL P 104 0.83 -42.37 -16.99
CA VAL P 104 -0.23 -42.77 -16.09
C VAL P 104 -0.64 -44.20 -16.42
N THR P 105 -1.08 -44.94 -15.40
CA THR P 105 -1.55 -46.31 -15.60
C THR P 105 -2.76 -46.32 -16.51
N ASN P 106 -2.58 -46.84 -17.72
CA ASN P 106 -3.60 -46.84 -18.75
C ASN P 106 -3.14 -47.80 -19.84
N ASN P 107 -4.11 -48.35 -20.57
CA ASN P 107 -3.83 -49.20 -21.73
C ASN P 107 -3.34 -48.28 -22.84
N ILE P 108 -2.05 -47.94 -22.77
CA ILE P 108 -1.48 -46.96 -23.68
C ILE P 108 -1.34 -47.56 -25.08
N THR P 109 -1.83 -46.83 -26.07
CA THR P 109 -2.11 -47.40 -27.38
C THR P 109 -1.00 -47.19 -28.39
N ASP P 110 -0.08 -46.27 -28.13
CA ASP P 110 1.03 -45.89 -29.02
C ASP P 110 0.53 -45.44 -30.39
N MET P 112 -1.58 -43.54 -28.81
CA MET P 112 -1.37 -42.40 -29.68
C MET P 112 -1.53 -41.10 -28.90
N ARG P 113 -1.40 -41.18 -27.58
CA ARG P 113 -1.78 -40.03 -26.76
C ARG P 113 -1.03 -40.09 -25.43
N GLY P 114 -0.66 -38.91 -24.93
CA GLY P 114 -0.15 -38.73 -23.60
C GLY P 114 -1.28 -38.24 -22.70
N GLU P 115 -1.34 -36.92 -22.52
CA GLU P 115 -2.41 -36.12 -21.94
C GLU P 115 -2.48 -36.24 -20.41
N LEU P 116 -1.80 -37.19 -19.80
CA LEU P 116 -1.65 -37.21 -18.36
C LEU P 116 -0.25 -37.70 -18.03
N LYS P 117 0.32 -37.17 -16.97
CA LYS P 117 1.65 -37.56 -16.54
C LYS P 117 1.65 -37.78 -15.05
N ASN P 118 2.37 -38.81 -14.62
CA ASN P 118 2.51 -39.20 -13.23
C ASN P 118 3.93 -38.85 -12.82
N CYS P 119 4.08 -37.75 -12.11
CA CYS P 119 5.39 -37.16 -11.84
C CYS P 119 5.71 -37.25 -10.36
N SER P 120 6.84 -37.90 -10.05
CA SER P 120 7.35 -37.98 -8.68
C SER P 120 8.51 -37.00 -8.53
N PHE P 121 8.61 -36.38 -7.36
CA PHE P 121 9.63 -35.38 -7.12
C PHE P 121 9.86 -35.19 -5.63
N ASN P 122 11.02 -34.62 -5.31
CA ASN P 122 11.34 -34.28 -3.93
C ASN P 122 10.65 -32.98 -3.57
N MET P 123 10.25 -32.86 -2.31
CA MET P 123 9.58 -31.63 -1.90
C MET P 123 9.89 -31.40 -0.43
N THR P 124 10.02 -30.12 -0.07
CA THR P 124 10.30 -29.77 1.32
C THR P 124 9.07 -30.03 2.19
N THR P 125 9.28 -29.98 3.49
CA THR P 125 8.24 -30.31 4.45
C THR P 125 7.97 -29.11 5.33
N GLU P 126 7.18 -29.35 6.39
CA GLU P 126 6.94 -28.33 7.40
C GLU P 126 8.25 -27.86 8.03
N LEU P 127 9.10 -28.81 8.41
CA LEU P 127 10.44 -28.46 8.83
C LEU P 127 11.29 -28.10 7.62
N ARG P 128 12.36 -27.36 7.86
CA ARG P 128 13.24 -26.95 6.77
C ARG P 128 14.24 -28.05 6.40
N ASP P 129 14.60 -28.89 7.37
CA ASP P 129 15.66 -29.88 7.14
C ASP P 129 15.16 -31.03 6.29
N LYS P 130 14.05 -31.65 6.68
CA LYS P 130 13.61 -32.89 6.08
C LYS P 130 13.03 -32.65 4.69
N LYS P 131 12.75 -33.74 3.99
CA LYS P 131 12.14 -33.68 2.67
C LYS P 131 11.40 -34.97 2.42
N GLN P 132 10.53 -34.96 1.42
CA GLN P 132 9.63 -36.07 1.17
C GLN P 132 9.50 -36.31 -0.32
N LYS P 133 9.43 -37.58 -0.70
CA LYS P 133 9.12 -37.94 -2.07
C LYS P 133 7.61 -37.89 -2.25
N VAL P 134 7.14 -37.24 -3.30
CA VAL P 134 5.71 -37.08 -3.47
C VAL P 134 5.39 -37.13 -4.96
N TYR P 135 4.20 -37.63 -5.30
CA TYR P 135 3.79 -37.82 -6.68
C TYR P 135 2.57 -36.97 -6.96
N SER P 136 2.40 -36.61 -8.22
CA SER P 136 1.26 -35.83 -8.65
C SER P 136 0.94 -36.18 -10.09
N LEU P 137 -0.15 -35.62 -10.59
CA LEU P 137 -0.59 -35.84 -11.96
C LEU P 137 -0.68 -34.49 -12.65
N PHE P 138 0.18 -34.26 -13.63
CA PHE P 138 0.15 -33.02 -14.39
C PHE P 138 -0.28 -33.31 -15.82
N TYR P 139 -0.81 -32.29 -16.47
CA TYR P 139 -1.17 -32.45 -17.88
C TYR P 139 0.07 -32.28 -18.74
N ARG P 140 -0.05 -32.72 -19.99
CA ARG P 140 1.11 -32.69 -20.87
C ARG P 140 1.47 -31.28 -21.31
N LEU P 141 0.51 -30.36 -21.24
CA LEU P 141 0.75 -28.97 -21.60
C LEU P 141 1.41 -28.16 -20.48
N ASP P 142 1.80 -28.80 -19.39
CA ASP P 142 2.46 -28.11 -18.29
C ASP P 142 3.86 -28.64 -18.01
N VAL P 143 4.28 -29.71 -18.65
CA VAL P 143 5.60 -30.27 -18.44
C VAL P 143 6.36 -30.24 -19.75
N VAL P 144 7.67 -30.05 -19.67
CA VAL P 144 8.54 -29.97 -20.83
C VAL P 144 9.77 -30.82 -20.57
N GLN P 145 10.10 -31.71 -21.50
CA GLN P 145 11.23 -32.61 -21.35
C GLN P 145 12.53 -31.83 -21.41
N ILE P 146 13.15 -31.65 -20.26
CA ILE P 146 14.50 -31.10 -20.21
C ILE P 146 15.45 -32.27 -20.44
N ASN P 147 16.59 -31.99 -21.06
CA ASN P 147 17.49 -33.06 -21.45
C ASN P 147 18.91 -32.75 -20.98
N SER P 157 16.19 -45.32 -18.95
CA SER P 157 15.56 -44.90 -17.72
C SER P 157 14.29 -44.10 -17.98
N ASN P 158 13.58 -43.77 -16.92
CA ASN P 158 12.46 -42.85 -17.01
C ASN P 158 12.97 -41.44 -17.33
N LYS P 159 12.07 -40.62 -17.89
CA LYS P 159 12.49 -39.32 -18.39
C LYS P 159 12.60 -38.34 -17.24
N GLU P 160 12.78 -37.06 -17.57
CA GLU P 160 13.14 -36.07 -16.55
C GLU P 160 12.60 -34.72 -17.02
N TYR P 161 11.56 -34.23 -16.36
CA TYR P 161 10.79 -33.10 -16.84
C TYR P 161 10.94 -31.90 -15.90
N ARG P 162 10.36 -30.79 -16.32
CA ARG P 162 10.19 -29.63 -15.46
C ARG P 162 8.92 -28.91 -15.86
N LEU P 163 8.46 -28.02 -15.00
CA LEU P 163 7.28 -27.24 -15.36
C LEU P 163 7.66 -26.18 -16.39
N ILE P 164 6.65 -25.74 -17.14
CA ILE P 164 6.89 -24.82 -18.24
C ILE P 164 7.11 -23.39 -17.74
N ASN P 165 6.49 -23.00 -16.63
CA ASN P 165 6.70 -21.65 -16.14
C ASN P 165 8.05 -21.44 -15.48
N CYS P 166 8.81 -22.51 -15.24
CA CYS P 166 10.09 -22.40 -14.55
C CYS P 166 11.16 -21.67 -15.34
N ASN P 167 10.99 -21.57 -16.66
CA ASN P 167 11.98 -20.88 -17.47
C ASN P 167 11.87 -19.38 -17.31
N THR P 168 10.71 -18.86 -16.93
CA THR P 168 10.55 -17.42 -16.88
C THR P 168 10.11 -16.87 -15.52
N SER P 169 9.16 -17.50 -14.83
CA SER P 169 8.59 -16.88 -13.64
C SER P 169 7.81 -17.87 -12.79
N ALA P 170 8.03 -17.85 -11.48
CA ALA P 170 7.18 -18.62 -10.58
C ALA P 170 5.83 -17.95 -10.46
N CYS P 171 4.82 -18.74 -10.11
CA CYS P 171 3.45 -18.28 -10.25
C CYS P 171 2.61 -18.63 -9.04
N THR P 172 1.85 -17.64 -8.57
CA THR P 172 0.97 -17.81 -7.43
C THR P 172 -0.20 -18.70 -7.81
N GLN P 173 -0.53 -19.67 -6.96
CA GLN P 173 -1.72 -20.44 -7.24
C GLN P 173 -2.93 -19.73 -6.64
N ALA P 174 -4.11 -20.07 -7.14
CA ALA P 174 -5.33 -19.42 -6.71
C ALA P 174 -5.91 -20.14 -5.51
N CYS P 175 -6.24 -19.39 -4.47
CA CYS P 175 -6.84 -19.97 -3.27
C CYS P 175 -8.24 -20.46 -3.58
N PRO P 176 -8.58 -21.71 -3.25
CA PRO P 176 -9.92 -22.22 -3.57
C PRO P 176 -11.05 -21.62 -2.76
N LYS P 177 -10.78 -20.75 -1.79
CA LYS P 177 -11.86 -19.94 -1.24
C LYS P 177 -12.30 -18.86 -2.22
N VAL P 178 -11.46 -18.51 -3.18
CA VAL P 178 -11.78 -17.49 -4.18
C VAL P 178 -12.41 -18.18 -5.37
N SER P 179 -13.69 -17.89 -5.62
CA SER P 179 -14.36 -18.44 -6.78
C SER P 179 -14.06 -17.58 -8.01
N PHE P 180 -14.13 -18.21 -9.17
CA PHE P 180 -13.88 -17.52 -10.42
C PHE P 180 -15.15 -17.06 -11.12
N GLU P 181 -16.32 -17.42 -10.61
CA GLU P 181 -17.55 -17.19 -11.36
C GLU P 181 -17.89 -15.71 -11.39
N PRO P 182 -18.53 -15.25 -12.46
CA PRO P 182 -18.88 -13.83 -12.55
C PRO P 182 -20.07 -13.48 -11.68
N ILE P 183 -20.03 -12.28 -11.12
CA ILE P 183 -21.18 -11.67 -10.48
C ILE P 183 -21.47 -10.40 -11.27
N PRO P 184 -22.72 -9.96 -11.38
CA PRO P 184 -23.03 -8.81 -12.24
C PRO P 184 -22.46 -7.51 -11.68
N ILE P 185 -21.78 -6.77 -12.55
CA ILE P 185 -21.10 -5.53 -12.17
C ILE P 185 -21.85 -4.38 -12.81
N HIS P 186 -22.37 -3.48 -11.98
CA HIS P 186 -23.04 -2.29 -12.44
C HIS P 186 -22.08 -1.12 -12.42
N TYR P 187 -22.34 -0.10 -13.24
CA TYR P 187 -21.54 1.11 -13.29
C TYR P 187 -22.40 2.32 -12.96
N CYS P 188 -22.39 2.72 -11.70
CA CYS P 188 -23.08 3.93 -11.30
C CYS P 188 -22.21 5.14 -11.61
N ALA P 189 -22.79 6.12 -12.29
CA ALA P 189 -22.07 7.33 -12.62
C ALA P 189 -21.86 8.19 -11.37
N PRO P 190 -20.75 8.90 -11.29
CA PRO P 190 -20.51 9.76 -10.12
C PRO P 190 -21.33 11.03 -10.22
N ALA P 191 -21.13 11.92 -9.25
CA ALA P 191 -21.81 13.19 -9.27
C ALA P 191 -21.23 14.08 -10.37
N GLY P 192 -22.09 14.89 -10.96
CA GLY P 192 -21.69 15.79 -12.02
C GLY P 192 -21.78 15.21 -13.41
N PHE P 193 -21.71 13.90 -13.53
CA PHE P 193 -21.77 13.23 -14.83
C PHE P 193 -23.09 12.50 -14.96
N ALA P 194 -23.26 11.83 -16.09
CA ALA P 194 -24.46 11.04 -16.36
C ALA P 194 -24.12 9.99 -17.39
N ILE P 195 -24.95 8.96 -17.46
CA ILE P 195 -24.78 7.86 -18.40
C ILE P 195 -26.02 7.79 -19.27
N LEU P 196 -25.84 7.95 -20.57
CA LEU P 196 -26.93 7.79 -21.51
C LEU P 196 -27.05 6.33 -21.92
N LYS P 197 -28.15 6.00 -22.58
CA LYS P 197 -28.38 4.64 -23.02
C LYS P 197 -29.18 4.66 -24.31
N CYS P 198 -28.66 4.04 -25.36
CA CYS P 198 -29.49 3.85 -26.54
C CYS P 198 -30.58 2.82 -26.26
N LYS P 199 -31.66 2.93 -26.99
CA LYS P 199 -32.74 1.97 -26.86
C LYS P 199 -33.26 1.57 -28.23
N ASP P 200 -32.71 2.14 -29.30
CA ASP P 200 -33.12 1.78 -30.65
C ASP P 200 -32.71 0.35 -30.95
N LYS P 201 -33.69 -0.45 -31.37
CA LYS P 201 -33.44 -1.87 -31.58
C LYS P 201 -32.61 -2.12 -32.83
N LYS P 202 -32.63 -1.20 -33.80
CA LYS P 202 -31.85 -1.31 -35.01
C LYS P 202 -30.56 -0.51 -34.94
N PHE P 203 -30.01 -0.34 -33.75
CA PHE P 203 -28.82 0.49 -33.57
C PHE P 203 -27.59 -0.23 -34.12
N ASN P 204 -26.96 0.38 -35.12
CA ASN P 204 -25.89 -0.27 -35.85
C ASN P 204 -24.62 -0.40 -35.02
N GLY P 205 -24.33 0.60 -34.19
CA GLY P 205 -23.09 0.61 -33.44
C GLY P 205 -22.43 1.97 -33.52
N THR P 206 -22.65 2.66 -34.63
CA THR P 206 -22.04 3.97 -34.86
C THR P 206 -23.09 4.88 -35.47
N GLY P 207 -23.23 6.08 -34.93
CA GLY P 207 -24.16 7.05 -35.46
C GLY P 207 -25.23 7.44 -34.47
N PRO P 208 -26.24 8.17 -34.93
CA PRO P 208 -27.26 8.69 -34.01
C PRO P 208 -28.23 7.61 -33.57
N CYS P 209 -28.50 7.57 -32.27
CA CYS P 209 -29.58 6.77 -31.70
C CYS P 209 -30.72 7.71 -31.34
N PRO P 210 -31.83 7.72 -32.09
CA PRO P 210 -32.87 8.73 -31.87
C PRO P 210 -33.81 8.45 -30.71
N SER P 211 -33.50 7.52 -29.82
CA SER P 211 -34.32 7.31 -28.62
C SER P 211 -33.38 6.93 -27.48
N VAL P 212 -32.92 7.91 -26.74
CA VAL P 212 -31.98 7.69 -25.67
C VAL P 212 -32.69 7.75 -24.33
N SER P 213 -31.99 7.39 -23.27
CA SER P 213 -32.55 7.42 -21.93
C SER P 213 -31.42 7.52 -20.94
N THR P 214 -31.40 8.59 -20.16
CA THR P 214 -30.40 8.69 -19.10
C THR P 214 -30.71 7.69 -17.99
N VAL P 215 -29.65 7.31 -17.27
CA VAL P 215 -29.76 6.32 -16.21
C VAL P 215 -28.62 6.58 -15.24
N GLN P 216 -28.87 6.34 -13.96
CA GLN P 216 -27.85 6.61 -12.96
C GLN P 216 -26.89 5.46 -12.77
N CYS P 217 -27.27 4.25 -13.17
CA CYS P 217 -26.40 3.10 -12.95
C CYS P 217 -26.79 2.02 -13.94
N THR P 218 -25.77 1.38 -14.53
CA THR P 218 -25.96 0.51 -15.68
C THR P 218 -26.59 -0.82 -15.29
N HIS P 219 -26.88 -1.63 -16.31
CA HIS P 219 -27.52 -2.91 -16.11
C HIS P 219 -26.52 -3.95 -15.61
N GLY P 220 -27.01 -5.18 -15.43
CA GLY P 220 -26.17 -6.26 -14.99
C GLY P 220 -25.19 -6.74 -16.05
N ILE P 221 -23.91 -6.55 -15.79
CA ILE P 221 -22.85 -7.01 -16.67
C ILE P 221 -22.11 -8.11 -15.95
N LYS P 222 -22.27 -9.35 -16.39
CA LYS P 222 -21.53 -10.44 -15.80
C LYS P 222 -20.23 -10.67 -16.58
N PRO P 223 -19.09 -10.55 -15.95
CA PRO P 223 -17.82 -10.68 -16.66
C PRO P 223 -17.39 -12.11 -16.95
N VAL P 224 -17.58 -12.55 -18.18
CA VAL P 224 -17.07 -13.85 -18.60
C VAL P 224 -15.74 -13.61 -19.27
N VAL P 225 -14.96 -14.68 -19.43
CA VAL P 225 -13.72 -14.64 -20.18
C VAL P 225 -13.76 -15.75 -21.22
N SER P 226 -13.78 -15.36 -22.49
CA SER P 226 -13.94 -16.31 -23.59
C SER P 226 -13.47 -15.66 -24.86
N THR P 227 -13.01 -16.49 -25.80
CA THR P 227 -12.28 -16.00 -26.96
C THR P 227 -13.00 -16.21 -28.29
N GLN P 228 -13.34 -17.44 -28.63
CA GLN P 228 -13.91 -17.71 -29.95
C GLN P 228 -15.34 -17.22 -30.03
N LEU P 229 -16.13 -17.47 -29.00
CA LEU P 229 -17.53 -17.12 -29.05
C LEU P 229 -17.98 -16.77 -27.63
N LEU P 230 -18.49 -15.56 -27.46
CA LEU P 230 -18.76 -15.04 -26.13
C LEU P 230 -20.03 -15.64 -25.57
N LEU P 231 -20.00 -15.89 -24.25
CA LEU P 231 -21.09 -16.59 -23.57
C LEU P 231 -21.81 -15.76 -22.54
N ASN P 232 -23.10 -16.05 -22.37
CA ASN P 232 -23.97 -15.35 -21.43
C ASN P 232 -23.95 -13.85 -21.67
N GLY P 233 -24.03 -13.45 -22.92
CA GLY P 233 -23.99 -12.06 -23.30
C GLY P 233 -25.35 -11.59 -23.73
N SER P 234 -25.79 -10.51 -23.12
CA SER P 234 -27.10 -9.95 -23.39
C SER P 234 -27.37 -10.05 -24.89
N LEU P 235 -28.47 -10.73 -25.24
CA LEU P 235 -28.82 -10.97 -26.63
C LEU P 235 -29.76 -9.91 -27.16
N ALA P 236 -29.68 -9.66 -28.47
CA ALA P 236 -30.56 -8.70 -29.11
C ALA P 236 -31.98 -9.27 -29.22
N GLU P 237 -32.94 -8.39 -29.48
CA GLU P 237 -34.35 -8.75 -29.32
C GLU P 237 -35.07 -9.04 -30.63
N GLU P 238 -34.97 -8.14 -31.61
CA GLU P 238 -35.76 -8.33 -32.83
C GLU P 238 -35.14 -9.39 -33.73
N GLU P 239 -33.85 -9.27 -34.00
CA GLU P 239 -33.20 -10.20 -34.93
C GLU P 239 -31.72 -10.26 -34.60
N VAL P 240 -31.04 -11.23 -35.21
CA VAL P 240 -29.60 -11.37 -35.06
C VAL P 240 -28.93 -10.18 -35.74
N MET P 241 -27.92 -9.60 -35.07
CA MET P 241 -27.31 -8.38 -35.56
C MET P 241 -25.81 -8.56 -35.69
N ILE P 242 -25.22 -7.85 -36.65
CA ILE P 242 -23.78 -7.80 -36.78
C ILE P 242 -23.33 -6.36 -36.55
N ARG P 243 -22.06 -6.21 -36.19
CA ARG P 243 -21.48 -4.92 -35.83
C ARG P 243 -20.03 -4.91 -36.27
N SER P 244 -19.56 -3.74 -36.68
CA SER P 244 -18.19 -3.58 -37.13
C SER P 244 -17.81 -2.11 -37.00
N GLU P 245 -16.63 -1.75 -37.50
CA GLU P 245 -16.21 -0.37 -37.59
C GLU P 245 -16.10 0.09 -39.03
N ASN P 246 -15.28 -0.57 -39.84
CA ASN P 246 -15.38 -0.49 -41.29
C ASN P 246 -15.43 -1.94 -41.77
N ILE P 247 -16.55 -2.33 -42.40
CA ILE P 247 -16.76 -3.73 -42.73
C ILE P 247 -15.81 -4.14 -43.85
N THR P 248 -15.43 -3.20 -44.70
CA THR P 248 -14.44 -3.46 -45.75
C THR P 248 -13.01 -3.40 -45.24
N ASN P 249 -12.80 -3.39 -43.94
CA ASN P 249 -11.47 -3.50 -43.36
C ASN P 249 -11.29 -4.88 -42.78
N ASN P 250 -10.05 -5.37 -42.80
CA ASN P 250 -9.75 -6.73 -42.40
C ASN P 250 -9.27 -6.86 -40.97
N ALA P 251 -8.58 -5.84 -40.46
CA ALA P 251 -7.98 -5.95 -39.14
C ALA P 251 -9.03 -5.85 -38.04
N LYS P 252 -10.16 -5.21 -38.31
CA LYS P 252 -11.21 -5.09 -37.31
C LYS P 252 -12.09 -6.32 -37.30
N ASN P 253 -12.42 -6.78 -36.10
CA ASN P 253 -13.29 -7.93 -35.94
C ASN P 253 -14.72 -7.57 -36.32
N ILE P 254 -15.52 -8.59 -36.53
CA ILE P 254 -16.91 -8.43 -36.94
C ILE P 254 -17.74 -9.09 -35.86
N LEU P 255 -18.20 -8.30 -34.90
CA LEU P 255 -18.97 -8.87 -33.79
C LEU P 255 -20.36 -9.26 -34.27
N VAL P 256 -20.89 -10.33 -33.69
CA VAL P 256 -22.22 -10.82 -34.03
C VAL P 256 -22.93 -11.14 -32.73
N GLN P 257 -24.15 -10.63 -32.57
CA GLN P 257 -24.97 -10.86 -31.40
C GLN P 257 -26.23 -11.58 -31.82
N PHE P 258 -26.55 -12.68 -31.13
CA PHE P 258 -27.65 -13.52 -31.58
C PHE P 258 -29.00 -13.01 -31.06
N ASN P 259 -30.05 -13.61 -31.59
CA ASN P 259 -31.42 -13.48 -31.11
C ASN P 259 -31.80 -14.64 -30.20
N THR P 260 -31.53 -15.87 -30.63
CA THR P 260 -31.88 -17.05 -29.88
C THR P 260 -30.64 -17.65 -29.27
N PRO P 261 -30.57 -17.84 -27.97
CA PRO P 261 -29.37 -18.41 -27.36
C PRO P 261 -29.20 -19.89 -27.63
N VAL P 262 -28.24 -20.25 -28.48
CA VAL P 262 -27.92 -21.65 -28.69
C VAL P 262 -27.18 -22.17 -27.47
N GLN P 263 -27.48 -23.39 -27.07
CA GLN P 263 -27.06 -23.92 -25.78
C GLN P 263 -25.84 -24.81 -25.95
N ILE P 264 -24.91 -24.70 -25.01
CA ILE P 264 -23.71 -25.53 -25.00
C ILE P 264 -23.61 -26.24 -23.65
N ASN P 265 -23.22 -27.52 -23.69
CA ASN P 265 -23.00 -28.30 -22.49
C ASN P 265 -21.57 -28.79 -22.49
N CYS P 266 -20.84 -28.51 -21.42
CA CYS P 266 -19.44 -28.87 -21.34
C CYS P 266 -19.17 -29.58 -20.02
N THR P 267 -18.20 -30.48 -20.04
CA THR P 267 -17.94 -31.35 -18.89
C THR P 267 -16.51 -31.84 -18.92
N ARG P 268 -16.14 -32.53 -17.86
CA ARG P 268 -14.85 -33.19 -17.71
C ARG P 268 -15.11 -34.50 -16.98
N PRO P 269 -15.04 -35.63 -17.66
CA PRO P 269 -15.48 -36.89 -17.04
C PRO P 269 -14.53 -37.49 -16.03
N ASN P 270 -13.31 -37.02 -15.91
CA ASN P 270 -12.32 -37.66 -15.05
C ASN P 270 -12.62 -37.33 -13.59
N ASN P 271 -12.86 -38.36 -12.79
CA ASN P 271 -13.13 -38.15 -11.36
C ASN P 271 -11.79 -38.01 -10.65
N ASN P 272 -11.37 -36.77 -10.40
CA ASN P 272 -10.09 -36.50 -9.77
C ASN P 272 -10.12 -36.81 -8.28
N THR P 273 -9.00 -36.50 -7.62
CA THR P 273 -8.92 -36.57 -6.17
C THR P 273 -7.93 -35.51 -5.74
N ARG P 274 -8.43 -34.46 -5.08
CA ARG P 274 -7.57 -33.37 -4.66
C ARG P 274 -6.78 -33.81 -3.44
N LYS P 275 -5.48 -33.53 -3.45
CA LYS P 275 -4.57 -34.01 -2.42
C LYS P 275 -3.69 -32.87 -1.95
N SER P 276 -3.57 -32.72 -0.62
CA SER P 276 -2.86 -31.59 -0.04
C SER P 276 -1.42 -31.96 0.24
N ILE P 277 -0.51 -31.13 -0.23
CA ILE P 277 0.93 -31.29 0.01
C ILE P 277 1.41 -30.02 0.71
N ARG P 278 2.10 -30.19 1.83
CA ARG P 278 2.60 -29.02 2.54
C ARG P 278 3.98 -28.63 2.08
N ILE P 279 4.04 -27.63 1.22
CA ILE P 279 5.30 -27.13 0.70
C ILE P 279 6.13 -26.53 1.82
N GLY P 280 5.46 -25.81 2.70
CA GLY P 280 6.09 -25.00 3.72
C GLY P 280 5.14 -24.82 4.88
N PRO P 281 5.64 -24.34 6.03
CA PRO P 281 4.67 -24.18 7.11
C PRO P 281 3.67 -23.11 6.71
N GLY P 282 2.39 -23.42 6.84
CA GLY P 282 1.34 -22.47 6.54
C GLY P 282 1.01 -22.39 5.06
N GLN P 283 1.69 -23.20 4.26
CA GLN P 283 1.44 -23.21 2.84
C GLN P 283 1.05 -24.61 2.43
N ALA P 284 -0.04 -24.73 1.70
CA ALA P 284 -0.49 -26.03 1.27
C ALA P 284 -0.59 -26.06 -0.23
N PHE P 285 -0.21 -27.17 -0.82
CA PHE P 285 -0.28 -27.30 -2.28
C PHE P 285 -1.29 -28.37 -2.64
N TYR P 286 -2.10 -28.08 -3.65
CA TYR P 286 -3.20 -28.93 -4.04
C TYR P 286 -2.85 -29.64 -5.34
N ALA P 287 -2.70 -30.97 -5.27
CA ALA P 287 -2.25 -31.76 -6.40
C ALA P 287 -3.30 -32.78 -6.80
N THR P 288 -3.35 -33.06 -8.10
CA THR P 288 -4.23 -34.10 -8.62
C THR P 288 -3.72 -35.45 -8.15
N GLY P 289 -4.44 -36.07 -7.23
CA GLY P 289 -3.91 -37.25 -6.56
C GLY P 289 -4.10 -38.53 -7.33
N ASP P 290 -5.31 -38.78 -7.80
CA ASP P 290 -5.61 -40.07 -8.42
C ASP P 290 -6.80 -39.88 -9.33
N ILE P 291 -6.90 -40.77 -10.32
CA ILE P 291 -7.99 -40.79 -11.27
C ILE P 291 -8.73 -42.10 -11.02
N ILE P 292 -9.74 -42.06 -10.16
CA ILE P 292 -10.59 -43.23 -10.01
C ILE P 292 -11.74 -43.11 -11.00
N GLY P 293 -12.34 -44.21 -11.31
CA GLY P 293 -13.30 -44.23 -12.40
C GLY P 293 -12.63 -44.61 -13.73
N ASP P 294 -12.55 -43.65 -14.64
CA ASP P 294 -12.03 -43.97 -15.96
C ASP P 294 -11.45 -42.72 -16.60
N ILE P 295 -10.50 -42.93 -17.50
CA ILE P 295 -9.85 -41.85 -18.22
C ILE P 295 -10.68 -41.53 -19.46
N ARG P 296 -11.32 -40.38 -19.45
CA ARG P 296 -12.20 -40.00 -20.54
C ARG P 296 -12.01 -38.52 -20.84
N GLN P 297 -11.93 -38.20 -22.13
CA GLN P 297 -11.53 -36.87 -22.57
C GLN P 297 -12.67 -35.87 -22.42
N ALA P 298 -12.33 -34.64 -22.06
CA ALA P 298 -13.33 -33.59 -21.88
C ALA P 298 -13.85 -33.09 -23.22
N HIS P 299 -15.14 -32.77 -23.27
CA HIS P 299 -15.78 -32.44 -24.52
C HIS P 299 -16.86 -31.39 -24.29
N CYS P 300 -17.47 -30.94 -25.39
CA CYS P 300 -18.62 -30.04 -25.32
C CYS P 300 -19.64 -30.44 -26.37
N ASN P 301 -20.91 -30.17 -26.09
CA ASN P 301 -22.00 -30.53 -26.98
C ASN P 301 -22.89 -29.32 -27.21
N VAL P 302 -23.26 -29.09 -28.48
CA VAL P 302 -24.31 -28.16 -28.85
C VAL P 302 -25.30 -28.91 -29.71
N SER P 303 -26.51 -28.37 -29.82
CA SER P 303 -27.53 -29.00 -30.64
C SER P 303 -27.25 -28.67 -32.10
N LYS P 304 -27.22 -29.71 -32.95
CA LYS P 304 -26.83 -29.51 -34.33
C LYS P 304 -27.90 -28.77 -35.12
N ALA P 305 -29.17 -29.00 -34.81
CA ALA P 305 -30.26 -28.38 -35.56
C ALA P 305 -30.34 -26.88 -35.26
N THR P 306 -30.27 -26.51 -33.98
CA THR P 306 -30.31 -25.11 -33.62
C THR P 306 -29.05 -24.38 -34.08
N TRP P 307 -27.92 -25.07 -34.17
CA TRP P 307 -26.71 -24.42 -34.64
C TRP P 307 -26.76 -24.21 -36.15
N ASN P 308 -27.34 -25.15 -36.90
CA ASN P 308 -27.54 -24.92 -38.32
C ASN P 308 -28.53 -23.78 -38.56
N GLU P 309 -29.58 -23.70 -37.73
CA GLU P 309 -30.54 -22.61 -37.84
C GLU P 309 -29.90 -21.27 -37.51
N THR P 310 -29.02 -21.25 -36.51
CA THR P 310 -28.42 -19.99 -36.09
C THR P 310 -27.37 -19.51 -37.09
N LEU P 311 -26.65 -20.45 -37.71
CA LEU P 311 -25.79 -20.04 -38.83
C LEU P 311 -26.61 -19.60 -40.03
N GLY P 312 -27.80 -20.17 -40.23
CA GLY P 312 -28.67 -19.67 -41.27
C GLY P 312 -29.11 -18.24 -41.03
N LYS P 313 -29.38 -17.90 -39.78
CA LYS P 313 -29.71 -16.52 -39.43
C LYS P 313 -28.54 -15.58 -39.67
N VAL P 314 -27.33 -15.96 -39.25
CA VAL P 314 -26.22 -15.02 -39.41
C VAL P 314 -25.79 -14.92 -40.88
N VAL P 315 -26.02 -15.96 -41.68
CA VAL P 315 -25.74 -15.87 -43.10
C VAL P 315 -26.79 -14.99 -43.78
N LYS P 316 -28.05 -15.07 -43.33
CA LYS P 316 -29.08 -14.17 -43.81
C LYS P 316 -28.75 -12.72 -43.49
N GLN P 317 -28.15 -12.47 -42.34
CA GLN P 317 -27.79 -11.09 -41.98
C GLN P 317 -26.56 -10.61 -42.72
N LEU P 318 -25.57 -11.47 -42.92
CA LEU P 318 -24.32 -11.02 -43.54
C LEU P 318 -24.44 -10.73 -45.03
N ARG P 319 -25.48 -11.22 -45.69
CA ARG P 319 -25.63 -10.98 -47.12
C ARG P 319 -26.05 -9.56 -47.43
N LYS P 320 -26.53 -8.81 -46.44
CA LYS P 320 -26.90 -7.42 -46.68
C LYS P 320 -25.69 -6.56 -46.96
N HIS P 321 -24.64 -6.71 -46.17
CA HIS P 321 -23.47 -5.86 -46.30
C HIS P 321 -22.57 -6.25 -47.46
N PHE P 322 -22.79 -7.41 -48.09
CA PHE P 322 -21.85 -7.94 -49.07
C PHE P 322 -22.47 -8.25 -50.43
N GLY P 323 -23.76 -8.09 -50.59
CA GLY P 323 -24.40 -8.45 -51.84
C GLY P 323 -25.19 -9.73 -51.66
N ASN P 324 -26.32 -9.83 -52.37
CA ASN P 324 -27.21 -10.96 -52.20
C ASN P 324 -26.73 -12.21 -52.91
N ASN P 325 -25.75 -12.11 -53.80
CA ASN P 325 -25.22 -13.28 -54.50
C ASN P 325 -23.75 -13.42 -54.16
N THR P 326 -23.48 -14.03 -53.01
CA THR P 326 -22.12 -14.34 -52.56
C THR P 326 -22.14 -15.69 -51.86
N ILE P 327 -20.96 -16.28 -51.72
CA ILE P 327 -20.85 -17.61 -51.14
C ILE P 327 -20.18 -17.51 -49.78
N ILE P 328 -20.96 -17.34 -48.72
CA ILE P 328 -20.41 -17.22 -47.39
C ILE P 328 -20.05 -18.61 -46.88
N ARG P 329 -18.80 -18.80 -46.50
CA ARG P 329 -18.37 -20.06 -45.91
C ARG P 329 -17.56 -19.77 -44.65
N PHE P 330 -17.59 -20.73 -43.74
CA PHE P 330 -16.95 -20.59 -42.44
C PHE P 330 -15.79 -21.57 -42.35
N ALA P 331 -14.64 -21.10 -41.89
CA ALA P 331 -13.47 -21.95 -41.74
C ALA P 331 -13.06 -21.96 -40.28
N ASN P 332 -12.17 -22.89 -39.94
CA ASN P 332 -11.59 -22.88 -38.61
C ASN P 332 -10.50 -21.82 -38.53
N SER P 333 -9.90 -21.68 -37.35
CA SER P 333 -8.94 -20.62 -37.09
C SER P 333 -7.66 -20.83 -37.88
N SER P 334 -7.01 -19.72 -38.23
CA SER P 334 -5.83 -19.80 -39.08
C SER P 334 -4.61 -20.34 -38.33
N GLY P 335 -4.48 -20.00 -37.07
CA GLY P 335 -3.37 -20.51 -36.28
C GLY P 335 -2.93 -19.48 -35.27
N GLY P 336 -1.82 -19.77 -34.63
CA GLY P 336 -1.28 -18.85 -33.64
C GLY P 336 -0.93 -19.54 -32.34
N ASP P 337 -1.15 -18.85 -31.22
CA ASP P 337 -0.98 -19.45 -29.91
C ASP P 337 -2.20 -20.36 -29.63
N LEU P 338 -2.21 -21.00 -28.47
CA LEU P 338 -3.29 -21.93 -28.14
C LEU P 338 -4.61 -21.20 -27.99
N GLU P 339 -4.70 -20.31 -27.01
CA GLU P 339 -5.99 -19.78 -26.60
C GLU P 339 -6.53 -18.66 -27.48
N VAL P 340 -6.10 -18.56 -28.73
CA VAL P 340 -6.82 -17.78 -29.72
C VAL P 340 -7.38 -18.66 -30.84
N THR P 341 -6.83 -19.86 -31.05
CA THR P 341 -7.42 -20.76 -32.04
C THR P 341 -8.55 -21.57 -31.41
N THR P 342 -8.27 -22.19 -30.28
CA THR P 342 -9.26 -22.98 -29.59
C THR P 342 -10.21 -22.07 -28.82
N HIS P 343 -11.26 -22.65 -28.28
CA HIS P 343 -12.29 -21.94 -27.54
C HIS P 343 -11.98 -22.01 -26.06
N SER P 344 -11.64 -20.87 -25.48
CA SER P 344 -11.26 -20.79 -24.09
C SER P 344 -12.45 -20.34 -23.25
N PHE P 345 -12.59 -20.94 -22.08
CA PHE P 345 -13.50 -20.47 -21.04
C PHE P 345 -13.15 -21.17 -19.75
N ASN P 346 -13.88 -20.84 -18.70
CA ASN P 346 -13.75 -21.45 -17.40
C ASN P 346 -15.06 -22.13 -17.04
N CYS P 347 -14.96 -23.20 -16.26
CA CYS P 347 -16.13 -24.02 -15.97
C CYS P 347 -15.95 -24.63 -14.59
N GLY P 348 -16.58 -24.03 -13.59
CA GLY P 348 -16.42 -24.50 -12.23
C GLY P 348 -15.05 -24.26 -11.65
N GLY P 349 -14.29 -23.32 -12.20
CA GLY P 349 -12.96 -23.04 -11.71
C GLY P 349 -11.87 -23.85 -12.35
N GLU P 350 -12.03 -24.27 -13.60
CA GLU P 350 -11.01 -25.03 -14.31
C GLU P 350 -11.12 -24.74 -15.78
N PHE P 351 -9.99 -24.46 -16.42
CA PHE P 351 -9.96 -23.75 -17.69
C PHE P 351 -9.93 -24.73 -18.85
N PHE P 352 -10.95 -24.67 -19.70
CA PHE P 352 -11.02 -25.56 -20.85
C PHE P 352 -10.42 -24.90 -22.07
N TYR P 353 -10.12 -25.71 -23.08
CA TYR P 353 -9.69 -25.23 -24.38
C TYR P 353 -10.27 -26.21 -25.40
N CYS P 354 -11.29 -25.80 -26.14
CA CYS P 354 -12.14 -26.71 -26.90
C CYS P 354 -12.01 -26.43 -28.39
N ASN P 355 -11.62 -27.45 -29.16
CA ASN P 355 -11.43 -27.31 -30.60
C ASN P 355 -12.78 -27.08 -31.28
N THR P 356 -12.86 -26.03 -32.09
CA THR P 356 -14.12 -25.65 -32.72
C THR P 356 -14.07 -25.73 -34.23
N SER P 357 -13.36 -26.72 -34.77
CA SER P 357 -13.46 -26.94 -36.20
C SER P 357 -14.75 -27.65 -36.57
N GLY P 358 -15.41 -28.28 -35.61
CA GLY P 358 -16.63 -29.02 -35.88
C GLY P 358 -17.86 -28.16 -36.06
N LEU P 359 -17.76 -26.87 -35.78
CA LEU P 359 -18.86 -25.94 -35.99
C LEU P 359 -18.65 -25.08 -37.22
N PHE P 360 -17.42 -24.67 -37.45
CA PHE P 360 -17.09 -23.69 -38.48
C PHE P 360 -16.57 -24.35 -39.75
N ASN P 361 -17.38 -25.23 -40.35
CA ASN P 361 -17.15 -25.66 -41.72
C ASN P 361 -18.49 -25.78 -42.43
N SER P 362 -18.71 -24.92 -43.41
CA SER P 362 -19.95 -24.94 -44.18
C SER P 362 -19.71 -24.24 -45.50
N THR P 363 -20.77 -24.10 -46.27
CA THR P 363 -20.83 -23.20 -47.40
C THR P 363 -22.28 -22.81 -47.57
N TRP P 364 -22.52 -21.65 -48.17
CA TRP P 364 -23.87 -21.13 -48.27
C TRP P 364 -24.04 -20.47 -49.63
N ILE P 365 -24.89 -21.06 -50.46
CA ILE P 365 -25.20 -20.54 -51.76
C ILE P 365 -26.52 -19.79 -51.61
N SER P 366 -26.91 -19.02 -52.63
CA SER P 366 -28.01 -18.07 -52.57
C SER P 366 -29.38 -18.69 -52.33
N ASN P 367 -29.52 -20.02 -52.39
CA ASN P 367 -30.76 -20.66 -52.00
C ASN P 367 -30.54 -21.97 -51.25
N ASN P 379 -32.05 -33.16 -32.81
CA ASN P 379 -31.97 -34.61 -32.67
C ASN P 379 -30.56 -35.03 -32.27
N ASP P 380 -29.62 -34.89 -33.21
CA ASP P 380 -28.23 -35.17 -32.93
C ASP P 380 -27.58 -33.99 -32.22
N SER P 381 -26.30 -34.13 -31.92
CA SER P 381 -25.56 -33.08 -31.24
C SER P 381 -24.10 -33.16 -31.63
N ILE P 382 -23.49 -32.00 -31.86
CA ILE P 382 -22.11 -31.94 -32.32
C ILE P 382 -21.18 -32.03 -31.13
N THR P 383 -20.34 -33.07 -31.12
CA THR P 383 -19.30 -33.16 -30.11
C THR P 383 -18.07 -32.44 -30.60
N LEU P 384 -17.28 -31.93 -29.66
CA LEU P 384 -16.05 -31.28 -30.01
C LEU P 384 -15.07 -31.43 -28.86
N PRO P 385 -13.84 -31.83 -29.13
CA PRO P 385 -12.92 -32.20 -28.05
C PRO P 385 -12.40 -30.98 -27.32
N CYS P 386 -11.91 -31.22 -26.10
CA CYS P 386 -11.43 -30.14 -25.25
C CYS P 386 -10.14 -30.55 -24.58
N ARG P 387 -9.22 -29.61 -24.46
CA ARG P 387 -7.95 -29.83 -23.80
C ARG P 387 -7.84 -28.88 -22.61
N ILE P 388 -7.14 -29.30 -21.57
CA ILE P 388 -7.14 -28.58 -20.30
C ILE P 388 -5.70 -28.25 -19.92
N LYS P 389 -5.47 -26.98 -19.56
CA LYS P 389 -4.23 -26.57 -18.95
C LYS P 389 -4.50 -26.30 -17.48
N GLN P 390 -3.52 -26.62 -16.63
CA GLN P 390 -3.65 -26.20 -15.24
C GLN P 390 -3.04 -24.83 -15.01
N ILE P 391 -1.89 -24.53 -15.59
CA ILE P 391 -1.41 -23.16 -15.48
C ILE P 391 -2.01 -22.38 -16.62
N ILE P 392 -2.26 -21.09 -16.38
CA ILE P 392 -2.81 -20.22 -17.40
C ILE P 392 -2.04 -18.92 -17.40
N ASN P 393 -1.96 -18.29 -18.56
CA ASN P 393 -1.38 -16.95 -18.65
C ASN P 393 -2.37 -16.10 -19.43
N MET P 394 -3.37 -15.56 -18.74
CA MET P 394 -4.30 -14.68 -19.40
C MET P 394 -3.85 -13.23 -19.28
N TRP P 395 -4.16 -12.46 -20.32
CA TRP P 395 -3.76 -11.08 -20.64
C TRP P 395 -2.29 -10.91 -20.97
N GLN P 396 -1.49 -11.99 -20.92
CA GLN P 396 -0.13 -12.07 -21.49
C GLN P 396 0.78 -10.99 -20.88
N ARG P 397 1.00 -11.11 -19.58
CA ARG P 397 1.94 -10.21 -18.92
C ARG P 397 3.34 -10.77 -19.04
N ILE P 398 4.31 -10.11 -18.41
CA ILE P 398 5.70 -10.56 -18.48
C ILE P 398 5.91 -11.78 -17.60
N GLY P 399 5.70 -11.62 -16.30
CA GLY P 399 6.10 -12.66 -15.36
C GLY P 399 5.03 -13.07 -14.39
N GLN P 400 3.78 -13.13 -14.84
CA GLN P 400 2.68 -13.56 -13.98
C GLN P 400 1.87 -14.60 -14.71
N CYS P 401 1.94 -15.84 -14.24
CA CYS P 401 0.92 -16.82 -14.58
C CYS P 401 0.23 -17.21 -13.28
N MET P 402 -0.72 -18.13 -13.34
CA MET P 402 -1.24 -18.68 -12.11
C MET P 402 -1.48 -20.16 -12.30
N TYR P 403 -1.52 -20.89 -11.19
CA TYR P 403 -1.73 -22.32 -11.21
C TYR P 403 -3.13 -22.57 -10.67
N ALA P 404 -4.07 -22.83 -11.57
CA ALA P 404 -5.43 -23.13 -11.17
C ALA P 404 -5.48 -24.52 -10.54
N PRO P 405 -5.85 -24.64 -9.26
CA PRO P 405 -5.76 -25.94 -8.61
C PRO P 405 -6.87 -26.85 -9.09
N PRO P 406 -6.63 -28.16 -9.11
CA PRO P 406 -7.67 -29.09 -9.56
C PRO P 406 -8.78 -29.17 -8.54
N ILE P 407 -9.95 -29.60 -9.02
CA ILE P 407 -11.16 -29.59 -8.21
C ILE P 407 -11.71 -30.99 -8.09
N GLN P 408 -12.29 -31.27 -6.93
CA GLN P 408 -12.75 -32.62 -6.60
C GLN P 408 -13.95 -32.99 -7.43
N GLY P 409 -13.90 -34.16 -8.06
CA GLY P 409 -15.07 -34.75 -8.68
C GLY P 409 -15.33 -34.26 -10.08
N VAL P 410 -16.27 -34.95 -10.74
CA VAL P 410 -16.68 -34.62 -12.09
C VAL P 410 -17.47 -33.32 -12.09
N ILE P 411 -17.11 -32.40 -12.98
CA ILE P 411 -17.78 -31.11 -13.04
C ILE P 411 -18.34 -30.87 -14.43
N ARG P 412 -19.43 -30.11 -14.48
CA ARG P 412 -20.02 -29.72 -15.75
C ARG P 412 -20.75 -28.39 -15.55
N CYS P 413 -20.87 -27.64 -16.64
CA CYS P 413 -21.54 -26.35 -16.58
C CYS P 413 -22.25 -26.10 -17.90
N VAL P 414 -23.38 -25.40 -17.80
CA VAL P 414 -24.28 -25.15 -18.91
C VAL P 414 -24.30 -23.65 -19.18
N SER P 415 -24.22 -23.27 -20.45
CA SER P 415 -24.17 -21.85 -20.77
C SER P 415 -24.92 -21.55 -22.06
N ASN P 416 -25.60 -20.41 -22.08
CA ASN P 416 -26.18 -19.88 -23.31
C ASN P 416 -25.08 -19.19 -24.10
N ILE P 417 -25.08 -19.38 -25.41
CA ILE P 417 -24.15 -18.66 -26.27
C ILE P 417 -24.84 -17.41 -26.77
N THR P 418 -24.31 -16.26 -26.37
CA THR P 418 -24.90 -14.98 -26.72
C THR P 418 -24.46 -14.50 -28.09
N GLY P 419 -23.18 -14.67 -28.41
CA GLY P 419 -22.71 -14.28 -29.72
C GLY P 419 -21.35 -14.87 -30.02
N LEU P 420 -20.80 -14.47 -31.15
CA LEU P 420 -19.50 -14.96 -31.56
C LEU P 420 -18.74 -13.83 -32.25
N ILE P 421 -17.43 -13.99 -32.35
CA ILE P 421 -16.56 -13.00 -32.95
C ILE P 421 -15.99 -13.57 -34.24
N LEU P 422 -16.12 -12.84 -35.32
CA LEU P 422 -15.73 -13.31 -36.63
C LEU P 422 -14.58 -12.46 -37.16
N THR P 423 -14.07 -12.86 -38.33
CA THR P 423 -13.00 -12.16 -39.02
C THR P 423 -13.05 -12.55 -40.47
N ARG P 424 -13.18 -11.55 -41.34
CA ARG P 424 -13.15 -11.74 -42.78
C ARG P 424 -11.70 -11.72 -43.23
N ASP P 425 -11.43 -12.30 -44.40
CA ASP P 425 -10.11 -12.18 -45.00
C ASP P 425 -10.24 -12.02 -46.51
N GLY P 426 -9.20 -11.46 -47.12
CA GLY P 426 -9.15 -11.39 -48.57
C GLY P 426 -8.04 -10.51 -49.09
N GLY P 427 -7.29 -11.00 -50.07
CA GLY P 427 -6.21 -10.22 -50.64
C GLY P 427 -6.52 -9.58 -51.97
N SER P 428 -7.03 -10.37 -52.90
CA SER P 428 -7.28 -9.95 -54.28
C SER P 428 -8.11 -11.01 -55.00
N THR P 429 -8.15 -10.91 -56.33
CA THR P 429 -8.63 -11.95 -57.25
C THR P 429 -10.12 -12.25 -57.09
N ASN P 430 -10.89 -11.20 -56.76
CA ASN P 430 -12.32 -11.00 -57.01
C ASN P 430 -13.24 -12.22 -56.91
N SER P 431 -12.98 -13.11 -55.97
CA SER P 431 -13.82 -14.29 -55.85
C SER P 431 -15.11 -13.95 -55.13
N THR P 432 -16.17 -14.69 -55.46
CA THR P 432 -17.47 -14.43 -54.87
C THR P 432 -17.57 -14.89 -53.43
N THR P 433 -16.65 -15.72 -52.96
CA THR P 433 -16.71 -16.22 -51.61
C THR P 433 -16.24 -15.17 -50.61
N GLU P 434 -16.68 -15.33 -49.36
CA GLU P 434 -16.21 -14.50 -48.25
C GLU P 434 -15.99 -15.44 -47.07
N THR P 435 -14.78 -15.95 -46.93
CA THR P 435 -14.48 -16.88 -45.85
C THR P 435 -14.43 -16.13 -44.53
N PHE P 436 -15.17 -16.62 -43.54
CA PHE P 436 -15.12 -16.08 -42.19
C PHE P 436 -14.44 -17.07 -41.26
N ARG P 437 -13.67 -16.55 -40.33
CA ARG P 437 -12.91 -17.35 -39.39
C ARG P 437 -13.11 -16.74 -38.02
N PRO P 438 -12.89 -17.49 -36.95
CA PRO P 438 -13.02 -16.90 -35.63
C PRO P 438 -11.85 -15.99 -35.29
N GLY P 439 -12.06 -15.17 -34.27
CA GLY P 439 -11.06 -14.21 -33.89
C GLY P 439 -10.60 -14.42 -32.47
N GLY P 440 -10.73 -13.40 -31.65
CA GLY P 440 -10.16 -13.45 -30.32
C GLY P 440 -9.24 -12.26 -30.13
N GLY P 441 -7.95 -12.53 -30.00
CA GLY P 441 -6.95 -11.47 -29.94
C GLY P 441 -7.09 -10.60 -28.71
N ASP P 442 -7.56 -9.37 -28.93
CA ASP P 442 -7.80 -8.46 -27.82
C ASP P 442 -8.96 -8.97 -26.98
N MET P 443 -8.85 -8.78 -25.68
CA MET P 443 -9.89 -9.17 -24.75
C MET P 443 -11.01 -8.14 -24.69
N ARG P 444 -10.77 -6.94 -25.24
CA ARG P 444 -11.71 -5.85 -25.12
C ARG P 444 -12.95 -6.03 -25.99
N ASP P 445 -12.87 -6.85 -27.04
CA ASP P 445 -14.03 -7.06 -27.91
C ASP P 445 -15.16 -7.73 -27.17
N ASN P 446 -14.82 -8.62 -26.23
CA ASN P 446 -15.80 -9.23 -25.34
C ASN P 446 -16.52 -8.21 -24.48
N TRP P 447 -15.93 -7.06 -24.25
CA TRP P 447 -16.63 -6.02 -23.52
C TRP P 447 -17.34 -5.04 -24.44
N ARG P 448 -16.99 -5.03 -25.71
CA ARG P 448 -17.63 -4.07 -26.59
C ARG P 448 -18.96 -4.60 -27.11
N SER P 449 -19.33 -5.81 -26.72
CA SER P 449 -20.65 -6.36 -26.98
C SER P 449 -21.63 -6.11 -25.84
N GLU P 450 -21.18 -5.46 -24.76
CA GLU P 450 -22.04 -5.18 -23.63
C GLU P 450 -21.99 -3.74 -23.15
N LEU P 451 -21.10 -2.92 -23.69
CA LEU P 451 -21.07 -1.50 -23.38
C LEU P 451 -21.31 -0.68 -24.64
N TYR P 452 -21.97 -1.28 -25.63
CA TYR P 452 -22.20 -0.59 -26.88
C TYR P 452 -23.28 0.46 -26.77
N LYS P 453 -24.29 0.21 -25.95
CA LYS P 453 -25.43 1.10 -25.87
C LYS P 453 -25.22 2.24 -24.89
N TYR P 454 -24.05 2.35 -24.26
CA TYR P 454 -23.84 3.36 -23.22
C TYR P 454 -22.89 4.44 -23.71
N LYS P 455 -22.92 5.56 -23.00
CA LYS P 455 -22.05 6.71 -23.25
C LYS P 455 -22.04 7.55 -21.99
N VAL P 456 -20.89 8.10 -21.64
CA VAL P 456 -20.77 8.96 -20.47
C VAL P 456 -20.73 10.41 -20.93
N VAL P 457 -21.42 11.29 -20.19
CA VAL P 457 -21.50 12.70 -20.52
C VAL P 457 -21.23 13.54 -19.28
N LYS P 458 -20.86 14.80 -19.52
CA LYS P 458 -20.59 15.76 -18.45
C LYS P 458 -21.60 16.89 -18.51
N ILE P 459 -22.21 17.20 -17.37
CA ILE P 459 -23.17 18.29 -17.28
C ILE P 459 -22.42 19.62 -17.22
N GLU P 460 -22.88 20.60 -18.01
CA GLU P 460 -22.40 21.97 -17.92
C GLU P 460 -23.60 22.83 -17.56
N PRO P 461 -23.93 22.93 -16.28
CA PRO P 461 -25.25 23.44 -15.88
C PRO P 461 -25.40 24.96 -15.90
N LEU P 462 -24.44 25.71 -16.44
CA LEU P 462 -24.47 27.16 -16.40
C LEU P 462 -24.60 27.68 -17.83
N GLY P 463 -25.84 27.94 -18.25
CA GLY P 463 -26.10 28.46 -19.57
C GLY P 463 -26.63 29.87 -19.50
N VAL P 464 -26.65 30.58 -20.62
CA VAL P 464 -26.97 32.00 -20.62
C VAL P 464 -27.83 32.30 -21.84
N ALA P 465 -28.75 33.25 -21.70
CA ALA P 465 -29.81 33.44 -22.68
C ALA P 465 -30.39 34.84 -22.50
N PRO P 466 -31.00 35.40 -23.55
CA PRO P 466 -31.70 36.68 -23.41
C PRO P 466 -33.15 36.53 -23.00
N THR P 467 -33.61 37.50 -22.20
CA THR P 467 -35.03 37.75 -21.98
C THR P 467 -35.18 39.19 -21.52
N ARG P 468 -36.42 39.65 -21.44
CA ARG P 468 -36.68 41.03 -21.04
C ARG P 468 -36.81 41.11 -19.51
N CYS P 469 -35.78 41.67 -18.87
CA CYS P 469 -35.84 42.02 -17.45
C CYS P 469 -34.71 42.99 -17.16
N LYS P 470 -34.72 43.51 -15.95
CA LYS P 470 -33.64 44.32 -15.41
C LYS P 470 -33.42 43.90 -13.97
N ARG P 471 -32.41 44.48 -13.34
CA ARG P 471 -32.20 44.34 -11.91
C ARG P 471 -32.34 45.71 -11.28
N ARG P 472 -33.08 45.78 -10.18
CA ARG P 472 -33.45 47.05 -9.59
C ARG P 472 -32.33 47.55 -8.69
N VAL P 473 -31.84 48.75 -8.98
CA VAL P 473 -30.75 49.34 -8.22
C VAL P 473 -31.25 49.81 -6.85
N GLN Q 1 28.70 -33.03 74.96
CA GLN Q 1 29.85 -33.93 74.94
C GLN Q 1 29.36 -35.33 74.58
N VAL Q 2 29.89 -35.86 73.48
CA VAL Q 2 29.59 -37.21 73.03
C VAL Q 2 30.89 -37.99 72.89
N HIS Q 3 30.76 -39.30 72.79
CA HIS Q 3 31.90 -40.17 72.52
C HIS Q 3 31.39 -41.39 71.78
N LEU Q 4 31.75 -41.49 70.50
CA LEU Q 4 31.25 -42.55 69.63
C LEU Q 4 32.42 -43.29 69.00
N GLN Q 5 32.20 -44.59 68.74
CA GLN Q 5 33.26 -45.50 68.37
C GLN Q 5 32.63 -46.70 67.67
N GLU Q 6 33.30 -47.18 66.62
CA GLU Q 6 32.84 -48.35 65.90
C GLU Q 6 33.74 -49.54 66.21
N SER Q 7 33.26 -50.72 65.86
CA SER Q 7 34.00 -51.96 66.10
C SER Q 7 33.62 -52.94 65.01
N GLY Q 8 34.58 -53.25 64.13
CA GLY Q 8 34.36 -54.20 63.07
C GLY Q 8 35.47 -55.22 62.98
N PRO Q 9 35.46 -56.03 61.92
CA PRO Q 9 36.53 -57.02 61.79
C PRO Q 9 37.88 -56.42 61.43
N GLY Q 10 37.91 -55.46 60.50
CA GLY Q 10 39.14 -54.79 60.12
C GLY Q 10 40.09 -55.60 59.27
N LEU Q 11 39.74 -56.85 58.92
CA LEU Q 11 40.60 -57.69 58.10
C LEU Q 11 39.66 -58.54 57.23
N VAL Q 12 39.39 -58.06 56.02
CA VAL Q 12 38.27 -58.54 55.23
C VAL Q 12 38.80 -59.08 53.91
N LYS Q 13 38.37 -60.30 53.55
CA LYS Q 13 38.63 -60.91 52.26
C LYS Q 13 37.73 -60.26 51.21
N PRO Q 14 38.19 -60.17 49.95
CA PRO Q 14 37.27 -59.81 48.87
C PRO Q 14 36.13 -60.80 48.73
N SER Q 15 34.98 -60.28 48.25
CA SER Q 15 33.70 -60.99 48.14
C SER Q 15 33.26 -61.54 49.49
N GLU Q 16 32.97 -60.60 50.39
CA GLU Q 16 32.59 -60.92 51.76
C GLU Q 16 31.64 -59.84 52.27
N THR Q 17 30.75 -60.22 53.17
CA THR Q 17 29.89 -59.25 53.86
C THR Q 17 30.70 -58.47 54.89
N LEU Q 18 30.05 -57.48 55.50
CA LEU Q 18 30.75 -56.58 56.42
C LEU Q 18 29.73 -55.96 57.37
N SER Q 19 30.18 -55.64 58.57
CA SER Q 19 29.30 -55.02 59.57
C SER Q 19 30.12 -54.14 60.49
N LEU Q 20 29.45 -53.15 61.09
CA LEU Q 20 30.07 -52.23 62.03
C LEU Q 20 29.08 -51.91 63.15
N THR Q 21 29.54 -51.10 64.12
CA THR Q 21 28.79 -50.76 65.32
C THR Q 21 28.87 -49.26 65.57
N CYS Q 22 28.04 -48.78 66.50
CA CYS Q 22 28.07 -47.37 66.93
C CYS Q 22 27.67 -47.32 68.40
N ASN Q 23 28.65 -47.23 69.28
CA ASN Q 23 28.30 -47.03 70.69
C ASN Q 23 27.90 -45.57 70.92
N VAL Q 24 27.24 -45.34 72.05
CA VAL Q 24 26.73 -44.02 72.37
C VAL Q 24 27.34 -43.54 73.69
N SER Q 25 27.46 -42.22 73.80
CA SER Q 25 27.84 -41.57 75.05
C SER Q 25 27.31 -40.14 74.99
N GLY Q 26 26.73 -39.69 76.08
CA GLY Q 26 26.13 -38.35 76.07
C GLY Q 26 24.75 -38.24 75.48
N THR Q 27 24.52 -38.84 74.31
CA THR Q 27 23.24 -38.76 73.62
C THR Q 27 22.92 -40.12 73.02
N LEU Q 28 21.66 -40.52 73.11
CA LEU Q 28 21.22 -41.80 72.55
C LEU Q 28 20.98 -41.65 71.05
N VAL Q 29 20.42 -42.69 70.43
CA VAL Q 29 20.39 -42.80 68.97
C VAL Q 29 19.06 -42.25 68.42
N ARG Q 30 17.99 -42.30 69.21
CA ARG Q 30 16.69 -41.87 68.73
C ARG Q 30 16.57 -40.36 68.62
N ASP Q 31 17.48 -39.61 69.22
CA ASP Q 31 17.37 -38.16 69.20
C ASP Q 31 17.94 -37.58 67.91
N ASN Q 32 19.16 -37.96 67.55
CA ASN Q 32 19.87 -37.33 66.45
C ASN Q 32 19.80 -38.16 65.18
N TYR Q 33 20.51 -37.68 64.15
CA TYR Q 33 20.55 -38.27 62.83
C TYR Q 33 21.97 -38.71 62.55
N TRP Q 34 22.14 -39.87 61.91
CA TRP Q 34 23.42 -40.54 61.88
C TRP Q 34 23.90 -40.72 60.44
N SER Q 35 25.22 -40.81 60.26
CA SER Q 35 25.78 -40.89 58.92
C SER Q 35 26.99 -41.81 58.93
N TRP Q 36 27.54 -42.03 57.73
CA TRP Q 36 28.71 -42.87 57.56
C TRP Q 36 29.67 -42.24 56.57
N ILE Q 37 30.95 -42.20 56.94
CA ILE Q 37 31.98 -41.51 56.17
C ILE Q 37 33.17 -42.47 56.04
N ARG Q 38 33.73 -42.56 54.83
CA ARG Q 38 34.92 -43.37 54.60
C ARG Q 38 35.95 -42.54 53.87
N GLN Q 39 37.22 -42.92 54.03
CA GLN Q 39 38.31 -42.17 53.42
C GLN Q 39 39.49 -43.05 53.07
N PRO Q 40 39.76 -43.30 51.80
CA PRO Q 40 41.03 -43.92 51.42
C PRO Q 40 42.19 -42.98 51.68
N LEU Q 41 43.37 -43.57 51.85
CA LEU Q 41 44.55 -42.79 52.20
C LEU Q 41 45.00 -41.92 51.04
N GLY Q 42 45.33 -40.66 51.36
CA GLY Q 42 45.69 -39.70 50.33
C GLY Q 42 44.55 -39.26 49.45
N LYS Q 43 43.31 -39.47 49.89
CA LYS Q 43 42.13 -39.15 49.09
C LYS Q 43 41.19 -38.31 49.94
N GLN Q 44 40.27 -37.62 49.25
CA GLN Q 44 39.21 -36.92 49.95
C GLN Q 44 38.22 -37.94 50.53
N PRO Q 45 37.55 -37.61 51.63
CA PRO Q 45 36.61 -38.56 52.23
C PRO Q 45 35.38 -38.78 51.35
N GLU Q 46 34.61 -39.79 51.70
CA GLU Q 46 33.41 -40.12 50.95
C GLU Q 46 32.29 -40.42 51.92
N TRP Q 47 31.14 -39.81 51.66
CA TRP Q 47 30.01 -39.81 52.58
C TRP Q 47 29.01 -40.84 52.09
N ILE Q 48 28.92 -41.98 52.80
CA ILE Q 48 28.17 -43.11 52.29
C ILE Q 48 26.67 -42.84 52.37
N GLY Q 49 26.16 -42.65 53.57
CA GLY Q 49 24.73 -42.49 53.73
C GLY Q 49 24.39 -41.93 55.09
N TYR Q 50 23.08 -41.75 55.29
CA TYR Q 50 22.57 -41.19 56.53
C TYR Q 50 21.23 -41.84 56.84
N VAL Q 51 20.97 -41.99 58.12
CA VAL Q 51 19.73 -42.57 58.60
C VAL Q 51 19.12 -41.61 59.63
N HIS Q 52 17.80 -41.45 59.54
CA HIS Q 52 17.02 -40.66 60.46
C HIS Q 52 16.34 -41.59 61.46
N ASP Q 53 15.47 -41.03 62.28
CA ASP Q 53 14.50 -41.84 62.98
C ASP Q 53 13.31 -42.10 62.06
N SER Q 54 12.51 -43.11 62.41
CA SER Q 54 11.28 -43.50 61.72
C SER Q 54 11.52 -43.91 60.27
N GLY Q 55 12.71 -44.43 59.98
CA GLY Q 55 12.93 -45.14 58.73
C GLY Q 55 13.39 -44.31 57.56
N ASP Q 56 13.54 -43.00 57.72
CA ASP Q 56 14.03 -42.16 56.62
C ASP Q 56 15.51 -42.41 56.43
N THR Q 57 15.87 -43.02 55.30
CA THR Q 57 17.24 -43.44 55.04
C THR Q 57 17.54 -43.24 53.57
N ASN Q 58 18.73 -42.69 53.28
CA ASN Q 58 19.16 -42.48 51.90
C ASN Q 58 20.62 -42.86 51.77
N TYR Q 59 21.00 -43.27 50.56
CA TYR Q 59 22.34 -43.79 50.32
C TYR Q 59 22.95 -43.11 49.10
N ASN Q 60 24.13 -43.58 48.70
CA ASN Q 60 24.73 -43.16 47.46
C ASN Q 60 23.91 -43.66 46.28
N PRO Q 61 23.91 -42.95 45.17
CA PRO Q 61 23.41 -43.55 43.93
C PRO Q 61 24.38 -44.57 43.36
N SER Q 62 25.66 -44.48 43.70
CA SER Q 62 26.63 -45.49 43.27
C SER Q 62 26.49 -46.75 44.12
N LEU Q 63 26.37 -46.59 45.44
CA LEU Q 63 26.24 -47.72 46.35
C LEU Q 63 24.79 -48.06 46.64
N LYS Q 64 23.86 -47.64 45.77
CA LYS Q 64 22.43 -47.92 45.96
C LYS Q 64 22.14 -49.41 45.88
N SER Q 65 22.94 -50.14 45.12
CA SER Q 65 22.63 -51.54 44.82
C SER Q 65 22.82 -52.44 46.04
N ARG Q 66 23.90 -52.27 46.77
CA ARG Q 66 24.37 -53.33 47.65
C ARG Q 66 24.27 -53.03 49.15
N VAL Q 67 24.49 -51.78 49.59
CA VAL Q 67 24.58 -51.52 51.02
C VAL Q 67 23.19 -51.50 51.64
N HIS Q 68 23.10 -51.94 52.89
CA HIS Q 68 21.85 -51.92 53.65
C HIS Q 68 22.19 -51.59 55.10
N LEU Q 69 21.31 -50.81 55.74
CA LEU Q 69 21.54 -50.34 57.09
C LEU Q 69 20.29 -50.59 57.94
N SER Q 70 20.45 -50.34 59.24
CA SER Q 70 19.39 -50.40 60.24
C SER Q 70 19.94 -49.78 61.51
N LEU Q 71 19.08 -49.66 62.52
CA LEU Q 71 19.49 -49.28 63.86
C LEU Q 71 19.47 -50.50 64.76
N ASP Q 72 19.93 -50.30 65.99
CA ASP Q 72 19.75 -51.29 67.07
C ASP Q 72 18.94 -50.56 68.12
N LYS Q 73 17.63 -50.78 68.08
CA LYS Q 73 16.67 -49.92 68.78
C LYS Q 73 16.75 -50.12 70.29
N SER Q 74 16.66 -51.37 70.74
CA SER Q 74 16.66 -51.64 72.17
C SER Q 74 18.06 -51.58 72.77
N LYS Q 75 19.09 -51.95 72.00
CA LYS Q 75 20.45 -51.99 72.52
C LYS Q 75 21.21 -50.69 72.31
N ASN Q 76 20.62 -49.73 71.60
CA ASN Q 76 21.15 -48.36 71.43
C ASN Q 76 22.47 -48.36 70.66
N LEU Q 77 22.46 -48.98 69.48
CA LEU Q 77 23.58 -48.93 68.54
C LEU Q 77 23.05 -48.71 67.14
N VAL Q 78 23.97 -48.55 66.18
CA VAL Q 78 23.66 -48.43 64.75
C VAL Q 78 24.41 -49.53 64.02
N SER Q 79 23.73 -50.19 63.09
CA SER Q 79 24.31 -51.29 62.35
C SER Q 79 24.78 -50.82 60.97
N LEU Q 80 25.33 -51.76 60.21
CA LEU Q 80 25.76 -51.56 58.84
C LEU Q 80 25.87 -52.93 58.19
N ARG Q 81 25.60 -53.00 56.89
CA ARG Q 81 25.75 -54.26 56.17
C ARG Q 81 26.10 -53.94 54.73
N LEU Q 82 27.30 -54.35 54.32
CA LEU Q 82 27.80 -54.11 52.97
C LEU Q 82 28.02 -55.45 52.29
N THR Q 83 27.88 -55.46 50.96
CA THR Q 83 27.88 -56.69 50.18
C THR Q 83 28.91 -56.59 49.06
N GLY Q 84 29.77 -57.60 48.96
CA GLY Q 84 30.71 -57.68 47.86
C GLY Q 84 31.89 -56.73 47.94
N VAL Q 85 32.75 -56.96 48.93
CA VAL Q 85 33.96 -56.16 49.09
C VAL Q 85 34.91 -56.44 47.94
N THR Q 86 35.47 -55.38 47.36
CA THR Q 86 36.49 -55.46 46.32
C THR Q 86 37.71 -54.68 46.79
N ALA Q 87 38.64 -54.44 45.87
CA ALA Q 87 39.84 -53.67 46.19
C ALA Q 87 39.55 -52.18 46.36
N ALA Q 88 38.36 -51.71 45.99
CA ALA Q 88 37.98 -50.32 46.15
C ALA Q 88 37.20 -50.08 47.44
N ASP Q 89 37.50 -50.83 48.50
CA ASP Q 89 36.86 -50.66 49.79
C ASP Q 89 37.84 -50.44 50.92
N SER Q 90 39.13 -50.39 50.65
CA SER Q 90 40.15 -50.21 51.68
C SER Q 90 40.16 -48.74 52.08
N ALA Q 91 39.54 -48.44 53.22
CA ALA Q 91 39.41 -47.07 53.69
C ALA Q 91 39.13 -47.08 55.18
N ILE Q 92 39.64 -46.08 55.88
CA ILE Q 92 39.34 -45.93 57.30
C ILE Q 92 37.88 -45.46 57.44
N TYR Q 93 37.11 -46.21 58.21
CA TYR Q 93 35.69 -45.92 58.35
C TYR Q 93 35.45 -45.10 59.59
N TYR Q 94 34.44 -44.23 59.51
CA TYR Q 94 34.09 -43.25 60.52
C TYR Q 94 32.65 -43.46 60.97
N CYS Q 95 32.26 -42.69 61.98
CA CYS Q 95 30.89 -42.59 62.44
C CYS Q 95 30.65 -41.15 62.84
N ALA Q 96 29.48 -40.62 62.52
CA ALA Q 96 29.23 -39.21 62.83
C ALA Q 96 27.74 -38.96 62.96
N THR Q 97 27.42 -38.03 63.85
CA THR Q 97 26.10 -37.44 63.85
C THR Q 97 26.02 -36.38 62.76
N THR Q 98 24.81 -35.88 62.53
CA THR Q 98 24.66 -34.80 61.58
C THR Q 98 23.55 -33.86 62.02
N LYS Q 99 23.75 -32.58 61.73
CA LYS Q 99 22.73 -31.57 61.93
C LYS Q 99 22.33 -31.03 60.56
N HIS Q 100 21.04 -30.84 60.37
CA HIS Q 100 20.49 -30.45 59.08
C HIS Q 100 19.86 -29.07 59.19
N GLY Q 101 20.00 -28.29 58.11
CA GLY Q 101 19.37 -27.00 58.03
C GLY Q 101 18.72 -26.79 56.68
N ARG Q 102 17.93 -25.74 56.58
CA ARG Q 102 17.34 -25.34 55.31
C ARG Q 102 18.07 -24.11 54.82
N ARG Q 103 18.21 -24.01 53.50
CA ARG Q 103 18.79 -22.83 52.88
C ARG Q 103 17.75 -22.36 51.88
N ILE Q 104 16.80 -21.55 52.35
CA ILE Q 104 15.71 -21.08 51.52
C ILE Q 104 16.24 -19.98 50.62
N TYR Q 105 15.99 -20.10 49.32
CA TYR Q 105 16.41 -19.09 48.37
C TYR Q 105 15.28 -18.39 47.64
N GLY Q 106 14.04 -18.83 47.83
CA GLY Q 106 12.95 -18.23 47.10
C GLY Q 106 11.59 -18.38 47.75
N VAL Q 107 10.56 -18.54 46.94
CA VAL Q 107 9.21 -18.68 47.46
C VAL Q 107 9.07 -20.04 48.11
N VAL Q 108 8.62 -20.04 49.36
CA VAL Q 108 8.65 -21.28 50.15
C VAL Q 108 7.55 -22.23 49.71
N ALA Q 109 6.39 -21.72 49.30
CA ALA Q 109 5.29 -22.58 48.90
C ALA Q 109 5.50 -23.24 47.55
N PHE Q 110 6.52 -22.84 46.79
CA PHE Q 110 6.81 -23.44 45.49
C PHE Q 110 7.88 -24.50 45.57
N LYS Q 111 8.22 -24.97 46.78
CA LYS Q 111 9.30 -25.91 47.07
C LYS Q 111 10.63 -25.42 46.48
N GLU Q 112 11.08 -24.29 46.98
CA GLU Q 112 12.33 -23.67 46.56
C GLU Q 112 13.32 -23.61 47.70
N TRP Q 113 13.42 -24.72 48.44
CA TRP Q 113 14.36 -24.87 49.53
C TRP Q 113 14.99 -26.24 49.40
N PHE Q 114 16.08 -26.45 50.12
CA PHE Q 114 16.75 -27.74 50.09
C PHE Q 114 17.46 -27.95 51.41
N THR Q 115 17.37 -29.17 51.93
CA THR Q 115 18.07 -29.51 53.16
C THR Q 115 19.56 -29.62 52.89
N TYR Q 116 20.36 -29.23 53.87
CA TYR Q 116 21.79 -29.46 53.80
C TYR Q 116 22.26 -29.99 55.14
N PHE Q 117 23.06 -31.05 55.09
CA PHE Q 117 23.58 -31.74 56.25
C PHE Q 117 25.00 -31.30 56.54
N TYR Q 118 25.38 -31.33 57.82
CA TYR Q 118 26.77 -31.12 58.18
C TYR Q 118 27.08 -31.93 59.43
N MET Q 119 28.30 -32.46 59.47
CA MET Q 119 28.74 -33.35 60.55
C MET Q 119 29.32 -32.52 61.68
N ASP Q 120 28.59 -32.41 62.78
CA ASP Q 120 29.06 -31.58 63.89
C ASP Q 120 30.19 -32.23 64.68
N VAL Q 121 30.08 -33.52 64.98
CA VAL Q 121 31.13 -34.25 65.68
C VAL Q 121 31.58 -35.40 64.79
N TRP Q 122 32.54 -36.18 65.29
CA TRP Q 122 33.12 -37.26 64.50
C TRP Q 122 33.49 -38.41 65.41
N GLY Q 123 33.53 -39.60 64.82
CA GLY Q 123 34.08 -40.75 65.51
C GLY Q 123 35.60 -40.71 65.54
N LYS Q 124 36.18 -41.83 65.94
CA LYS Q 124 37.63 -41.93 66.01
C LYS Q 124 38.22 -42.78 64.90
N GLY Q 125 37.41 -43.55 64.20
CA GLY Q 125 37.84 -44.19 62.98
C GLY Q 125 38.57 -45.49 63.15
N THR Q 126 38.19 -46.51 62.37
CA THR Q 126 38.89 -47.78 62.36
C THR Q 126 39.28 -48.13 60.93
N SER Q 127 40.50 -48.60 60.74
CA SER Q 127 40.95 -49.01 59.43
C SER Q 127 40.37 -50.37 59.08
N VAL Q 128 39.59 -50.42 58.00
CA VAL Q 128 39.10 -51.69 57.49
C VAL Q 128 39.76 -51.93 56.15
N THR Q 129 40.87 -52.67 56.17
CA THR Q 129 41.68 -52.90 54.98
C THR Q 129 41.29 -54.22 54.35
N VAL Q 130 40.99 -54.20 53.05
CA VAL Q 130 40.70 -55.44 52.34
C VAL Q 130 41.97 -56.27 52.26
N SER Q 131 41.84 -57.57 52.45
CA SER Q 131 42.98 -58.47 52.53
C SER Q 131 42.80 -59.61 51.54
N SER Q 132 43.56 -59.56 50.45
CA SER Q 132 43.51 -60.61 49.44
C SER Q 132 44.30 -61.83 49.89
N ALA R 1 48.20 -33.12 43.21
CA ALA R 1 46.81 -32.68 43.23
C ALA R 1 46.38 -31.85 44.49
N PRO R 2 46.85 -32.19 45.74
CA PRO R 2 46.66 -31.20 46.82
C PRO R 2 47.60 -30.02 46.67
N THR R 3 47.02 -28.87 46.30
CA THR R 3 47.83 -27.68 46.05
C THR R 3 48.38 -27.11 47.35
N PHE R 4 49.54 -26.49 47.30
CA PHE R 4 50.07 -25.95 48.54
C PHE R 4 50.03 -24.44 48.58
N VAL R 5 49.44 -23.91 49.64
CA VAL R 5 49.49 -22.49 49.91
C VAL R 5 50.35 -22.24 51.14
N SER R 6 51.37 -21.41 50.99
CA SER R 6 52.26 -21.09 52.08
C SER R 6 52.32 -19.60 52.33
N VAL R 7 52.19 -19.22 53.60
CA VAL R 7 52.25 -17.81 53.98
C VAL R 7 53.04 -17.71 55.28
N ALA R 8 53.39 -16.48 55.65
CA ALA R 8 54.07 -16.24 56.91
C ALA R 8 53.10 -16.45 58.07
N PRO R 9 53.60 -16.91 59.23
CA PRO R 9 52.74 -17.02 60.41
C PRO R 9 52.29 -15.67 60.93
N GLY R 10 50.99 -15.41 60.82
CA GLY R 10 50.41 -14.11 61.14
C GLY R 10 49.71 -13.45 59.97
N GLN R 11 49.99 -13.89 58.74
CA GLN R 11 49.39 -13.32 57.55
C GLN R 11 48.07 -14.04 57.26
N THR R 12 47.49 -13.77 56.09
CA THR R 12 46.24 -14.37 55.66
C THR R 12 46.50 -15.44 54.61
N ALA R 13 45.74 -16.53 54.67
CA ALA R 13 45.86 -17.64 53.72
C ALA R 13 44.50 -17.94 53.14
N ARG R 14 44.42 -18.06 51.82
CA ARG R 14 43.16 -18.27 51.12
C ARG R 14 43.15 -19.63 50.45
N ILE R 15 41.99 -20.28 50.48
CA ILE R 15 41.84 -21.64 49.98
C ILE R 15 40.65 -21.66 49.03
N THR R 16 40.87 -22.15 47.81
CA THR R 16 39.80 -22.36 46.86
C THR R 16 39.56 -23.85 46.69
N CYS R 17 38.30 -24.21 46.51
CA CYS R 17 37.94 -25.63 46.46
C CYS R 17 36.62 -25.79 45.73
N GLY R 18 36.61 -26.64 44.71
CA GLY R 18 35.38 -27.07 44.10
C GLY R 18 35.05 -26.35 42.80
N GLU R 19 33.96 -26.82 42.19
CA GLU R 19 33.46 -26.29 40.94
C GLU R 19 32.97 -24.86 41.11
N GLU R 20 33.05 -24.08 40.03
CA GLU R 20 32.54 -22.71 40.02
C GLU R 20 31.02 -22.73 40.21
N SER R 21 30.50 -21.68 40.85
CA SER R 21 29.12 -21.66 41.29
C SER R 21 28.15 -21.49 40.12
N LEU R 22 27.03 -22.21 40.19
CA LEU R 22 25.94 -22.02 39.23
C LEU R 22 24.68 -21.52 39.92
N GLY R 23 24.20 -22.22 40.95
CA GLY R 23 23.06 -21.78 41.71
C GLY R 23 23.47 -21.16 43.03
N SER R 24 22.49 -21.01 43.91
CA SER R 24 22.80 -20.64 45.28
C SER R 24 23.44 -21.81 45.99
N ARG R 25 24.49 -21.55 46.76
CA ARG R 25 25.24 -22.63 47.38
C ARG R 25 25.17 -22.57 48.90
N SER R 26 25.45 -23.72 49.49
CA SER R 26 25.64 -23.87 50.93
C SER R 26 26.93 -24.66 51.08
N VAL R 27 28.02 -23.98 51.36
CA VAL R 27 29.32 -24.64 51.46
C VAL R 27 29.54 -25.03 52.90
N ILE R 28 30.28 -26.12 53.12
CA ILE R 28 30.66 -26.57 54.45
C ILE R 28 32.15 -26.87 54.42
N TRP R 29 32.90 -26.26 55.34
CA TRP R 29 34.34 -26.47 55.43
C TRP R 29 34.67 -27.38 56.60
N TYR R 30 35.67 -28.23 56.41
CA TYR R 30 36.15 -29.14 57.44
C TYR R 30 37.59 -28.79 57.83
N GLN R 31 38.16 -29.64 58.69
CA GLN R 31 39.56 -29.52 59.06
C GLN R 31 40.06 -30.90 59.47
N GLN R 32 41.05 -31.40 58.75
CA GLN R 32 41.61 -32.74 58.91
C GLN R 32 43.00 -32.61 59.50
N ARG R 33 43.14 -32.96 60.78
CA ARG R 33 44.46 -33.13 61.37
C ARG R 33 45.02 -34.48 60.94
N PRO R 34 46.34 -34.58 60.78
CA PRO R 34 46.94 -35.83 60.28
C PRO R 34 46.80 -36.96 61.28
N GLY R 35 46.19 -38.05 60.83
CA GLY R 35 45.99 -39.22 61.66
C GLY R 35 44.70 -39.23 62.46
N GLN R 36 43.75 -38.36 62.13
CA GLN R 36 42.51 -38.24 62.90
C GLN R 36 41.32 -38.23 61.95
N ALA R 37 40.15 -38.06 62.54
CA ALA R 37 38.92 -37.75 61.81
C ALA R 37 38.92 -36.27 61.45
N PRO R 38 37.99 -35.80 60.57
CA PRO R 38 37.90 -34.35 60.37
C PRO R 38 37.35 -33.58 61.55
N SER R 39 37.17 -32.28 61.38
CA SER R 39 36.57 -31.43 62.40
C SER R 39 35.96 -30.24 61.70
N LEU R 40 34.66 -30.03 61.90
CA LEU R 40 33.95 -28.98 61.21
C LEU R 40 34.40 -27.61 61.72
N ILE R 41 34.50 -26.65 60.80
CA ILE R 41 34.82 -25.27 61.15
C ILE R 41 33.74 -24.29 60.70
N ILE R 42 33.19 -24.46 59.49
CA ILE R 42 32.15 -23.58 58.96
C ILE R 42 30.99 -24.45 58.50
N TYR R 43 29.78 -24.16 59.00
CA TYR R 43 28.62 -25.00 58.70
C TYR R 43 27.64 -24.39 57.71
N ASN R 44 27.42 -23.08 57.76
CA ASN R 44 26.74 -22.39 56.69
C ASN R 44 27.80 -21.88 55.73
N ASN R 45 27.47 -20.93 54.85
CA ASN R 45 28.48 -20.32 54.00
C ASN R 45 29.47 -19.49 54.80
N ASN R 46 29.03 -18.88 55.90
CA ASN R 46 29.91 -18.06 56.72
C ASN R 46 29.76 -18.34 58.20
N ASP R 47 28.66 -18.97 58.64
CA ASP R 47 28.43 -19.17 60.06
C ASP R 47 29.29 -20.31 60.58
N ARG R 48 29.81 -20.15 61.79
CA ARG R 48 30.69 -21.11 62.43
C ARG R 48 30.15 -21.47 63.81
N PRO R 49 30.35 -22.73 64.26
CA PRO R 49 29.78 -23.14 65.55
C PRO R 49 30.63 -22.70 66.72
N SER R 50 30.25 -23.13 67.92
CA SER R 50 30.94 -22.74 69.14
C SER R 50 32.27 -23.45 69.27
N GLY R 51 33.24 -22.74 69.83
CA GLY R 51 34.57 -23.30 70.04
C GLY R 51 35.53 -23.08 68.90
N ILE R 52 35.12 -22.42 67.83
CA ILE R 52 35.97 -22.11 66.69
C ILE R 52 35.95 -20.61 66.50
N PRO R 53 37.09 -19.94 66.51
CA PRO R 53 37.11 -18.48 66.59
C PRO R 53 36.71 -17.81 65.29
N ASP R 54 36.53 -16.50 65.38
CA ASP R 54 36.07 -15.68 64.26
C ASP R 54 37.21 -15.12 63.42
N ARG R 55 38.39 -15.72 63.48
CA ARG R 55 39.44 -15.38 62.52
C ARG R 55 39.30 -16.17 61.22
N PHE R 56 38.29 -17.02 61.12
CA PHE R 56 37.96 -17.71 59.88
C PHE R 56 36.87 -16.95 59.14
N SER R 57 36.82 -17.12 57.82
CA SER R 57 35.81 -16.43 57.03
C SER R 57 35.45 -17.30 55.83
N GLY R 58 34.18 -17.30 55.48
CA GLY R 58 33.75 -18.01 54.30
C GLY R 58 33.29 -17.05 53.21
N SER R 59 33.30 -17.51 51.98
CA SER R 59 32.69 -16.69 50.94
C SER R 59 31.17 -16.77 51.04
N PRO R 60 30.47 -15.67 50.83
CA PRO R 60 29.00 -15.71 50.88
C PRO R 60 28.43 -16.48 49.71
N GLY R 61 27.34 -17.19 49.98
CA GLY R 61 26.76 -18.06 48.98
C GLY R 61 25.63 -17.46 48.18
N SER R 62 25.71 -16.16 47.92
CA SER R 62 24.73 -15.48 47.09
C SER R 62 25.41 -14.80 45.90
N THR R 63 26.54 -15.36 45.46
CA THR R 63 27.29 -14.82 44.34
C THR R 63 27.45 -15.91 43.31
N PHE R 64 27.19 -15.58 42.05
CA PHE R 64 27.05 -16.57 41.00
C PHE R 64 28.20 -16.47 40.02
N GLY R 65 28.82 -17.60 39.72
CA GLY R 65 29.97 -17.61 38.85
C GLY R 65 31.28 -17.36 39.56
N THR R 66 31.37 -17.67 40.85
CA THR R 66 32.62 -17.60 41.60
C THR R 66 32.94 -18.96 42.18
N THR R 67 34.01 -19.01 42.96
CA THR R 67 34.49 -20.24 43.57
C THR R 67 34.41 -20.10 45.08
N ALA R 68 34.00 -21.16 45.75
CA ALA R 68 33.89 -21.16 47.20
C ALA R 68 35.28 -21.06 47.82
N THR R 69 35.51 -19.99 48.58
CA THR R 69 36.80 -19.73 49.19
C THR R 69 36.70 -19.70 50.70
N LEU R 70 37.73 -20.20 51.36
CA LEU R 70 37.90 -20.09 52.80
C LEU R 70 39.07 -19.16 53.07
N THR R 71 38.85 -18.16 53.91
CA THR R 71 39.85 -17.15 54.21
C THR R 71 40.27 -17.29 55.66
N ILE R 72 41.58 -17.42 55.89
CA ILE R 72 42.14 -17.59 57.23
C ILE R 72 42.95 -16.35 57.55
N THR R 73 42.64 -15.72 58.67
CA THR R 73 43.45 -14.62 59.19
C THR R 73 44.17 -15.07 60.44
N SER R 74 45.40 -14.58 60.61
CA SER R 74 46.27 -14.87 61.76
C SER R 74 46.50 -16.37 61.92
N VAL R 75 47.21 -16.92 60.94
CA VAL R 75 47.53 -18.35 60.95
C VAL R 75 48.52 -18.67 62.06
N GLU R 76 48.54 -19.94 62.45
CA GLU R 76 49.37 -20.39 63.57
C GLU R 76 49.81 -21.81 63.29
N ALA R 77 50.43 -22.45 64.29
CA ALA R 77 50.92 -23.81 64.12
C ALA R 77 49.81 -24.84 64.23
N GLY R 78 48.83 -24.60 65.11
CA GLY R 78 47.72 -25.53 65.24
C GLY R 78 46.75 -25.49 64.07
N ASP R 79 46.78 -24.43 63.27
CA ASP R 79 45.96 -24.32 62.08
C ASP R 79 46.66 -24.88 60.84
N GLU R 80 47.76 -25.60 61.01
CA GLU R 80 48.51 -26.16 59.89
C GLU R 80 48.03 -27.60 59.69
N ALA R 81 46.98 -27.76 58.91
CA ALA R 81 46.37 -29.06 58.68
C ALA R 81 45.65 -29.01 57.33
N ASP R 82 44.91 -30.08 57.02
CA ASP R 82 44.18 -30.14 55.76
C ASP R 82 42.80 -29.53 55.90
N TYR R 83 42.27 -29.02 54.79
CA TYR R 83 40.93 -28.47 54.74
C TYR R 83 40.12 -29.25 53.70
N TYR R 84 38.79 -29.13 53.79
CA TYR R 84 37.92 -29.77 52.82
C TYR R 84 36.70 -28.89 52.61
N CYS R 85 36.24 -28.83 51.37
CA CYS R 85 35.01 -28.14 51.03
C CYS R 85 33.93 -29.16 50.71
N HIS R 86 32.69 -28.77 50.93
CA HIS R 86 31.54 -29.62 50.62
C HIS R 86 30.43 -28.68 50.19
N ILE R 87 30.21 -28.55 48.89
CA ILE R 87 29.23 -27.62 48.38
C ILE R 87 27.89 -28.33 48.18
N TRP R 88 26.82 -27.70 48.64
CA TRP R 88 25.46 -28.08 48.29
C TRP R 88 24.97 -27.01 47.33
N ASP R 89 24.87 -27.36 46.06
CA ASP R 89 24.44 -26.41 45.05
C ASP R 89 22.94 -26.57 44.85
N SER R 90 22.23 -25.44 44.80
CA SER R 90 20.79 -25.50 44.56
C SER R 90 20.45 -25.83 43.11
N ARG R 91 21.42 -25.79 42.21
CA ARG R 91 21.20 -26.19 40.83
C ARG R 91 21.82 -27.56 40.52
N ARG R 92 23.07 -27.78 40.87
CA ARG R 92 23.69 -29.07 40.61
C ARG R 92 23.25 -30.10 41.66
N PRO R 93 23.19 -31.41 41.29
CA PRO R 93 22.65 -32.39 42.24
C PRO R 93 23.58 -32.72 43.40
N THR R 94 23.20 -33.73 44.19
CA THR R 94 23.80 -33.97 45.50
C THR R 94 25.24 -34.43 45.39
N ASN R 95 26.13 -33.72 46.08
CA ASN R 95 27.54 -34.08 46.11
C ASN R 95 27.77 -35.12 47.20
N TRP R 96 28.01 -36.36 46.80
CA TRP R 96 28.27 -37.45 47.72
C TRP R 96 29.76 -37.66 47.98
N VAL R 97 30.60 -36.73 47.54
CA VAL R 97 32.04 -36.83 47.75
C VAL R 97 32.59 -35.42 47.87
N PHE R 98 33.53 -35.23 48.79
CA PHE R 98 34.00 -33.91 49.12
C PHE R 98 34.94 -33.37 48.04
N GLY R 99 35.31 -32.11 48.18
CA GLY R 99 36.24 -31.49 47.26
C GLY R 99 37.67 -31.94 47.51
N GLU R 100 38.57 -31.43 46.69
CA GLU R 100 39.98 -31.78 46.81
C GLU R 100 40.61 -31.02 47.97
N GLY R 101 41.21 -31.76 48.89
CA GLY R 101 41.78 -31.16 50.07
C GLY R 101 43.11 -30.48 49.85
N THR R 102 43.13 -29.15 49.94
CA THR R 102 44.38 -28.41 49.82
C THR R 102 45.10 -28.44 51.16
N THR R 103 46.30 -28.99 51.19
CA THR R 103 47.07 -29.05 52.42
C THR R 103 47.63 -27.67 52.74
N LEU R 104 47.37 -27.19 53.96
CA LEU R 104 47.84 -25.89 54.40
C LEU R 104 49.13 -26.05 55.19
N ILE R 105 50.17 -25.32 54.79
CA ILE R 105 51.45 -25.33 55.47
C ILE R 105 51.90 -23.90 55.69
N VAL R 106 52.56 -23.66 56.81
CA VAL R 106 53.09 -22.35 57.16
C VAL R 106 54.61 -22.43 57.10
N LEU R 107 55.24 -21.34 56.66
CA LEU R 107 56.69 -21.29 56.57
C LEU R 107 57.30 -21.07 57.95
N SER R 108 58.64 -21.12 58.00
CA SER R 108 59.46 -20.98 59.21
C SER R 108 59.08 -22.01 60.26
N GLN R 109 59.28 -23.27 59.93
CA GLN R 109 58.97 -24.38 60.81
C GLN R 109 59.99 -24.48 61.94
N GLU S 1 -34.86 -19.96 40.68
CA GLU S 1 -34.96 -20.40 39.29
C GLU S 1 -36.26 -19.90 38.66
N ILE S 2 -36.54 -20.35 37.45
CA ILE S 2 -37.73 -19.96 36.71
C ILE S 2 -38.53 -21.21 36.40
N VAL S 3 -39.80 -21.24 36.82
CA VAL S 3 -40.70 -22.34 36.54
C VAL S 3 -41.69 -21.89 35.47
N LEU S 4 -41.78 -22.65 34.38
CA LEU S 4 -42.71 -22.36 33.31
C LEU S 4 -43.83 -23.37 33.32
N THR S 5 -45.04 -22.93 33.65
CA THR S 5 -46.22 -23.75 33.53
C THR S 5 -46.82 -23.55 32.14
N GLN S 6 -47.14 -24.64 31.47
CA GLN S 6 -47.61 -24.56 30.09
C GLN S 6 -48.96 -25.25 30.01
N SER S 7 -49.98 -24.50 29.59
CA SER S 7 -51.30 -25.10 29.53
C SER S 7 -52.07 -24.56 28.34
N PRO S 8 -53.00 -25.35 27.75
CA PRO S 8 -53.49 -26.70 28.08
C PRO S 8 -52.51 -27.83 27.80
N GLY S 9 -52.58 -28.91 28.58
CA GLY S 9 -51.68 -30.02 28.37
C GLY S 9 -51.97 -30.76 27.09
N ILE S 10 -53.25 -31.11 26.87
CA ILE S 10 -53.70 -31.77 25.66
C ILE S 10 -54.80 -30.93 25.05
N LEU S 11 -54.61 -30.51 23.80
CA LEU S 11 -55.60 -29.73 23.07
C LEU S 11 -56.05 -30.52 21.86
N SER S 12 -57.33 -30.87 21.82
CA SER S 12 -57.91 -31.67 20.75
C SER S 12 -58.74 -30.76 19.86
N LEU S 13 -58.33 -30.61 18.61
CA LEU S 13 -59.02 -29.76 17.65
C LEU S 13 -59.18 -30.50 16.33
N SER S 14 -59.81 -29.81 15.38
CA SER S 14 -59.99 -30.20 14.00
C SER S 14 -59.35 -29.16 13.10
N PRO S 15 -58.92 -29.52 11.89
CA PRO S 15 -58.25 -28.54 11.02
C PRO S 15 -59.15 -27.38 10.62
N GLY S 16 -58.53 -26.23 10.42
CA GLY S 16 -59.24 -25.01 10.13
C GLY S 16 -59.51 -24.12 11.33
N GLU S 17 -59.47 -24.68 12.54
CA GLU S 17 -59.78 -23.91 13.73
C GLU S 17 -58.53 -23.18 14.24
N THR S 18 -58.69 -22.48 15.36
CA THR S 18 -57.63 -21.68 15.96
C THR S 18 -57.23 -22.30 17.30
N ALA S 19 -55.93 -22.46 17.50
CA ALA S 19 -55.39 -22.99 18.75
C ALA S 19 -54.79 -21.87 19.57
N THR S 20 -54.92 -21.95 20.89
CA THR S 20 -54.35 -20.98 21.80
C THR S 20 -53.66 -21.71 22.94
N LEU S 21 -52.37 -21.43 23.13
CA LEU S 21 -51.57 -22.09 24.15
C LEU S 21 -50.89 -21.01 25.00
N PHE S 22 -51.03 -21.08 26.32
CA PHE S 22 -50.46 -20.03 27.15
C PHE S 22 -49.47 -20.58 28.16
N CYS S 23 -48.36 -19.87 28.28
CA CYS S 23 -47.24 -20.20 29.14
C CYS S 23 -47.16 -19.14 30.22
N LYS S 24 -47.18 -19.60 31.47
CA LYS S 24 -47.08 -18.76 32.66
C LYS S 24 -45.67 -18.89 33.24
N ALA S 25 -45.07 -17.75 33.56
CA ALA S 25 -43.73 -17.72 34.13
C ALA S 25 -43.81 -17.46 35.63
N SER S 26 -42.64 -17.30 36.24
CA SER S 26 -42.55 -16.89 37.64
C SER S 26 -42.04 -15.46 37.77
N GLN S 27 -40.95 -15.14 37.10
CA GLN S 27 -40.49 -13.76 37.00
C GLN S 27 -41.01 -13.13 35.74
N GLY S 28 -41.07 -11.79 35.74
CA GLY S 28 -41.58 -11.04 34.62
C GLY S 28 -40.50 -10.11 34.06
N GLY S 29 -40.79 -9.58 32.89
CA GLY S 29 -39.88 -8.66 32.23
C GLY S 29 -38.89 -9.30 31.28
N ASN S 30 -39.15 -10.50 30.80
CA ASN S 30 -38.25 -11.17 29.88
C ASN S 30 -39.00 -11.59 28.63
N ALA S 31 -38.28 -12.19 27.69
CA ALA S 31 -38.88 -12.64 26.45
C ALA S 31 -39.34 -14.09 26.60
N MET S 32 -39.91 -14.63 25.53
CA MET S 32 -40.38 -16.01 25.52
C MET S 32 -40.16 -16.60 24.14
N THR S 33 -39.73 -17.85 24.11
CA THR S 33 -39.38 -18.54 22.88
C THR S 33 -40.28 -19.75 22.70
N TRP S 34 -40.80 -19.95 21.49
CA TRP S 34 -41.76 -21.00 21.21
C TRP S 34 -41.20 -21.94 20.16
N TYR S 35 -41.14 -23.23 20.50
CA TYR S 35 -40.65 -24.29 19.63
C TYR S 35 -41.76 -25.25 19.22
N GLN S 36 -41.64 -25.72 17.99
CA GLN S 36 -42.47 -26.78 17.43
C GLN S 36 -41.63 -28.05 17.37
N LYS S 37 -42.22 -29.17 17.78
CA LYS S 37 -41.56 -30.47 17.67
C LYS S 37 -42.60 -31.46 17.17
N ARG S 38 -42.43 -31.93 15.94
CA ARG S 38 -43.26 -33.01 15.47
C ARG S 38 -42.75 -34.34 16.04
N ARG S 39 -43.56 -35.38 15.85
CA ARG S 39 -43.20 -36.69 16.37
C ARG S 39 -42.10 -37.31 15.53
N GLY S 40 -41.01 -37.72 16.20
CA GLY S 40 -39.94 -38.43 15.54
C GLY S 40 -39.12 -37.62 14.58
N GLN S 41 -38.98 -36.32 14.81
CA GLN S 41 -38.17 -35.47 13.94
C GLN S 41 -37.35 -34.54 14.81
N VAL S 42 -36.73 -33.55 14.17
CA VAL S 42 -35.90 -32.54 14.80
C VAL S 42 -36.80 -31.39 15.24
N PRO S 43 -36.60 -30.81 16.42
CA PRO S 43 -37.39 -29.64 16.81
C PRO S 43 -37.08 -28.44 15.95
N ARG S 44 -37.92 -27.42 16.09
CA ARG S 44 -37.93 -26.30 15.17
C ARG S 44 -38.26 -25.03 15.92
N LEU S 45 -37.59 -23.94 15.59
CA LEU S 45 -37.90 -22.65 16.17
C LEU S 45 -39.12 -22.05 15.47
N LEU S 46 -40.07 -21.55 16.27
CA LEU S 46 -41.19 -20.79 15.74
C LEU S 46 -41.08 -19.32 16.10
N ILE S 47 -41.01 -19.00 17.39
CA ILE S 47 -41.12 -17.63 17.86
C ILE S 47 -39.94 -17.30 18.77
N TYR S 48 -39.24 -16.21 18.48
CA TYR S 48 -38.24 -15.69 19.39
C TYR S 48 -38.54 -14.22 19.68
N ASP S 49 -38.23 -13.82 20.91
CA ASP S 49 -38.55 -12.50 21.48
C ASP S 49 -40.05 -12.22 21.40
N THR S 50 -40.85 -13.27 21.64
CA THR S 50 -42.25 -13.25 22.07
C THR S 50 -43.22 -12.82 20.97
N SER S 51 -42.73 -12.23 19.89
CA SER S 51 -43.64 -11.84 18.81
C SER S 51 -43.06 -11.96 17.41
N ARG S 52 -41.84 -12.45 17.26
CA ARG S 52 -41.16 -12.46 15.97
C ARG S 52 -41.06 -13.89 15.46
N ARG S 53 -41.42 -14.10 14.21
CA ARG S 53 -41.39 -15.42 13.63
C ARG S 53 -39.99 -15.76 13.15
N ALA S 54 -39.67 -17.04 13.12
CA ALA S 54 -38.39 -17.49 12.61
C ALA S 54 -38.43 -17.52 11.09
N SER S 55 -37.29 -17.83 10.47
CA SER S 55 -37.24 -17.94 9.02
C SER S 55 -37.93 -19.21 8.56
N GLY S 56 -38.61 -19.13 7.43
CA GLY S 56 -39.36 -20.26 6.92
C GLY S 56 -40.59 -20.60 7.74
N VAL S 57 -41.22 -19.61 8.35
CA VAL S 57 -42.39 -19.81 9.19
C VAL S 57 -43.53 -19.00 8.58
N PRO S 58 -44.69 -19.61 8.32
CA PRO S 58 -45.82 -18.84 7.79
C PRO S 58 -46.41 -17.92 8.85
N ASP S 59 -47.19 -16.96 8.38
CA ASP S 59 -47.71 -15.91 9.25
C ASP S 59 -48.85 -16.38 10.15
N ARG S 60 -49.34 -17.61 10.01
CA ARG S 60 -50.44 -18.08 10.84
C ARG S 60 -50.00 -18.43 12.26
N PHE S 61 -48.71 -18.41 12.54
CA PHE S 61 -48.22 -18.55 13.91
C PHE S 61 -48.00 -17.16 14.47
N VAL S 62 -48.88 -16.74 15.38
CA VAL S 62 -48.78 -15.41 15.98
C VAL S 62 -48.55 -15.60 17.47
N GLY S 63 -47.63 -14.82 18.03
CA GLY S 63 -47.37 -14.90 19.45
C GLY S 63 -47.32 -13.51 20.05
N SER S 64 -47.80 -13.42 21.28
CA SER S 64 -47.81 -12.14 21.98
C SER S 64 -47.85 -12.42 23.48
N GLY S 65 -48.14 -11.39 24.26
CA GLY S 65 -48.19 -11.57 25.69
C GLY S 65 -47.13 -10.73 26.37
N SER S 66 -47.27 -10.53 27.67
CA SER S 66 -46.36 -9.63 28.37
C SER S 66 -46.41 -9.94 29.86
N GLY S 67 -45.28 -9.77 30.52
CA GLY S 67 -45.25 -9.97 31.94
C GLY S 67 -45.11 -11.44 32.28
N THR S 68 -46.22 -12.05 32.67
CA THR S 68 -46.27 -13.48 32.94
C THR S 68 -47.09 -14.25 31.92
N ASP S 69 -48.17 -13.67 31.41
CA ASP S 69 -49.02 -14.35 30.45
C ASP S 69 -48.40 -14.28 29.05
N PHE S 70 -48.09 -15.44 28.48
CA PHE S 70 -47.50 -15.51 27.15
C PHE S 70 -48.36 -16.38 26.26
N PHE S 71 -48.86 -15.81 25.16
CA PHE S 71 -49.86 -16.44 24.30
C PHE S 71 -49.25 -16.84 22.97
N LEU S 72 -49.59 -18.04 22.50
CA LEU S 72 -49.28 -18.49 21.16
C LEU S 72 -50.59 -18.91 20.49
N THR S 73 -50.94 -18.22 19.41
CA THR S 73 -52.16 -18.49 18.65
C THR S 73 -51.79 -19.04 17.28
N ILE S 74 -52.39 -20.15 16.93
CA ILE S 74 -52.22 -20.77 15.63
C ILE S 74 -53.60 -20.79 14.98
N ASN S 75 -53.91 -19.75 14.22
CA ASN S 75 -55.14 -19.78 13.44
C ASN S 75 -54.92 -20.57 12.17
N LYS S 76 -56.03 -21.12 11.64
CA LYS S 76 -56.07 -21.84 10.35
C LYS S 76 -55.12 -23.04 10.37
N LEU S 77 -55.48 -24.02 11.21
CA LEU S 77 -54.67 -25.20 11.39
C LEU S 77 -54.51 -26.01 10.11
N ASP S 78 -53.42 -26.76 10.05
CA ASP S 78 -53.08 -27.63 8.93
C ASP S 78 -53.07 -29.07 9.45
N ARG S 79 -53.09 -30.02 8.51
CA ARG S 79 -52.89 -31.41 8.89
C ARG S 79 -51.48 -31.65 9.39
N GLU S 80 -50.51 -30.92 8.84
CA GLU S 80 -49.11 -31.09 9.23
C GLU S 80 -48.80 -30.46 10.58
N ASP S 81 -49.51 -29.40 10.96
CA ASP S 81 -49.16 -28.60 12.13
C ASP S 81 -49.48 -29.27 13.46
N PHE S 82 -50.11 -30.44 13.45
CA PHE S 82 -50.41 -31.16 14.69
C PHE S 82 -49.11 -31.71 15.26
N ALA S 83 -48.65 -31.13 16.37
CA ALA S 83 -47.35 -31.48 16.93
C ALA S 83 -47.36 -31.11 18.41
N VAL S 84 -46.16 -31.09 19.01
CA VAL S 84 -45.97 -30.72 20.40
C VAL S 84 -45.30 -29.35 20.42
N TYR S 85 -45.71 -28.49 21.35
CA TYR S 85 -45.21 -27.12 21.40
C TYR S 85 -44.60 -26.84 22.77
N TYR S 86 -43.43 -26.22 22.77
CA TYR S 86 -42.67 -25.94 23.98
C TYR S 86 -42.42 -24.45 24.13
N CYS S 87 -42.42 -23.96 25.38
CA CYS S 87 -42.02 -22.60 25.68
C CYS S 87 -40.70 -22.61 26.44
N GLN S 88 -39.70 -21.93 25.91
CA GLN S 88 -38.41 -21.87 26.55
C GLN S 88 -37.99 -20.45 26.84
N GLN S 89 -37.72 -20.16 28.10
CA GLN S 89 -37.23 -18.86 28.47
C GLN S 89 -35.89 -19.20 29.04
N PHE S 90 -34.84 -18.60 28.50
CA PHE S 90 -33.47 -18.87 28.93
C PHE S 90 -33.23 -20.38 28.87
N GLU S 91 -32.74 -20.96 29.94
CA GLU S 91 -32.52 -22.40 29.96
C GLU S 91 -33.63 -23.18 30.66
N PHE S 92 -34.70 -22.54 31.08
CA PHE S 92 -35.72 -23.29 31.79
C PHE S 92 -36.85 -23.60 30.82
N PHE S 93 -37.03 -24.87 30.50
CA PHE S 93 -37.99 -25.21 29.47
C PHE S 93 -39.37 -25.50 30.07
N GLY S 94 -40.36 -25.50 29.19
CA GLY S 94 -41.68 -25.98 29.53
C GLY S 94 -41.75 -27.49 29.43
N LEU S 95 -42.96 -28.01 29.52
CA LEU S 95 -43.14 -29.45 29.53
C LEU S 95 -43.80 -29.99 28.27
N GLY S 96 -44.68 -29.25 27.64
CA GLY S 96 -45.21 -29.65 26.35
C GLY S 96 -46.72 -29.59 26.25
N SER S 97 -47.21 -29.00 25.18
CA SER S 97 -48.63 -29.00 24.84
C SER S 97 -48.82 -29.86 23.60
N GLU S 98 -49.58 -30.93 23.72
CA GLU S 98 -49.81 -31.83 22.60
C GLU S 98 -51.07 -31.41 21.86
N LEU S 99 -50.98 -31.35 20.54
CA LEU S 99 -52.08 -30.92 19.70
C LEU S 99 -52.63 -32.13 18.96
N GLU S 100 -53.88 -32.50 19.24
CA GLU S 100 -54.43 -33.79 18.88
C GLU S 100 -55.61 -33.61 17.93
N VAL S 101 -55.81 -34.59 17.05
CA VAL S 101 -56.98 -34.61 16.17
C VAL S 101 -58.22 -34.92 16.99
N HIS S 102 -59.31 -34.20 16.71
CA HIS S 102 -60.59 -34.45 17.36
C HIS S 102 -61.54 -35.08 16.37
N ARG S 103 -62.26 -36.11 16.82
CA ARG S 103 -63.26 -36.77 15.98
C ARG S 103 -64.39 -37.39 16.80
N GLN T 1 -25.58 -22.23 3.52
CA GLN T 1 -26.46 -22.63 4.61
C GLN T 1 -25.65 -23.04 5.83
N VAL T 2 -26.33 -23.46 6.89
CA VAL T 2 -25.70 -23.86 8.14
C VAL T 2 -26.03 -25.32 8.40
N GLN T 3 -25.01 -26.14 8.59
CA GLN T 3 -25.21 -27.56 8.84
C GLN T 3 -24.52 -27.99 10.11
N LEU T 4 -25.20 -28.85 10.86
CA LEU T 4 -24.75 -29.38 12.14
C LEU T 4 -24.86 -30.90 12.11
N VAL T 5 -23.80 -31.54 11.67
CA VAL T 5 -23.74 -32.99 11.58
C VAL T 5 -23.29 -33.52 12.94
N GLN T 6 -23.88 -34.61 13.39
CA GLN T 6 -23.41 -35.26 14.60
C GLN T 6 -22.82 -36.61 14.28
N SER T 7 -22.46 -37.35 15.32
CA SER T 7 -22.08 -38.74 15.19
C SER T 7 -23.31 -39.62 15.40
N GLY T 8 -23.18 -40.90 15.05
CA GLY T 8 -24.29 -41.81 15.06
C GLY T 8 -24.70 -42.20 16.46
N ALA T 9 -25.67 -43.12 16.52
CA ALA T 9 -26.15 -43.63 17.79
C ALA T 9 -25.08 -44.47 18.46
N VAL T 10 -25.22 -44.66 19.77
CA VAL T 10 -24.19 -45.33 20.54
C VAL T 10 -24.86 -46.07 21.69
N ILE T 11 -24.28 -47.21 22.04
CA ILE T 11 -24.73 -48.01 23.18
C ILE T 11 -23.58 -48.08 24.17
N LYS T 12 -23.83 -47.67 25.40
CA LYS T 12 -22.80 -47.66 26.43
C LYS T 12 -23.28 -48.41 27.67
N THR T 13 -22.34 -48.74 28.51
CA THR T 13 -22.51 -49.45 29.78
C THR T 13 -22.57 -48.45 30.92
N PRO T 14 -23.21 -48.80 32.04
CA PRO T 14 -23.19 -47.89 33.20
C PRO T 14 -21.79 -47.76 33.78
N GLY T 15 -21.41 -46.50 34.05
CA GLY T 15 -20.07 -46.19 34.50
C GLY T 15 -19.12 -45.75 33.41
N SER T 16 -19.52 -45.87 32.14
CA SER T 16 -18.64 -45.53 31.03
C SER T 16 -18.69 -44.03 30.76
N SER T 17 -18.11 -43.62 29.63
CA SER T 17 -18.09 -42.22 29.22
C SER T 17 -18.30 -42.16 27.72
N VAL T 18 -19.11 -41.20 27.27
CA VAL T 18 -19.46 -41.08 25.87
C VAL T 18 -18.87 -39.79 25.31
N LYS T 19 -18.44 -39.84 24.05
CA LYS T 19 -17.94 -38.66 23.35
C LYS T 19 -18.75 -38.45 22.08
N ILE T 20 -19.31 -37.26 21.93
CA ILE T 20 -20.18 -36.91 20.82
C ILE T 20 -19.56 -35.73 20.09
N SER T 21 -19.45 -35.84 18.77
CA SER T 21 -18.77 -34.85 17.94
C SER T 21 -19.80 -34.11 17.10
N CYS T 22 -20.05 -32.85 17.45
CA CYS T 22 -20.93 -31.98 16.67
C CYS T 22 -20.06 -31.20 15.68
N ARG T 23 -20.07 -31.61 14.43
CA ARG T 23 -19.32 -30.89 13.40
C ARG T 23 -20.22 -29.81 12.81
N ALA T 24 -19.70 -28.60 12.74
CA ALA T 24 -20.45 -27.46 12.24
C ALA T 24 -19.79 -26.94 10.97
N SER T 25 -20.61 -26.62 9.98
CA SER T 25 -20.07 -26.16 8.71
C SER T 25 -21.03 -25.18 8.06
N GLY T 26 -20.49 -24.09 7.52
CA GLY T 26 -21.30 -23.17 6.76
C GLY T 26 -21.20 -21.73 7.21
N TYR T 27 -20.55 -21.50 8.35
CA TYR T 27 -20.39 -20.16 8.89
C TYR T 27 -19.01 -20.07 9.52
N ASN T 28 -18.68 -18.90 10.05
CA ASN T 28 -17.39 -18.71 10.71
C ASN T 28 -17.51 -19.29 12.12
N PHE T 29 -16.82 -20.40 12.36
CA PHE T 29 -16.97 -21.13 13.61
C PHE T 29 -16.34 -20.42 14.79
N ARG T 30 -15.43 -19.49 14.55
CA ARG T 30 -14.78 -18.73 15.60
C ARG T 30 -15.62 -17.58 16.14
N ASP T 31 -16.92 -17.55 15.88
CA ASP T 31 -17.73 -16.42 16.30
C ASP T 31 -18.87 -16.80 17.22
N TYR T 32 -19.65 -17.82 16.87
CA TYR T 32 -20.94 -18.01 17.51
C TYR T 32 -20.89 -19.20 18.45
N SER T 33 -21.63 -19.07 19.55
CA SER T 33 -21.59 -20.05 20.62
C SER T 33 -22.28 -21.34 20.20
N ILE T 34 -21.91 -22.43 20.86
CA ILE T 34 -22.55 -23.72 20.68
C ILE T 34 -23.15 -24.12 22.02
N HIS T 35 -24.40 -24.59 22.00
CA HIS T 35 -25.05 -25.05 23.21
C HIS T 35 -25.34 -26.54 23.09
N TRP T 36 -25.50 -27.20 24.23
CA TRP T 36 -25.84 -28.61 24.23
C TRP T 36 -27.08 -28.83 25.08
N VAL T 37 -27.99 -29.67 24.59
CA VAL T 37 -29.28 -29.86 25.25
C VAL T 37 -29.67 -31.32 25.09
N ARG T 38 -30.50 -31.82 26.00
CA ARG T 38 -30.86 -33.23 25.97
C ARG T 38 -32.34 -33.44 26.24
N LEU T 39 -32.95 -34.30 25.42
CA LEU T 39 -34.34 -34.70 25.59
C LEU T 39 -34.36 -36.03 26.32
N ILE T 40 -34.85 -36.00 27.55
CA ILE T 40 -35.11 -37.21 28.33
C ILE T 40 -36.54 -37.60 28.01
N PRO T 41 -36.83 -38.87 27.70
CA PRO T 41 -38.21 -39.25 27.37
C PRO T 41 -39.11 -39.20 28.60
N ASP T 42 -40.26 -38.54 28.43
CA ASP T 42 -41.28 -38.33 29.47
C ASP T 42 -40.73 -37.57 30.68
N LYS T 43 -39.72 -36.72 30.45
CA LYS T 43 -39.22 -35.81 31.48
C LYS T 43 -38.97 -34.40 30.98
N GLY T 44 -38.94 -34.16 29.68
CA GLY T 44 -38.77 -32.82 29.14
C GLY T 44 -37.37 -32.57 28.64
N PHE T 45 -37.11 -31.30 28.36
CA PHE T 45 -35.79 -30.81 27.99
C PHE T 45 -34.95 -30.49 29.22
N GLU T 46 -33.64 -30.47 29.02
CA GLU T 46 -32.71 -30.02 30.05
C GLU T 46 -31.46 -29.48 29.38
N TRP T 47 -31.06 -28.28 29.80
CA TRP T 47 -29.86 -27.65 29.28
C TRP T 47 -28.62 -28.31 29.88
N ILE T 48 -27.52 -28.26 29.15
CA ILE T 48 -26.28 -28.88 29.60
C ILE T 48 -25.18 -27.84 29.77
N GLY T 49 -24.81 -27.16 28.69
CA GLY T 49 -23.75 -26.17 28.79
C GLY T 49 -23.50 -25.50 27.46
N TRP T 50 -22.80 -24.37 27.54
CA TRP T 50 -22.41 -23.63 26.35
C TRP T 50 -20.89 -23.54 26.24
N ILE T 51 -20.46 -23.24 25.02
CA ILE T 51 -19.05 -23.15 24.68
C ILE T 51 -18.86 -22.06 23.64
N LYS T 52 -17.91 -21.15 23.88
CA LYS T 52 -17.59 -20.10 22.93
C LYS T 52 -16.31 -20.46 22.22
N PRO T 53 -16.35 -20.87 20.94
CA PRO T 53 -15.18 -21.46 20.30
C PRO T 53 -14.08 -20.48 19.91
N LEU T 54 -14.15 -19.20 20.28
CA LEU T 54 -13.03 -18.32 20.03
C LEU T 54 -11.84 -18.71 20.89
N TRP T 55 -12.07 -18.98 22.15
CA TRP T 55 -11.06 -19.62 22.98
C TRP T 55 -11.48 -20.98 23.48
N GLY T 56 -12.74 -21.13 23.87
CA GLY T 56 -13.16 -22.39 24.42
C GLY T 56 -13.66 -22.21 25.83
N ALA T 57 -14.07 -20.99 26.17
CA ALA T 57 -14.68 -20.75 27.46
C ALA T 57 -16.02 -21.47 27.51
N VAL T 58 -16.20 -22.28 28.55
CA VAL T 58 -17.38 -23.12 28.66
C VAL T 58 -18.10 -22.82 29.96
N SER T 59 -19.36 -23.20 30.01
CA SER T 59 -20.09 -23.23 31.27
C SER T 59 -21.05 -24.41 31.23
N TYR T 60 -21.37 -24.91 32.42
CA TYR T 60 -22.16 -26.12 32.54
C TYR T 60 -23.30 -25.87 33.52
N ALA T 61 -24.26 -26.77 33.53
CA ALA T 61 -25.33 -26.70 34.51
C ALA T 61 -24.80 -27.03 35.90
N ARG T 62 -25.56 -26.64 36.93
CA ARG T 62 -25.11 -26.86 38.30
C ARG T 62 -25.18 -28.33 38.68
N GLN T 63 -26.21 -29.04 38.25
CA GLN T 63 -26.37 -30.44 38.63
C GLN T 63 -25.63 -31.39 37.69
N LEU T 64 -24.73 -30.87 36.85
CA LEU T 64 -23.91 -31.71 35.98
C LEU T 64 -22.42 -31.46 36.15
N GLN T 65 -22.00 -30.64 37.11
CA GLN T 65 -20.58 -30.39 37.27
C GLN T 65 -19.89 -31.59 37.90
N GLY T 66 -18.67 -31.85 37.45
CA GLY T 66 -17.97 -33.06 37.80
C GLY T 66 -18.32 -34.26 36.95
N ARG T 67 -19.15 -34.07 35.93
CA ARG T 67 -19.58 -35.18 35.08
C ARG T 67 -19.40 -34.93 33.60
N VAL T 68 -19.35 -33.68 33.15
CA VAL T 68 -19.38 -33.36 31.72
C VAL T 68 -18.20 -32.47 31.39
N SER T 69 -17.59 -32.71 30.23
CA SER T 69 -16.51 -31.86 29.75
C SER T 69 -16.74 -31.56 28.28
N MET T 70 -16.41 -30.34 27.85
CA MET T 70 -16.64 -29.93 26.47
C MET T 70 -15.40 -29.27 25.93
N THR T 71 -14.94 -29.73 24.76
CA THR T 71 -13.81 -29.11 24.09
C THR T 71 -14.21 -28.76 22.67
N ARG T 72 -13.26 -28.21 21.92
CA ARG T 72 -13.54 -27.83 20.55
C ARG T 72 -12.27 -27.99 19.73
N GLN T 73 -12.43 -27.95 18.41
CA GLN T 73 -11.33 -28.00 17.48
C GLN T 73 -11.61 -27.00 16.36
N LEU T 74 -10.78 -25.98 16.28
CA LEU T 74 -10.86 -24.99 15.22
C LEU T 74 -10.25 -25.55 13.94
N SER T 75 -10.38 -24.79 12.86
CA SER T 75 -9.77 -25.13 11.59
C SER T 75 -8.63 -24.15 11.34
N GLN T 76 -7.44 -24.69 11.07
CA GLN T 76 -6.24 -23.88 10.99
C GLN T 76 -5.79 -23.58 9.56
N ASP T 77 -6.33 -24.26 8.57
CA ASP T 77 -5.93 -23.98 7.21
C ASP T 77 -6.70 -22.78 6.66
N PRO T 78 -6.04 -21.84 5.98
CA PRO T 78 -6.75 -20.67 5.47
C PRO T 78 -7.58 -20.95 4.23
N ASP T 79 -7.54 -22.16 3.68
CA ASP T 79 -8.37 -22.45 2.53
C ASP T 79 -9.79 -22.85 2.93
N ASP T 80 -9.96 -23.41 4.13
CA ASP T 80 -11.29 -23.69 4.69
C ASP T 80 -11.37 -23.10 6.10
N PRO T 81 -11.54 -21.79 6.22
CA PRO T 81 -11.54 -21.17 7.56
C PRO T 81 -12.88 -21.25 8.26
N ASP T 82 -13.87 -21.92 7.70
CA ASP T 82 -15.22 -21.85 8.22
C ASP T 82 -15.60 -23.00 9.14
N TRP T 83 -15.33 -24.25 8.76
CA TRP T 83 -15.84 -25.39 9.50
C TRP T 83 -15.17 -25.53 10.86
N GLY T 84 -15.79 -26.31 11.74
CA GLY T 84 -15.24 -26.50 13.07
C GLY T 84 -15.90 -27.68 13.73
N VAL T 85 -15.33 -28.13 14.85
CA VAL T 85 -15.84 -29.31 15.54
C VAL T 85 -16.03 -28.98 17.02
N ALA T 86 -17.14 -29.41 17.59
CA ALA T 86 -17.36 -29.39 19.03
C ALA T 86 -17.38 -30.81 19.57
N TYR T 87 -16.86 -31.00 20.78
CA TYR T 87 -16.78 -32.31 21.43
C TYR T 87 -17.44 -32.22 22.79
N MET T 88 -18.35 -33.15 23.08
CA MET T 88 -18.88 -33.29 24.43
C MET T 88 -18.58 -34.68 24.94
N GLU T 89 -17.90 -34.77 26.09
CA GLU T 89 -17.63 -36.03 26.74
C GLU T 89 -18.41 -36.05 28.05
N PHE T 90 -19.41 -36.92 28.10
CA PHE T 90 -20.32 -37.02 29.23
C PHE T 90 -19.95 -38.28 29.99
N SER T 91 -19.57 -38.13 31.25
CA SER T 91 -19.07 -39.22 32.06
C SER T 91 -20.04 -39.50 33.21
N GLY T 92 -19.79 -40.60 33.91
CA GLY T 92 -20.64 -41.00 35.02
C GLY T 92 -22.02 -41.41 34.59
N LEU T 93 -22.11 -42.25 33.57
CA LEU T 93 -23.39 -42.62 33.00
C LEU T 93 -24.18 -43.54 33.93
N THR T 94 -25.47 -43.27 34.04
CA THR T 94 -26.44 -44.07 34.80
C THR T 94 -27.51 -44.49 33.80
N PRO T 95 -28.39 -45.44 34.14
CA PRO T 95 -29.55 -45.70 33.27
C PRO T 95 -30.55 -44.55 33.20
N ALA T 96 -30.45 -43.54 34.05
CA ALA T 96 -31.29 -42.37 33.93
C ALA T 96 -30.90 -41.47 32.76
N ASP T 97 -29.71 -41.66 32.20
CA ASP T 97 -29.23 -40.81 31.12
C ASP T 97 -29.53 -41.37 29.73
N THR T 98 -30.40 -42.37 29.64
CA THR T 98 -30.89 -42.83 28.34
C THR T 98 -31.73 -41.72 27.73
N ALA T 99 -31.21 -41.07 26.70
CA ALA T 99 -31.83 -39.83 26.23
C ALA T 99 -31.43 -39.59 24.79
N GLU T 100 -31.74 -38.39 24.30
CA GLU T 100 -31.36 -37.96 22.96
C GLU T 100 -30.67 -36.62 23.05
N TYR T 101 -29.42 -36.54 22.60
CA TYR T 101 -28.58 -35.39 22.83
C TYR T 101 -28.45 -34.57 21.55
N PHE T 102 -28.60 -33.25 21.68
CA PHE T 102 -28.56 -32.30 20.59
C PHE T 102 -27.48 -31.26 20.86
N CYS T 103 -26.85 -30.80 19.78
CA CYS T 103 -26.05 -29.59 19.76
C CYS T 103 -26.77 -28.54 18.95
N VAL T 104 -26.77 -27.29 19.42
CA VAL T 104 -27.44 -26.21 18.71
C VAL T 104 -26.53 -25.00 18.58
N ARG T 105 -26.95 -24.09 17.72
CA ARG T 105 -26.26 -22.85 17.43
C ARG T 105 -27.27 -21.73 17.63
N ARG T 106 -26.77 -20.52 17.82
CA ARG T 106 -27.58 -19.34 18.11
C ARG T 106 -28.44 -18.96 16.90
N GLY T 107 -29.42 -18.09 17.09
CA GLY T 107 -30.02 -17.43 15.96
C GLY T 107 -29.02 -16.52 15.27
N SER T 108 -29.16 -16.40 13.95
CA SER T 108 -28.19 -15.64 13.17
C SER T 108 -28.49 -14.14 13.13
N CYS T 109 -29.66 -13.74 13.63
CA CYS T 109 -30.08 -12.33 13.63
C CYS T 109 -29.37 -11.43 14.64
N ASP T 110 -29.28 -10.13 14.32
CA ASP T 110 -28.68 -9.16 15.20
C ASP T 110 -29.64 -8.68 16.27
N TYR T 111 -30.89 -9.12 16.19
CA TYR T 111 -31.91 -8.75 17.15
C TYR T 111 -32.17 -9.88 18.14
N CYS T 112 -32.01 -11.12 17.68
CA CYS T 112 -32.24 -12.27 18.54
C CYS T 112 -31.15 -12.35 19.60
N GLY T 113 -31.49 -13.02 20.70
CA GLY T 113 -30.57 -13.14 21.81
C GLY T 113 -29.56 -14.24 21.63
N ASP T 114 -29.26 -14.96 22.71
CA ASP T 114 -28.33 -16.08 22.67
C ASP T 114 -29.03 -17.43 22.68
N PHE T 115 -29.94 -17.63 23.62
CA PHE T 115 -30.74 -18.85 23.72
C PHE T 115 -31.80 -19.17 22.67
N PRO T 116 -32.38 -18.21 21.88
CA PRO T 116 -33.17 -18.67 20.71
C PRO T 116 -32.35 -19.47 19.71
N TRP T 117 -32.69 -20.74 19.57
CA TRP T 117 -31.86 -21.72 18.87
C TRP T 117 -32.42 -21.96 17.48
N GLN T 118 -31.75 -21.40 16.47
CA GLN T 118 -32.21 -21.58 15.10
C GLN T 118 -31.83 -22.96 14.57
N TYR T 119 -30.54 -23.24 14.49
CA TYR T 119 -30.05 -24.43 13.83
C TYR T 119 -29.78 -25.53 14.84
N TRP T 120 -30.08 -26.76 14.44
CA TRP T 120 -30.10 -27.90 15.34
C TRP T 120 -29.26 -29.03 14.77
N GLY T 121 -28.91 -29.97 15.64
CA GLY T 121 -28.22 -31.17 15.19
C GLY T 121 -29.21 -32.25 14.82
N GLN T 122 -28.68 -33.32 14.23
CA GLN T 122 -29.57 -34.38 13.76
C GLN T 122 -30.07 -35.27 14.88
N GLY T 123 -29.34 -35.37 15.99
CA GLY T 123 -29.82 -36.15 17.11
C GLY T 123 -29.03 -37.40 17.42
N THR T 124 -28.32 -37.40 18.54
CA THR T 124 -27.58 -38.57 18.97
C THR T 124 -28.38 -39.32 20.02
N VAL T 125 -28.71 -40.57 19.74
CA VAL T 125 -29.48 -41.38 20.67
C VAL T 125 -28.51 -42.13 21.57
N VAL T 126 -28.61 -41.93 22.88
CA VAL T 126 -27.70 -42.55 23.82
C VAL T 126 -28.51 -43.47 24.73
N VAL T 127 -28.15 -44.76 24.73
CA VAL T 127 -28.81 -45.78 25.53
C VAL T 127 -27.78 -46.37 26.48
N VAL T 128 -28.05 -46.28 27.77
CA VAL T 128 -27.15 -46.86 28.77
C VAL T 128 -27.65 -48.24 29.17
N ALA U 1 -12.82 31.37 38.28
CA ALA U 1 -14.05 30.84 37.72
C ALA U 1 -14.22 31.26 36.27
N VAL U 2 -14.83 30.39 35.47
CA VAL U 2 -15.10 30.71 34.08
C VAL U 2 -16.42 31.45 33.93
N GLY U 3 -17.48 30.92 34.50
CA GLY U 3 -18.78 31.56 34.40
C GLY U 3 -19.74 30.69 33.62
N ILE U 4 -21.03 30.74 34.02
CA ILE U 4 -22.01 29.86 33.41
C ILE U 4 -22.46 30.38 32.04
N GLY U 5 -22.28 31.67 31.76
CA GLY U 5 -22.61 32.21 30.46
C GLY U 5 -21.73 31.68 29.36
N ALA U 6 -20.50 31.28 29.70
CA ALA U 6 -19.62 30.62 28.75
C ALA U 6 -20.13 29.24 28.34
N VAL U 7 -21.05 28.66 29.12
CA VAL U 7 -21.77 27.49 28.66
C VAL U 7 -22.63 27.82 27.45
N PHE U 8 -23.33 28.95 27.49
CA PHE U 8 -24.29 29.23 26.42
C PHE U 8 -23.61 29.68 25.14
N LEU U 9 -22.50 30.40 25.23
CA LEU U 9 -21.72 30.68 24.03
C LEU U 9 -20.85 29.51 23.61
N GLY U 10 -20.75 28.47 24.43
CA GLY U 10 -20.06 27.26 24.04
C GLY U 10 -20.85 26.46 23.02
N PHE U 11 -20.19 25.44 22.46
CA PHE U 11 -20.81 24.55 21.50
C PHE U 11 -21.95 23.77 22.13
N LEU U 12 -23.13 23.86 21.52
CA LEU U 12 -24.29 23.04 21.82
C LEU U 12 -24.81 23.25 23.25
N GLY U 13 -24.46 24.37 23.87
CA GLY U 13 -24.86 24.62 25.24
C GLY U 13 -26.34 24.90 25.41
N ALA U 14 -26.96 25.48 24.39
CA ALA U 14 -28.38 25.80 24.44
C ALA U 14 -29.28 24.61 24.15
N ALA U 15 -28.73 23.40 24.07
CA ALA U 15 -29.50 22.21 23.71
C ALA U 15 -30.61 21.90 24.71
N GLY U 16 -30.45 22.31 25.95
CA GLY U 16 -31.50 22.09 26.92
C GLY U 16 -32.32 23.32 27.20
N SER U 17 -31.80 24.49 26.84
CA SER U 17 -32.54 25.72 27.04
C SER U 17 -33.69 25.83 26.05
N THR U 18 -34.52 26.84 26.24
CA THR U 18 -35.75 26.95 25.48
C THR U 18 -35.47 27.43 24.06
N MET U 19 -36.51 27.36 23.22
CA MET U 19 -36.38 27.72 21.82
C MET U 19 -36.21 29.21 21.64
N GLY U 20 -36.73 30.01 22.56
CA GLY U 20 -36.55 31.44 22.49
C GLY U 20 -35.20 31.94 22.91
N ALA U 21 -34.36 31.07 23.48
CA ALA U 21 -33.04 31.48 23.92
C ALA U 21 -31.91 30.80 23.16
N ALA U 22 -32.20 29.85 22.29
CA ALA U 22 -31.17 29.23 21.48
C ALA U 22 -30.88 30.01 20.22
N SER U 23 -31.78 30.91 19.82
CA SER U 23 -31.59 31.66 18.60
C SER U 23 -30.50 32.71 18.71
N MET U 24 -30.19 33.18 19.93
CA MET U 24 -29.11 34.14 20.09
C MET U 24 -27.76 33.47 19.90
N THR U 25 -27.58 32.27 20.46
CA THR U 25 -26.33 31.51 20.35
C THR U 25 -26.40 30.44 19.26
N LEU U 26 -27.16 30.71 18.21
CA LEU U 26 -27.39 29.74 17.15
C LEU U 26 -26.23 29.67 16.15
N THR U 27 -25.30 30.62 16.18
CA THR U 27 -24.24 30.60 15.18
C THR U 27 -23.07 29.70 15.54
N VAL U 28 -22.98 29.23 16.78
CA VAL U 28 -21.84 28.41 17.17
C VAL U 28 -21.97 27.01 16.58
N GLN U 29 -23.19 26.47 16.55
CA GLN U 29 -23.42 25.21 15.86
C GLN U 29 -23.20 25.34 14.36
N ALA U 30 -23.42 26.53 13.81
CA ALA U 30 -23.13 26.73 12.40
C ALA U 30 -21.63 26.79 12.15
N ARG U 31 -20.88 27.42 13.06
CA ARG U 31 -19.46 27.61 12.82
C ARG U 31 -18.67 26.33 13.07
N ASN U 32 -18.98 25.60 14.14
CA ASN U 32 -18.23 24.39 14.45
C ASN U 32 -18.72 23.18 13.68
N LEU U 33 -19.54 23.37 12.65
CA LEU U 33 -19.99 22.27 11.81
C LEU U 33 -18.96 21.95 10.73
N LEU U 34 -18.18 22.93 10.30
CA LEU U 34 -17.32 22.77 9.13
C LEU U 34 -15.86 22.52 9.48
N SER U 35 -15.26 23.39 10.29
CA SER U 35 -13.80 23.36 10.46
C SER U 35 -13.36 22.22 11.35
N GLY U 36 -13.82 22.22 12.60
CA GLY U 36 -13.41 21.20 13.56
C GLY U 36 -12.01 21.42 14.08
N THR U 58 -0.71 4.56 5.92
CA THR U 58 -1.36 5.38 4.89
C THR U 58 -2.84 5.09 4.81
N VAL U 59 -3.31 4.09 5.56
CA VAL U 59 -4.73 3.79 5.59
C VAL U 59 -5.46 4.78 6.49
N TRP U 60 -4.79 5.22 7.56
CA TRP U 60 -5.36 6.22 8.46
C TRP U 60 -5.54 7.57 7.79
N GLY U 61 -4.61 7.92 6.89
CA GLY U 61 -4.79 9.10 6.08
C GLY U 61 -6.01 9.02 5.19
N ILE U 62 -6.28 7.84 4.64
CA ILE U 62 -7.45 7.66 3.78
C ILE U 62 -8.74 7.74 4.59
N LYS U 63 -8.74 7.16 5.81
CA LYS U 63 -9.93 7.24 6.66
C LYS U 63 -10.22 8.66 7.09
N GLN U 64 -9.19 9.39 7.52
CA GLN U 64 -9.39 10.76 7.99
C GLN U 64 -9.76 11.68 6.83
N LEU U 65 -9.16 11.46 5.66
CA LEU U 65 -9.48 12.23 4.47
C LEU U 65 -10.92 11.98 4.02
N GLN U 66 -11.36 10.72 4.07
CA GLN U 66 -12.73 10.39 3.67
C GLN U 66 -13.75 10.97 4.63
N ALA U 67 -13.44 10.96 5.93
CA ALA U 67 -14.35 11.57 6.89
C ALA U 67 -14.44 13.07 6.72
N ARG U 68 -13.31 13.71 6.40
CA ARG U 68 -13.33 15.16 6.25
C ARG U 68 -14.08 15.59 4.97
N VAL U 69 -13.89 14.84 3.88
CA VAL U 69 -14.66 15.20 2.69
C VAL U 69 -16.12 14.83 2.82
N LEU U 70 -16.46 13.84 3.66
CA LEU U 70 -17.87 13.58 3.94
C LEU U 70 -18.50 14.73 4.71
N ALA U 71 -17.77 15.29 5.66
CA ALA U 71 -18.28 16.43 6.42
C ALA U 71 -18.49 17.65 5.52
N VAL U 72 -17.55 17.92 4.61
CA VAL U 72 -17.76 19.10 3.77
C VAL U 72 -18.81 18.84 2.69
N GLU U 73 -19.02 17.59 2.26
CA GLU U 73 -20.14 17.32 1.37
C GLU U 73 -21.48 17.49 2.07
N ARG U 74 -21.56 17.10 3.35
CA ARG U 74 -22.79 17.31 4.10
C ARG U 74 -23.10 18.79 4.29
N TYR U 75 -22.07 19.58 4.62
CA TYR U 75 -22.25 21.02 4.74
C TYR U 75 -22.65 21.66 3.43
N LEU U 76 -22.07 21.20 2.31
CA LEU U 76 -22.40 21.81 1.04
C LEU U 76 -23.80 21.40 0.57
N ARG U 77 -24.22 20.17 0.88
CA ARG U 77 -25.60 19.76 0.60
C ARG U 77 -26.59 20.61 1.39
N ASP U 78 -26.30 20.89 2.66
CA ASP U 78 -27.22 21.72 3.42
C ASP U 78 -27.23 23.16 2.95
N GLN U 79 -26.08 23.70 2.51
CA GLN U 79 -26.08 25.05 1.97
C GLN U 79 -26.80 25.14 0.63
N GLN U 80 -26.73 24.10 -0.20
CA GLN U 80 -27.47 24.12 -1.45
C GLN U 80 -28.96 23.99 -1.19
N LEU U 81 -29.35 23.14 -0.24
CA LEU U 81 -30.76 23.01 0.10
C LEU U 81 -31.30 24.26 0.78
N LEU U 82 -30.44 25.06 1.41
CA LEU U 82 -30.89 26.32 1.96
C LEU U 82 -30.88 27.43 0.93
N GLY U 83 -30.05 27.33 -0.11
CA GLY U 83 -29.97 28.38 -1.10
C GLY U 83 -31.07 28.35 -2.12
N ILE U 84 -31.67 27.19 -2.37
CA ILE U 84 -32.79 27.14 -3.31
C ILE U 84 -34.09 27.58 -2.69
N TRP U 85 -34.09 27.90 -1.40
CA TRP U 85 -35.16 28.64 -0.77
C TRP U 85 -34.81 30.12 -0.84
N GLY U 86 -35.50 30.95 -0.07
CA GLY U 86 -35.26 32.36 -0.16
C GLY U 86 -34.09 32.89 0.64
N CYS U 87 -33.32 32.04 1.31
CA CYS U 87 -32.26 32.50 2.21
C CYS U 87 -30.97 31.73 1.92
N SER U 88 -30.14 32.30 1.04
CA SER U 88 -28.89 31.66 0.67
C SER U 88 -27.81 31.83 1.73
N GLY U 89 -27.77 32.98 2.39
CA GLY U 89 -26.73 33.23 3.37
C GLY U 89 -27.25 33.79 4.67
N LYS U 90 -28.42 33.34 5.10
CA LYS U 90 -29.09 33.87 6.27
C LYS U 90 -29.33 32.75 7.27
N LEU U 91 -28.99 33.00 8.53
CA LEU U 91 -29.25 32.01 9.57
C LEU U 91 -30.72 31.99 9.95
N ILE U 92 -31.34 33.15 10.03
CA ILE U 92 -32.76 33.28 10.30
C ILE U 92 -33.39 33.68 8.97
N CYS U 93 -34.63 33.25 8.74
CA CYS U 93 -35.24 33.48 7.46
C CYS U 93 -36.73 33.67 7.62
N CYS U 94 -37.38 34.13 6.55
CA CYS U 94 -38.82 34.22 6.52
C CYS U 94 -39.30 33.77 5.15
N THR U 95 -40.47 33.14 5.11
CA THR U 95 -40.98 32.54 3.89
C THR U 95 -42.38 33.04 3.56
N ASN U 96 -43.05 32.38 2.61
CA ASN U 96 -44.39 32.77 2.20
C ASN U 96 -45.31 31.57 2.09
N VAL U 97 -45.19 30.59 2.98
CA VAL U 97 -46.19 29.51 3.00
C VAL U 97 -46.79 29.35 4.39
N PRO U 98 -48.11 29.17 4.49
CA PRO U 98 -48.75 29.13 5.79
C PRO U 98 -48.79 27.73 6.40
N TRP U 99 -48.87 27.71 7.72
CA TRP U 99 -48.85 26.49 8.51
C TRP U 99 -50.22 25.82 8.46
N ASN U 100 -50.30 24.58 7.95
CA ASN U 100 -51.53 23.80 8.13
C ASN U 100 -51.67 23.48 9.62
N SER U 101 -52.89 23.64 10.14
CA SER U 101 -53.07 23.57 11.58
C SER U 101 -52.92 22.15 12.11
N SER U 102 -53.09 21.15 11.25
CA SER U 102 -52.89 19.76 11.66
C SER U 102 -51.42 19.40 11.85
N TRP U 103 -50.49 20.30 11.56
CA TRP U 103 -49.08 19.99 11.72
C TRP U 103 -48.69 19.94 13.19
N SER U 104 -48.97 21.00 13.95
CA SER U 104 -48.57 20.98 15.35
C SER U 104 -49.59 21.53 16.33
N ASN U 105 -50.62 22.27 15.88
CA ASN U 105 -51.77 22.84 16.61
C ASN U 105 -51.46 23.30 18.05
N ARG U 106 -50.37 24.04 18.19
CA ARG U 106 -49.95 24.62 19.46
C ARG U 106 -49.64 26.08 19.24
N ASN U 107 -50.00 26.92 20.21
CA ASN U 107 -49.88 28.36 20.02
C ASN U 107 -48.43 28.83 20.23
N LEU U 108 -48.24 30.14 20.10
CA LEU U 108 -46.91 30.70 19.93
C LEU U 108 -46.11 30.69 21.23
N SER U 109 -46.78 30.96 22.35
CA SER U 109 -46.06 31.18 23.60
C SER U 109 -45.46 29.90 24.16
N GLU U 110 -46.10 28.75 23.92
CA GLU U 110 -45.57 27.52 24.47
C GLU U 110 -44.49 26.89 23.60
N ILE U 111 -44.44 27.23 22.31
CA ILE U 111 -43.40 26.70 21.44
C ILE U 111 -42.25 27.68 21.29
N TRP U 112 -42.20 28.73 22.10
CA TRP U 112 -41.06 29.60 22.12
C TRP U 112 -40.62 29.98 23.53
N ASP U 113 -41.32 29.51 24.56
CA ASP U 113 -40.88 29.71 25.94
C ASP U 113 -40.82 28.42 26.75
N ASN U 114 -41.52 27.37 26.35
CA ASN U 114 -41.52 26.12 27.10
C ASN U 114 -40.63 25.06 26.46
N MET U 115 -40.90 24.71 25.19
CA MET U 115 -40.34 23.51 24.61
C MET U 115 -38.88 23.69 24.22
N THR U 116 -38.18 22.56 24.13
CA THR U 116 -36.83 22.48 23.62
C THR U 116 -36.86 21.98 22.18
N TRP U 117 -35.74 22.14 21.49
CA TRP U 117 -35.69 21.81 20.07
C TRP U 117 -35.72 20.31 19.83
N LEU U 118 -35.18 19.53 20.77
CA LEU U 118 -35.22 18.07 20.66
C LEU U 118 -36.66 17.57 20.71
N GLN U 119 -37.47 18.18 21.57
CA GLN U 119 -38.87 17.79 21.65
C GLN U 119 -39.63 18.29 20.43
N TRP U 120 -39.25 19.44 19.89
CA TRP U 120 -39.93 19.97 18.72
C TRP U 120 -39.63 19.15 17.47
N ASP U 121 -38.42 18.60 17.39
CA ASP U 121 -38.03 17.83 16.21
C ASP U 121 -38.80 16.51 16.13
N LYS U 122 -39.10 15.92 17.28
CA LYS U 122 -39.83 14.67 17.31
C LYS U 122 -41.35 14.87 17.38
N GLU U 123 -41.83 16.10 17.20
CA GLU U 123 -43.26 16.31 17.05
C GLU U 123 -43.68 16.65 15.63
N ILE U 124 -42.75 17.03 14.75
CA ILE U 124 -43.07 17.31 13.35
C ILE U 124 -42.26 16.45 12.41
N SER U 125 -41.77 15.30 12.89
CA SER U 125 -40.85 14.48 12.13
C SER U 125 -41.50 13.80 10.93
N ASN U 126 -42.83 13.70 10.91
CA ASN U 126 -43.51 13.09 9.76
C ASN U 126 -43.71 14.09 8.63
N TYR U 127 -43.82 15.38 8.95
CA TYR U 127 -44.35 16.37 8.03
C TYR U 127 -43.27 17.19 7.34
N THR U 128 -42.01 16.76 7.42
CA THR U 128 -40.89 17.63 7.04
C THR U 128 -40.73 17.71 5.54
N GLN U 129 -40.88 16.59 4.83
CA GLN U 129 -40.74 16.59 3.38
C GLN U 129 -41.86 17.41 2.70
N ILE U 130 -43.05 17.41 3.31
CA ILE U 130 -44.14 18.27 2.84
C ILE U 130 -43.75 19.73 2.94
N ILE U 131 -43.11 20.11 4.05
CA ILE U 131 -42.68 21.49 4.26
C ILE U 131 -41.61 21.87 3.23
N TYR U 132 -40.68 20.95 2.96
CA TYR U 132 -39.62 21.26 2.01
C TYR U 132 -40.15 21.40 0.60
N GLY U 133 -41.13 20.57 0.23
CA GLY U 133 -41.77 20.72 -1.07
C GLY U 133 -42.54 22.02 -1.20
N LEU U 134 -43.23 22.43 -0.12
CA LEU U 134 -43.93 23.70 -0.14
C LEU U 134 -42.97 24.87 -0.26
N LEU U 135 -41.81 24.80 0.39
CA LEU U 135 -40.83 25.87 0.26
C LEU U 135 -40.26 25.93 -1.15
N GLU U 136 -40.03 24.77 -1.77
CA GLU U 136 -39.53 24.77 -3.14
C GLU U 136 -40.55 25.37 -4.11
N GLU U 137 -41.83 25.04 -3.94
CA GLU U 137 -42.89 25.62 -4.76
C GLU U 137 -42.98 27.13 -4.54
N SER U 138 -42.83 27.58 -3.29
CA SER U 138 -42.91 29.00 -2.98
C SER U 138 -41.79 29.79 -3.62
N GLN U 139 -40.57 29.28 -3.56
CA GLN U 139 -39.46 29.99 -4.19
C GLN U 139 -39.57 29.96 -5.71
N ASN U 140 -40.10 28.88 -6.27
CA ASN U 140 -40.28 28.81 -7.73
C ASN U 140 -41.29 29.83 -8.22
N GLN U 141 -42.44 29.93 -7.53
CA GLN U 141 -43.44 30.91 -7.96
C GLN U 141 -42.99 32.33 -7.64
N GLN U 142 -42.16 32.52 -6.60
CA GLN U 142 -41.62 33.84 -6.33
C GLN U 142 -40.65 34.27 -7.43
N GLU U 143 -39.83 33.35 -7.94
CA GLU U 143 -38.93 33.66 -9.03
C GLU U 143 -39.69 34.01 -10.31
N LYS U 144 -40.75 33.25 -10.63
CA LYS U 144 -41.47 33.59 -11.86
C LYS U 144 -42.28 34.87 -11.70
N ASN U 145 -42.76 35.19 -10.48
CA ASN U 145 -43.43 36.46 -10.28
C ASN U 145 -42.46 37.63 -10.36
N GLU U 146 -41.23 37.45 -9.88
CA GLU U 146 -40.23 38.51 -9.99
C GLU U 146 -39.83 38.74 -11.44
N GLN U 147 -39.73 37.65 -12.22
CA GLN U 147 -39.44 37.80 -13.63
C GLN U 147 -40.59 38.48 -14.37
N ASP U 148 -41.83 38.18 -14.00
CA ASP U 148 -42.97 38.87 -14.61
C ASP U 148 -43.04 40.32 -14.20
N LEU U 149 -42.58 40.65 -12.99
CA LEU U 149 -42.59 42.05 -12.56
C LEU U 149 -41.53 42.87 -13.28
N LEU U 150 -40.32 42.32 -13.43
CA LEU U 150 -39.28 43.06 -14.14
C LEU U 150 -39.38 42.92 -15.66
N ALA U 151 -40.27 42.07 -16.17
CA ALA U 151 -40.39 41.92 -17.62
C ALA U 151 -41.02 43.14 -18.27
N LEU U 152 -41.93 43.82 -17.57
CA LEU U 152 -42.67 44.93 -18.17
C LEU U 152 -41.82 46.19 -18.30
N ASP U 153 -40.76 46.33 -17.52
CA ASP U 153 -39.92 47.53 -17.56
C ASP U 153 -39.05 47.57 -18.81
N ALA V 1 -53.29 38.25 13.44
CA ALA V 1 -52.05 37.50 13.60
C ALA V 1 -52.33 36.04 13.93
N GLU V 2 -53.54 35.57 13.57
CA GLU V 2 -53.87 34.16 13.72
C GLU V 2 -53.12 33.28 12.73
N ASN V 3 -52.58 33.87 11.66
CA ASN V 3 -51.74 33.13 10.75
C ASN V 3 -50.29 33.08 11.23
N LEU V 4 -49.64 31.95 11.00
CA LEU V 4 -48.24 31.79 11.32
C LEU V 4 -47.49 31.37 10.07
N TRP V 5 -46.37 32.04 9.80
CA TRP V 5 -45.60 31.81 8.60
C TRP V 5 -44.34 31.05 8.97
N VAL V 6 -44.02 30.03 8.20
CA VAL V 6 -42.99 29.09 8.60
C VAL V 6 -41.62 29.72 8.33
N THR V 7 -40.70 29.51 9.27
CA THR V 7 -39.36 30.04 9.19
C THR V 7 -38.35 28.94 9.42
N VAL V 8 -37.28 28.95 8.65
CA VAL V 8 -36.24 27.96 8.79
C VAL V 8 -35.15 28.51 9.69
N TYR V 9 -34.37 27.61 10.26
CA TYR V 9 -33.29 27.97 11.18
C TYR V 9 -32.13 27.03 10.92
N TYR V 10 -30.98 27.58 10.57
CA TYR V 10 -29.82 26.77 10.22
C TYR V 10 -28.74 26.95 11.27
N GLY V 11 -28.46 25.90 12.02
CA GLY V 11 -27.51 25.97 13.10
C GLY V 11 -28.20 25.76 14.43
N VAL V 12 -29.27 24.98 14.41
CA VAL V 12 -30.05 24.72 15.62
C VAL V 12 -29.46 23.51 16.34
N PRO V 13 -29.28 23.57 17.66
CA PRO V 13 -28.75 22.39 18.36
C PRO V 13 -29.79 21.30 18.56
N VAL V 14 -29.68 20.24 17.75
CA VAL V 14 -30.55 19.08 17.79
C VAL V 14 -29.81 17.92 17.13
N TRP V 15 -29.82 16.76 17.76
CA TRP V 15 -29.05 15.64 17.25
C TRP V 15 -29.92 14.41 17.03
N LYS V 16 -29.42 13.51 16.19
CA LYS V 16 -29.97 12.18 16.05
C LYS V 16 -28.84 11.18 16.05
N ASP V 17 -29.14 9.95 16.46
CA ASP V 17 -28.12 8.95 16.66
C ASP V 17 -27.60 8.44 15.32
N ALA V 18 -26.29 8.25 15.24
CA ALA V 18 -25.62 7.74 14.05
C ALA V 18 -24.30 7.14 14.46
N GLU V 19 -23.61 6.51 13.50
CA GLU V 19 -22.33 5.88 13.74
C GLU V 19 -21.37 6.30 12.65
N THR V 20 -20.14 6.63 13.04
CA THR V 20 -19.14 7.02 12.06
C THR V 20 -17.76 6.66 12.58
N THR V 21 -16.77 6.86 11.72
CA THR V 21 -15.40 6.63 12.11
C THR V 21 -14.93 7.73 13.06
N LEU V 22 -14.02 7.37 13.95
CA LEU V 22 -13.45 8.30 14.90
C LEU V 22 -11.95 8.25 14.77
N PHE V 23 -11.31 9.41 14.68
CA PHE V 23 -9.86 9.44 14.56
C PHE V 23 -9.23 9.57 15.94
N CYS V 24 -8.18 8.79 16.17
CA CYS V 24 -7.54 8.78 17.47
C CYS V 24 -6.55 9.92 17.58
N ALA V 25 -6.30 10.35 18.82
CA ALA V 25 -5.42 11.47 19.10
C ALA V 25 -4.56 11.12 20.31
N SER V 26 -3.29 10.78 20.07
CA SER V 26 -2.39 10.50 21.18
C SER V 26 -1.76 11.79 21.67
N ASP V 27 -1.33 11.78 22.92
CA ASP V 27 -0.75 12.98 23.52
C ASP V 27 0.66 13.20 22.99
N ALA V 28 1.03 14.48 22.87
CA ALA V 28 2.31 14.87 22.30
C ALA V 28 3.49 14.58 23.22
N LYS V 29 3.24 14.28 24.49
CA LYS V 29 4.32 13.97 25.43
C LYS V 29 5.03 12.69 25.04
N ALA V 30 4.31 11.75 24.42
CA ALA V 30 4.95 10.56 23.86
C ALA V 30 5.83 10.87 22.66
N TYR V 31 5.62 12.02 22.01
CA TYR V 31 6.48 12.40 20.89
C TYR V 31 7.87 12.83 21.36
N GLU V 32 8.02 13.21 22.63
CA GLU V 32 9.31 13.59 23.17
C GLU V 32 10.29 12.41 23.25
N THR V 33 9.78 11.19 23.34
CA THR V 33 10.58 9.98 23.18
C THR V 33 10.11 9.36 21.86
N GLU V 34 10.79 9.73 20.78
CA GLU V 34 10.32 9.52 19.42
C GLU V 34 10.85 8.19 18.88
N LYS V 35 10.79 8.04 17.55
CA LYS V 35 11.37 6.93 16.79
C LYS V 35 10.71 5.60 17.14
N HIS V 36 9.41 5.54 16.84
CA HIS V 36 8.64 4.30 16.70
C HIS V 36 8.67 3.42 17.94
N ASN V 37 8.83 4.03 19.12
CA ASN V 37 9.01 3.27 20.35
C ASN V 37 7.75 2.53 20.74
N VAL V 38 6.62 3.23 20.76
CA VAL V 38 5.31 2.63 20.88
C VAL V 38 4.58 2.86 19.56
N TRP V 39 3.50 2.14 19.38
CA TRP V 39 2.69 2.31 18.18
C TRP V 39 1.92 3.62 18.22
N ALA V 40 1.56 4.10 17.02
CA ALA V 40 0.82 5.35 16.79
C ALA V 40 1.51 6.57 17.40
N THR V 41 2.84 6.57 17.42
CA THR V 41 3.58 7.80 17.63
C THR V 41 3.82 8.53 16.32
N HIS V 42 3.44 7.93 15.21
CA HIS V 42 3.62 8.51 13.88
C HIS V 42 2.31 8.49 13.11
N ALA V 43 1.46 7.50 13.42
CA ALA V 43 0.19 7.30 12.72
C ALA V 43 -0.99 7.85 13.52
N CYS V 44 -0.80 8.98 14.18
CA CYS V 44 -1.82 9.51 15.08
C CYS V 44 -1.58 11.00 15.30
N VAL V 45 -2.65 11.79 15.26
CA VAL V 45 -2.55 13.24 15.41
C VAL V 45 -2.26 13.58 16.87
N PRO V 46 -1.49 14.62 17.16
CA PRO V 46 -1.43 15.11 18.54
C PRO V 46 -2.72 15.80 18.96
N THR V 47 -2.91 15.91 20.26
CA THR V 47 -4.18 16.34 20.82
C THR V 47 -4.29 17.85 20.90
N ASP V 48 -5.48 18.30 21.21
CA ASP V 48 -5.67 19.63 21.76
C ASP V 48 -5.11 19.60 23.18
N PRO V 49 -4.18 20.50 23.53
CA PRO V 49 -3.77 20.60 24.94
C PRO V 49 -4.80 21.24 25.85
N ASN V 50 -5.93 21.73 25.30
CA ASN V 50 -6.99 22.35 26.09
C ASN V 50 -8.29 21.61 25.79
N PRO V 51 -8.55 20.48 26.47
CA PRO V 51 -9.87 19.85 26.34
C PRO V 51 -10.92 20.63 27.10
N GLN V 52 -12.12 20.71 26.54
CA GLN V 52 -13.15 21.59 27.08
C GLN V 52 -14.51 20.90 26.95
N GLU V 53 -14.94 20.23 28.02
CA GLU V 53 -16.30 19.73 28.01
C GLU V 53 -17.27 20.86 28.36
N ILE V 54 -18.51 20.72 27.90
CA ILE V 54 -19.51 21.77 27.99
C ILE V 54 -20.74 21.14 28.65
N HIS V 55 -20.89 21.34 29.96
CA HIS V 55 -21.92 20.66 30.72
C HIS V 55 -23.30 21.18 30.32
N LEU V 56 -24.15 20.30 29.83
CA LEU V 56 -25.47 20.70 29.36
C LEU V 56 -26.41 20.79 30.56
N GLU V 57 -27.69 21.05 30.31
CA GLU V 57 -28.63 21.25 31.40
C GLU V 57 -30.04 20.89 30.98
N ASN V 58 -30.74 20.16 31.87
CA ASN V 58 -32.13 19.74 31.70
C ASN V 58 -32.30 18.94 30.40
N VAL V 59 -31.52 17.87 30.30
CA VAL V 59 -31.37 17.13 29.06
C VAL V 59 -31.23 15.65 29.41
N THR V 60 -31.83 14.80 28.59
CA THR V 60 -31.87 13.37 28.85
C THR V 60 -31.60 12.64 27.55
N GLU V 61 -30.53 11.86 27.52
CA GLU V 61 -30.17 11.08 26.35
C GLU V 61 -30.04 9.63 26.77
N GLU V 62 -30.63 8.73 25.98
CA GLU V 62 -30.62 7.31 26.31
C GLU V 62 -29.28 6.70 25.91
N PHE V 63 -28.56 6.14 26.87
CA PHE V 63 -27.30 5.48 26.61
C PHE V 63 -27.48 3.98 26.67
N ASN V 64 -26.64 3.27 25.90
CA ASN V 64 -26.68 1.81 25.89
C ASN V 64 -25.30 1.35 25.46
N MET V 65 -24.51 0.88 26.43
CA MET V 65 -23.15 0.46 26.12
C MET V 65 -23.09 -0.87 25.41
N TRP V 66 -24.14 -1.68 25.49
CA TRP V 66 -24.05 -3.02 24.91
C TRP V 66 -24.23 -3.00 23.40
N LYS V 67 -25.08 -2.11 22.89
CA LYS V 67 -25.25 -1.94 21.46
C LYS V 67 -24.42 -0.79 20.92
N ASN V 68 -23.29 -0.50 21.55
CA ASN V 68 -22.45 0.60 21.12
C ASN V 68 -21.62 0.17 19.92
N ASN V 69 -21.30 1.13 19.06
CA ASN V 69 -20.50 0.88 17.87
C ASN V 69 -19.07 1.37 18.01
N MET V 70 -18.80 2.23 18.98
CA MET V 70 -17.46 2.78 19.11
C MET V 70 -16.49 1.75 19.65
N VAL V 71 -16.95 0.87 20.52
CA VAL V 71 -16.14 -0.23 21.03
C VAL V 71 -15.77 -1.20 19.90
N GLU V 72 -16.67 -1.38 18.93
CA GLU V 72 -16.39 -2.27 17.82
C GLU V 72 -15.37 -1.65 16.87
N GLN V 73 -15.45 -0.32 16.68
CA GLN V 73 -14.41 0.37 15.92
C GLN V 73 -13.07 0.32 16.63
N MET V 74 -13.06 0.34 17.96
CA MET V 74 -11.78 0.26 18.65
C MET V 74 -11.19 -1.13 18.56
N HIS V 75 -12.05 -2.16 18.65
CA HIS V 75 -11.59 -3.54 18.50
C HIS V 75 -11.11 -3.82 17.08
N THR V 76 -11.65 -3.12 16.09
CA THR V 76 -11.10 -3.27 14.74
C THR V 76 -9.79 -2.49 14.59
N ASP V 77 -9.73 -1.27 15.14
CA ASP V 77 -8.56 -0.41 14.95
C ASP V 77 -7.32 -0.95 15.65
N ILE V 78 -7.49 -1.54 16.83
CA ILE V 78 -6.33 -2.08 17.54
C ILE V 78 -5.77 -3.31 16.83
N ILE V 79 -6.64 -4.14 16.28
CA ILE V 79 -6.18 -5.30 15.52
C ILE V 79 -5.46 -4.88 14.25
N SER V 80 -6.04 -3.93 13.50
CA SER V 80 -5.42 -3.49 12.26
C SER V 80 -4.10 -2.78 12.51
N LEU V 81 -4.02 -1.98 13.57
CA LEU V 81 -2.79 -1.27 13.85
C LEU V 81 -1.72 -2.21 14.41
N TRP V 82 -2.15 -3.19 15.20
CA TRP V 82 -1.24 -4.18 15.74
C TRP V 82 -0.64 -5.05 14.65
N ASP V 83 -1.42 -5.36 13.62
CA ASP V 83 -0.84 -5.98 12.44
C ASP V 83 0.04 -5.02 11.67
N GLN V 84 -0.29 -3.72 11.66
CA GLN V 84 0.57 -2.75 10.98
C GLN V 84 1.86 -2.45 11.71
N SER V 85 2.04 -2.94 12.94
CA SER V 85 3.29 -2.75 13.66
C SER V 85 4.12 -4.02 13.72
N LEU V 86 3.93 -4.94 12.77
CA LEU V 86 4.76 -6.12 12.65
C LEU V 86 5.33 -6.35 11.27
N LYS V 87 4.82 -5.70 10.24
CA LYS V 87 5.32 -5.89 8.88
C LYS V 87 6.80 -5.53 8.65
N PRO V 88 7.40 -4.48 9.23
CA PRO V 88 8.84 -4.29 9.01
C PRO V 88 9.73 -5.26 9.74
N CYS V 89 9.21 -6.01 10.72
CA CYS V 89 10.08 -6.88 11.49
C CYS V 89 10.37 -8.18 10.75
N VAL V 90 11.33 -8.93 11.28
CA VAL V 90 11.87 -10.10 10.61
C VAL V 90 10.91 -11.28 10.75
N LYS V 91 10.60 -11.93 9.63
CA LYS V 91 9.84 -13.15 9.66
C LYS V 91 10.76 -14.30 10.02
N LEU V 92 10.27 -15.23 10.83
CA LEU V 92 11.09 -16.27 11.43
C LEU V 92 10.81 -17.62 10.76
N THR V 93 10.69 -17.60 9.44
CA THR V 93 10.62 -18.84 8.67
C THR V 93 11.81 -19.78 8.84
N PRO V 94 13.09 -19.36 8.71
CA PRO V 94 14.16 -20.38 8.67
C PRO V 94 14.44 -21.03 10.00
N LEU V 95 13.93 -20.51 11.10
CA LEU V 95 14.20 -21.11 12.40
C LEU V 95 13.32 -22.32 12.66
N CYS V 96 12.24 -22.48 11.89
CA CYS V 96 11.38 -23.63 12.00
C CYS V 96 12.10 -24.88 11.51
N VAL V 97 12.74 -25.61 12.42
CA VAL V 97 13.68 -26.67 12.06
C VAL V 97 13.68 -27.69 13.19
N THR V 98 14.15 -28.89 12.88
CA THR V 98 14.25 -29.97 13.84
C THR V 98 15.22 -29.64 14.96
N LEU V 99 14.73 -29.68 16.20
CA LEU V 99 15.50 -29.33 17.37
C LEU V 99 15.93 -30.60 18.09
N GLN V 100 17.12 -30.59 18.66
CA GLN V 100 17.57 -31.66 19.54
C GLN V 100 17.71 -31.08 20.93
N CYS V 101 16.82 -31.47 21.83
CA CYS V 101 16.67 -30.80 23.10
C CYS V 101 16.99 -31.74 24.25
N THR V 102 17.50 -31.15 25.33
CA THR V 102 17.77 -31.88 26.56
C THR V 102 17.28 -31.02 27.72
N ASN V 103 17.34 -31.60 28.92
CA ASN V 103 16.96 -30.84 30.10
C ASN V 103 18.00 -29.77 30.40
N VAL V 104 17.52 -28.64 30.93
CA VAL V 104 18.41 -27.60 31.41
C VAL V 104 19.16 -28.12 32.63
N THR V 105 20.39 -27.64 32.83
CA THR V 105 21.18 -28.03 33.98
C THR V 105 20.50 -27.59 35.26
N ASN V 106 20.01 -28.56 36.02
CA ASN V 106 19.23 -28.31 37.23
C ASN V 106 19.14 -29.62 37.99
N ASN V 107 18.98 -29.52 39.30
CA ASN V 107 18.74 -30.69 40.16
C ASN V 107 17.32 -31.17 39.87
N ILE V 108 17.19 -31.94 38.79
CA ILE V 108 15.86 -32.34 38.32
C ILE V 108 15.30 -33.41 39.25
N THR V 109 14.05 -33.20 39.69
CA THR V 109 13.52 -33.90 40.84
C THR V 109 12.68 -35.12 40.49
N ASP V 110 12.25 -35.24 39.23
CA ASP V 110 11.39 -36.32 38.72
C ASP V 110 10.08 -36.42 39.49
N MET V 112 9.81 -33.19 39.10
CA MET V 112 8.40 -33.26 38.76
C MET V 112 8.04 -32.15 37.78
N ARG V 113 9.04 -31.63 37.07
CA ARG V 113 8.82 -30.42 36.30
C ARG V 113 9.83 -30.35 35.16
N GLY V 114 9.37 -29.82 34.03
CA GLY V 114 10.23 -29.46 32.92
C GLY V 114 10.47 -27.97 32.96
N GLU V 115 9.69 -27.21 32.20
CA GLU V 115 9.49 -25.76 32.19
C GLU V 115 10.67 -25.02 31.54
N LEU V 116 11.80 -25.66 31.30
CA LEU V 116 12.85 -25.07 30.48
C LEU V 116 13.47 -26.18 29.64
N LYS V 117 13.88 -25.83 28.44
CA LYS V 117 14.50 -26.78 27.54
C LYS V 117 15.73 -26.15 26.91
N ASN V 118 16.77 -26.96 26.76
CA ASN V 118 18.05 -26.55 26.20
C ASN V 118 18.16 -27.24 24.85
N CYS V 119 17.88 -26.50 23.78
CA CYS V 119 17.71 -27.05 22.45
C CYS V 119 18.84 -26.61 21.53
N SER V 120 19.56 -27.58 20.98
CA SER V 120 20.60 -27.33 20.00
C SER V 120 20.08 -27.65 18.61
N PHE V 121 20.49 -26.86 17.62
CA PHE V 121 19.98 -27.05 16.27
C PHE V 121 20.93 -26.39 15.27
N ASN V 122 20.80 -26.81 14.01
CA ASN V 122 21.56 -26.22 12.92
C ASN V 122 20.88 -24.93 12.50
N MET V 123 21.68 -23.96 12.08
CA MET V 123 21.10 -22.70 11.66
C MET V 123 21.99 -22.10 10.58
N THR V 124 21.36 -21.43 9.62
CA THR V 124 22.12 -20.79 8.55
C THR V 124 22.88 -19.58 9.09
N THR V 125 23.78 -19.06 8.26
CA THR V 125 24.66 -17.99 8.67
C THR V 125 24.43 -16.79 7.76
N GLU V 126 25.34 -15.81 7.89
CA GLU V 126 25.34 -14.66 6.99
C GLU V 126 25.51 -15.10 5.55
N LEU V 127 26.48 -15.98 5.30
CA LEU V 127 26.58 -16.60 3.99
C LEU V 127 25.48 -17.65 3.84
N ARG V 128 25.18 -17.98 2.59
CA ARG V 128 24.14 -18.97 2.31
C ARG V 128 24.68 -20.40 2.43
N ASP V 129 25.98 -20.58 2.14
CA ASP V 129 26.54 -21.92 2.09
C ASP V 129 26.72 -22.52 3.48
N LYS V 130 27.39 -21.78 4.36
CA LYS V 130 27.81 -22.35 5.64
C LYS V 130 26.63 -22.49 6.59
N LYS V 131 26.89 -23.13 7.73
CA LYS V 131 25.88 -23.30 8.76
C LYS V 131 26.58 -23.46 10.09
N GLN V 132 25.82 -23.33 11.17
CA GLN V 132 26.38 -23.29 12.50
C GLN V 132 25.49 -24.04 13.47
N LYS V 133 26.11 -24.76 14.39
CA LYS V 133 25.36 -25.38 15.48
C LYS V 133 25.15 -24.33 16.56
N VAL V 134 23.92 -24.19 17.05
CA VAL V 134 23.64 -23.15 18.01
C VAL V 134 22.60 -23.67 19.00
N TYR V 135 22.68 -23.19 20.23
CA TYR V 135 21.81 -23.64 21.31
C TYR V 135 20.97 -22.49 21.81
N SER V 136 19.81 -22.82 22.36
CA SER V 136 18.92 -21.82 22.92
C SER V 136 18.12 -22.46 24.05
N LEU V 137 17.34 -21.64 24.74
CA LEU V 137 16.49 -22.09 25.82
C LEU V 137 15.06 -21.73 25.50
N PHE V 138 14.23 -22.74 25.30
CA PHE V 138 12.81 -22.52 25.02
C PHE V 138 11.98 -23.03 26.17
N TYR V 139 10.78 -22.49 26.30
CA TYR V 139 9.88 -22.99 27.32
C TYR V 139 9.18 -24.25 26.84
N ARG V 140 8.59 -24.98 27.78
CA ARG V 140 7.99 -26.25 27.41
C ARG V 140 6.70 -26.07 26.63
N LEU V 141 6.07 -24.91 26.73
CA LEU V 141 4.85 -24.62 26.00
C LEU V 141 5.11 -24.17 24.56
N ASP V 142 6.35 -24.22 24.10
CA ASP V 142 6.68 -23.87 22.73
C ASP V 142 7.31 -24.99 21.93
N VAL V 143 7.61 -26.12 22.56
CA VAL V 143 8.20 -27.25 21.86
C VAL V 143 7.26 -28.44 21.99
N VAL V 144 7.23 -29.27 20.95
CA VAL V 144 6.37 -30.44 20.91
C VAL V 144 7.19 -31.61 20.41
N GLN V 145 7.16 -32.73 21.13
CA GLN V 145 7.93 -33.91 20.79
C GLN V 145 7.40 -34.53 19.51
N ILE V 146 8.11 -34.34 18.42
CA ILE V 146 7.81 -35.06 17.20
C ILE V 146 8.49 -36.42 17.30
N ASN V 147 7.90 -37.43 16.68
CA ASN V 147 8.40 -38.78 16.86
C ASN V 147 8.57 -39.45 15.50
N SER V 157 18.71 -42.29 23.15
CA SER V 157 19.27 -41.03 22.73
C SER V 157 18.48 -39.85 23.29
N ASN V 158 18.99 -38.65 23.06
CA ASN V 158 18.24 -37.44 23.36
C ASN V 158 17.05 -37.32 22.41
N LYS V 159 16.05 -36.56 22.85
CA LYS V 159 14.79 -36.51 22.11
C LYS V 159 14.93 -35.56 20.92
N GLU V 160 13.81 -35.26 20.27
CA GLU V 160 13.85 -34.56 18.99
C GLU V 160 12.57 -33.78 18.84
N TYR V 161 12.65 -32.45 18.95
CA TYR V 161 11.49 -31.60 19.09
C TYR V 161 11.32 -30.70 17.88
N ARG V 162 10.23 -29.95 17.87
CA ARG V 162 10.03 -28.88 16.92
C ARG V 162 9.20 -27.79 17.59
N LEU V 163 9.17 -26.62 17.00
CA LEU V 163 8.33 -25.57 17.54
C LEU V 163 6.87 -25.85 17.23
N ILE V 164 5.99 -25.27 18.05
CA ILE V 164 4.57 -25.56 17.93
C ILE V 164 3.93 -24.81 16.76
N ASN V 165 4.43 -23.64 16.40
CA ASN V 165 3.84 -22.92 15.28
C ASN V 165 4.22 -23.50 13.92
N CYS V 166 5.16 -24.43 13.87
CA CYS V 166 5.63 -24.99 12.61
C CYS V 166 4.59 -25.83 11.89
N ASN V 167 3.57 -26.31 12.60
CA ASN V 167 2.55 -27.10 11.97
C ASN V 167 1.59 -26.26 11.14
N THR V 168 1.47 -24.97 11.45
CA THR V 168 0.49 -24.15 10.76
C THR V 168 1.07 -22.92 10.08
N SER V 169 1.96 -22.17 10.72
CA SER V 169 2.37 -20.87 10.18
C SER V 169 3.63 -20.32 10.81
N ALA V 170 4.56 -19.85 10.00
CA ALA V 170 5.71 -19.15 10.53
C ALA V 170 5.29 -17.77 11.02
N CYS V 171 6.06 -17.23 11.96
CA CYS V 171 5.59 -16.07 12.71
C CYS V 171 6.66 -15.01 12.86
N THR V 172 6.28 -13.76 12.59
CA THR V 172 7.18 -12.63 12.72
C THR V 172 7.49 -12.37 14.18
N GLN V 173 8.76 -12.17 14.50
CA GLN V 173 9.07 -11.78 15.87
C GLN V 173 8.96 -10.27 15.99
N ALA V 174 8.80 -9.81 17.22
CA ALA V 174 8.61 -8.39 17.48
C ALA V 174 9.95 -7.70 17.66
N CYS V 175 10.15 -6.60 16.96
CA CYS V 175 11.40 -5.85 17.07
C CYS V 175 11.47 -5.19 18.44
N PRO V 176 12.56 -5.36 19.19
CA PRO V 176 12.65 -4.77 20.54
C PRO V 176 12.77 -3.26 20.57
N LYS V 177 12.86 -2.57 19.42
CA LYS V 177 12.65 -1.13 19.43
C LYS V 177 11.18 -0.79 19.64
N VAL V 178 10.28 -1.72 19.35
CA VAL V 178 8.84 -1.50 19.51
C VAL V 178 8.46 -1.93 20.92
N SER V 179 8.03 -0.98 21.74
CA SER V 179 7.56 -1.31 23.08
C SER V 179 6.10 -1.74 23.01
N PHE V 180 5.70 -2.54 23.99
CA PHE V 180 4.33 -3.02 24.07
C PHE V 180 3.47 -2.22 25.02
N GLU V 181 4.04 -1.27 25.75
CA GLU V 181 3.30 -0.63 26.83
C GLU V 181 2.24 0.30 26.27
N PRO V 182 1.13 0.46 26.98
CA PRO V 182 0.06 1.33 26.49
C PRO V 182 0.39 2.81 26.68
N ILE V 183 -0.05 3.60 25.71
CA ILE V 183 -0.05 5.05 25.84
C ILE V 183 -1.51 5.47 25.74
N PRO V 184 -1.94 6.54 26.41
CA PRO V 184 -3.37 6.87 26.42
C PRO V 184 -3.86 7.33 25.04
N ILE V 185 -4.97 6.75 24.61
CA ILE V 185 -5.55 7.01 23.30
C ILE V 185 -6.84 7.79 23.49
N HIS V 186 -6.89 9.00 22.94
CA HIS V 186 -8.08 9.82 22.98
C HIS V 186 -8.85 9.66 21.68
N TYR V 187 -10.15 9.93 21.72
CA TYR V 187 -11.01 9.88 20.54
C TYR V 187 -11.65 11.23 20.31
N CYS V 188 -11.02 12.04 19.46
CA CYS V 188 -11.60 13.30 19.06
C CYS V 188 -12.64 13.06 17.97
N ALA V 189 -13.83 13.62 18.16
CA ALA V 189 -14.89 13.48 17.18
C ALA V 189 -14.58 14.34 15.95
N PRO V 190 -14.98 13.89 14.77
CA PRO V 190 -14.75 14.68 13.55
C PRO V 190 -15.75 15.84 13.47
N ALA V 191 -15.65 16.57 12.38
CA ALA V 191 -16.59 17.66 12.15
C ALA V 191 -17.97 17.11 11.83
N GLY V 192 -18.99 17.83 12.27
CA GLY V 192 -20.36 17.43 12.02
C GLY V 192 -20.95 16.54 13.10
N PHE V 193 -20.13 15.81 13.83
CA PHE V 193 -20.58 14.92 14.87
C PHE V 193 -20.20 15.49 16.23
N ALA V 194 -20.55 14.76 17.28
CA ALA V 194 -20.23 15.14 18.64
C ALA V 194 -20.23 13.90 19.51
N ILE V 195 -19.58 14.00 20.65
CA ILE V 195 -19.49 12.90 21.61
C ILE V 195 -20.10 13.35 22.92
N LEU V 196 -21.14 12.65 23.36
CA LEU V 196 -21.73 12.92 24.66
C LEU V 196 -21.00 12.13 25.73
N LYS V 197 -21.29 12.47 26.98
CA LYS V 197 -20.65 11.79 28.10
C LYS V 197 -21.62 11.76 29.27
N CYS V 198 -21.93 10.57 29.78
CA CYS V 198 -22.66 10.51 31.04
C CYS V 198 -21.78 10.97 32.18
N LYS V 199 -22.42 11.46 33.22
CA LYS V 199 -21.69 11.88 34.40
C LYS V 199 -22.40 11.40 35.65
N ASP V 200 -23.54 10.74 35.51
CA ASP V 200 -24.28 10.22 36.66
C ASP V 200 -23.48 9.10 37.31
N LYS V 201 -23.24 9.24 38.62
CA LYS V 201 -22.40 8.29 39.32
C LYS V 201 -23.08 6.95 39.52
N LYS V 202 -24.42 6.93 39.53
CA LYS V 202 -25.18 5.69 39.66
C LYS V 202 -25.65 5.16 38.31
N PHE V 203 -24.89 5.42 37.25
CA PHE V 203 -25.31 5.01 35.92
C PHE V 203 -25.15 3.50 35.75
N ASN V 204 -26.27 2.83 35.49
CA ASN V 204 -26.31 1.37 35.49
C ASN V 204 -25.58 0.79 34.29
N GLY V 205 -25.67 1.45 33.14
CA GLY V 205 -25.11 0.90 31.92
C GLY V 205 -26.09 1.01 30.78
N THR V 206 -27.37 0.95 31.10
CA THR V 206 -28.42 1.00 30.09
C THR V 206 -29.53 1.90 30.61
N GLY V 207 -29.99 2.82 29.79
CA GLY V 207 -31.08 3.69 30.16
C GLY V 207 -30.68 5.15 30.16
N PRO V 208 -31.56 6.01 30.68
CA PRO V 208 -31.30 7.46 30.62
C PRO V 208 -30.26 7.89 31.65
N CYS V 209 -29.32 8.72 31.20
CA CYS V 209 -28.39 9.40 32.08
C CYS V 209 -28.83 10.86 32.16
N PRO V 210 -29.40 11.31 33.27
CA PRO V 210 -30.00 12.65 33.32
C PRO V 210 -29.01 13.80 33.52
N SER V 211 -27.70 13.57 33.38
CA SER V 211 -26.72 14.66 33.45
C SER V 211 -25.61 14.35 32.46
N VAL V 212 -25.76 14.84 31.23
CA VAL V 212 -24.80 14.55 30.18
C VAL V 212 -23.93 15.77 29.97
N SER V 213 -22.88 15.60 29.17
CA SER V 213 -21.96 16.70 28.86
C SER V 213 -21.29 16.38 27.53
N THR V 214 -21.47 17.26 26.56
CA THR V 214 -20.76 17.08 25.30
C THR V 214 -19.28 17.39 25.49
N VAL V 215 -18.46 16.79 24.62
CA VAL V 215 -17.01 16.92 24.71
C VAL V 215 -16.46 16.67 23.32
N GLN V 216 -15.39 17.38 22.97
CA GLN V 216 -14.84 17.25 21.64
C GLN V 216 -13.86 16.09 21.53
N CYS V 217 -13.31 15.62 22.64
CA CYS V 217 -12.32 14.56 22.57
C CYS V 217 -12.29 13.84 23.91
N THR V 218 -12.21 12.51 23.88
CA THR V 218 -12.45 11.68 25.04
C THR V 218 -11.26 11.71 26.00
N HIS V 219 -11.43 11.05 27.14
CA HIS V 219 -10.41 11.03 28.18
C HIS V 219 -9.30 10.05 27.82
N GLY V 220 -8.33 9.94 28.71
CA GLY V 220 -7.22 9.02 28.52
C GLY V 220 -7.62 7.57 28.65
N ILE V 221 -7.52 6.83 27.55
CA ILE V 221 -7.79 5.41 27.53
C ILE V 221 -6.48 4.71 27.26
N LYS V 222 -5.93 4.03 28.27
CA LYS V 222 -4.72 3.27 28.06
C LYS V 222 -5.08 1.83 27.70
N PRO V 223 -4.67 1.34 26.55
CA PRO V 223 -5.05 -0.01 26.13
C PRO V 223 -4.24 -1.12 26.76
N VAL V 224 -4.81 -1.79 27.74
CA VAL V 224 -4.20 -2.97 28.31
C VAL V 224 -4.79 -4.18 27.61
N VAL V 225 -4.12 -5.32 27.75
CA VAL V 225 -4.65 -6.59 27.26
C VAL V 225 -4.61 -7.58 28.42
N SER V 226 -5.79 -8.02 28.85
CA SER V 226 -5.91 -8.87 30.03
C SER V 226 -7.27 -9.55 29.99
N THR V 227 -7.34 -10.73 30.60
CA THR V 227 -8.49 -11.61 30.42
C THR V 227 -9.31 -11.82 31.68
N GLN V 228 -8.71 -12.31 32.75
CA GLN V 228 -9.48 -12.67 33.95
C GLN V 228 -9.95 -11.42 34.68
N LEU V 229 -9.05 -10.45 34.84
CA LEU V 229 -9.38 -9.27 35.62
C LEU V 229 -8.63 -8.10 35.03
N LEU V 230 -9.37 -7.07 34.62
CA LEU V 230 -8.79 -5.98 33.85
C LEU V 230 -8.00 -5.04 34.76
N LEU V 231 -6.91 -4.54 34.22
CA LEU V 231 -5.95 -3.73 34.98
C LEU V 231 -5.83 -2.30 34.52
N ASN V 232 -5.55 -1.41 35.47
CA ASN V 232 -5.40 0.03 35.21
C ASN V 232 -6.61 0.60 34.50
N GLY V 233 -7.80 0.22 34.95
CA GLY V 233 -9.04 0.65 34.35
C GLY V 233 -9.71 1.66 35.23
N SER V 234 -10.04 2.79 34.64
CA SER V 234 -10.68 3.89 35.35
C SER V 234 -11.68 3.30 36.34
N LEU V 235 -11.50 3.62 37.61
CA LEU V 235 -12.34 3.08 38.67
C LEU V 235 -13.50 4.02 39.00
N ALA V 236 -14.59 3.43 39.47
CA ALA V 236 -15.76 4.22 39.87
C ALA V 236 -15.48 4.93 41.18
N GLU V 237 -16.32 5.93 41.48
CA GLU V 237 -16.01 6.87 42.54
C GLU V 237 -16.77 6.63 43.84
N GLU V 238 -18.09 6.51 43.78
CA GLU V 238 -18.84 6.39 45.02
C GLU V 238 -18.74 5.00 45.64
N GLU V 239 -18.97 3.96 44.84
CA GLU V 239 -18.95 2.61 45.36
C GLU V 239 -18.63 1.65 44.22
N VAL V 240 -18.36 0.40 44.60
CA VAL V 240 -18.11 -0.65 43.64
C VAL V 240 -19.39 -0.93 42.86
N MET V 241 -19.29 -1.07 41.55
CA MET V 241 -20.47 -1.20 40.71
C MET V 241 -20.39 -2.46 39.87
N ILE V 242 -21.55 -3.02 39.55
CA ILE V 242 -21.63 -4.13 38.61
C ILE V 242 -22.46 -3.68 37.42
N ARG V 243 -22.26 -4.37 36.31
CA ARG V 243 -22.89 -4.03 35.05
C ARG V 243 -23.15 -5.30 34.27
N SER V 244 -24.25 -5.30 33.53
CA SER V 244 -24.64 -6.47 32.73
C SER V 244 -25.56 -6.00 31.62
N GLU V 245 -26.13 -6.95 30.88
CA GLU V 245 -27.14 -6.65 29.88
C GLU V 245 -28.49 -7.23 30.28
N ASN V 246 -28.58 -8.54 30.49
CA ASN V 246 -29.66 -9.13 31.24
C ASN V 246 -29.00 -10.01 32.30
N ILE V 247 -29.23 -9.68 33.57
CA ILE V 247 -28.49 -10.34 34.65
C ILE V 247 -28.96 -11.77 34.79
N THR V 248 -30.22 -12.04 34.44
CA THR V 248 -30.75 -13.40 34.45
C THR V 248 -30.38 -14.18 33.20
N ASN V 249 -29.45 -13.69 32.39
CA ASN V 249 -28.91 -14.43 31.26
C ASN V 249 -27.52 -14.93 31.61
N ASN V 250 -27.16 -16.08 31.04
CA ASN V 250 -25.91 -16.74 31.39
C ASN V 250 -24.79 -16.45 30.42
N ALA V 251 -25.10 -16.23 29.15
CA ALA V 251 -24.06 -16.07 28.14
C ALA V 251 -23.38 -14.71 28.25
N LYS V 252 -24.06 -13.72 28.79
CA LYS V 252 -23.47 -12.40 28.93
C LYS V 252 -22.63 -12.32 30.20
N ASN V 253 -21.47 -11.71 30.07
CA ASN V 253 -20.58 -11.51 31.20
C ASN V 253 -21.16 -10.48 32.15
N ILE V 254 -20.62 -10.47 33.36
CA ILE V 254 -21.07 -9.57 34.41
C ILE V 254 -19.86 -8.74 34.79
N LEU V 255 -19.74 -7.55 34.20
CA LEU V 255 -18.59 -6.71 34.47
C LEU V 255 -18.70 -6.10 35.85
N VAL V 256 -17.56 -5.93 36.51
CA VAL V 256 -17.50 -5.34 37.84
C VAL V 256 -16.38 -4.32 37.85
N GLN V 257 -16.67 -3.11 38.31
CA GLN V 257 -15.68 -2.04 38.40
C GLN V 257 -15.53 -1.64 39.86
N PHE V 258 -14.27 -1.59 40.33
CA PHE V 258 -14.05 -1.38 41.75
C PHE V 258 -14.08 0.09 42.12
N ASN V 259 -14.07 0.33 43.43
CA ASN V 259 -13.88 1.64 44.04
C ASN V 259 -12.43 1.83 44.47
N THR V 260 -11.87 0.85 45.17
CA THR V 260 -10.52 0.93 45.68
C THR V 260 -9.63 0.03 44.85
N PRO V 261 -8.56 0.53 44.27
CA PRO V 261 -7.68 -0.32 43.47
C PRO V 261 -6.83 -1.26 44.29
N VAL V 262 -7.16 -2.55 44.26
CA VAL V 262 -6.32 -3.54 44.91
C VAL V 262 -5.05 -3.73 44.08
N GLN V 263 -3.92 -3.88 44.74
CA GLN V 263 -2.62 -3.81 44.11
C GLN V 263 -2.07 -5.20 43.85
N ILE V 264 -1.44 -5.38 42.69
CA ILE V 264 -0.82 -6.65 42.33
C ILE V 264 0.64 -6.39 41.98
N ASN V 265 1.52 -7.28 42.42
CA ASN V 265 2.94 -7.23 42.11
C ASN V 265 3.32 -8.51 41.41
N CYS V 266 3.92 -8.39 40.23
CA CYS V 266 4.28 -9.56 39.44
C CYS V 266 5.72 -9.43 38.98
N THR V 267 6.38 -10.58 38.83
CA THR V 267 7.80 -10.60 38.55
C THR V 267 8.17 -11.90 37.86
N ARG V 268 9.44 -11.98 37.47
CA ARG V 268 10.05 -13.17 36.88
C ARG V 268 11.47 -13.22 37.39
N PRO V 269 11.78 -14.13 38.31
CA PRO V 269 13.08 -14.09 38.99
C PRO V 269 14.27 -14.58 38.17
N ASN V 270 14.06 -15.20 37.02
CA ASN V 270 15.16 -15.80 36.27
C ASN V 270 15.96 -14.72 35.57
N ASN V 271 17.24 -14.61 35.88
CA ASN V 271 18.12 -13.63 35.25
C ASN V 271 18.56 -14.20 33.91
N ASN V 272 17.90 -13.80 32.83
CA ASN V 272 18.20 -14.32 31.50
C ASN V 272 19.47 -13.71 30.94
N THR V 273 19.77 -14.07 29.70
CA THR V 273 20.86 -13.44 28.95
C THR V 273 20.45 -13.46 27.49
N ARG V 274 20.18 -12.30 26.93
CA ARG V 274 19.75 -12.22 25.55
C ARG V 274 20.96 -12.40 24.64
N LYS V 275 20.79 -13.24 23.62
CA LYS V 275 21.89 -13.63 22.75
C LYS V 275 21.47 -13.51 21.31
N SER V 276 22.31 -12.88 20.48
CA SER V 276 21.96 -12.59 19.10
C SER V 276 22.47 -13.69 18.18
N ILE V 277 21.59 -14.22 17.36
CA ILE V 277 21.92 -15.22 16.35
C ILE V 277 21.56 -14.65 15.00
N ARG V 278 22.49 -14.70 14.05
CA ARG V 278 22.19 -14.16 12.72
C ARG V 278 21.64 -15.23 11.81
N ILE V 279 20.32 -15.23 11.66
CA ILE V 279 19.65 -16.17 10.79
C ILE V 279 20.05 -15.96 9.34
N GLY V 280 20.16 -14.70 8.98
CA GLY V 280 20.33 -14.29 7.59
C GLY V 280 21.01 -12.93 7.57
N PRO V 281 21.52 -12.51 6.40
CA PRO V 281 22.15 -11.19 6.42
C PRO V 281 21.08 -10.17 6.71
N GLY V 282 21.34 -9.30 7.69
CA GLY V 282 20.42 -8.24 8.04
C GLY V 282 19.30 -8.68 8.95
N GLN V 283 19.30 -9.94 9.33
CA GLN V 283 18.27 -10.46 10.20
C GLN V 283 18.94 -11.03 11.42
N ALA V 284 18.49 -10.63 12.59
CA ALA V 284 19.09 -11.11 13.83
C ALA V 284 18.04 -11.78 14.66
N PHE V 285 18.41 -12.89 15.30
CA PHE V 285 17.45 -13.60 16.14
C PHE V 285 17.91 -13.54 17.58
N TYR V 286 16.95 -13.29 18.48
CA TYR V 286 17.24 -13.07 19.88
C TYR V 286 16.82 -14.30 20.67
N ALA V 287 17.79 -14.99 21.26
CA ALA V 287 17.55 -16.24 21.95
C ALA V 287 17.95 -16.14 23.42
N THR V 288 17.22 -16.87 24.25
CA THR V 288 17.54 -16.96 25.68
C THR V 288 18.84 -17.73 25.83
N GLY V 289 19.91 -17.04 26.18
CA GLY V 289 21.22 -17.64 26.14
C GLY V 289 21.57 -18.48 27.34
N ASP V 290 21.37 -17.93 28.53
CA ASP V 290 21.81 -18.61 29.74
C ASP V 290 20.98 -18.11 30.91
N ILE V 291 20.90 -18.93 31.94
CA ILE V 291 20.19 -18.59 33.17
C ILE V 291 21.25 -18.53 34.26
N ILE V 292 21.81 -17.35 34.49
CA ILE V 292 22.71 -17.19 35.62
C ILE V 292 21.88 -16.77 36.82
N GLY V 293 22.41 -16.99 37.98
CA GLY V 293 21.61 -16.84 39.19
C GLY V 293 20.95 -18.16 39.60
N ASP V 294 19.63 -18.22 39.48
CA ASP V 294 18.93 -19.39 39.97
C ASP V 294 17.62 -19.55 39.21
N ILE V 295 17.15 -20.80 39.14
CA ILE V 295 15.91 -21.13 38.47
C ILE V 295 14.77 -20.97 39.47
N ARG V 296 13.95 -19.95 39.27
CA ARG V 296 12.87 -19.66 40.21
C ARG V 296 11.64 -19.27 39.43
N GLN V 297 10.49 -19.80 39.84
CA GLN V 297 9.26 -19.70 39.06
C GLN V 297 8.63 -18.32 39.22
N ALA V 298 8.03 -17.82 38.14
CA ALA V 298 7.40 -16.51 38.15
C ALA V 298 6.09 -16.56 38.90
N HIS V 299 5.77 -15.49 39.62
CA HIS V 299 4.61 -15.46 40.50
C HIS V 299 4.01 -14.06 40.54
N CYS V 300 2.90 -13.94 41.26
CA CYS V 300 2.27 -12.65 41.51
C CYS V 300 1.77 -12.60 42.95
N ASN V 301 1.74 -11.41 43.52
CA ASN V 301 1.32 -11.19 44.89
C ASN V 301 0.27 -10.09 44.95
N VAL V 302 -0.80 -10.35 45.71
CA VAL V 302 -1.76 -9.32 46.09
C VAL V 302 -1.88 -9.36 47.61
N SER V 303 -2.37 -8.26 48.17
CA SER V 303 -2.56 -8.21 49.61
C SER V 303 -3.82 -8.98 49.98
N LYS V 304 -3.70 -9.89 50.93
CA LYS V 304 -4.82 -10.77 51.27
C LYS V 304 -5.94 -10.02 51.97
N ALA V 305 -5.59 -9.04 52.81
CA ALA V 305 -6.60 -8.31 53.57
C ALA V 305 -7.44 -7.42 52.67
N THR V 306 -6.78 -6.66 51.78
CA THR V 306 -7.51 -5.81 50.86
C THR V 306 -8.30 -6.63 49.85
N TRP V 307 -7.83 -7.82 49.50
CA TRP V 307 -8.60 -8.64 48.57
C TRP V 307 -9.82 -9.25 49.23
N ASN V 308 -9.71 -9.62 50.51
CA ASN V 308 -10.90 -10.07 51.24
C ASN V 308 -11.89 -8.92 51.41
N GLU V 309 -11.40 -7.71 51.66
CA GLU V 309 -12.28 -6.55 51.77
C GLU V 309 -12.95 -6.23 50.44
N THR V 310 -12.23 -6.39 49.34
CA THR V 310 -12.78 -6.05 48.04
C THR V 310 -13.80 -7.08 47.57
N LEU V 311 -13.56 -8.35 47.90
CA LEU V 311 -14.60 -9.33 47.66
C LEU V 311 -15.80 -9.12 48.57
N GLY V 312 -15.58 -8.61 49.78
CA GLY V 312 -16.72 -8.24 50.63
C GLY V 312 -17.56 -7.14 50.02
N LYS V 313 -16.91 -6.16 49.39
CA LYS V 313 -17.64 -5.12 48.70
C LYS V 313 -18.43 -5.65 47.51
N VAL V 314 -17.81 -6.51 46.69
CA VAL V 314 -18.55 -6.98 45.51
C VAL V 314 -19.64 -7.97 45.90
N VAL V 315 -19.49 -8.68 47.02
CA VAL V 315 -20.58 -9.54 47.49
C VAL V 315 -21.71 -8.69 48.06
N LYS V 316 -21.37 -7.58 48.73
CA LYS V 316 -22.38 -6.63 49.17
C LYS V 316 -23.16 -6.04 48.01
N GLN V 317 -22.48 -5.79 46.88
CA GLN V 317 -23.18 -5.25 45.72
C GLN V 317 -24.01 -6.30 44.99
N LEU V 318 -23.51 -7.54 44.89
CA LEU V 318 -24.22 -8.55 44.12
C LEU V 318 -25.50 -9.04 44.78
N ARG V 319 -25.66 -8.83 46.09
CA ARG V 319 -26.85 -9.31 46.77
C ARG V 319 -28.09 -8.49 46.43
N LYS V 320 -27.93 -7.30 45.86
CA LYS V 320 -29.07 -6.50 45.46
C LYS V 320 -29.84 -7.15 44.32
N HIS V 321 -29.13 -7.60 43.30
CA HIS V 321 -29.77 -8.13 42.12
C HIS V 321 -30.31 -9.55 42.30
N PHE V 322 -29.95 -10.23 43.39
CA PHE V 322 -30.25 -11.65 43.54
C PHE V 322 -31.02 -12.00 44.80
N GLY V 323 -31.29 -11.05 45.67
CA GLY V 323 -31.95 -11.36 46.92
C GLY V 323 -30.96 -11.29 48.06
N ASN V 324 -31.43 -10.84 49.22
CA ASN V 324 -30.56 -10.63 50.36
C ASN V 324 -30.17 -11.92 51.07
N ASN V 325 -30.84 -13.04 50.80
CA ASN V 325 -30.52 -14.31 51.43
C ASN V 325 -30.12 -15.29 50.34
N THR V 326 -28.86 -15.21 49.91
CA THR V 326 -28.27 -16.13 48.94
C THR V 326 -26.84 -16.40 49.33
N ILE V 327 -26.27 -17.48 48.79
CA ILE V 327 -24.93 -17.89 49.15
C ILE V 327 -24.01 -17.67 47.96
N ILE V 328 -23.40 -16.50 47.88
CA ILE V 328 -22.51 -16.20 46.77
C ILE V 328 -21.16 -16.85 47.04
N ARG V 329 -20.71 -17.67 46.10
CA ARG V 329 -19.40 -18.29 46.20
C ARG V 329 -18.68 -18.14 44.87
N PHE V 330 -17.35 -18.11 44.95
CA PHE V 330 -16.50 -17.88 43.80
C PHE V 330 -15.71 -19.15 43.51
N ALA V 331 -15.67 -19.56 42.24
CA ALA V 331 -14.93 -20.73 41.84
C ALA V 331 -13.86 -20.34 40.84
N ASN V 332 -12.94 -21.26 40.57
CA ASN V 332 -11.98 -21.03 39.51
C ASN V 332 -12.62 -21.30 38.15
N SER V 333 -11.86 -21.09 37.09
CA SER V 333 -12.39 -21.18 35.73
C SER V 333 -12.75 -22.62 35.38
N SER V 334 -13.76 -22.75 34.51
CA SER V 334 -14.27 -24.08 34.18
C SER V 334 -13.32 -24.86 33.29
N GLY V 335 -12.65 -24.18 32.38
CA GLY V 335 -11.69 -24.84 31.52
C GLY V 335 -11.67 -24.19 30.16
N GLY V 336 -10.97 -24.82 29.24
CA GLY V 336 -10.89 -24.31 27.89
C GLY V 336 -9.46 -24.25 27.37
N ASP V 337 -9.16 -23.22 26.60
CA ASP V 337 -7.79 -22.99 26.15
C ASP V 337 -7.01 -22.38 27.32
N LEU V 338 -5.72 -22.10 27.10
CA LEU V 338 -4.88 -21.57 28.16
C LEU V 338 -5.32 -20.18 28.58
N GLU V 339 -5.25 -19.22 27.68
CA GLU V 339 -5.37 -17.82 28.06
C GLU V 339 -6.80 -17.33 28.25
N VAL V 340 -7.74 -18.22 28.53
CA VAL V 340 -9.03 -17.82 29.08
C VAL V 340 -9.24 -18.37 30.50
N THR V 341 -8.52 -19.42 30.89
CA THR V 341 -8.62 -19.89 32.26
C THR V 341 -7.65 -19.13 33.15
N THR V 342 -6.40 -19.07 32.74
CA THR V 342 -5.38 -18.36 33.49
C THR V 342 -5.49 -16.86 33.25
N HIS V 343 -4.74 -16.10 34.02
CA HIS V 343 -4.75 -14.65 33.95
C HIS V 343 -3.63 -14.18 33.04
N SER V 344 -4.00 -13.61 31.90
CA SER V 344 -3.05 -13.18 30.90
C SER V 344 -2.81 -11.68 31.05
N PHE V 345 -1.56 -11.28 30.89
CA PHE V 345 -1.19 -9.88 30.72
C PHE V 345 0.25 -9.83 30.22
N ASN V 346 0.73 -8.62 30.01
CA ASN V 346 2.10 -8.37 29.60
C ASN V 346 2.79 -7.54 30.67
N CYS V 347 4.10 -7.73 30.80
CA CYS V 347 4.83 -7.10 31.90
C CYS V 347 6.26 -6.85 31.41
N GLY V 348 6.53 -5.61 31.01
CA GLY V 348 7.83 -5.28 30.48
C GLY V 348 8.13 -5.89 29.13
N GLY V 349 7.09 -6.28 28.38
CA GLY V 349 7.30 -6.90 27.09
C GLY V 349 7.45 -8.40 27.11
N GLU V 350 6.84 -9.08 28.07
CA GLU V 350 6.91 -10.53 28.14
C GLU V 350 5.64 -11.04 28.80
N PHE V 351 5.03 -12.06 28.22
CA PHE V 351 3.63 -12.38 28.45
C PHE V 351 3.49 -13.43 29.54
N PHE V 352 2.80 -13.06 30.61
CA PHE V 352 2.60 -13.99 31.71
C PHE V 352 1.28 -14.72 31.56
N TYR V 353 1.14 -15.80 32.30
CA TYR V 353 -0.11 -16.55 32.41
C TYR V 353 -0.16 -17.07 33.83
N CYS V 354 -1.02 -16.49 34.67
CA CYS V 354 -0.96 -16.66 36.12
C CYS V 354 -2.21 -17.34 36.62
N ASN V 355 -2.03 -18.49 37.29
CA ASN V 355 -3.15 -19.27 37.81
C ASN V 355 -3.84 -18.51 38.94
N THR V 356 -5.16 -18.36 38.83
CA THR V 356 -5.92 -17.55 39.78
C THR V 356 -6.94 -18.38 40.54
N SER V 357 -6.60 -19.61 40.87
CA SER V 357 -7.48 -20.35 41.77
C SER V 357 -7.30 -19.91 43.22
N GLY V 358 -6.19 -19.24 43.53
CA GLY V 358 -5.90 -18.82 44.89
C GLY V 358 -6.67 -17.61 45.34
N LEU V 359 -7.38 -16.94 44.44
CA LEU V 359 -8.22 -15.81 44.77
C LEU V 359 -9.69 -16.16 44.78
N PHE V 360 -10.10 -17.00 43.84
CA PHE V 360 -11.51 -17.28 43.60
C PHE V 360 -11.94 -18.60 44.24
N ASN V 361 -11.77 -18.69 45.57
CA ASN V 361 -12.45 -19.74 46.33
C ASN V 361 -12.91 -19.15 47.66
N SER V 362 -14.23 -19.07 47.83
CA SER V 362 -14.80 -18.55 49.06
C SER V 362 -16.23 -19.04 49.17
N THR V 363 -16.91 -18.57 50.21
CA THR V 363 -18.35 -18.67 50.31
C THR V 363 -18.80 -17.50 51.16
N TRP V 364 -20.04 -17.08 50.98
CA TRP V 364 -20.53 -15.89 51.66
C TRP V 364 -21.96 -16.12 52.11
N ILE V 365 -22.17 -16.18 53.42
CA ILE V 365 -23.47 -16.35 53.98
C ILE V 365 -23.94 -14.95 54.39
N SER V 366 -25.23 -14.82 54.75
CA SER V 366 -25.88 -13.53 54.95
C SER V 366 -25.32 -12.69 56.09
N ASN V 367 -24.44 -13.24 56.93
CA ASN V 367 -23.76 -12.42 57.93
C ASN V 367 -22.30 -12.83 58.12
N ASN V 379 -1.35 -7.87 56.01
CA ASN V 379 -0.24 -8.54 56.68
C ASN V 379 0.38 -9.57 55.75
N ASP V 380 -0.35 -10.66 55.51
CA ASP V 380 0.10 -11.68 54.59
C ASP V 380 -0.20 -11.26 53.16
N SER V 381 0.16 -12.13 52.20
CA SER V 381 -0.07 -11.85 50.80
C SER V 381 -0.24 -13.15 50.06
N ILE V 382 -1.19 -13.18 49.12
CA ILE V 382 -1.52 -14.39 48.39
C ILE V 382 -0.56 -14.54 47.22
N THR V 383 0.19 -15.63 47.22
CA THR V 383 1.02 -15.95 46.06
C THR V 383 0.20 -16.75 45.08
N LEU V 384 0.55 -16.66 43.80
CA LEU V 384 -0.12 -17.42 42.79
C LEU V 384 0.84 -17.64 41.64
N PRO V 385 0.97 -18.88 41.15
CA PRO V 385 2.04 -19.18 40.20
C PRO V 385 1.72 -18.65 38.82
N CYS V 386 2.77 -18.54 38.02
CA CYS V 386 2.65 -17.96 36.68
C CYS V 386 3.46 -18.77 35.70
N ARG V 387 2.92 -18.96 34.51
CA ARG V 387 3.58 -19.68 33.42
C ARG V 387 3.78 -18.72 32.26
N ILE V 388 4.84 -18.94 31.49
CA ILE V 388 5.24 -17.98 30.46
C ILE V 388 5.32 -18.69 29.12
N LYS V 389 4.71 -18.10 28.11
CA LYS V 389 4.90 -18.52 26.73
C LYS V 389 5.76 -17.48 26.03
N GLN V 390 6.62 -17.94 25.12
CA GLN V 390 7.31 -16.96 24.29
C GLN V 390 6.54 -16.66 23.01
N ILE V 391 5.95 -17.66 22.37
CA ILE V 391 5.10 -17.32 21.25
C ILE V 391 3.71 -17.07 21.79
N ILE V 392 2.98 -16.18 21.15
CA ILE V 392 1.61 -15.86 21.56
C ILE V 392 0.74 -15.83 20.33
N ASN V 393 -0.53 -16.15 20.51
CA ASN V 393 -1.51 -16.01 19.44
C ASN V 393 -2.70 -15.26 20.02
N MET V 394 -2.61 -13.94 20.07
CA MET V 394 -3.75 -13.17 20.55
C MET V 394 -4.65 -12.78 19.39
N TRP V 395 -5.95 -12.70 19.71
CA TRP V 395 -7.12 -12.50 18.85
C TRP V 395 -7.42 -13.67 17.93
N GLN V 396 -6.61 -14.74 17.94
CA GLN V 396 -6.91 -16.05 17.35
C GLN V 396 -7.19 -15.93 15.84
N ARG V 397 -6.18 -15.50 15.10
CA ARG V 397 -6.31 -15.45 13.67
C ARG V 397 -5.94 -16.81 13.08
N ILE V 398 -5.93 -16.90 11.75
CA ILE V 398 -5.61 -18.17 11.11
C ILE V 398 -4.12 -18.47 11.18
N GLY V 399 -3.31 -17.61 10.58
CA GLY V 399 -1.91 -17.92 10.41
C GLY V 399 -0.96 -16.84 10.87
N GLN V 400 -1.27 -16.18 11.97
CA GLN V 400 -0.41 -15.13 12.52
C GLN V 400 -0.22 -15.39 14.00
N CYS V 401 0.98 -15.78 14.39
CA CYS V 401 1.39 -15.65 15.78
C CYS V 401 2.56 -14.68 15.80
N MET V 402 3.13 -14.45 16.98
CA MET V 402 4.37 -13.71 17.02
C MET V 402 5.28 -14.31 18.08
N TYR V 403 6.56 -14.07 17.94
CA TYR V 403 7.55 -14.60 18.88
C TYR V 403 8.06 -13.42 19.68
N ALA V 404 7.57 -13.29 20.91
CA ALA V 404 8.01 -12.23 21.79
C ALA V 404 9.43 -12.53 22.26
N PRO V 405 10.42 -11.68 21.94
CA PRO V 405 11.80 -12.03 22.26
C PRO V 405 12.05 -11.88 23.74
N PRO V 406 12.95 -12.67 24.31
CA PRO V 406 13.25 -12.56 25.74
C PRO V 406 14.00 -11.27 26.03
N ILE V 407 13.92 -10.85 27.27
CA ILE V 407 14.43 -9.55 27.69
C ILE V 407 15.49 -9.74 28.76
N GLN V 408 16.50 -8.88 28.73
CA GLN V 408 17.66 -9.00 29.60
C GLN V 408 17.29 -8.69 31.04
N GLY V 409 17.66 -9.59 31.95
CA GLY V 409 17.58 -9.30 33.36
C GLY V 409 16.22 -9.56 33.97
N VAL V 410 16.20 -9.52 35.31
CA VAL V 410 14.99 -9.72 36.09
C VAL V 410 14.06 -8.53 35.91
N ILE V 411 12.80 -8.81 35.61
CA ILE V 411 11.82 -7.75 35.40
C ILE V 411 10.65 -7.91 36.34
N ARG V 412 10.04 -6.78 36.68
CA ARG V 412 8.85 -6.76 37.51
C ARG V 412 8.04 -5.53 37.18
N CYS V 413 6.72 -5.62 37.38
CA CYS V 413 5.84 -4.50 37.11
C CYS V 413 4.70 -4.50 38.11
N VAL V 414 4.24 -3.29 38.44
CA VAL V 414 3.24 -3.06 39.47
C VAL V 414 2.00 -2.48 38.80
N SER V 415 0.83 -2.98 39.18
CA SER V 415 -0.39 -2.52 38.53
C SER V 415 -1.55 -2.47 39.52
N ASN V 416 -2.38 -1.45 39.36
CA ASN V 416 -3.64 -1.37 40.08
C ASN V 416 -4.65 -2.25 39.36
N ILE V 417 -5.46 -2.97 40.12
CA ILE V 417 -6.54 -3.75 39.53
C ILE V 417 -7.80 -2.91 39.56
N THR V 418 -8.30 -2.57 38.38
CA THR V 418 -9.46 -1.70 38.26
C THR V 418 -10.75 -2.49 38.38
N GLY V 419 -10.83 -3.67 37.78
CA GLY V 419 -12.02 -4.48 37.90
C GLY V 419 -11.77 -5.89 37.45
N LEU V 420 -12.85 -6.67 37.43
CA LEU V 420 -12.75 -8.06 37.02
C LEU V 420 -14.01 -8.42 36.24
N ILE V 421 -13.93 -9.51 35.50
CA ILE V 421 -15.02 -9.99 34.66
C ILE V 421 -15.51 -11.31 35.25
N LEU V 422 -16.81 -11.40 35.48
CA LEU V 422 -17.39 -12.56 36.11
C LEU V 422 -18.33 -13.27 35.14
N THR V 423 -18.85 -14.40 35.60
CA THR V 423 -19.81 -15.20 34.84
C THR V 423 -20.58 -16.06 35.82
N ARG V 424 -21.90 -15.93 35.80
CA ARG V 424 -22.80 -16.75 36.59
C ARG V 424 -23.08 -18.03 35.82
N ASP V 425 -23.50 -19.07 36.54
CA ASP V 425 -23.97 -20.28 35.89
C ASP V 425 -25.16 -20.85 36.65
N GLY V 426 -25.95 -21.65 35.95
CA GLY V 426 -27.04 -22.37 36.59
C GLY V 426 -27.99 -23.04 35.62
N GLY V 427 -28.32 -24.30 35.88
CA GLY V 427 -29.23 -25.01 35.00
C GLY V 427 -30.64 -25.13 35.53
N SER V 428 -30.78 -25.58 36.78
CA SER V 428 -32.06 -25.87 37.40
C SER V 428 -31.86 -26.12 38.89
N THR V 429 -32.88 -26.69 39.53
CA THR V 429 -32.83 -27.26 40.89
C THR V 429 -32.56 -26.23 41.97
N ASN V 430 -33.07 -25.01 41.76
CA ASN V 430 -33.45 -23.98 42.75
C ASN V 430 -32.56 -23.82 43.97
N SER V 431 -31.25 -23.97 43.81
CA SER V 431 -30.37 -23.84 44.96
C SER V 431 -30.15 -22.37 45.28
N THR V 432 -29.89 -22.11 46.56
CA THR V 432 -29.71 -20.73 47.00
C THR V 432 -28.36 -20.16 46.61
N THR V 433 -27.41 -21.01 46.20
CA THR V 433 -26.09 -20.52 45.84
C THR V 433 -26.10 -19.90 44.46
N GLU V 434 -25.11 -19.03 44.21
CA GLU V 434 -24.88 -18.45 42.89
C GLU V 434 -23.37 -18.47 42.67
N THR V 435 -22.88 -19.54 42.05
CA THR V 435 -21.44 -19.65 41.81
C THR V 435 -21.02 -18.70 40.71
N PHE V 436 -20.00 -17.89 40.98
CA PHE V 436 -19.41 -17.02 39.98
C PHE V 436 -18.02 -17.52 39.61
N ARG V 437 -17.71 -17.40 38.34
CA ARG V 437 -16.44 -17.87 37.79
C ARG V 437 -15.90 -16.76 36.91
N PRO V 438 -14.61 -16.75 36.63
CA PRO V 438 -14.07 -15.72 35.74
C PRO V 438 -14.44 -16.00 34.29
N GLY V 439 -14.28 -14.97 33.48
CA GLY V 439 -14.64 -15.07 32.08
C GLY V 439 -13.46 -14.81 31.18
N GLY V 440 -13.60 -13.84 30.30
CA GLY V 440 -12.60 -13.63 29.28
C GLY V 440 -13.26 -13.66 27.92
N GLY V 441 -12.94 -14.68 27.13
CA GLY V 441 -13.60 -14.89 25.85
C GLY V 441 -13.34 -13.78 24.86
N ASP V 442 -14.37 -12.97 24.62
CA ASP V 442 -14.22 -11.83 23.74
C ASP V 442 -13.31 -10.80 24.37
N MET V 443 -12.50 -10.16 23.54
CA MET V 443 -11.59 -9.11 24.00
C MET V 443 -12.32 -7.78 24.16
N ARG V 444 -13.53 -7.66 23.62
CA ARG V 444 -14.26 -6.41 23.60
C ARG V 444 -14.77 -6.00 24.96
N ASP V 445 -14.96 -6.96 25.89
CA ASP V 445 -15.48 -6.63 27.21
C ASP V 445 -14.51 -5.74 27.97
N ASN V 446 -13.21 -5.95 27.77
CA ASN V 446 -12.18 -5.07 28.32
C ASN V 446 -12.30 -3.64 27.81
N TRP V 447 -12.94 -3.43 26.67
CA TRP V 447 -13.16 -2.08 26.21
C TRP V 447 -14.52 -1.54 26.62
N ARG V 448 -15.43 -2.42 27.01
CA ARG V 448 -16.75 -1.94 27.36
C ARG V 448 -16.80 -1.46 28.81
N SER V 449 -15.69 -1.55 29.52
CA SER V 449 -15.53 -0.96 30.84
C SER V 449 -14.92 0.43 30.78
N GLU V 450 -14.59 0.93 29.60
CA GLU V 450 -14.01 2.26 29.47
C GLU V 450 -14.67 3.12 28.40
N LEU V 451 -15.59 2.58 27.63
CA LEU V 451 -16.37 3.36 26.68
C LEU V 451 -17.85 3.30 27.02
N TYR V 452 -18.16 3.04 28.29
CA TYR V 452 -19.55 2.90 28.70
C TYR V 452 -20.24 4.25 28.80
N LYS V 453 -19.51 5.27 29.21
CA LYS V 453 -20.11 6.57 29.44
C LYS V 453 -20.20 7.43 28.19
N TYR V 454 -19.79 6.93 27.04
CA TYR V 454 -19.75 7.74 25.83
C TYR V 454 -20.82 7.31 24.84
N LYS V 455 -21.10 8.20 23.90
CA LYS V 455 -22.05 7.97 22.82
C LYS V 455 -21.73 8.98 21.72
N VAL V 456 -21.83 8.55 20.47
CA VAL V 456 -21.59 9.43 19.34
C VAL V 456 -22.93 9.86 18.75
N VAL V 457 -23.04 11.13 18.37
CA VAL V 457 -24.27 11.69 17.83
C VAL V 457 -23.96 12.48 16.56
N LYS V 458 -24.99 12.68 15.75
CA LYS V 458 -24.90 13.46 14.52
C LYS V 458 -25.77 14.69 14.62
N ILE V 459 -25.19 15.84 14.28
CA ILE V 459 -25.92 17.10 14.29
C ILE V 459 -26.78 17.19 13.03
N GLU V 460 -28.04 17.60 13.20
CA GLU V 460 -28.93 17.93 12.10
C GLU V 460 -29.32 19.39 12.25
N PRO V 461 -28.48 20.32 11.79
CA PRO V 461 -28.60 21.72 12.20
C PRO V 461 -29.67 22.52 11.48
N LEU V 462 -30.55 21.89 10.70
CA LEU V 462 -31.54 22.62 9.91
C LEU V 462 -32.92 22.25 10.43
N GLY V 463 -33.45 23.08 11.33
CA GLY V 463 -34.76 22.86 11.89
C GLY V 463 -35.72 23.94 11.44
N VAL V 464 -37.02 23.74 11.63
CA VAL V 464 -38.01 24.64 11.08
C VAL V 464 -39.13 24.81 12.11
N ALA V 465 -39.72 26.00 12.13
CA ALA V 465 -40.61 26.39 13.23
C ALA V 465 -41.47 27.56 12.77
N PRO V 466 -42.63 27.76 13.40
CA PRO V 466 -43.44 28.94 13.10
C PRO V 466 -43.11 30.14 13.97
N THR V 467 -43.21 31.31 13.35
CA THR V 467 -43.29 32.58 14.07
C THR V 467 -43.97 33.59 13.15
N ARG V 468 -44.28 34.76 13.69
CA ARG V 468 -44.97 35.79 12.93
C ARG V 468 -43.94 36.66 12.20
N CYS V 469 -43.83 36.48 10.89
CA CYS V 469 -43.06 37.38 10.04
C CYS V 469 -43.50 37.14 8.60
N LYS V 470 -42.99 38.00 7.71
CA LYS V 470 -43.13 37.84 6.27
C LYS V 470 -41.80 38.19 5.64
N ARG V 471 -41.73 38.02 4.33
CA ARG V 471 -40.60 38.50 3.55
C ARG V 471 -41.11 39.55 2.57
N ARG V 472 -40.40 40.67 2.50
CA ARG V 472 -40.88 41.82 1.76
C ARG V 472 -40.55 41.67 0.27
N VAL V 473 -41.58 41.72 -0.56
CA VAL V 473 -41.41 41.57 -1.99
C VAL V 473 -40.78 42.81 -2.61
N LEU W 4 -25.31 44.57 47.01
CA LEU W 4 -25.22 43.84 48.27
C LEU W 4 -26.33 44.15 49.24
N GLN W 5 -27.46 43.45 49.08
CA GLN W 5 -28.59 43.50 49.99
C GLN W 5 -29.17 42.10 50.01
N GLN W 6 -29.58 41.62 51.19
CA GLN W 6 -29.98 40.23 51.40
C GLN W 6 -31.31 40.15 52.14
N SER W 7 -31.73 38.91 52.44
CA SER W 7 -32.83 38.65 53.35
C SER W 7 -32.29 38.30 54.73
N GLY W 8 -33.17 37.83 55.61
CA GLY W 8 -32.80 37.41 56.95
C GLY W 8 -32.99 35.92 57.19
N ALA W 9 -32.58 35.50 58.38
CA ALA W 9 -32.65 34.09 58.76
C ALA W 9 -34.09 33.66 59.01
N ASP W 10 -34.36 32.37 58.83
CA ASP W 10 -35.72 31.87 58.92
C ASP W 10 -35.83 30.71 59.92
N LEU W 11 -37.08 30.34 60.16
CA LEU W 11 -37.47 29.16 60.94
C LEU W 11 -38.42 28.35 60.08
N VAL W 12 -37.95 27.23 59.55
CA VAL W 12 -38.60 26.53 58.44
C VAL W 12 -38.96 25.12 58.88
N ARG W 13 -40.20 24.72 58.61
CA ARG W 13 -40.70 23.36 58.84
C ARG W 13 -40.23 22.43 57.72
N PRO W 14 -40.08 21.14 58.00
CA PRO W 14 -39.79 20.18 56.93
C PRO W 14 -41.01 19.99 56.03
N GLY W 15 -40.79 20.16 54.73
CA GLY W 15 -41.87 20.09 53.76
C GLY W 15 -42.46 21.42 53.37
N ALA W 16 -41.77 22.53 53.63
CA ALA W 16 -42.27 23.87 53.32
C ALA W 16 -41.39 24.51 52.26
N SER W 17 -42.02 25.22 51.34
CA SER W 17 -41.33 25.85 50.22
C SER W 17 -41.10 27.33 50.53
N VAL W 18 -39.83 27.72 50.61
CA VAL W 18 -39.42 29.05 51.06
C VAL W 18 -38.60 29.69 49.96
N THR W 19 -38.88 30.97 49.68
CA THR W 19 -38.14 31.76 48.69
C THR W 19 -37.33 32.83 49.40
N LEU W 20 -36.00 32.77 49.23
CA LEU W 20 -35.07 33.67 49.90
C LEU W 20 -34.40 34.55 48.85
N SER W 21 -34.38 35.85 49.09
CA SER W 21 -33.86 36.74 48.07
C SER W 21 -32.66 37.48 48.60
N CYS W 22 -31.73 37.76 47.71
CA CYS W 22 -30.80 38.85 47.92
C CYS W 22 -30.84 39.73 46.69
N LYS W 23 -31.27 40.98 46.88
CA LYS W 23 -31.39 41.90 45.76
C LYS W 23 -30.08 42.62 45.50
N ALA W 24 -29.78 42.83 44.22
CA ALA W 24 -28.53 43.47 43.82
C ALA W 24 -28.75 44.97 43.70
N SER W 25 -27.80 45.73 44.23
CA SER W 25 -27.89 47.18 44.17
C SER W 25 -26.58 47.73 43.63
N GLY W 26 -26.68 48.86 42.93
CA GLY W 26 -25.54 49.43 42.25
C GLY W 26 -25.27 48.81 40.89
N TYR W 27 -24.82 47.56 40.87
CA TYR W 27 -24.25 46.98 39.67
C TYR W 27 -25.31 46.32 38.78
N THR W 28 -25.12 46.50 37.47
CA THR W 28 -26.15 46.18 36.49
C THR W 28 -26.32 44.68 36.32
N PHE W 29 -27.54 44.27 35.95
CA PHE W 29 -27.82 42.86 35.74
C PHE W 29 -27.25 42.32 34.44
N THR W 30 -26.99 43.19 33.47
CA THR W 30 -26.49 42.73 32.17
C THR W 30 -25.03 42.32 32.22
N ASP W 31 -24.31 42.64 33.29
CA ASP W 31 -22.88 42.43 33.36
C ASP W 31 -22.51 41.27 34.27
N TYR W 32 -23.14 41.18 35.44
CA TYR W 32 -22.74 40.28 36.49
C TYR W 32 -23.74 39.14 36.69
N GLU W 33 -23.23 38.02 37.19
CA GLU W 33 -23.98 36.76 37.24
C GLU W 33 -23.86 36.16 38.63
N MET W 34 -25.00 35.84 39.24
CA MET W 34 -24.95 35.33 40.60
C MET W 34 -24.79 33.81 40.65
N HIS W 35 -24.47 33.35 41.87
CA HIS W 35 -24.37 31.94 42.21
C HIS W 35 -24.92 31.75 43.62
N TRP W 36 -24.90 30.52 44.09
CA TRP W 36 -25.34 30.21 45.45
C TRP W 36 -24.47 29.11 46.03
N MET W 37 -24.54 29.00 47.36
CA MET W 37 -23.52 28.33 48.15
C MET W 37 -24.19 27.59 49.30
N LYS W 38 -23.48 26.65 49.91
CA LYS W 38 -23.87 26.08 51.18
C LYS W 38 -22.64 25.96 52.07
N GLN W 39 -22.81 26.26 53.35
CA GLN W 39 -21.72 26.15 54.33
C GLN W 39 -22.13 25.10 55.33
N THR W 40 -21.83 23.84 55.02
CA THR W 40 -22.13 22.72 55.90
C THR W 40 -20.94 22.44 56.81
N PRO W 41 -21.18 22.02 58.06
CA PRO W 41 -20.06 21.71 58.94
C PRO W 41 -19.38 20.39 58.64
N VAL W 42 -19.87 19.60 57.70
CA VAL W 42 -19.27 18.33 57.34
C VAL W 42 -18.69 18.36 55.92
N HIS W 43 -19.49 18.76 54.94
CA HIS W 43 -19.02 18.82 53.56
C HIS W 43 -18.39 20.17 53.21
N GLY W 44 -18.25 21.07 54.18
CA GLY W 44 -17.60 22.35 53.94
C GLY W 44 -18.43 23.29 53.09
N LEU W 45 -17.93 23.62 51.89
CA LEU W 45 -18.65 24.43 50.94
C LEU W 45 -19.12 23.60 49.76
N GLU W 46 -20.32 23.90 49.28
CA GLU W 46 -20.90 23.24 48.12
C GLU W 46 -21.50 24.28 47.20
N TRP W 47 -21.54 23.97 45.91
CA TRP W 47 -22.12 24.86 44.92
C TRP W 47 -23.56 24.46 44.66
N ILE W 48 -24.40 25.45 44.33
CA ILE W 48 -25.80 25.15 44.05
C ILE W 48 -26.17 25.45 42.62
N GLY W 49 -26.10 26.71 42.22
CA GLY W 49 -26.63 27.09 40.93
C GLY W 49 -26.19 28.48 40.52
N ALA W 50 -26.92 29.04 39.56
CA ALA W 50 -26.55 30.33 38.97
C ALA W 50 -27.75 30.95 38.28
N ILE W 51 -27.61 32.22 37.92
CA ILE W 51 -28.57 32.92 37.07
C ILE W 51 -27.80 33.77 36.08
N VAL W 52 -28.11 33.62 34.80
CA VAL W 52 -27.87 34.68 33.82
C VAL W 52 -29.21 35.35 33.56
N PRO W 53 -29.43 36.59 34.05
CA PRO W 53 -30.77 37.18 33.96
C PRO W 53 -31.13 37.67 32.57
N GLU W 54 -30.15 37.86 31.68
CA GLU W 54 -30.46 38.19 30.29
C GLU W 54 -31.09 37.00 29.58
N THR W 55 -30.44 35.84 29.65
CA THR W 55 -30.93 34.66 28.96
C THR W 55 -32.09 34.01 29.70
N GLY W 56 -31.99 33.93 31.03
CA GLY W 56 -33.10 33.53 31.85
C GLY W 56 -33.12 32.10 32.32
N TYR W 57 -32.11 31.30 31.99
CA TYR W 57 -32.10 29.92 32.44
C TYR W 57 -30.66 29.42 32.46
N THR W 58 -30.27 28.85 33.59
CA THR W 58 -28.98 28.18 33.70
C THR W 58 -29.20 26.87 34.41
N ALA W 59 -28.11 26.21 34.75
CA ALA W 59 -28.13 24.87 35.33
C ALA W 59 -27.91 24.98 36.83
N TYR W 60 -27.80 23.81 37.46
CA TYR W 60 -27.68 23.72 38.90
C TYR W 60 -26.66 22.66 39.22
N ASN W 61 -26.39 22.47 40.51
CA ASN W 61 -25.74 21.24 40.94
C ASN W 61 -26.76 20.11 40.89
N GLN W 62 -26.28 18.94 40.49
CA GLN W 62 -27.18 17.83 40.19
C GLN W 62 -27.83 17.24 41.43
N LYS W 63 -27.26 17.48 42.62
CA LYS W 63 -27.97 17.11 43.83
C LYS W 63 -29.18 17.99 44.06
N PHE W 64 -29.11 19.25 43.61
CA PHE W 64 -30.02 20.27 44.07
C PHE W 64 -31.02 20.66 42.99
N LYS W 65 -31.04 19.96 41.86
CA LYS W 65 -32.06 20.21 40.85
C LYS W 65 -33.41 19.74 41.37
N GLY W 66 -34.45 20.45 40.97
CA GLY W 66 -35.78 20.16 41.46
C GLY W 66 -36.11 20.91 42.72
N LYS W 67 -35.25 20.79 43.73
CA LYS W 67 -35.46 21.53 44.98
C LYS W 67 -35.18 23.00 44.78
N ALA W 68 -34.01 23.32 44.23
CA ALA W 68 -33.57 24.70 44.08
C ALA W 68 -34.02 25.23 42.72
N ILE W 69 -34.81 26.30 42.74
CA ILE W 69 -35.20 27.01 41.52
C ILE W 69 -34.81 28.46 41.71
N LEU W 70 -34.14 29.04 40.72
CA LEU W 70 -33.62 30.40 40.81
C LEU W 70 -34.35 31.30 39.83
N THR W 71 -35.00 32.34 40.36
CA THR W 71 -35.67 33.36 39.56
C THR W 71 -35.07 34.71 39.91
N ALA W 72 -35.20 35.66 38.99
CA ALA W 72 -34.66 36.98 39.21
C ALA W 72 -35.56 38.00 38.54
N ASP W 73 -35.75 39.13 39.19
CA ASP W 73 -36.52 40.24 38.63
C ASP W 73 -35.50 41.31 38.24
N LYS W 74 -35.28 41.45 36.94
CA LYS W 74 -34.25 42.34 36.41
C LYS W 74 -34.62 43.82 36.54
N SER W 75 -35.90 44.14 36.71
CA SER W 75 -36.29 45.53 36.85
C SER W 75 -35.89 46.07 38.23
N SER W 76 -36.37 45.41 39.27
CA SER W 76 -35.99 45.75 40.64
C SER W 76 -34.62 45.22 41.03
N ASN W 77 -34.04 44.33 40.20
CA ASN W 77 -32.81 43.60 40.49
C ASN W 77 -32.90 42.84 41.81
N THR W 78 -33.91 41.97 41.90
CA THR W 78 -34.12 41.15 43.09
C THR W 78 -33.96 39.68 42.71
N VAL W 79 -33.00 39.01 43.33
CA VAL W 79 -32.64 37.64 42.98
C VAL W 79 -33.21 36.70 44.04
N TYR W 80 -34.09 35.80 43.61
CA TYR W 80 -34.85 34.90 44.47
C TYR W 80 -34.40 33.46 44.26
N MET W 81 -34.02 32.80 45.34
CA MET W 81 -34.04 31.35 45.38
C MET W 81 -35.46 30.86 45.57
N GLN W 82 -35.61 29.55 45.51
CA GLN W 82 -36.79 28.86 46.00
C GLN W 82 -36.35 27.45 46.32
N PHE W 83 -36.58 27.03 47.56
CA PHE W 83 -36.35 25.65 47.93
C PHE W 83 -37.69 24.94 48.06
N ARG W 84 -37.65 23.61 47.98
CA ARG W 84 -38.85 22.79 48.05
C ARG W 84 -38.57 21.55 48.89
N SER W 85 -39.46 21.27 49.84
CA SER W 85 -39.41 20.09 50.72
C SER W 85 -38.08 20.00 51.48
N LEU W 86 -37.83 21.01 52.30
CA LEU W 86 -36.57 21.09 53.03
C LEU W 86 -36.48 20.01 54.10
N THR W 87 -35.25 19.67 54.47
CA THR W 87 -34.95 18.71 55.50
C THR W 87 -34.19 19.40 56.63
N SER W 88 -33.91 18.64 57.69
CA SER W 88 -33.15 19.14 58.82
C SER W 88 -31.65 19.25 58.52
N GLU W 89 -31.20 18.76 57.35
CA GLU W 89 -29.81 18.82 56.95
C GLU W 89 -29.40 20.18 56.40
N ASP W 90 -30.35 21.04 56.05
CA ASP W 90 -30.06 22.30 55.40
C ASP W 90 -29.79 23.44 56.37
N SER W 91 -29.30 23.13 57.57
CA SER W 91 -28.78 24.15 58.48
C SER W 91 -27.40 24.54 57.97
N ALA W 92 -27.33 25.59 57.17
CA ALA W 92 -26.09 26.04 56.58
C ALA W 92 -26.17 27.54 56.39
N VAL W 93 -25.09 28.12 55.85
CA VAL W 93 -25.03 29.54 55.57
C VAL W 93 -24.95 29.71 54.06
N TYR W 94 -25.84 30.50 53.50
CA TYR W 94 -26.03 30.61 52.06
C TYR W 94 -25.49 31.95 51.58
N TYR W 95 -24.60 31.92 50.60
CA TYR W 95 -23.84 33.10 50.21
C TYR W 95 -24.19 33.53 48.80
N CYS W 96 -24.67 34.76 48.67
CA CYS W 96 -24.74 35.40 47.38
C CYS W 96 -23.33 35.67 46.88
N SER W 97 -23.14 35.59 45.58
CA SER W 97 -21.83 35.82 44.99
C SER W 97 -22.00 36.39 43.60
N ARG W 98 -20.96 37.05 43.10
CA ARG W 98 -21.01 37.80 41.85
C ARG W 98 -19.83 37.41 40.97
N LEU W 99 -20.08 37.16 39.69
CA LEU W 99 -18.98 36.78 38.81
C LEU W 99 -18.87 37.67 37.58
N LYS W 100 -17.65 37.74 37.08
CA LYS W 100 -17.33 38.27 35.77
C LYS W 100 -17.13 37.12 34.80
N LEU W 101 -17.31 37.41 33.51
CA LEU W 101 -17.02 36.43 32.47
C LEU W 101 -15.51 36.20 32.40
N LEU W 102 -15.11 34.93 32.53
CA LEU W 102 -13.71 34.53 32.72
C LEU W 102 -13.10 35.28 33.89
N GLY W 103 -13.88 35.40 34.96
CA GLY W 103 -13.57 36.33 36.03
C GLY W 103 -13.78 35.71 37.38
N TYR W 104 -13.35 36.46 38.38
CA TYR W 104 -13.36 36.02 39.77
C TYR W 104 -14.62 36.49 40.48
N PHE W 105 -14.67 36.20 41.77
CA PHE W 105 -15.79 36.57 42.62
C PHE W 105 -15.61 37.98 43.17
N ASP W 106 -16.43 38.92 42.70
CA ASP W 106 -16.31 40.30 43.15
C ASP W 106 -16.86 40.48 44.56
N VAL W 107 -18.16 40.30 44.73
CA VAL W 107 -18.80 40.59 46.00
C VAL W 107 -19.37 39.30 46.58
N TRP W 108 -19.77 39.37 47.83
CA TRP W 108 -20.21 38.23 48.61
C TRP W 108 -21.23 38.69 49.63
N GLY W 109 -22.22 37.86 49.88
CA GLY W 109 -23.24 38.17 50.86
C GLY W 109 -22.83 37.68 52.23
N THR W 110 -23.55 38.15 53.24
CA THR W 110 -23.22 37.75 54.61
C THR W 110 -23.72 36.35 54.91
N GLY W 111 -25.00 36.10 54.66
CA GLY W 111 -25.55 34.77 54.86
C GLY W 111 -26.95 34.78 55.42
N THR W 112 -27.80 33.87 54.94
CA THR W 112 -29.18 33.73 55.41
C THR W 112 -29.36 32.29 55.85
N THR W 113 -29.16 32.02 57.14
CA THR W 113 -29.22 30.66 57.64
C THR W 113 -30.65 30.14 57.64
N VAL W 114 -30.82 28.88 57.27
CA VAL W 114 -32.12 28.23 57.26
C VAL W 114 -32.07 27.15 58.33
N THR W 115 -32.61 27.45 59.50
CA THR W 115 -32.60 26.53 60.63
C THR W 115 -33.89 25.71 60.60
N VAL W 116 -33.76 24.44 60.21
CA VAL W 116 -34.93 23.59 60.08
C VAL W 116 -35.09 22.71 61.31
N ASP X 1 -17.71 13.72 38.49
CA ASP X 1 -17.51 14.92 39.30
C ASP X 1 -16.06 15.01 39.78
N VAL X 2 -15.58 16.24 39.97
CA VAL X 2 -14.15 16.53 40.04
C VAL X 2 -13.86 17.00 41.46
N LEU X 3 -14.45 16.31 42.44
CA LEU X 3 -14.25 16.63 43.86
C LEU X 3 -12.78 16.57 44.25
N MET X 4 -12.41 17.44 45.19
CA MET X 4 -11.05 17.54 45.68
C MET X 4 -10.97 17.24 47.16
N THR X 5 -9.75 16.99 47.63
CA THR X 5 -9.41 16.85 49.03
C THR X 5 -8.31 17.83 49.41
N GLN X 6 -8.14 18.05 50.71
CA GLN X 6 -7.19 19.02 51.23
C GLN X 6 -6.23 18.36 52.20
N THR X 7 -4.93 18.41 51.90
CA THR X 7 -3.91 17.85 52.77
C THR X 7 -3.02 18.98 53.26
N PRO X 8 -2.90 19.22 54.58
CA PRO X 8 -3.59 18.63 55.73
C PRO X 8 -4.95 19.26 56.00
N LEU X 9 -5.41 19.17 57.26
CA LEU X 9 -6.71 19.69 57.63
C LEU X 9 -6.68 20.82 58.67
N SER X 10 -5.61 20.94 59.46
CA SER X 10 -5.49 22.00 60.45
C SER X 10 -4.03 22.13 60.84
N LEU X 11 -3.46 23.32 60.69
CA LEU X 11 -2.07 23.57 61.09
C LEU X 11 -2.00 24.76 62.05
N PRO X 12 -1.87 24.51 63.35
CA PRO X 12 -1.45 25.58 64.25
C PRO X 12 -0.02 25.99 63.96
N VAL X 13 0.16 27.18 63.40
CA VAL X 13 1.47 27.67 63.00
C VAL X 13 1.74 28.98 63.74
N SER X 14 2.93 29.09 64.31
CA SER X 14 3.33 30.27 65.08
C SER X 14 3.42 31.50 64.19
N LEU X 15 3.47 32.66 64.83
CA LEU X 15 3.44 33.95 64.14
C LEU X 15 4.81 34.20 63.52
N GLY X 16 4.98 33.83 62.26
CA GLY X 16 6.23 34.11 61.57
C GLY X 16 6.89 32.89 60.94
N ASP X 17 6.11 31.85 60.68
CA ASP X 17 6.61 30.66 60.01
C ASP X 17 5.87 30.46 58.70
N GLN X 18 6.34 29.51 57.90
CA GLN X 18 5.72 29.22 56.60
C GLN X 18 4.75 28.05 56.71
N ALA X 19 3.52 28.28 56.22
CA ALA X 19 2.50 27.25 56.15
C ALA X 19 2.23 26.92 54.69
N SER X 20 2.01 25.63 54.42
CA SER X 20 1.84 25.13 53.06
C SER X 20 0.79 24.01 53.07
N ILE X 21 -0.31 24.22 52.35
CA ILE X 21 -1.40 23.27 52.23
C ILE X 21 -1.60 22.98 50.74
N SER X 22 -1.87 21.71 50.42
CA SER X 22 -2.05 21.26 49.05
C SER X 22 -3.48 20.78 48.80
N CYS X 23 -3.95 21.01 47.58
CA CYS X 23 -5.18 20.43 47.05
C CYS X 23 -4.86 19.67 45.78
N LYS X 24 -5.37 18.45 45.68
CA LYS X 24 -5.08 17.58 44.55
C LYS X 24 -6.32 17.40 43.69
N SER X 25 -6.16 17.62 42.40
CA SER X 25 -7.25 17.56 41.44
C SER X 25 -7.30 16.18 40.80
N SER X 26 -8.48 15.57 40.79
CA SER X 26 -8.68 14.30 40.10
C SER X 26 -8.52 14.50 38.60
N GLN X 27 -9.42 15.26 37.99
CA GLN X 27 -9.24 15.61 36.60
C GLN X 27 -8.41 16.89 36.50
N SER X 28 -7.78 17.05 35.34
CA SER X 28 -7.03 18.28 35.09
C SER X 28 -7.99 19.45 34.93
N ILE X 29 -7.54 20.62 35.35
CA ILE X 29 -8.34 21.83 35.24
C ILE X 29 -7.68 22.76 34.23
N VAL X 30 -8.08 22.65 32.97
CA VAL X 30 -7.53 23.46 31.90
C VAL X 30 -8.70 23.97 31.08
N TYR X 31 -8.74 25.27 30.85
CA TYR X 31 -9.78 25.86 30.02
C TYR X 31 -9.18 26.10 28.63
N LYS X 32 -10.02 26.54 27.70
CA LYS X 32 -9.57 26.99 26.39
C LYS X 32 -8.65 28.21 26.50
N ASP X 33 -8.78 28.99 27.58
CA ASP X 33 -7.82 30.06 27.88
C ASP X 33 -6.41 29.52 28.05
N GLY X 34 -6.26 28.41 28.78
CA GLY X 34 -4.97 27.84 29.11
C GLY X 34 -4.63 27.97 30.57
N ASN X 35 -5.18 28.97 31.23
CA ASN X 35 -4.91 29.18 32.64
C ASN X 35 -5.83 28.31 33.48
N SER X 36 -5.24 27.63 34.46
CA SER X 36 -5.99 26.73 35.32
C SER X 36 -6.86 27.54 36.27
N TYR X 37 -8.17 27.54 36.04
CA TYR X 37 -9.09 28.31 36.85
C TYR X 37 -9.29 27.61 38.19
N LEU X 38 -8.43 27.94 39.14
CA LEU X 38 -8.63 27.58 40.54
C LEU X 38 -8.49 28.83 41.40
N GLU X 39 -9.33 28.93 42.42
CA GLU X 39 -9.29 30.04 43.35
C GLU X 39 -8.96 29.52 44.74
N TRP X 40 -8.34 30.38 45.53
CA TRP X 40 -7.99 30.09 46.92
C TRP X 40 -8.85 30.96 47.82
N TYR X 41 -9.51 30.33 48.78
CA TYR X 41 -10.44 31.03 49.64
C TYR X 41 -9.98 31.07 51.08
N LEU X 42 -10.22 32.20 51.71
CA LEU X 42 -10.09 32.35 53.14
C LEU X 42 -11.41 32.91 53.65
N GLN X 43 -11.83 32.44 54.82
CA GLN X 43 -13.04 32.94 55.46
C GLN X 43 -12.73 33.10 56.94
N LYS X 44 -12.66 34.35 57.40
CA LYS X 44 -12.66 34.61 58.83
C LYS X 44 -14.03 34.25 59.39
N VAL X 45 -14.05 33.81 60.64
CA VAL X 45 -15.25 33.17 61.21
C VAL X 45 -16.38 34.20 61.37
N GLY X 46 -17.58 33.79 61.03
CA GLY X 46 -18.74 34.65 61.10
C GLY X 46 -18.79 35.74 60.05
N GLN X 47 -18.22 35.52 58.88
CA GLN X 47 -18.14 36.56 57.86
C GLN X 47 -18.55 36.06 56.49
N SER X 48 -18.24 36.85 55.46
CA SER X 48 -18.21 36.38 54.08
C SER X 48 -16.80 35.94 53.71
N PRO X 49 -16.64 34.89 52.92
CA PRO X 49 -15.29 34.47 52.53
C PRO X 49 -14.68 35.41 51.50
N LYS X 50 -13.38 35.65 51.65
CA LYS X 50 -12.65 36.55 50.77
C LYS X 50 -12.11 35.77 49.57
N LEU X 51 -11.18 36.39 48.84
CA LEU X 51 -10.38 35.71 47.84
C LEU X 51 -8.91 35.94 48.14
N LEU X 52 -8.14 34.86 48.20
CA LEU X 52 -6.73 34.98 48.53
C LEU X 52 -5.91 35.40 47.32
N ILE X 53 -5.91 34.59 46.26
CA ILE X 53 -5.29 34.89 44.99
C ILE X 53 -6.22 34.43 43.89
N TYR X 54 -5.87 34.72 42.65
CA TYR X 54 -6.60 34.19 41.52
C TYR X 54 -6.00 32.86 41.12
N ARG X 55 -5.93 32.64 39.79
CA ARG X 55 -5.70 31.37 39.11
C ARG X 55 -4.58 30.50 39.70
N VAL X 56 -3.32 30.89 39.56
CA VAL X 56 -2.24 30.44 40.44
C VAL X 56 -1.42 31.68 40.80
N SER X 57 -1.39 32.63 39.87
CA SER X 57 -0.38 33.68 39.90
C SER X 57 -0.94 35.05 40.20
N ASN X 58 -2.10 35.39 39.68
CA ASN X 58 -2.64 36.73 39.89
C ASN X 58 -3.25 36.83 41.29
N ARG X 59 -3.40 38.07 41.77
CA ARG X 59 -3.78 38.27 43.17
C ARG X 59 -4.95 39.23 43.27
N PHE X 60 -5.84 38.94 44.21
CA PHE X 60 -7.01 39.75 44.46
C PHE X 60 -6.61 41.08 45.09
N SER X 61 -7.16 42.17 44.54
CA SER X 61 -6.75 43.49 44.97
C SER X 61 -7.34 43.80 46.35
N GLY X 62 -6.53 44.38 47.21
CA GLY X 62 -6.89 44.54 48.60
C GLY X 62 -6.43 43.41 49.49
N VAL X 63 -5.36 42.71 49.11
CA VAL X 63 -4.80 41.61 49.88
C VAL X 63 -3.29 41.84 49.94
N PRO X 64 -2.66 41.71 51.10
CA PRO X 64 -1.21 41.91 51.18
C PRO X 64 -0.44 40.80 50.49
N ASP X 65 0.88 41.00 50.41
CA ASP X 65 1.78 40.10 49.69
C ASP X 65 2.38 39.02 50.58
N ARG X 66 1.66 38.60 51.64
CA ARG X 66 2.07 37.48 52.45
C ARG X 66 1.48 36.16 51.97
N PHE X 67 1.06 36.07 50.71
CA PHE X 67 0.43 34.88 50.18
C PHE X 67 1.07 34.56 48.83
N SER X 68 1.38 33.28 48.60
CA SER X 68 1.86 32.85 47.29
C SER X 68 1.32 31.46 47.00
N GLY X 69 1.11 31.18 45.71
CA GLY X 69 0.55 29.91 45.30
C GLY X 69 1.30 29.31 44.14
N SER X 70 1.30 27.98 44.10
CA SER X 70 2.03 27.26 43.07
C SER X 70 1.26 26.02 42.66
N GLY X 71 1.57 25.54 41.46
CA GLY X 71 0.96 24.35 40.90
C GLY X 71 1.28 24.18 39.43
N SER X 72 1.04 22.98 38.89
CA SER X 72 1.36 22.69 37.50
C SER X 72 0.26 21.87 36.85
N GLY X 73 -0.99 22.24 37.10
CA GLY X 73 -2.15 21.59 36.48
C GLY X 73 -2.81 20.48 37.27
N THR X 74 -2.01 19.61 37.89
CA THR X 74 -2.54 18.43 38.55
C THR X 74 -2.74 18.62 40.06
N ASP X 75 -1.70 19.02 40.78
CA ASP X 75 -1.76 19.23 42.22
C ASP X 75 -1.23 20.62 42.58
N PHE X 76 -1.94 21.32 43.44
CA PHE X 76 -1.72 22.73 43.74
C PHE X 76 -1.40 22.88 45.22
N THR X 77 -0.72 23.97 45.58
CA THR X 77 -0.43 24.25 46.99
C THR X 77 -0.20 25.73 47.18
N LEU X 78 -0.16 26.14 48.45
CA LEU X 78 0.21 27.52 48.81
C LEU X 78 1.48 27.55 49.65
N LYS X 79 1.95 28.78 49.85
CA LYS X 79 2.99 29.13 50.80
C LYS X 79 2.63 30.48 51.40
N ILE X 80 2.41 30.53 52.70
CA ILE X 80 2.18 31.80 53.40
C ILE X 80 3.48 32.21 54.05
N SER X 81 3.93 33.45 53.79
CA SER X 81 5.25 33.87 54.23
C SER X 81 5.28 34.18 55.72
N ARG X 82 4.37 35.03 56.19
CA ARG X 82 4.30 35.40 57.59
C ARG X 82 2.88 35.23 58.10
N VAL X 83 2.75 34.87 59.38
CA VAL X 83 1.48 34.56 60.00
C VAL X 83 1.04 35.74 60.86
N GLU X 84 -0.24 36.10 60.76
CA GLU X 84 -0.87 37.11 61.60
C GLU X 84 -1.96 36.49 62.46
N ALA X 85 -2.73 37.34 63.13
CA ALA X 85 -3.93 36.92 63.83
C ALA X 85 -5.16 36.92 62.93
N GLU X 86 -5.18 37.77 61.90
CA GLU X 86 -6.26 37.73 60.92
C GLU X 86 -6.18 36.52 60.01
N ASP X 87 -5.02 35.88 59.93
CA ASP X 87 -4.84 34.68 59.12
C ASP X 87 -5.53 33.45 59.73
N LEU X 88 -6.01 33.56 60.97
CA LEU X 88 -7.03 32.65 61.47
C LEU X 88 -8.23 32.64 60.54
N GLY X 89 -8.76 31.45 60.29
CA GLY X 89 -9.93 31.31 59.44
C GLY X 89 -9.90 29.95 58.77
N VAL X 90 -10.84 29.78 57.83
CA VAL X 90 -11.03 28.52 57.14
C VAL X 90 -10.65 28.72 55.68
N TYR X 91 -9.80 27.86 55.16
CA TYR X 91 -9.31 27.96 53.79
C TYR X 91 -9.97 26.90 52.91
N TYR X 92 -10.09 27.24 51.62
CA TYR X 92 -10.73 26.39 50.64
C TYR X 92 -9.97 26.45 49.32
N CYS X 93 -10.11 25.38 48.54
CA CYS X 93 -9.71 25.34 47.13
C CYS X 93 -10.95 25.24 46.26
N PHE X 94 -11.02 26.03 45.20
CA PHE X 94 -12.22 26.15 44.39
C PHE X 94 -11.87 25.97 42.93
N GLN X 95 -12.76 25.32 42.19
CA GLN X 95 -12.57 25.09 40.77
C GLN X 95 -13.50 25.98 39.96
N GLY X 96 -13.09 26.28 38.74
CA GLY X 96 -13.88 27.19 37.93
C GLY X 96 -14.24 26.70 36.55
N THR X 97 -13.76 25.53 36.15
CA THR X 97 -14.05 25.07 34.80
C THR X 97 -15.30 24.20 34.72
N HIS X 98 -15.28 23.04 35.36
CA HIS X 98 -16.35 22.10 35.11
C HIS X 98 -17.48 22.24 36.12
N LEU X 99 -18.66 21.82 35.70
CA LEU X 99 -19.87 21.89 36.49
C LEU X 99 -20.16 20.53 37.10
N PRO X 100 -20.58 20.48 38.38
CA PRO X 100 -20.71 21.58 39.33
C PRO X 100 -19.36 22.00 39.90
N TYR X 101 -19.25 23.24 40.35
CA TYR X 101 -17.99 23.72 40.91
C TYR X 101 -17.74 23.05 42.25
N THR X 102 -16.59 22.41 42.38
CA THR X 102 -16.26 21.68 43.58
C THR X 102 -15.47 22.55 44.53
N PHE X 103 -15.38 22.10 45.78
CA PHE X 103 -14.61 22.78 46.81
C PHE X 103 -13.66 21.81 47.48
N GLY X 104 -12.70 22.38 48.21
CA GLY X 104 -11.93 21.62 49.16
C GLY X 104 -12.69 21.45 50.45
N GLY X 105 -12.04 20.79 51.41
CA GLY X 105 -12.64 20.58 52.71
C GLY X 105 -12.71 21.85 53.54
N GLY X 106 -11.55 22.44 53.82
CA GLY X 106 -11.47 23.63 54.65
C GLY X 106 -10.46 23.45 55.75
N THR X 107 -9.47 24.34 55.85
CA THR X 107 -8.46 24.22 56.89
C THR X 107 -8.57 25.37 57.87
N LYS X 108 -8.26 25.10 59.14
CA LYS X 108 -8.29 26.11 60.20
C LYS X 108 -6.91 26.26 60.80
N LEU X 109 -6.21 27.32 60.43
CA LEU X 109 -4.91 27.61 61.03
C LEU X 109 -5.12 28.14 62.45
N GLU X 110 -4.32 27.64 63.39
CA GLU X 110 -4.53 27.87 64.80
C GLU X 110 -3.25 28.47 65.40
N MET X 111 -3.23 28.61 66.72
CA MET X 111 -2.06 29.12 67.43
C MET X 111 -1.31 27.99 68.14
N LYS X 112 -0.06 28.28 68.48
CA LYS X 112 0.83 27.35 69.17
C LYS X 112 1.13 27.86 70.57
N ARG X 113 1.06 26.97 71.54
CA ARG X 113 1.40 27.30 72.93
C ARG X 113 1.90 26.07 73.68
C1 NAG Y . 0.15 44.74 19.68
C2 NAG Y . 1.24 45.70 19.23
C3 NAG Y . 2.57 45.33 19.88
C4 NAG Y . 2.43 45.23 21.39
C5 NAG Y . 1.28 44.30 21.76
C6 NAG Y . 0.99 44.28 23.24
C7 NAG Y . 1.57 46.85 17.08
C8 NAG Y . 1.68 46.69 15.60
N2 NAG Y . 1.37 45.73 17.78
O3 NAG Y . 3.54 46.30 19.51
O4 NAG Y . 3.63 44.70 21.96
O5 NAG Y . 0.07 44.72 21.11
O6 NAG Y . 1.25 45.54 23.84
O7 NAG Y . 1.68 47.94 17.63
C1 NAG Y . 4.39 45.73 22.61
C2 NAG Y . 5.15 45.13 23.80
C3 NAG Y . 6.07 46.18 24.42
C4 NAG Y . 7.00 46.77 23.37
C5 NAG Y . 6.15 47.36 22.24
C6 NAG Y . 6.98 47.90 21.09
C7 NAG Y . 4.42 43.47 25.45
C8 NAG Y . 3.35 43.08 26.44
N2 NAG Y . 4.22 44.62 24.80
O3 NAG Y . 6.82 45.57 25.47
O4 NAG Y . 7.83 47.79 23.94
O5 NAG Y . 5.33 46.32 21.68
O6 NAG Y . 6.27 48.91 20.39
O7 NAG Y . 5.40 42.77 25.26
C1 BMA Y . 9.19 47.34 23.98
C2 BMA Y . 10.14 48.56 23.85
C3 BMA Y . 11.59 48.16 24.14
C4 BMA Y . 11.72 47.34 25.44
C5 BMA Y . 10.78 46.11 25.36
C6 BMA Y . 10.82 45.27 26.62
O2 BMA Y . 9.80 49.56 24.80
O3 BMA Y . 12.45 49.28 24.19
O4 BMA Y . 13.06 46.90 25.61
O5 BMA Y . 9.43 46.60 25.20
O6 BMA Y . 12.16 45.18 27.06
C1 NAG Z . -11.19 51.84 22.93
C2 NAG Z . -12.31 51.05 23.62
C3 NAG Z . -12.38 51.40 25.10
C4 NAG Z . -11.04 51.18 25.79
C5 NAG Z . -9.97 52.00 25.07
C6 NAG Z . -8.58 51.77 25.60
C7 NAG Z . -14.56 50.41 22.90
C8 NAG Z . -15.81 50.87 22.20
N2 NAG Z . -13.57 51.31 22.98
O3 NAG Z . -13.38 50.60 25.73
O4 NAG Z . -11.11 51.59 27.16
O5 NAG Z . -9.93 51.65 23.67
O6 NAG Z . -8.27 52.65 26.67
O7 NAG Z . -14.45 49.29 23.38
C1 NAG Z . -11.02 50.49 28.08
C2 NAG Z . -11.17 50.97 29.53
C3 NAG Z . -11.24 49.79 30.50
C4 NAG Z . -12.29 48.76 30.05
C5 NAG Z . -12.00 48.35 28.61
C6 NAG Z . -13.03 47.41 28.04
C7 NAG Z . -10.20 52.84 30.81
C8 NAG Z . -8.95 53.64 31.08
N2 NAG Z . -10.08 51.85 29.91
O3 NAG Z . -11.57 50.25 31.81
O4 NAG Z . -12.23 47.61 30.89
O5 NAG Z . -12.03 49.53 27.78
O6 NAG Z . -12.90 47.27 26.63
O7 NAG Z . -11.26 53.08 31.37
C1 BMA Z . -13.41 47.56 31.71
C2 BMA Z . -14.23 46.31 31.31
C3 BMA Z . -15.40 46.16 32.26
C4 BMA Z . -14.91 46.09 33.72
C5 BMA Z . -14.14 47.40 34.03
C6 BMA Z . -13.57 47.43 35.43
O2 BMA Z . -13.44 45.14 31.47
O3 BMA Z . -16.19 45.02 31.94
O4 BMA Z . -16.00 45.93 34.60
O5 BMA Z . -13.04 47.54 33.09
O6 BMA Z . -14.55 46.96 36.32
C1 NAG AA . 7.12 52.68 -2.63
C2 NAG AA . 7.01 54.21 -2.67
C3 NAG AA . 7.83 54.83 -1.53
C4 NAG AA . 7.42 54.23 -0.19
C5 NAG AA . 7.50 52.71 -0.24
C6 NAG AA . 6.99 52.04 1.01
C7 NAG AA . 6.67 54.78 -5.03
C8 NAG AA . 7.30 55.34 -6.27
N2 NAG AA . 7.46 54.72 -3.96
O3 NAG AA . 7.64 56.24 -1.53
O4 NAG AA . 8.28 54.72 0.84
O5 NAG AA . 6.72 52.21 -1.33
O6 NAG AA . 5.57 52.14 1.10
O7 NAG AA . 5.52 54.39 -5.00
C1 NAG AA . 7.59 55.61 1.75
C2 NAG AA . 8.63 56.44 2.51
C3 NAG AA . 7.94 57.43 3.45
C4 NAG AA . 6.91 58.27 2.70
C5 NAG AA . 5.92 57.37 1.96
C6 NAG AA . 4.94 58.14 1.10
C7 NAG AA . 10.71 55.18 2.74
C8 NAG AA . 11.54 54.30 3.64
N2 NAG AA . 9.54 55.59 3.24
O3 NAG AA . 8.92 58.27 4.05
O4 NAG AA . 6.20 59.10 3.61
O5 NAG AA . 6.64 56.49 1.09
O6 NAG AA . 5.25 58.01 -0.28
O7 NAG AA . 11.08 55.49 1.62
C1 NAG BA . 47.28 -11.57 -6.67
C2 NAG BA . 48.49 -12.50 -6.76
C3 NAG BA . 49.20 -12.61 -5.41
C4 NAG BA . 49.46 -11.23 -4.79
C5 NAG BA . 48.24 -10.31 -4.89
C6 NAG BA . 48.56 -8.87 -4.59
C7 NAG BA . 47.34 -14.74 -6.79
C8 NAG BA . 47.21 -16.00 -7.58
N2 NAG BA . 48.17 -13.81 -7.31
O3 NAG BA . 50.41 -13.32 -5.59
O4 NAG BA . 49.74 -11.43 -3.41
O5 NAG BA . 47.68 -10.31 -6.22
O6 NAG BA . 49.67 -8.42 -5.35
O7 NAG BA . 46.72 -14.57 -5.73
C1 NAG BA . 51.03 -10.99 -2.89
C2 NAG BA . 52.05 -12.13 -3.01
C3 NAG BA . 53.41 -11.69 -2.47
C4 NAG BA . 53.86 -10.39 -3.14
C5 NAG BA . 52.77 -9.32 -3.03
C6 NAG BA . 53.11 -8.06 -3.79
C7 NAG BA . 51.65 -14.54 -2.87
C8 NAG BA . 51.14 -15.67 -2.03
N2 NAG BA . 51.59 -13.33 -2.33
O3 NAG BA . 54.36 -12.72 -2.72
O4 NAG BA . 55.04 -9.91 -2.50
O5 NAG BA . 51.53 -9.81 -3.58
O6 NAG BA . 52.43 -6.93 -3.25
O7 NAG BA . 52.11 -14.73 -4.00
C1 NAG CA . 55.09 -6.56 -17.06
C2 NAG CA . 56.03 -5.80 -17.99
C3 NAG CA . 57.45 -5.82 -17.46
C4 NAG CA . 57.50 -5.34 -16.01
C5 NAG CA . 56.48 -6.10 -15.16
C6 NAG CA . 56.36 -5.57 -13.75
C7 NAG CA . 55.09 -6.01 -20.25
C8 NAG CA . 55.19 -6.71 -21.57
N2 NAG CA . 55.98 -6.37 -19.33
O3 NAG CA . 58.28 -5.01 -18.27
O4 NAG CA . 58.78 -5.60 -15.48
O5 NAG CA . 55.18 -6.00 -15.76
O6 NAG CA . 57.42 -6.04 -12.94
O7 NAG CA . 54.22 -5.18 -20.03
C1 NAG CA . 59.58 -4.43 -15.28
C2 NAG CA . 60.92 -4.94 -14.76
C3 NAG CA . 61.90 -3.79 -14.57
C4 NAG CA . 62.03 -2.98 -15.86
C5 NAG CA . 60.65 -2.48 -16.28
C6 NAG CA . 60.67 -1.75 -17.60
C7 NAG CA . 61.25 -6.88 -13.29
C8 NAG CA . 60.98 -7.47 -11.95
N2 NAG CA . 60.74 -5.66 -13.51
O3 NAG CA . 63.17 -4.31 -14.20
O4 NAG CA . 62.98 -1.92 -15.77
O5 NAG CA . 59.79 -3.62 -16.46
O6 NAG CA . 60.49 -2.64 -18.70
O7 NAG CA . 61.90 -7.47 -14.15
C1 BMA CA . 62.84 -0.99 -14.66
C2 BMA CA . 64.12 -1.06 -13.77
C3 BMA CA . 64.39 0.28 -13.18
C4 BMA CA . 64.79 1.24 -14.29
C5 BMA CA . 63.67 1.33 -15.37
C6 BMA CA . 64.20 1.17 -16.79
O2 BMA CA . 65.25 -1.44 -14.53
O3 BMA CA . 65.42 0.19 -12.21
O4 BMA CA . 65.02 2.54 -13.76
O5 BMA CA . 62.56 0.37 -15.13
O6 BMA CA . 65.22 2.13 -17.00
C1 MAN CA . 64.83 0.28 -10.88
C2 MAN CA . 65.97 0.67 -9.91
C3 MAN CA . 66.93 -0.51 -9.73
C4 MAN CA . 66.18 -1.78 -9.29
C5 MAN CA . 65.10 -2.12 -10.32
C6 MAN CA . 64.24 -3.30 -9.93
O2 MAN CA . 65.45 0.95 -8.61
O3 MAN CA . 67.98 -0.21 -8.82
O4 MAN CA . 67.10 -2.86 -9.21
O5 MAN CA . 64.22 -0.96 -10.48
O6 MAN CA . 63.23 -2.82 -9.03
C1 NAG DA . 38.41 -15.18 -14.99
C2 NAG DA . 38.95 -15.12 -16.41
C3 NAG DA . 38.33 -16.22 -17.26
C4 NAG DA . 38.53 -17.58 -16.60
C5 NAG DA . 38.03 -17.56 -15.16
C6 NAG DA . 38.35 -18.82 -14.39
C7 NAG DA . 39.51 -12.77 -16.81
C8 NAG DA . 39.11 -11.50 -17.50
N2 NAG DA . 38.71 -13.82 -17.01
O3 NAG DA . 38.90 -16.20 -18.55
O4 NAG DA . 37.81 -18.57 -17.34
O5 NAG DA . 38.66 -16.47 -14.44
O6 NAG DA . 37.99 -18.70 -13.03
O7 NAG DA . 40.50 -12.84 -16.10
C1 NAG DA . 38.73 -19.48 -17.98
C2 NAG DA . 37.91 -20.57 -18.64
C3 NAG DA . 38.83 -21.58 -19.32
C4 NAG DA . 39.77 -20.87 -20.29
C5 NAG DA . 40.49 -19.70 -19.61
C6 NAG DA . 41.27 -18.84 -20.58
C7 NAG DA . 35.72 -21.15 -17.71
C8 NAG DA . 34.99 -21.90 -16.62
N2 NAG DA . 37.05 -21.25 -17.67
O3 NAG DA . 38.05 -22.55 -20.01
O4 NAG DA . 40.73 -21.81 -20.75
O5 NAG DA . 39.54 -18.83 -18.97
O6 NAG DA . 42.15 -17.95 -19.89
O7 NAG DA . 35.13 -20.52 -18.57
C1 BMA DA . 40.57 -22.04 -22.18
C2 BMA DA . 41.69 -22.98 -22.66
C3 BMA DA . 41.54 -23.13 -24.18
C4 BMA DA . 40.12 -23.61 -24.56
C5 BMA DA . 39.06 -22.69 -23.91
C6 BMA DA . 37.64 -23.15 -24.14
O2 BMA DA . 41.54 -24.26 -22.11
O3 BMA DA . 42.53 -23.98 -24.74
O4 BMA DA . 39.97 -23.58 -25.97
O5 BMA DA . 39.30 -22.62 -22.49
O6 BMA DA . 37.54 -24.50 -23.74
C1 MAN DA . 43.44 -23.11 -25.45
C2 MAN DA . 44.14 -23.93 -26.59
C3 MAN DA . 45.30 -24.80 -26.04
C4 MAN DA . 46.20 -24.03 -25.06
C5 MAN DA . 45.33 -23.46 -23.94
C6 MAN DA . 46.13 -22.71 -22.91
O2 MAN DA . 44.74 -23.06 -27.54
O3 MAN DA . 46.08 -25.35 -27.09
O4 MAN DA . 47.17 -24.90 -24.50
O5 MAN DA . 44.40 -22.54 -24.54
O6 MAN DA . 47.20 -23.56 -22.50
C1 MAN DA . 44.09 -23.21 -28.81
C2 MAN DA . 45.08 -22.71 -29.89
C3 MAN DA . 45.26 -21.19 -29.77
C4 MAN DA . 43.91 -20.45 -29.77
C5 MAN DA . 42.98 -21.04 -28.69
C6 MAN DA . 41.58 -20.46 -28.74
O2 MAN DA . 44.58 -22.92 -31.20
O3 MAN DA . 46.09 -20.69 -30.80
O4 MAN DA . 44.11 -19.07 -29.52
O5 MAN DA . 42.87 -22.48 -28.85
O6 MAN DA . 41.01 -20.84 -30.00
C1 MAN DA . 36.65 -25.16 -24.68
C2 MAN DA . 35.55 -25.93 -23.86
C3 MAN DA . 36.07 -27.28 -23.34
C4 MAN DA . 36.82 -28.06 -24.44
C5 MAN DA . 37.96 -27.19 -24.96
C6 MAN DA . 38.79 -27.89 -26.01
O2 MAN DA . 34.42 -26.23 -24.67
O3 MAN DA . 35.01 -28.07 -22.83
O4 MAN DA . 37.34 -29.26 -23.92
O5 MAN DA . 37.38 -26.02 -25.55
O6 MAN DA . 39.24 -29.12 -25.48
C1 NAG EA . 31.06 -25.24 -5.67
C2 NAG EA . 32.36 -25.04 -4.88
C3 NAG EA . 33.25 -26.29 -4.96
C4 NAG EA . 32.47 -27.52 -4.52
C5 NAG EA . 31.17 -27.63 -5.33
C6 NAG EA . 30.28 -28.77 -4.87
C7 NAG EA . 33.60 -23.55 -6.48
C8 NAG EA . 34.29 -22.22 -6.58
N2 NAG EA . 33.09 -23.83 -5.27
O3 NAG EA . 34.37 -26.09 -4.11
O4 NAG EA . 33.24 -28.69 -4.75
O5 NAG EA . 30.39 -26.42 -5.21
O6 NAG EA . 29.27 -28.31 -3.99
O7 NAG EA . 33.51 -24.30 -7.45
C1 NAG EA . 33.73 -29.21 -3.50
C2 NAG EA . 34.21 -30.66 -3.71
C3 NAG EA . 34.83 -31.20 -2.42
C4 NAG EA . 35.94 -30.27 -1.93
C5 NAG EA . 35.40 -28.85 -1.77
C6 NAG EA . 36.45 -27.85 -1.39
C7 NAG EA . 32.99 -31.91 -5.41
C8 NAG EA . 31.81 -32.80 -5.69
N2 NAG EA . 33.12 -31.51 -4.15
O3 NAG EA . 35.33 -32.50 -2.66
O4 NAG EA . 36.48 -30.75 -0.70
O5 NAG EA . 34.82 -28.41 -3.01
O6 NAG EA . 37.46 -27.76 -2.39
O7 NAG EA . 33.78 -31.59 -6.29
C1 BMA EA . 37.83 -31.20 -0.90
C2 BMA EA . 38.48 -31.51 0.49
C3 BMA EA . 39.89 -32.11 0.28
C4 BMA EA . 39.84 -33.31 -0.71
C5 BMA EA . 39.21 -32.84 -2.02
C6 BMA EA . 39.14 -33.90 -3.09
O2 BMA EA . 37.73 -32.48 1.19
O3 BMA EA . 40.52 -32.45 1.52
O4 BMA EA . 41.13 -33.81 -0.97
O5 BMA EA . 37.88 -32.36 -1.73
O6 BMA EA . 38.46 -35.03 -2.55
C1 MAN EA . 41.87 -31.91 1.65
C2 MAN EA . 41.81 -30.78 2.75
C3 MAN EA . 41.97 -29.41 2.15
C4 MAN EA . 43.28 -29.38 1.39
C5 MAN EA . 43.06 -30.17 0.10
C6 MAN EA . 44.35 -30.41 -0.67
O2 MAN EA . 42.91 -30.89 3.63
O3 MAN EA . 41.97 -28.39 3.14
O4 MAN EA . 43.63 -28.04 1.09
O5 MAN EA . 42.42 -31.49 0.34
O6 MAN EA . 44.01 -31.01 -1.91
C1 MAN EA . 42.55 -31.55 4.85
C2 MAN EA . 41.90 -30.50 5.80
C3 MAN EA . 42.96 -29.52 6.35
C4 MAN EA . 44.25 -30.23 6.83
C5 MAN EA . 44.75 -31.19 5.74
C6 MAN EA . 45.98 -31.99 6.14
O2 MAN EA . 41.28 -31.13 6.93
O3 MAN EA . 42.43 -28.70 7.38
O4 MAN EA . 45.26 -29.27 7.11
O5 MAN EA . 43.69 -32.13 5.43
O6 MAN EA . 45.63 -32.86 7.21
C1 MAN EA . 39.86 -30.82 6.93
C2 MAN EA . 39.25 -31.34 8.27
C3 MAN EA . 39.00 -32.86 8.21
C4 MAN EA . 38.19 -33.23 6.96
C5 MAN EA . 38.97 -32.80 5.72
C6 MAN EA . 38.25 -33.12 4.43
O2 MAN EA . 37.98 -30.76 8.53
O3 MAN EA . 38.35 -33.33 9.38
O4 MAN EA . 37.96 -34.63 6.93
O5 MAN EA . 39.20 -31.36 5.77
O6 MAN EA . 37.83 -34.47 4.47
C1 MAN EA . 37.23 -35.24 -3.27
C2 MAN EA . 36.39 -36.22 -2.44
C3 MAN EA . 36.99 -37.62 -2.51
C4 MAN EA . 37.13 -38.08 -3.97
C5 MAN EA . 38.02 -37.07 -4.74
C6 MAN EA . 38.13 -37.37 -6.21
O2 MAN EA . 35.07 -36.36 -2.96
O3 MAN EA . 36.25 -38.55 -1.72
O4 MAN EA . 37.74 -39.37 -4.05
O5 MAN EA . 37.46 -35.72 -4.60
O6 MAN EA . 39.01 -36.41 -6.80
C1 MAN EA . 37.11 -39.19 -0.75
C2 MAN EA . 36.26 -40.25 0.00
C3 MAN EA . 35.34 -39.56 1.00
C4 MAN EA . 36.14 -38.72 1.98
C5 MAN EA . 36.91 -37.63 1.21
C6 MAN EA . 37.83 -36.83 2.10
O2 MAN EA . 37.09 -41.12 0.77
O3 MAN EA . 34.54 -40.50 1.72
O4 MAN EA . 35.26 -38.09 2.91
O5 MAN EA . 37.74 -38.24 0.16
O6 MAN EA . 37.20 -36.63 3.35
C1 NAG FA . 30.53 -6.03 9.18
C2 NAG FA . 31.01 -5.73 10.59
C3 NAG FA . 32.19 -4.76 10.56
C4 NAG FA . 33.27 -5.22 9.60
C5 NAG FA . 32.68 -5.56 8.23
C6 NAG FA . 33.66 -6.22 7.30
C7 NAG FA . 29.10 -5.98 12.12
C8 NAG FA . 28.04 -5.26 12.89
N2 NAG FA . 29.92 -5.21 11.40
O3 NAG FA . 32.72 -4.65 11.88
O4 NAG FA . 34.22 -4.17 9.43
O5 NAG FA . 31.61 -6.52 8.40
O6 NAG FA . 34.47 -7.17 7.98
O7 NAG FA . 29.20 -7.20 12.13
C1 NAG FA . 35.52 -4.52 9.94
C2 NAG FA . 36.47 -3.37 9.60
C3 NAG FA . 37.86 -3.66 10.15
C4 NAG FA . 37.80 -3.97 11.64
C5 NAG FA . 36.79 -5.09 11.91
C6 NAG FA . 36.59 -5.37 13.38
C7 NAG FA . 35.77 -2.22 7.56
C8 NAG FA . 35.95 -2.13 6.06
N2 NAG FA . 36.52 -3.14 8.17
O3 NAG FA . 38.70 -2.53 9.92
O4 NAG FA . 39.08 -4.37 12.10
O5 NAG FA . 35.51 -4.74 11.36
O6 NAG FA . 35.36 -4.81 13.82
O7 NAG FA . 35.00 -1.49 8.17
C1 NAG GA . 24.50 38.91 3.30
C2 NAG GA . 25.27 38.78 4.61
C3 NAG GA . 24.53 39.50 5.74
C4 NAG GA . 24.06 40.90 5.35
C5 NAG GA . 23.39 40.87 3.97
C6 NAG GA . 23.04 42.23 3.43
C7 NAG GA . 26.37 36.58 4.39
C8 NAG GA . 26.36 35.15 4.85
N2 NAG GA . 25.44 37.38 4.94
O3 NAG GA . 25.38 39.59 6.87
O4 NAG GA . 23.13 41.33 6.31
O5 NAG GA . 24.26 40.26 3.02
O6 NAG GA . 22.08 42.14 2.38
O7 NAG GA . 27.18 37.00 3.56
C1 NAG GA . 23.51 42.53 7.02
C2 NAG GA . 23.12 42.38 8.49
C3 NAG GA . 23.46 43.66 9.25
C4 NAG GA . 24.91 44.11 9.00
C5 NAG GA . 25.29 44.05 7.51
C6 NAG GA . 26.76 44.23 7.27
C7 NAG GA . 21.27 40.79 8.72
C8 NAG GA . 19.78 40.64 8.86
N2 NAG GA . 21.72 42.05 8.64
O3 NAG GA . 23.25 43.45 10.64
O4 NAG GA . 25.04 45.47 9.39
O5 NAG GA . 24.92 42.80 6.93
O6 NAG GA . 27.25 43.26 6.36
O7 NAG GA . 22.02 39.83 8.69
C1 BMA GA . 25.70 45.68 10.63
C2 BMA GA . 26.60 46.92 10.47
C3 BMA GA . 27.11 47.41 11.83
C4 BMA GA . 25.96 47.58 12.83
C5 BMA GA . 25.21 46.24 12.96
C6 BMA GA . 24.02 46.30 13.89
O2 BMA GA . 25.87 47.99 9.90
O3 BMA GA . 27.85 48.64 11.71
O4 BMA GA . 26.46 47.98 14.09
O5 BMA GA . 24.74 45.84 11.65
O6 BMA GA . 23.37 47.56 13.75
C1 MAN GA . 29.09 48.40 11.03
C2 MAN GA . 30.12 47.86 12.06
C3 MAN GA . 30.59 48.98 12.99
C4 MAN GA . 31.06 50.21 12.20
C5 MAN GA . 29.94 50.69 11.26
C6 MAN GA . 30.37 51.85 10.38
O2 MAN GA . 31.30 47.38 11.40
O3 MAN GA . 31.61 48.53 13.87
O4 MAN GA . 31.39 51.25 13.10
O5 MAN GA . 29.57 49.58 10.38
O6 MAN GA . 30.14 51.49 9.02
C1 MAN GA . 22.15 47.39 12.98
C2 MAN GA . 21.84 48.76 12.32
C3 MAN GA . 21.32 49.75 13.37
C4 MAN GA . 20.14 49.16 14.16
C5 MAN GA . 20.59 47.84 14.83
C6 MAN GA . 19.46 47.15 15.56
O2 MAN GA . 20.80 48.64 11.36
O3 MAN GA . 20.93 50.99 12.77
O4 MAN GA . 19.73 50.06 15.17
O5 MAN GA . 21.08 46.93 13.80
O6 MAN GA . 19.91 45.84 15.94
C1 NAG HA . 25.04 17.09 -17.11
C2 NAG HA . 25.05 15.59 -16.81
C3 NAG HA . 25.55 14.81 -18.02
C4 NAG HA . 24.74 15.17 -19.27
C5 NAG HA . 24.74 16.68 -19.47
C6 NAG HA . 23.83 17.12 -20.59
C7 NAG HA . 25.56 14.37 -14.75
C8 NAG HA . 26.53 14.22 -13.60
N2 NAG HA . 25.88 15.31 -15.65
O3 NAG HA . 25.44 13.42 -17.76
O4 NAG HA . 25.32 14.54 -20.40
O5 NAG HA . 24.27 17.34 -18.28
O6 NAG HA . 22.67 16.31 -20.68
O7 NAG HA . 24.56 13.68 -14.85
C1 NAG HA . 24.43 13.51 -20.91
C2 NAG HA . 24.85 13.19 -22.33
C3 NAG HA . 23.91 12.14 -22.93
C4 NAG HA . 23.82 10.92 -22.03
C5 NAG HA . 23.54 11.31 -20.57
C6 NAG HA . 23.68 10.14 -19.61
C7 NAG HA . 25.85 14.60 -24.07
C8 NAG HA . 25.74 15.88 -24.83
N2 NAG HA . 24.89 14.38 -23.16
O3 NAG HA . 24.38 11.78 -24.22
O4 NAG HA . 22.74 10.10 -22.47
O5 NAG HA . 24.46 12.32 -20.12
O6 NAG HA . 22.53 10.02 -18.79
O7 NAG HA . 26.76 13.81 -24.25
C1 BMA HA . 23.20 8.88 -23.09
C2 BMA HA . 22.01 7.94 -23.22
C3 BMA HA . 22.44 6.62 -23.86
C4 BMA HA . 23.31 6.80 -25.14
C5 BMA HA . 24.33 7.99 -25.01
C6 BMA HA . 24.93 8.47 -26.35
O2 BMA HA . 21.02 8.51 -24.08
O3 BMA HA . 21.29 5.84 -24.20
O4 BMA HA . 24.01 5.61 -25.41
O5 BMA HA . 23.73 9.13 -24.37
O6 BMA HA . 23.99 8.32 -27.43
C1 MAN HA . 23.15 9.50 -27.59
C2 MAN HA . 21.86 8.98 -28.34
C3 MAN HA . 21.79 9.31 -29.87
C4 MAN HA . 22.77 10.44 -30.37
C5 MAN HA . 24.11 10.36 -29.63
C6 MAN HA . 25.06 11.46 -30.03
O2 MAN HA . 20.68 9.52 -27.75
O3 MAN HA . 20.38 9.44 -30.30
O4 MAN HA . 23.05 10.28 -31.76
O5 MAN HA . 23.83 10.55 -28.26
O6 MAN HA . 24.82 12.58 -29.18
C1 MAN HA . 19.93 10.68 -30.91
C2 MAN HA . 19.24 11.57 -29.86
C3 MAN HA . 17.99 10.84 -29.36
C4 MAN HA . 17.06 10.45 -30.53
C5 MAN HA . 17.85 9.65 -31.58
C6 MAN HA . 17.05 9.37 -32.84
O2 MAN HA . 18.73 12.78 -30.43
O3 MAN HA . 17.27 11.60 -28.39
O4 MAN HA . 15.97 9.67 -30.04
O5 MAN HA . 19.04 10.39 -31.97
O6 MAN HA . 16.58 8.03 -32.77
C1 MAN HA . 19.81 13.64 -30.82
C2 MAN HA . 20.15 14.57 -29.63
C3 MAN HA . 19.01 15.57 -29.40
C4 MAN HA . 18.59 16.29 -30.71
C5 MAN HA . 18.27 15.25 -31.80
C6 MAN HA . 17.95 15.86 -33.14
O2 MAN HA . 21.31 15.35 -29.90
O3 MAN HA . 19.32 16.53 -28.40
O4 MAN HA . 17.45 17.11 -30.49
O5 MAN HA . 19.43 14.39 -31.97
O6 MAN HA . 17.21 14.90 -33.90
C1 MAN HA . 21.35 4.56 -23.52
C2 MAN HA . 20.33 3.63 -24.21
C3 MAN HA . 18.93 4.20 -23.93
C4 MAN HA . 18.67 4.24 -22.42
C5 MAN HA . 19.71 5.14 -21.77
C6 MAN HA . 19.63 5.12 -20.26
O2 MAN HA . 20.36 2.34 -23.60
O3 MAN HA . 17.90 3.47 -24.59
O4 MAN HA . 17.38 4.76 -22.19
O5 MAN HA . 21.06 4.70 -22.13
O6 MAN HA . 20.18 6.34 -19.76
C1 MAN HA . 20.35 1.29 -24.59
C2 MAN HA . 20.01 -0.03 -23.83
C3 MAN HA . 21.20 -0.47 -22.98
C4 MAN HA . 22.49 -0.56 -23.82
C5 MAN HA . 22.76 0.79 -24.51
C6 MAN HA . 23.92 0.71 -25.47
O2 MAN HA . 19.78 -1.10 -24.74
O3 MAN HA . 20.95 -1.72 -22.35
O4 MAN HA . 23.59 -0.87 -22.98
O5 MAN HA . 21.59 1.19 -25.28
O6 MAN HA . 23.55 -0.14 -26.55
C1 NAG IA . 36.02 17.31 -23.21
C2 NAG IA . 37.15 18.24 -23.63
C3 NAG IA . 36.68 19.12 -24.79
C4 NAG IA . 36.13 18.28 -25.93
C5 NAG IA . 35.06 17.32 -25.41
C6 NAG IA . 34.60 16.32 -26.45
C7 NAG IA . 38.85 18.97 -22.03
C8 NAG IA . 39.14 19.87 -20.87
N2 NAG IA . 37.61 19.05 -22.52
O3 NAG IA . 37.79 19.90 -25.25
O4 NAG IA . 35.56 19.13 -26.91
O5 NAG IA . 35.59 16.54 -24.32
O6 NAG IA . 35.64 15.40 -26.76
O7 NAG IA . 39.68 18.21 -22.48
C1 NAG IA . 36.31 19.08 -28.15
C2 NAG IA . 35.80 20.19 -29.08
C3 NAG IA . 36.61 20.21 -30.37
C4 NAG IA . 38.11 20.28 -30.08
C5 NAG IA . 38.51 19.18 -29.12
C6 NAG IA . 39.96 19.26 -28.70
C7 NAG IA . 33.42 20.61 -28.66
C8 NAG IA . 32.02 20.32 -29.10
N2 NAG IA . 34.38 20.02 -29.37
O3 NAG IA . 36.21 21.31 -31.17
O4 NAG IA . 38.84 20.15 -31.29
O5 NAG IA . 37.72 19.25 -27.93
O6 NAG IA . 40.27 18.28 -27.71
O7 NAG IA . 33.66 21.33 -27.70
C1 NAG JA . 33.88 -3.21 -27.03
C2 NAG JA . 34.33 -2.75 -28.42
C3 NAG JA . 33.31 -3.16 -29.49
C4 NAG JA . 32.92 -4.63 -29.37
C5 NAG JA . 32.53 -4.97 -27.94
C6 NAG JA . 32.26 -6.44 -27.72
C7 NAG JA . 35.64 -0.72 -28.00
C8 NAG JA . 35.67 0.78 -28.10
N2 NAG JA . 34.53 -1.31 -28.45
O3 NAG JA . 33.84 -2.90 -30.78
O4 NAG JA . 31.76 -4.85 -30.17
O5 NAG JA . 33.61 -4.60 -27.05
O6 NAG JA . 32.36 -6.79 -26.36
O7 NAG JA . 36.58 -1.36 -27.53
C1 NAG JA . 31.94 -5.61 -31.37
C2 NAG JA . 30.62 -6.35 -31.58
C3 NAG JA . 30.61 -7.06 -32.95
C4 NAG JA . 30.90 -6.05 -34.04
C5 NAG JA . 32.28 -5.44 -33.79
C6 NAG JA . 32.65 -4.39 -34.81
C7 NAG JA . 29.18 -7.52 -29.99
C8 NAG JA . 29.11 -8.55 -28.90
N2 NAG JA . 30.38 -7.31 -30.52
O3 NAG JA . 29.33 -7.64 -33.14
O4 NAG JA . 30.74 -6.57 -35.37
O5 NAG JA . 32.26 -4.79 -32.51
O6 NAG JA . 32.60 -3.08 -34.25
O7 NAG JA . 28.18 -6.92 -30.37
C1 BMA JA . 31.38 -7.81 -35.74
C2 BMA JA . 30.27 -8.83 -36.14
C3 BMA JA . 30.88 -10.07 -36.81
C4 BMA JA . 31.83 -9.67 -37.95
C5 BMA JA . 32.92 -8.76 -37.40
C6 BMA JA . 33.88 -8.30 -38.48
O2 BMA JA . 29.37 -8.26 -37.08
O3 BMA JA . 29.88 -10.94 -37.30
O4 BMA JA . 32.41 -10.82 -38.53
O5 BMA JA . 32.31 -7.58 -36.80
O6 BMA JA . 34.13 -9.41 -39.34
C1 NAG KA . 42.38 13.36 -20.50
C2 NAG KA . 41.92 12.45 -21.62
C3 NAG KA . 42.91 11.33 -21.84
C4 NAG KA . 44.31 11.88 -22.07
C5 NAG KA . 44.69 12.85 -20.95
C6 NAG KA . 45.98 13.58 -21.21
C7 NAG KA . 39.59 11.99 -22.23
C8 NAG KA . 38.29 11.38 -21.80
N2 NAG KA . 40.59 11.92 -21.35
O3 NAG KA . 42.48 10.55 -22.95
O4 NAG KA . 45.27 10.82 -22.06
O5 NAG KA . 43.67 13.86 -20.81
O6 NAG KA . 45.75 14.92 -21.60
O7 NAG KA . 39.72 12.52 -23.33
C1 NAG KA . 45.68 10.46 -23.39
C2 NAG KA . 47.10 9.90 -23.36
C3 NAG KA . 47.53 9.46 -24.76
C4 NAG KA . 46.53 8.47 -25.34
C5 NAG KA . 45.10 9.01 -25.23
C6 NAG KA . 44.05 7.99 -25.59
C7 NAG KA . 48.45 12.01 -23.20
C8 NAG KA . 49.49 12.70 -22.36
N2 NAG KA . 48.07 10.79 -22.76
O3 NAG KA . 48.83 8.91 -24.65
O4 NAG KA . 46.75 8.30 -26.74
O5 NAG KA . 44.80 9.45 -23.90
O6 NAG KA . 43.16 7.75 -24.50
O7 NAG KA . 47.97 12.54 -24.20
C1 BMA KA . 47.63 7.21 -27.08
C2 BMA KA . 47.14 6.51 -28.35
C3 BMA KA . 48.22 5.61 -28.94
C4 BMA KA . 49.62 6.27 -28.93
C5 BMA KA . 49.90 6.85 -27.56
C6 BMA KA . 51.20 7.58 -27.51
O2 BMA KA . 46.85 7.46 -29.33
O3 BMA KA . 47.86 5.26 -30.27
O4 BMA KA . 50.64 5.34 -29.23
O5 BMA KA . 48.89 7.77 -27.30
O6 BMA KA . 51.24 8.42 -28.64
C1 MAN KA . 52.32 9.35 -28.46
C2 MAN KA . 51.96 10.60 -29.28
C3 MAN KA . 52.04 10.29 -30.77
C4 MAN KA . 53.38 9.60 -31.17
C5 MAN KA . 53.59 8.37 -30.28
C6 MAN KA . 54.90 7.65 -30.53
O2 MAN KA . 52.89 11.64 -29.06
O3 MAN KA . 51.87 11.47 -31.51
O4 MAN KA . 53.34 9.17 -32.51
O5 MAN KA . 53.56 8.80 -28.90
O6 MAN KA . 55.98 8.53 -30.25
C1 MAN KA . 50.80 11.25 -32.45
C2 MAN KA . 51.30 11.78 -33.82
C3 MAN KA . 51.26 13.31 -33.84
C4 MAN KA . 49.89 13.85 -33.38
C5 MAN KA . 49.58 13.31 -31.98
C6 MAN KA . 48.22 13.73 -31.49
O2 MAN KA . 50.47 11.36 -34.88
O3 MAN KA . 51.57 13.82 -35.14
O4 MAN KA . 49.91 15.26 -33.34
O5 MAN KA . 49.59 11.87 -32.02
O6 MAN KA . 47.99 15.06 -31.93
C1 MAN KA . 50.96 10.11 -35.40
C2 MAN KA . 50.78 10.15 -36.93
C3 MAN KA . 49.27 10.14 -37.26
C4 MAN KA . 48.50 9.03 -36.51
C5 MAN KA . 48.83 9.09 -35.01
C6 MAN KA . 48.24 7.93 -34.22
O2 MAN KA . 51.32 8.98 -37.55
O3 MAN KA . 49.04 10.03 -38.66
O4 MAN KA . 47.11 9.20 -36.69
O5 MAN KA . 50.27 9.03 -34.84
O6 MAN KA . 46.89 8.28 -33.89
C1 MAN KA . 56.95 8.38 -31.31
C2 MAN KA . 58.06 7.40 -30.82
C3 MAN KA . 58.98 8.07 -29.79
C4 MAN KA . 59.48 9.44 -30.29
C5 MAN KA . 58.27 10.31 -30.66
C6 MAN KA . 58.66 11.66 -31.21
O2 MAN KA . 58.92 7.02 -31.90
O3 MAN KA . 60.08 7.25 -29.43
O4 MAN KA . 60.25 10.07 -29.29
O5 MAN KA . 57.50 9.63 -31.67
O6 MAN KA . 57.58 12.11 -32.01
C1 MAN KA . 48.08 3.88 -30.61
C2 MAN KA . 47.73 3.75 -32.12
C3 MAN KA . 46.22 3.77 -32.32
C4 MAN KA . 45.55 2.71 -31.45
C5 MAN KA . 45.88 2.95 -29.98
C6 MAN KA . 45.35 1.88 -29.10
O2 MAN KA . 48.18 2.54 -32.69
O3 MAN KA . 45.87 3.57 -33.67
O4 MAN KA . 44.15 2.77 -31.62
O5 MAN KA . 47.32 2.97 -29.80
O6 MAN KA . 44.01 1.64 -29.49
C1 MAN KA . 49.17 2.86 -33.68
C2 MAN KA . 48.81 2.06 -34.96
C3 MAN KA . 49.10 0.57 -34.73
C4 MAN KA . 50.45 0.31 -34.08
C5 MAN KA . 50.59 1.16 -32.82
C6 MAN KA . 51.94 1.02 -32.16
O2 MAN KA . 49.63 2.42 -36.07
O3 MAN KA . 49.03 -0.14 -35.96
O4 MAN KA . 50.55 -1.04 -33.71
O5 MAN KA . 50.45 2.54 -33.21
O6 MAN KA . 52.93 1.38 -33.10
C1 NAG LA . 45.71 14.98 0.80
C2 NAG LA . 45.28 13.53 0.65
C3 NAG LA . 46.14 12.65 1.53
C4 NAG LA . 47.62 12.85 1.25
C5 NAG LA . 47.97 14.34 1.32
C6 NAG LA . 49.37 14.64 0.84
C7 NAG LA . 43.06 12.65 0.16
C8 NAG LA . 41.63 12.56 0.63
N2 NAG LA . 43.88 13.36 0.95
O3 NAG LA . 45.75 11.29 1.30
O4 NAG LA . 48.41 12.17 2.21
O5 NAG LA . 47.09 15.11 0.48
O6 NAG LA . 49.40 15.77 -0.01
O7 NAG LA . 43.44 12.12 -0.87
C1 NAG LA . 48.97 10.94 1.67
C2 NAG LA . 50.36 10.74 2.21
C3 NAG LA . 50.95 9.46 1.62
C4 NAG LA . 50.04 8.27 1.92
C5 NAG LA . 48.59 8.56 1.51
C6 NAG LA . 47.62 7.52 2.02
C7 NAG LA . 51.74 12.63 2.91
C8 NAG LA . 52.62 13.76 2.47
N2 NAG LA . 51.23 11.87 1.94
O3 NAG LA . 52.24 9.27 2.17
O4 NAG LA . 50.44 7.13 1.15
O5 NAG LA . 48.14 9.83 2.03
O6 NAG LA . 46.31 8.05 2.14
O7 NAG LA . 51.52 12.41 4.09
C1 BMA LA . 51.37 6.17 1.73
C2 BMA LA . 51.22 5.98 3.28
C3 BMA LA . 52.28 4.97 3.74
C4 BMA LA . 52.18 3.64 2.94
C5 BMA LA . 52.18 3.90 1.42
C6 BMA LA . 51.89 2.65 0.60
O2 BMA LA . 49.98 5.41 3.61
O3 BMA LA . 52.17 4.72 5.13
O4 BMA LA . 53.26 2.80 3.27
O5 BMA LA . 51.17 4.89 1.10
O6 BMA LA . 50.56 2.27 0.85
C1 NAG MA . 45.11 11.57 -4.71
C2 NAG MA . 45.61 10.41 -3.85
C3 NAG MA . 46.95 10.78 -3.21
C4 NAG MA . 47.96 11.16 -4.28
C5 NAG MA . 47.39 12.31 -5.12
C6 NAG MA . 48.27 12.70 -6.27
C7 NAG MA . 44.40 8.82 -2.44
C8 NAG MA . 43.37 8.64 -1.37
N2 NAG MA . 44.63 10.07 -2.83
O3 NAG MA . 47.42 9.66 -2.47
O4 NAG MA . 49.19 11.59 -3.70
O5 NAG MA . 46.12 11.91 -5.68
O6 NAG MA . 48.92 11.57 -6.84
O7 NAG MA . 45.01 7.87 -2.92
C1 NAG MA . 50.26 10.62 -3.84
C2 NAG MA . 51.47 11.18 -3.08
C3 NAG MA . 52.60 10.15 -2.99
C4 NAG MA . 52.09 8.79 -2.53
C5 NAG MA . 50.89 8.37 -3.37
C6 NAG MA . 50.26 7.08 -2.90
C7 NAG MA . 51.87 13.59 -3.14
C8 NAG MA . 52.41 14.74 -3.94
N2 NAG MA . 51.94 12.40 -3.72
O3 NAG MA . 53.51 10.70 -2.04
O4 NAG MA . 53.02 7.70 -2.60
O5 NAG MA . 49.88 9.38 -3.28
O6 NAG MA . 49.55 6.45 -3.95
O7 NAG MA . 51.38 13.75 -2.02
C1 BMA MA . 54.42 7.83 -2.95
C2 BMA MA . 55.23 7.61 -1.65
C3 BMA MA . 56.73 7.58 -1.95
C4 BMA MA . 57.06 6.61 -3.11
C5 BMA MA . 56.18 6.95 -4.33
C6 BMA MA . 56.39 5.97 -5.47
O2 BMA MA . 54.93 6.34 -1.07
O3 BMA MA . 57.49 7.25 -0.80
O4 BMA MA . 58.43 6.74 -3.45
O5 BMA MA . 54.80 6.89 -3.94
O6 BMA MA . 56.36 4.65 -4.94
C1 MAN MA . 57.14 3.83 -5.84
C2 MAN MA . 56.69 2.34 -5.66
C3 MAN MA . 57.29 1.72 -4.37
C4 MAN MA . 58.80 2.02 -4.25
C5 MAN MA . 59.02 3.53 -4.32
C6 MAN MA . 60.46 3.95 -4.21
O2 MAN MA . 57.16 1.53 -6.74
O3 MAN MA . 57.06 0.32 -4.30
O4 MAN MA . 59.29 1.52 -3.02
O5 MAN MA . 58.53 4.01 -5.59
O6 MAN MA . 60.53 5.35 -4.41
C1 NAG NA . 50.16 20.53 -5.52
C2 NAG NA . 50.66 19.14 -5.90
C3 NAG NA . 52.19 19.08 -5.78
C4 NAG NA . 52.84 20.20 -6.59
C5 NAG NA . 52.25 21.55 -6.16
C6 NAG NA . 52.77 22.72 -6.96
C7 NAG NA . 49.60 16.96 -5.58
C8 NAG NA . 48.98 16.02 -4.59
N2 NAG NA . 50.05 18.12 -5.08
O3 NAG NA . 52.62 17.80 -6.23
O4 NAG NA . 54.25 20.23 -6.41
O5 NAG NA . 50.82 21.53 -6.31
O6 NAG NA . 52.75 23.91 -6.19
O7 NAG NA . 49.68 16.70 -6.77
C1 NAG NA . 54.93 19.65 -7.55
C2 NAG NA . 56.16 20.48 -7.95
C3 NAG NA . 56.89 19.81 -9.11
C4 NAG NA . 57.24 18.37 -8.75
C5 NAG NA . 55.99 17.61 -8.33
C6 NAG NA . 56.28 16.21 -7.85
C7 NAG NA . 56.57 22.90 -8.09
C8 NAG NA . 56.02 24.23 -8.52
N2 NAG NA . 55.78 21.85 -8.30
O3 NAG NA . 58.06 20.55 -9.43
O4 NAG NA . 57.83 17.72 -9.89
O5 NAG NA . 55.34 18.30 -7.25
O6 NAG NA . 55.34 15.80 -6.87
O7 NAG NA . 57.68 22.78 -7.59
C1 BMA NA . 59.25 17.46 -9.73
C2 BMA NA . 60.00 18.14 -10.95
C3 BMA NA . 61.51 18.31 -10.70
C4 BMA NA . 61.83 18.77 -9.26
C5 BMA NA . 61.19 17.77 -8.31
C6 BMA NA . 61.56 18.02 -6.86
O2 BMA NA . 59.47 19.43 -11.22
O3 BMA NA . 62.08 19.23 -11.63
O4 BMA NA . 63.22 18.81 -9.06
O5 BMA NA . 59.77 17.91 -8.45
O6 BMA NA . 61.42 16.79 -6.16
C1 NAG OA . 26.94 23.84 -20.38
C2 NAG OA . 26.02 23.21 -21.43
C3 NAG OA . 26.41 23.64 -22.85
C4 NAG OA . 26.56 25.16 -22.95
C5 NAG OA . 27.45 25.69 -21.82
C6 NAG OA . 27.50 27.20 -21.77
C7 NAG OA . 26.98 20.88 -21.50
C8 NAG OA . 26.63 19.43 -21.34
N2 NAG OA . 25.96 21.74 -21.33
O3 NAG OA . 25.42 23.19 -23.77
O4 NAG OA . 27.19 25.47 -24.19
O5 NAG OA . 26.94 25.26 -20.55
O6 NAG OA . 28.85 27.66 -21.72
O7 NAG OA . 28.13 21.23 -21.75
C1 NAG OA . 26.32 26.09 -25.16
C2 NAG OA . 27.03 25.95 -26.50
C3 NAG OA . 26.19 26.57 -27.61
C4 NAG OA . 24.79 25.97 -27.62
C5 NAG OA . 24.15 26.11 -26.23
C6 NAG OA . 22.81 25.44 -26.13
C7 NAG OA . 29.47 25.84 -26.66
C8 NAG OA . 30.75 26.61 -26.60
N2 NAG OA . 28.35 26.55 -26.46
O3 NAG OA . 26.85 26.35 -28.85
O4 NAG OA . 23.95 26.63 -28.57
O5 NAG OA . 25.00 25.51 -25.24
O6 NAG OA . 22.84 24.35 -25.21
O7 NAG OA . 29.45 24.63 -26.87
C1 BMA OA . 23.78 25.81 -29.76
C2 BMA OA . 22.33 25.32 -29.86
C3 BMA OA . 22.19 24.47 -31.14
C4 BMA OA . 22.73 25.19 -32.40
C5 BMA OA . 24.15 25.76 -32.14
C6 BMA OA . 24.64 26.64 -33.28
O2 BMA OA . 21.43 26.40 -30.00
O3 BMA OA . 20.83 24.07 -31.34
O4 BMA OA . 22.77 24.29 -33.49
O5 BMA OA . 24.13 26.55 -30.94
O6 BMA OA . 24.31 26.00 -34.52
C1 NAG PA . -17.27 30.37 -34.20
C2 NAG PA . -18.22 29.79 -35.24
C3 NAG PA . -17.45 28.95 -36.27
C4 NAG PA . -16.30 29.75 -36.88
C5 NAG PA . -15.43 30.35 -35.77
C6 NAG PA . -14.37 31.28 -36.31
C7 NAG PA . -20.54 29.02 -35.03
C8 NAG PA . -21.49 28.14 -34.28
N2 NAG PA . -19.26 29.00 -34.62
O3 NAG PA . -18.36 28.51 -37.27
O4 NAG PA . -15.49 28.92 -37.68
O5 NAG PA . -16.24 31.11 -34.86
O6 NAG PA . -14.81 31.97 -37.47
O7 NAG PA . -20.91 29.73 -35.96
C1 NAG PA . -15.72 29.14 -39.08
C2 NAG PA . -14.43 28.90 -39.86
C3 NAG PA . -14.68 29.01 -41.36
C4 NAG PA . -15.82 28.09 -41.78
C5 NAG PA . -17.06 28.41 -40.96
C6 NAG PA . -18.24 27.51 -41.24
C7 NAG PA . -12.11 29.47 -39.28
C8 NAG PA . -11.17 30.56 -38.86
N2 NAG PA . -13.38 29.82 -39.45
O3 NAG PA . -13.48 28.68 -42.07
O4 NAG PA . -16.10 28.22 -43.17
O5 NAG PA . -16.75 28.27 -39.56
O6 NAG PA . -19.47 28.14 -40.96
O7 NAG PA . -11.72 28.32 -39.47
C1 BMA PA . -15.69 27.02 -43.88
C2 BMA PA . -16.61 26.83 -45.11
C3 BMA PA . -16.07 25.71 -46.02
C4 BMA PA . -14.57 25.87 -46.31
C5 BMA PA . -13.80 25.96 -44.98
C6 BMA PA . -12.31 26.15 -45.17
O2 BMA PA . -16.65 28.01 -45.90
O3 BMA PA . -16.79 25.64 -47.24
O4 BMA PA . -14.10 24.77 -47.07
O5 BMA PA . -14.30 27.10 -44.24
O6 BMA PA . -11.88 25.34 -46.25
C1 NAG QA . -20.30 43.62 -32.04
C2 NAG QA . -19.29 44.40 -31.20
C3 NAG QA . -18.48 45.36 -32.07
C4 NAG QA . -17.79 44.60 -33.21
C5 NAG QA . -18.84 43.84 -34.01
C6 NAG QA . -18.25 42.97 -35.10
C7 NAG QA . -19.44 45.42 -28.97
C8 NAG QA . -20.30 46.21 -28.02
N2 NAG QA . -19.98 45.15 -30.16
O3 NAG QA . -17.51 46.03 -31.28
O4 NAG QA . -17.11 45.51 -34.07
O5 NAG QA . -19.59 42.97 -33.15
O6 NAG QA . -18.09 43.69 -36.31
O7 NAG QA . -18.30 45.06 -28.66
C1 NAG QA . -15.67 45.39 -33.98
C2 NAG QA . -14.97 46.44 -34.88
C3 NAG QA . -13.45 46.42 -34.66
C4 NAG QA . -13.11 46.48 -33.18
C5 NAG QA . -13.83 45.38 -32.42
C6 NAG QA . -13.61 45.42 -30.93
C7 NAG QA . -15.34 47.22 -37.17
C8 NAG QA . -15.65 46.81 -38.59
N2 NAG QA . -15.29 46.22 -36.28
O3 NAG QA . -12.86 47.52 -35.35
O4 NAG QA . -11.69 46.32 -33.01
O5 NAG QA . -15.25 45.54 -32.63
O6 NAG QA . -14.51 44.57 -30.24
O7 NAG QA . -15.14 48.39 -36.88
C1 BMA QA . -11.11 47.57 -32.59
C2 BMA QA . -10.53 47.39 -31.17
C3 BMA QA . -9.81 48.66 -30.76
C4 BMA QA . -8.70 48.98 -31.78
C5 BMA QA . -9.37 49.18 -33.16
C6 BMA QA . -8.38 49.46 -34.27
O2 BMA QA . -9.59 46.35 -31.14
O3 BMA QA . -9.27 48.55 -29.45
O4 BMA QA . -8.00 50.14 -31.40
O5 BMA QA . -10.09 47.97 -33.52
O6 BMA QA . -7.44 50.40 -33.80
C1 NAG RA . -38.51 17.98 -32.10
C2 NAG RA . -39.61 18.74 -32.83
C3 NAG RA . -39.20 18.99 -34.29
C4 NAG RA . -37.84 19.68 -34.36
C5 NAG RA . -36.82 18.88 -33.56
C6 NAG RA . -35.47 19.56 -33.47
C7 NAG RA . -41.70 18.10 -31.73
C8 NAG RA . -42.96 17.29 -31.84
N2 NAG RA . -40.88 18.02 -32.78
O3 NAG RA . -40.19 19.80 -34.92
O4 NAG RA . -37.42 19.78 -35.72
O5 NAG RA . -37.27 18.69 -32.21
O6 NAG RA . -35.52 20.70 -32.62
O7 NAG RA . -41.46 18.79 -30.75
C1 NAG RA . -37.41 21.15 -36.18
C2 NAG RA . -37.41 21.14 -37.72
C3 NAG RA . -37.45 22.57 -38.26
C4 NAG RA . -38.62 23.35 -37.65
C5 NAG RA . -38.55 23.29 -36.13
C6 NAG RA . -39.73 23.95 -35.46
C7 NAG RA . -36.29 19.12 -38.56
C8 NAG RA . -35.01 18.55 -39.09
N2 NAG RA . -36.26 20.43 -38.25
O3 NAG RA . -37.58 22.53 -39.68
O4 NAG RA . -38.58 24.70 -38.08
O5 NAG RA . -38.53 21.92 -35.69
O6 NAG RA . -40.62 22.98 -34.90
O7 NAG RA . -37.30 18.45 -38.42
C1 NAG SA . 4.92 -43.48 -22.30
C2 NAG SA . 5.53 -44.85 -22.57
C3 NAG SA . 6.60 -44.75 -23.66
C4 NAG SA . 6.09 -44.01 -24.90
C5 NAG SA . 5.34 -42.73 -24.53
C6 NAG SA . 4.55 -42.15 -25.67
C7 NAG SA . 7.04 -45.05 -20.57
C8 NAG SA . 7.36 -45.94 -19.40
N2 NAG SA . 6.05 -45.49 -21.37
O3 NAG SA . 7.01 -46.07 -24.01
O4 NAG SA . 7.22 -43.62 -25.67
O5 NAG SA . 4.37 -42.97 -23.48
O6 NAG SA . 3.73 -43.13 -26.29
O7 NAG SA . 7.65 -44.01 -20.76
C1 NAG SA . 7.33 -44.12 -27.03
C2 NAG SA . 8.07 -45.46 -27.04
C3 NAG SA . 8.20 -45.98 -28.47
C4 NAG SA . 6.83 -46.04 -29.15
C5 NAG SA . 6.13 -44.70 -29.04
C6 NAG SA . 4.71 -44.72 -29.59
C7 NAG SA . 9.84 -46.22 -25.53
C8 NAG SA . 11.22 -45.94 -25.00
N2 NAG SA . 9.39 -45.34 -26.42
O3 NAG SA . 8.77 -47.29 -28.43
O4 NAG SA . 6.99 -46.37 -30.52
O5 NAG SA . 6.03 -44.28 -27.67
O6 NAG SA . 4.29 -43.43 -30.01
O7 NAG SA . 9.19 -47.20 -25.18
C1 NAG TA . -5.75 -51.99 -25.12
C2 NAG TA . -6.91 -52.80 -25.69
C3 NAG TA . -6.46 -53.59 -26.91
C4 NAG TA . -5.77 -52.69 -27.92
C5 NAG TA . -4.67 -51.88 -27.25
C6 NAG TA . -4.03 -50.86 -28.15
C7 NAG TA . -8.41 -53.31 -23.82
C8 NAG TA . -8.86 -54.36 -22.84
N2 NAG TA . -7.47 -53.69 -24.69
O3 NAG TA . -7.58 -54.22 -27.50
O4 NAG TA . -5.16 -53.50 -28.92
O5 NAG TA . -5.21 -51.17 -26.12
O6 NAG TA . -3.09 -51.45 -29.03
O7 NAG TA . -8.86 -52.18 -23.79
C1 NAG TA . -5.81 -53.44 -30.19
C2 NAG TA . -5.03 -54.42 -31.08
C3 NAG TA . -5.67 -54.52 -32.46
C4 NAG TA . -7.15 -54.87 -32.34
C5 NAG TA . -7.85 -53.83 -31.46
C6 NAG TA . -9.31 -54.15 -31.22
C7 NAG TA . -2.62 -54.84 -30.98
C8 NAG TA . -1.25 -54.26 -31.14
N2 NAG TA . -3.64 -54.01 -31.19
O3 NAG TA . -4.99 -55.50 -33.21
O4 NAG TA . -7.79 -55.03 -33.61
O5 NAG TA . -7.21 -53.81 -30.18
O6 NAG TA . -9.47 -54.96 -30.07
O7 NAG TA . -2.79 -56.02 -30.67
C1 BMA TA . -7.66 -53.94 -34.57
C2 BMA TA . -6.92 -54.48 -35.84
C3 BMA TA . -7.43 -53.77 -37.05
C4 BMA TA . -8.89 -54.16 -37.28
C5 BMA TA . -9.76 -53.83 -36.03
C6 BMA TA . -10.64 -54.99 -35.59
O2 BMA TA . -7.16 -55.86 -36.02
O3 BMA TA . -6.65 -54.09 -38.18
O4 BMA TA . -9.40 -53.47 -38.40
O5 BMA TA . -8.95 -53.33 -34.88
O6 BMA TA . -11.43 -55.40 -36.71
C1 MAN TA . -5.77 -52.97 -38.48
C2 MAN TA . -5.32 -53.15 -39.95
C3 MAN TA . -4.33 -54.31 -40.05
C4 MAN TA . -3.16 -54.14 -39.07
C5 MAN TA . -3.70 -54.00 -37.65
C6 MAN TA . -2.62 -53.72 -36.63
O2 MAN TA . -4.59 -52.00 -40.40
O3 MAN TA . -3.85 -54.49 -41.37
O4 MAN TA . -2.31 -55.27 -39.15
O5 MAN TA . -4.65 -52.90 -37.60
O6 MAN TA . -2.34 -52.33 -36.65
C1 NAG UA . 1.18 -42.71 -10.20
C2 NAG UA . 0.15 -43.78 -9.89
C3 NAG UA . 0.29 -44.23 -8.45
C4 NAG UA . 1.72 -44.71 -8.17
C5 NAG UA . 2.72 -43.62 -8.57
C6 NAG UA . 4.16 -44.06 -8.48
C7 NAG UA . -1.76 -43.29 -11.35
C8 NAG UA . -3.16 -42.74 -11.42
N2 NAG UA . -1.20 -43.28 -10.14
O3 NAG UA . -0.62 -45.29 -8.20
O4 NAG UA . 1.86 -45.00 -6.78
O5 NAG UA . 2.49 -43.22 -9.93
O6 NAG UA . 5.04 -43.06 -8.99
O7 NAG UA . -1.17 -43.70 -12.33
C1 NAG UA . 2.06 -46.41 -6.59
C2 NAG UA . 2.34 -46.64 -5.11
C3 NAG UA . 2.58 -48.12 -4.85
C4 NAG UA . 1.43 -48.95 -5.38
C5 NAG UA . 1.12 -48.60 -6.83
C6 NAG UA . -0.16 -49.25 -7.36
C7 NAG UA . 3.33 -44.84 -3.79
C8 NAG UA . 4.60 -44.11 -3.42
N2 NAG UA . 3.46 -45.84 -4.66
O3 NAG UA . 2.74 -48.33 -3.46
O4 NAG UA . 1.79 -50.33 -5.29
O5 NAG UA . 0.93 -47.19 -6.99
O6 NAG UA . -0.24 -49.14 -8.77
O7 NAG UA . 2.26 -44.53 -3.30
C1 BMA UA . 0.92 -51.01 -4.35
C2 BMA UA . 1.27 -52.52 -4.36
C3 BMA UA . 0.30 -53.22 -3.40
C4 BMA UA . 0.31 -52.59 -1.99
C5 BMA UA . 0.08 -51.06 -2.11
C6 BMA UA . 0.20 -50.33 -0.78
O2 BMA UA . 2.56 -52.73 -3.83
O3 BMA UA . 0.52 -54.61 -3.34
O4 BMA UA . -0.72 -53.15 -1.22
O5 BMA UA . 1.06 -50.50 -3.02
O6 BMA UA . 1.43 -50.70 -0.17
C1 MAN UA . -0.56 -55.23 -4.08
C2 MAN UA . -0.78 -56.69 -3.52
C3 MAN UA . 0.26 -57.68 -4.11
C4 MAN UA . 0.45 -57.50 -5.62
C5 MAN UA . 0.82 -56.05 -5.90
C6 MAN UA . 1.06 -55.79 -7.37
O2 MAN UA . -2.05 -57.19 -3.94
O3 MAN UA . -0.09 -59.03 -3.82
O4 MAN UA . 1.49 -58.34 -6.09
O5 MAN UA . -0.28 -55.23 -5.48
O6 MAN UA . 1.98 -56.76 -7.84
C1 MAN UA . -2.88 -57.41 -2.77
C2 MAN UA . -3.96 -58.44 -3.18
C3 MAN UA . -4.93 -57.80 -4.18
C4 MAN UA . -5.49 -56.46 -3.67
C5 MAN UA . -4.34 -55.52 -3.27
C6 MAN UA . -4.84 -54.25 -2.60
O2 MAN UA . -4.77 -58.81 -2.07
O3 MAN UA . -5.99 -58.69 -4.51
O4 MAN UA . -6.27 -55.85 -4.68
O5 MAN UA . -3.45 -56.19 -2.33
O6 MAN UA . -5.49 -54.60 -1.39
C1 MAN UA . 1.18 -50.80 1.24
C2 MAN UA . 2.27 -49.94 1.99
C3 MAN UA . 3.60 -50.71 2.12
C4 MAN UA . 3.38 -52.16 2.58
C5 MAN UA . 2.45 -52.85 1.60
C6 MAN UA . 2.21 -54.31 1.95
O2 MAN UA . 1.87 -49.65 3.33
O3 MAN UA . 4.48 -50.04 3.02
O4 MAN UA . 4.62 -52.84 2.63
O5 MAN UA . 1.18 -52.17 1.64
O6 MAN UA . 3.47 -54.95 2.05
C1 NAG VA . 14.62 -37.39 -4.43
C2 NAG VA . 15.09 -37.87 -5.81
C3 NAG VA . 15.93 -39.14 -5.69
C4 NAG VA . 17.08 -38.92 -4.71
C5 NAG VA . 16.54 -38.42 -3.37
C6 NAG VA . 17.62 -38.07 -2.39
C7 NAG VA . 12.95 -38.87 -6.66
C8 NAG VA . 11.97 -38.82 -7.78
N2 NAG VA . 14.00 -38.04 -6.77
O3 NAG VA . 16.45 -39.45 -6.98
O4 NAG VA . 17.77 -40.15 -4.49
O5 NAG VA . 15.75 -37.22 -3.56
O6 NAG VA . 17.90 -36.67 -2.39
O7 NAG VA . 12.78 -39.63 -5.70
C1 NAG VA . 19.05 -40.15 -5.15
C2 NAG VA . 19.92 -41.27 -4.59
C3 NAG VA . 21.23 -41.35 -5.36
C4 NAG VA . 20.98 -41.50 -6.85
C5 NAG VA . 20.09 -40.35 -7.34
C6 NAG VA . 19.68 -40.47 -8.78
C7 NAG VA . 19.54 -41.80 -2.23
C8 NAG VA . 19.92 -41.48 -0.81
N2 NAG VA . 20.16 -41.09 -3.18
O3 NAG VA . 21.99 -42.44 -4.87
O4 NAG VA . 22.20 -41.51 -7.57
O5 NAG VA . 18.87 -40.33 -6.57
O6 NAG VA . 18.95 -41.66 -9.01
O7 NAG VA . 18.72 -42.65 -2.50
C1 BMA VA . 22.44 -42.82 -8.14
C2 BMA VA . 23.66 -42.76 -9.11
C3 BMA VA . 23.97 -44.17 -9.63
C4 BMA VA . 24.11 -45.18 -8.44
C5 BMA VA . 22.81 -45.15 -7.63
C6 BMA VA . 22.80 -46.11 -6.47
O2 BMA VA . 24.81 -42.31 -8.43
O3 BMA VA . 25.12 -44.20 -10.48
O4 BMA VA . 24.33 -46.50 -8.91
O5 BMA VA . 22.64 -43.80 -7.13
O6 BMA VA . 23.95 -45.88 -5.67
C1 MAN VA . 24.88 -44.87 -11.75
C2 MAN VA . 24.87 -43.76 -12.88
C3 MAN VA . 23.50 -43.54 -13.44
C4 MAN VA . 22.99 -44.85 -13.95
C5 MAN VA . 22.60 -45.69 -12.74
C6 MAN VA . 22.27 -47.13 -13.09
O2 MAN VA . 25.61 -44.20 -14.01
O3 MAN VA . 23.49 -42.57 -14.49
O4 MAN VA . 21.84 -44.64 -14.77
O5 MAN VA . 23.68 -45.72 -11.70
O6 MAN VA . 21.78 -47.78 -11.92
C1 MAN VA . 26.94 -43.63 -14.01
C2 MAN VA . 26.86 -42.20 -14.61
C3 MAN VA . 26.61 -42.25 -16.13
C4 MAN VA . 27.49 -43.30 -16.87
C5 MAN VA . 27.41 -44.65 -16.13
C6 MAN VA . 28.29 -45.74 -16.73
O2 MAN VA . 28.09 -41.48 -14.41
O3 MAN VA . 26.76 -40.98 -16.75
O4 MAN VA . 27.06 -43.46 -18.20
O5 MAN VA . 27.80 -44.46 -14.75
O6 MAN VA . 29.64 -45.36 -16.56
C1 MAN VA . 27.83 -40.29 -13.63
C2 MAN VA . 29.13 -39.42 -13.61
C3 MAN VA . 30.13 -39.97 -12.58
C4 MAN VA . 29.48 -40.16 -11.21
C5 MAN VA . 28.32 -41.15 -11.35
C6 MAN VA . 27.59 -41.40 -10.04
O2 MAN VA . 28.86 -38.09 -13.19
O3 MAN VA . 31.27 -39.13 -12.47
O4 MAN VA . 30.42 -40.67 -10.28
O5 MAN VA . 27.36 -40.62 -12.30
O6 MAN VA . 28.55 -41.70 -9.05
C1 MAN VA . 23.54 -45.41 -4.36
C2 MAN VA . 24.79 -44.83 -3.67
C3 MAN VA . 25.74 -45.98 -3.30
C4 MAN VA . 25.02 -47.01 -2.40
C5 MAN VA . 23.80 -47.57 -3.17
C6 MAN VA . 22.96 -48.51 -2.34
O2 MAN VA . 24.47 -44.18 -2.44
O3 MAN VA . 26.93 -45.48 -2.68
O4 MAN VA . 25.89 -48.08 -2.07
O5 MAN VA . 22.94 -46.46 -3.58
O6 MAN VA . 21.90 -49.00 -3.17
C1 MAN VA . 28.10 -45.93 -3.39
C2 MAN VA . 29.34 -45.42 -2.62
C3 MAN VA . 29.55 -43.93 -2.86
C4 MAN VA . 29.69 -43.64 -4.36
C5 MAN VA . 28.40 -44.09 -5.07
C6 MAN VA . 28.51 -43.96 -6.59
O2 MAN VA . 30.53 -46.06 -3.09
O3 MAN VA . 30.69 -43.43 -2.17
O4 MAN VA . 29.87 -42.26 -4.57
O5 MAN VA . 28.11 -45.50 -4.78
O6 MAN VA . 29.25 -42.78 -6.89
C1 NAG WA . 11.77 -20.79 -21.91
C2 NAG WA . 12.60 -20.30 -23.10
C3 NAG WA . 11.93 -20.73 -24.41
C4 NAG WA . 11.61 -22.22 -24.42
C5 NAG WA . 10.85 -22.61 -23.14
C6 NAG WA . 10.67 -24.10 -22.99
C7 NAG WA . 13.79 -18.27 -22.44
C8 NAG WA . 13.80 -16.77 -22.50
N2 NAG WA . 12.76 -18.86 -23.06
O3 NAG WA . 12.81 -20.43 -25.49
O4 NAG WA . 10.77 -22.51 -25.53
O5 NAG WA . 11.60 -22.19 -21.99
O6 NAG WA . 11.85 -24.79 -23.36
O7 NAG WA . 14.66 -18.90 -21.86
C1 NAG WA . 11.44 -23.38 -26.48
C2 NAG WA . 10.43 -23.71 -27.58
C3 NAG WA . 11.06 -24.60 -28.64
C4 NAG WA . 12.35 -23.97 -29.17
C5 NAG WA . 13.29 -23.63 -28.01
C6 NAG WA . 14.51 -22.88 -28.46
C7 NAG WA . 8.14 -23.67 -26.70
C8 NAG WA . 7.01 -24.48 -26.14
N2 NAG WA . 9.24 -24.36 -27.01
O3 NAG WA . 10.14 -24.81 -29.70
O4 NAG WA . 13.00 -24.87 -30.06
O5 NAG WA . 12.60 -22.78 -27.07
O6 NAG WA . 14.40 -21.49 -28.15
O7 NAG WA . 8.04 -22.47 -26.88
C1 NAG XA . -24.05 1.67 -39.31
C2 NAG XA . -22.99 1.69 -40.41
C3 NAG XA . -22.71 3.13 -40.87
C4 NAG XA . -23.99 3.92 -41.12
C5 NAG XA . -24.98 3.74 -39.96
C6 NAG XA . -26.33 4.36 -40.19
C7 NAG XA . -21.58 -0.25 -39.86
C8 NAG XA . -20.26 -0.69 -39.30
N2 NAG XA . -21.77 1.07 -39.94
O3 NAG XA . -21.94 3.09 -42.07
O4 NAG XA . -23.63 5.29 -41.20
O5 NAG XA . -25.20 2.35 -39.75
O6 NAG XA . -27.04 4.50 -38.97
O7 NAG XA . -22.43 -1.05 -40.22
C1 NAG XA . -23.96 5.91 -42.48
C2 NAG XA . -22.81 6.85 -42.87
C3 NAG XA . -23.16 7.57 -44.16
C4 NAG XA . -23.60 6.59 -45.26
C5 NAG XA . -24.61 5.57 -44.74
C6 NAG XA . -24.85 4.43 -45.72
C7 NAG XA . -21.61 7.59 -40.86
C8 NAG XA . -21.45 8.68 -39.84
N2 NAG XA . -22.53 7.80 -41.81
O3 NAG XA . -22.03 8.31 -44.60
O4 NAG XA . -24.28 7.32 -46.28
O5 NAG XA . -24.16 4.96 -43.52
O6 NAG XA . -24.81 3.17 -45.06
O7 NAG XA . -20.94 6.57 -40.83
C1 BMA XA . -23.50 7.54 -47.45
C2 BMA XA . -24.46 7.37 -48.65
C3 BMA XA . -23.82 7.89 -49.95
C4 BMA XA . -23.25 9.32 -49.76
C5 BMA XA . -22.24 9.30 -48.60
C6 BMA XA . -21.66 10.66 -48.29
O2 BMA XA . -25.64 8.13 -48.46
O3 BMA XA . -24.73 7.87 -51.05
O4 BMA XA . -22.61 9.75 -50.95
O5 BMA XA . -22.92 8.82 -47.40
O6 BMA XA . -22.67 11.66 -48.46
C1 MAN XA . -25.01 6.49 -51.42
C2 MAN XA . -23.86 5.99 -52.34
C3 MAN XA . -23.95 6.63 -53.72
C4 MAN XA . -25.36 6.46 -54.32
C5 MAN XA . -26.41 7.04 -53.35
C6 MAN XA . -27.84 6.85 -53.83
O2 MAN XA . -23.95 4.58 -52.55
O3 MAN XA . -22.98 6.09 -54.62
O4 MAN XA . -25.43 7.15 -55.57
O5 MAN XA . -26.28 6.39 -52.06
O6 MAN XA . -28.57 6.17 -52.81
C1 MAN XA . -23.14 12.10 -47.17
C2 MAN XA . -24.59 12.64 -47.37
C3 MAN XA . -24.55 14.01 -48.08
C4 MAN XA . -23.60 14.98 -47.37
C5 MAN XA . -22.19 14.36 -47.28
C6 MAN XA . -21.22 15.23 -46.50
O2 MAN XA . -25.23 12.88 -46.12
O3 MAN XA . -25.85 14.57 -48.19
O4 MAN XA . -23.53 16.20 -48.08
O5 MAN XA . -22.27 13.08 -46.60
O6 MAN XA . -20.03 14.48 -46.29
C1 NAG YA . -23.35 -18.89 -17.64
C2 NAG YA . -22.08 -19.45 -16.98
C3 NAG YA . -22.39 -20.77 -16.28
C4 NAG YA . -23.55 -20.62 -15.31
C5 NAG YA . -24.75 -20.02 -16.04
C6 NAG YA . -25.90 -19.69 -15.10
C7 NAG YA . -19.75 -19.38 -17.70
C8 NAG YA . -18.79 -19.60 -18.83
N2 NAG YA . -21.03 -19.61 -17.96
O3 NAG YA . -21.24 -21.21 -15.59
O4 NAG YA . -23.90 -21.90 -14.80
O5 NAG YA . -24.39 -18.78 -16.67
O6 NAG YA . -25.43 -19.25 -13.83
O7 NAG YA . -19.36 -19.01 -16.60
C1 NAG YA . -23.58 -21.97 -13.38
C2 NAG YA . -24.35 -23.13 -12.78
C3 NAG YA . -24.08 -23.20 -11.29
C4 NAG YA . -22.59 -23.28 -11.00
C5 NAG YA . -21.83 -22.17 -11.76
C6 NAG YA . -20.33 -22.34 -11.70
C7 NAG YA . -26.55 -24.05 -13.36
C8 NAG YA . -28.00 -23.75 -13.59
N2 NAG YA . -25.78 -23.00 -13.04
O3 NAG YA . -24.74 -24.35 -10.76
O4 NAG YA . -22.37 -23.08 -9.61
O5 NAG YA . -22.18 -22.15 -13.15
O6 NAG YA . -19.70 -21.15 -11.26
O7 NAG YA . -26.10 -25.18 -13.46
C1 BMA YA . -21.94 -24.29 -8.95
C2 BMA YA . -21.42 -23.90 -7.57
C3 BMA YA . -20.95 -25.15 -6.83
C4 BMA YA . -21.95 -26.33 -6.88
C5 BMA YA . -22.66 -26.47 -8.28
C6 BMA YA . -23.92 -27.35 -8.28
O2 BMA YA . -22.46 -23.34 -6.79
O3 BMA YA . -20.68 -24.83 -5.47
O4 BMA YA . -21.29 -27.54 -6.57
O5 BMA YA . -23.01 -25.18 -8.80
O6 BMA YA . -24.62 -27.26 -7.02
C1 MAN YA . -25.58 -26.17 -7.02
C2 MAN YA . -25.81 -25.81 -5.49
C3 MAN YA . -27.13 -26.38 -4.85
C4 MAN YA . -28.24 -26.82 -5.88
C5 MAN YA . -27.62 -27.46 -7.11
C6 MAN YA . -28.65 -27.86 -8.15
O2 MAN YA . -25.80 -24.41 -5.28
O3 MAN YA . -27.58 -25.49 -3.76
O4 MAN YA . -29.12 -27.78 -5.29
O5 MAN YA . -26.78 -26.51 -7.71
O6 MAN YA . -28.82 -26.74 -9.02
C1 MAN YA . -28.90 -24.87 -3.83
C2 MAN YA . -28.79 -23.43 -4.36
C3 MAN YA . -27.96 -22.61 -3.37
C4 MAN YA . -28.57 -22.67 -1.95
C5 MAN YA . -28.73 -24.15 -1.51
C6 MAN YA . -29.46 -24.30 -0.19
O2 MAN YA . -30.06 -22.79 -4.39
O3 MAN YA . -27.84 -21.24 -3.79
O4 MAN YA . -27.71 -22.00 -1.03
O5 MAN YA . -29.48 -24.87 -2.54
O6 MAN YA . -28.49 -24.55 0.81
C1 MAN YA . -30.91 -23.37 -5.39
C2 MAN YA . -30.70 -22.60 -6.71
C3 MAN YA . -31.28 -21.17 -6.60
C4 MAN YA . -32.73 -21.18 -6.06
C5 MAN YA . -32.79 -21.97 -4.74
C6 MAN YA . -34.19 -22.10 -4.18
O2 MAN YA . -31.40 -23.22 -7.80
O3 MAN YA . -31.22 -20.48 -7.84
O4 MAN YA . -33.18 -19.85 -5.85
O5 MAN YA . -32.26 -23.31 -4.97
O6 MAN YA . -34.08 -22.38 -2.79
C1 MAN YA . -19.30 -25.14 -5.14
C2 MAN YA . -19.17 -25.15 -3.61
C3 MAN YA . -19.41 -23.73 -3.11
C4 MAN YA . -18.38 -22.78 -3.70
C5 MAN YA . -18.49 -22.80 -5.23
C6 MAN YA . -17.41 -22.01 -5.92
O2 MAN YA . -17.83 -25.48 -3.23
O3 MAN YA . -19.43 -23.63 -1.69
O4 MAN YA . -18.62 -21.46 -3.24
O5 MAN YA . -18.41 -24.19 -5.71
O6 MAN YA . -17.89 -21.61 -7.19
C1 MAN YA . -17.80 -26.45 -2.16
C2 MAN YA . -16.35 -26.45 -1.58
C3 MAN YA . -15.40 -27.11 -2.58
C4 MAN YA . -15.89 -28.51 -2.98
C5 MAN YA . -17.31 -28.42 -3.55
C6 MAN YA . -17.91 -29.79 -3.82
O2 MAN YA . -16.26 -27.22 -0.39
O3 MAN YA . -14.08 -27.19 -2.05
O4 MAN YA . -15.03 -29.05 -3.98
O5 MAN YA . -18.19 -27.76 -2.59
O6 MAN YA . -18.10 -30.43 -2.56
C1 NAG ZA . -27.47 -29.87 -22.13
C2 NAG ZA . -28.39 -30.47 -23.18
C3 NAG ZA . -29.85 -30.29 -22.77
C4 NAG ZA . -30.09 -30.83 -21.37
C5 NAG ZA . -29.09 -30.24 -20.39
C6 NAG ZA . -29.16 -30.87 -19.01
C7 NAG ZA . -27.70 -30.60 -25.52
C8 NAG ZA . -27.50 -29.83 -26.79
N2 NAG ZA . -28.15 -29.89 -24.49
O3 NAG ZA . -30.68 -30.96 -23.71
O4 NAG ZA . -31.42 -30.49 -20.96
O5 NAG ZA . -27.75 -30.46 -20.86
O6 NAG ZA . -28.70 -32.21 -19.05
O7 NAG ZA . -27.47 -31.80 -25.44
C1 NAG ZA . -32.24 -31.68 -20.83
C2 NAG ZA . -33.70 -31.25 -20.62
C3 NAG ZA . -34.60 -32.48 -20.52
C4 NAG ZA . -34.40 -33.40 -21.72
C5 NAG ZA . -32.92 -33.73 -21.87
C6 NAG ZA . -32.63 -34.56 -23.11
C7 NAG ZA . -33.76 -29.10 -19.44
C8 NAG ZA . -33.93 -28.41 -18.12
N2 NAG ZA . -33.83 -30.43 -19.42
O3 NAG ZA . -35.96 -32.05 -20.46
O4 NAG ZA . -35.14 -34.59 -21.54
O5 NAG ZA . -32.15 -32.54 -21.98
O6 NAG ZA . -31.23 -34.76 -23.28
O7 NAG ZA . -33.58 -28.47 -20.48
C1 NAG AB . -15.94 -39.71 -7.63
C2 NAG AB . -17.24 -40.51 -7.49
C3 NAG AB . -17.75 -40.46 -6.05
C4 NAG AB . -16.65 -40.80 -5.04
C5 NAG AB . -15.40 -39.98 -5.32
C6 NAG AB . -14.24 -40.35 -4.44
C7 NAG AB . -18.31 -40.32 -9.69
C8 NAG AB . -19.43 -39.70 -10.47
N2 NAG AB . -18.25 -40.00 -8.40
O3 NAG AB . -18.83 -41.38 -5.92
O4 NAG AB . -17.10 -40.45 -3.74
O5 NAG AB . -14.99 -40.17 -6.68
O6 NAG AB . -13.01 -39.91 -5.01
O7 NAG AB . -17.50 -41.08 -10.21
C1 NAG AB . -17.42 -41.53 -2.86
C2 NAG AB . -17.11 -41.01 -1.46
C3 NAG AB . -17.58 -41.99 -0.39
C4 NAG AB . -19.06 -42.28 -0.57
C5 NAG AB . -19.26 -42.88 -1.96
C6 NAG AB . -20.71 -43.17 -2.27
C7 NAG AB . -15.20 -39.70 -0.64
C8 NAG AB . -13.71 -39.59 -0.57
N2 NAG AB . -15.68 -40.75 -1.31
O3 NAG AB . -17.36 -41.42 0.90
O4 NAG AB . -19.65 -43.05 0.47
O5 NAG AB . -18.81 -41.93 -2.94
O6 NAG AB . -21.22 -42.25 -3.23
O7 NAG AB . -15.93 -38.87 -0.10
C1 BMA AB . -19.03 -44.28 0.90
C2 BMA AB . -18.64 -44.13 2.40
C3 BMA AB . -18.24 -45.49 3.00
C4 BMA AB . -19.29 -46.56 2.71
C5 BMA AB . -19.49 -46.68 1.20
C6 BMA AB . -20.55 -47.70 0.84
O2 BMA AB . -19.73 -43.66 3.16
O3 BMA AB . -18.01 -45.39 4.40
O4 BMA AB . -18.88 -47.81 3.24
O5 BMA AB . -19.91 -45.38 0.68
O6 BMA AB . -20.39 -48.82 1.70
C1 NAG BB . -22.57 -35.06 -25.63
C2 NAG BB . -22.75 -35.69 -24.26
C3 NAG BB . -22.08 -37.05 -24.21
C4 NAG BB . -22.59 -37.95 -25.35
C5 NAG BB . -22.45 -37.22 -26.69
C6 NAG BB . -23.10 -37.96 -27.83
C7 NAG BB . -22.94 -34.49 -22.13
C8 NAG BB . -22.25 -33.60 -21.15
N2 NAG BB . -22.23 -34.83 -23.21
O3 NAG BB . -22.35 -37.65 -22.95
O4 NAG BB . -21.80 -39.14 -25.43
O5 NAG BB . -23.09 -35.94 -26.62
O6 NAG BB . -24.33 -37.35 -28.19
O7 NAG BB . -24.09 -34.88 -21.96
C1 NAG BB . -22.49 -40.26 -24.84
C2 NAG BB . -22.03 -41.55 -25.51
C3 NAG BB . -22.70 -42.76 -24.86
C4 NAG BB . -22.47 -42.76 -23.35
C5 NAG BB . -22.81 -41.41 -22.74
C6 NAG BB . -22.38 -41.30 -21.30
C7 NAG BB . -23.33 -41.48 -27.65
C8 NAG BB . -23.19 -41.52 -29.15
N2 NAG BB . -22.19 -41.56 -26.96
O3 NAG BB . -22.20 -43.92 -25.50
O4 NAG BB . -23.34 -43.69 -22.71
O5 NAG BB . -22.18 -40.33 -23.45
O6 NAG BB . -21.48 -40.21 -21.12
O7 NAG BB . -24.44 -41.38 -27.12
C1 BMA BB . -22.79 -45.01 -22.55
C2 BMA BB . -23.22 -45.60 -21.21
C3 BMA BB . -22.97 -47.12 -21.16
C4 BMA BB . -23.38 -47.84 -22.46
C5 BMA BB . -22.80 -47.09 -23.64
C6 BMA BB . -23.23 -47.69 -24.94
O2 BMA BB . -24.60 -45.43 -21.04
O3 BMA BB . -23.70 -47.65 -20.05
O4 BMA BB . -22.91 -49.16 -22.50
O5 BMA BB . -23.29 -45.79 -23.60
O6 BMA BB . -24.62 -47.89 -24.87
C1 MAN BB . -25.11 -48.16 -26.19
C2 MAN BB . -26.57 -47.71 -26.21
C3 MAN BB . -27.42 -48.65 -25.35
C4 MAN BB . -27.17 -50.14 -25.69
C5 MAN BB . -25.67 -50.44 -25.61
C6 MAN BB . -25.30 -51.87 -25.97
O2 MAN BB . -27.11 -47.81 -27.52
O3 MAN BB . -28.78 -48.33 -25.51
O4 MAN BB . -27.83 -50.98 -24.76
O5 MAN BB . -24.99 -49.54 -26.51
O6 MAN BB . -25.68 -52.11 -27.32
C1 MAN BB . -29.33 -48.12 -24.20
C2 MAN BB . -30.67 -48.90 -24.15
C3 MAN BB . -31.75 -48.17 -24.94
C4 MAN BB . -31.85 -46.69 -24.54
C5 MAN BB . -30.48 -46.02 -24.73
C6 MAN BB . -30.47 -44.58 -24.29
O2 MAN BB . -31.16 -49.01 -22.82
O3 MAN BB . -33.02 -48.80 -24.78
O4 MAN BB . -32.81 -46.03 -25.35
O5 MAN BB . -29.50 -46.72 -23.93
O6 MAN BB . -31.72 -44.01 -24.63
C1 MAN BB . -30.64 -50.22 -22.22
C2 MAN BB . -31.76 -50.80 -21.35
C3 MAN BB . -32.05 -49.86 -20.17
C4 MAN BB . -30.76 -49.45 -19.42
C5 MAN BB . -29.71 -48.92 -20.42
C6 MAN BB . -28.37 -48.63 -19.79
O2 MAN BB . -31.37 -52.05 -20.78
O3 MAN BB . -32.97 -50.43 -19.25
O4 MAN BB . -31.05 -48.43 -18.49
O5 MAN BB . -29.51 -49.92 -21.44
O6 MAN BB . -28.41 -47.33 -19.23
C1 MAN BB . -26.30 -53.42 -27.37
C2 MAN BB . -25.22 -54.46 -27.83
C3 MAN BB . -24.94 -54.32 -29.33
C4 MAN BB . -26.23 -54.30 -30.16
C5 MAN BB . -27.14 -53.17 -29.64
C6 MAN BB . -28.46 -53.10 -30.36
O2 MAN BB . -25.71 -55.80 -27.67
O3 MAN BB . -24.06 -55.34 -29.81
O4 MAN BB . -25.93 -54.07 -31.53
O5 MAN BB . -27.42 -53.42 -28.24
O6 MAN BB . -29.39 -52.49 -29.47
C1 MAN BB . -22.95 -48.64 -19.29
C2 MAN BB . -23.96 -49.17 -18.23
C3 MAN BB . -24.16 -48.16 -17.12
C4 MAN BB . -22.83 -47.73 -16.52
C5 MAN BB . -21.95 -47.14 -17.61
C6 MAN BB . -20.58 -46.81 -17.11
O2 MAN BB . -23.49 -50.35 -17.59
O3 MAN BB . -25.01 -48.64 -16.10
O4 MAN BB . -23.04 -46.75 -15.53
O5 MAN BB . -21.78 -48.10 -18.68
O6 MAN BB . -20.73 -46.13 -15.88
C1 MAN BB . -24.40 -51.41 -17.93
C2 MAN BB . -24.76 -52.16 -16.62
C3 MAN BB . -23.56 -52.94 -16.11
C4 MAN BB . -22.86 -53.75 -17.22
C5 MAN BB . -22.55 -52.83 -18.40
C6 MAN BB . -21.93 -53.56 -19.56
O2 MAN BB . -25.79 -53.12 -16.81
O3 MAN BB . -23.95 -53.82 -15.07
O4 MAN BB . -21.65 -54.26 -16.72
O5 MAN BB . -23.79 -52.27 -18.85
O6 MAN BB . -22.83 -54.59 -19.96
C1 NAG CB . -8.37 -26.31 -39.39
C2 NAG CB . -7.49 -26.74 -38.24
C3 NAG CB . -6.20 -27.35 -38.77
C4 NAG CB . -6.51 -28.49 -39.75
C5 NAG CB . -7.48 -28.03 -40.83
C6 NAG CB . -7.98 -29.15 -41.69
C7 NAG CB . -7.29 -25.74 -36.01
C8 NAG CB . -6.94 -24.52 -35.23
N2 NAG CB . -7.19 -25.63 -37.35
O3 NAG CB . -5.44 -27.81 -37.67
O4 NAG CB . -5.31 -28.92 -40.39
O5 NAG CB . -8.65 -27.42 -40.23
O6 NAG CB . -9.38 -29.06 -41.91
O7 NAG CB . -7.64 -26.79 -35.48
C1 NAG CB . -4.82 -30.16 -39.83
C2 NAG CB . -4.24 -31.03 -40.93
C3 NAG CB . -3.75 -32.33 -40.34
C4 NAG CB . -2.74 -32.07 -39.22
C5 NAG CB . -3.28 -31.08 -38.21
C6 NAG CB . -2.22 -30.59 -37.25
C7 NAG CB . -5.02 -30.81 -43.24
C8 NAG CB . -6.09 -31.15 -44.22
N2 NAG CB . -5.20 -31.26 -42.00
O3 NAG CB . -3.18 -33.11 -41.38
O4 NAG CB . -2.46 -33.27 -38.50
O5 NAG CB . -3.81 -29.89 -38.85
O6 NAG CB . -2.55 -29.32 -36.70
O7 NAG CB . -4.02 -30.17 -43.56
C1 BMA CB . -1.35 -34.12 -38.89
C2 BMA CB . -0.13 -33.34 -39.46
C3 BMA CB . 0.94 -34.36 -39.86
C4 BMA CB . 1.31 -35.29 -38.67
C5 BMA CB . 0.03 -35.92 -38.06
C6 BMA CB . 0.32 -36.69 -36.78
O2 BMA CB . 0.48 -32.53 -38.48
O3 BMA CB . 2.11 -33.72 -40.34
O4 BMA CB . 2.17 -36.32 -39.11
O5 BMA CB . -0.91 -34.88 -37.76
O6 BMA CB . 0.72 -35.76 -35.78
C1 NAG DB . -9.94 -30.17 -34.38
C2 NAG DB . -8.50 -30.63 -34.52
C3 NAG DB . -8.25 -31.15 -35.94
C4 NAG DB . -9.26 -32.23 -36.30
C5 NAG DB . -10.67 -31.69 -36.11
C6 NAG DB . -11.75 -32.72 -36.36
C7 NAG DB . -6.42 -29.80 -33.55
C8 NAG DB . -5.57 -28.61 -33.28
N2 NAG DB . -7.57 -29.58 -34.19
O3 NAG DB . -6.93 -31.65 -36.03
O4 NAG DB . -9.10 -32.66 -37.65
O5 NAG DB . -10.83 -31.22 -34.77
O6 NAG DB . -11.34 -34.00 -35.89
O7 NAG DB . -6.08 -30.93 -33.21
C1 NAG DB . -8.47 -33.96 -37.77
C2 NAG DB . -8.30 -34.23 -39.27
C3 NAG DB . -7.47 -35.50 -39.53
C4 NAG DB . -6.20 -35.53 -38.68
C5 NAG DB . -6.55 -35.25 -37.22
C6 NAG DB . -5.34 -35.16 -36.33
C7 NAG DB . -10.01 -33.43 -40.83
C8 NAG DB . -11.36 -33.68 -41.42
N2 NAG DB . -9.59 -34.32 -39.94
O3 NAG DB . -7.15 -35.44 -40.92
O4 NAG DB . -5.45 -36.74 -38.68
O5 NAG DB . -7.22 -33.99 -37.13
O6 NAG DB . -5.67 -35.43 -34.97
O7 NAG DB . -9.34 -32.45 -41.15
C1 BMA DB . -5.74 -37.89 -39.51
C2 BMA DB . -4.64 -37.95 -40.60
C3 BMA DB . -4.79 -39.22 -41.44
C4 BMA DB . -4.92 -40.48 -40.57
C5 BMA DB . -6.06 -40.28 -39.53
C6 BMA DB . -6.18 -41.44 -38.57
O2 BMA DB . -3.36 -38.04 -39.99
O3 BMA DB . -3.71 -39.36 -42.35
O4 BMA DB . -5.21 -41.60 -41.38
O5 BMA DB . -5.79 -39.09 -38.76
O6 BMA DB . -4.88 -41.78 -38.11
C1 MAN DB . -4.92 -43.17 -37.73
C2 MAN DB . -3.77 -43.45 -36.72
C3 MAN DB . -2.40 -43.55 -37.43
C4 MAN DB . -2.46 -44.46 -38.67
C5 MAN DB . -3.56 -43.94 -39.61
C6 MAN DB . -3.72 -44.77 -40.87
O2 MAN DB . -3.96 -44.70 -36.05
O3 MAN DB . -1.37 -44.00 -36.55
O4 MAN DB . -1.22 -44.45 -39.35
O5 MAN DB . -4.82 -43.99 -38.91
O6 MAN DB . -4.86 -44.26 -41.57
C1 NAG EB . -16.62 -30.10 -42.25
C2 NAG EB . -15.90 -31.31 -41.65
C3 NAG EB . -15.72 -32.40 -42.71
C4 NAG EB . -17.06 -32.75 -43.34
C5 NAG EB . -17.70 -31.49 -43.90
C6 NAG EB . -19.08 -31.72 -44.48
C7 NAG EB . -14.18 -31.38 -39.91
C8 NAG EB . -12.84 -30.88 -39.48
N2 NAG EB . -14.61 -30.94 -41.09
O3 NAG EB . -15.12 -33.54 -42.08
O4 NAG EB . -16.90 -33.70 -44.41
O5 NAG EB . -17.85 -30.52 -42.85
O6 NAG EB . -19.38 -30.77 -45.51
O7 NAG EB . -14.84 -32.15 -39.22
C1 NAG EB . -17.29 -35.03 -43.99
C2 NAG EB . -18.10 -35.74 -45.06
C3 NAG EB . -18.44 -37.16 -44.61
C4 NAG EB . -17.17 -37.92 -44.25
C5 NAG EB . -16.38 -37.15 -43.20
C6 NAG EB . -15.05 -37.77 -42.87
C7 NAG EB . -19.89 -34.99 -46.58
C8 NAG EB . -21.14 -34.17 -46.72
N2 NAG EB . -19.32 -35.01 -45.37
O3 NAG EB . -19.14 -37.84 -45.64
O4 NAG EB . -17.50 -39.20 -43.73
O5 NAG EB . -16.11 -35.81 -43.67
O6 NAG EB . -14.09 -36.79 -42.52
O7 NAG EB . -19.41 -35.62 -47.52
C1 BMA EB . -17.16 -40.30 -44.63
C2 BMA EB . -18.49 -41.13 -44.88
C3 BMA EB . -18.38 -42.04 -46.13
C4 BMA EB . -17.65 -41.36 -47.31
C5 BMA EB . -16.30 -40.89 -46.82
C6 BMA EB . -15.42 -40.33 -47.92
O2 BMA EB . -19.60 -40.28 -45.10
O3 BMA EB . -19.66 -42.49 -46.55
O4 BMA EB . -17.49 -42.27 -48.37
O5 BMA EB . -16.54 -39.85 -45.86
O6 BMA EB . -14.07 -40.46 -47.51
C1 NAG FB . -30.34 -18.75 -20.95
C2 NAG FB . -30.68 -18.88 -19.46
C3 NAG FB . -31.99 -19.67 -19.26
C4 NAG FB . -33.11 -19.12 -20.13
C5 NAG FB . -32.65 -18.97 -21.58
C6 NAG FB . -33.66 -18.29 -22.47
C7 NAG FB . -29.07 -20.71 -18.82
C8 NAG FB . -27.96 -21.04 -17.87
N2 NAG FB . -29.59 -19.47 -18.68
O3 NAG FB . -32.35 -19.60 -17.88
O4 NAG FB . -34.19 -20.04 -20.11
O5 NAG FB . -31.46 -18.17 -21.64
O6 NAG FB . -33.90 -19.04 -23.65
O7 NAG FB . -29.45 -21.51 -19.66
C1 NAG FB . -35.35 -19.59 -19.37
C2 NAG FB . -36.18 -20.84 -19.10
C3 NAG FB . -37.44 -20.48 -18.32
C4 NAG FB . -37.08 -19.73 -17.05
C5 NAG FB . -36.21 -18.51 -17.38
C6 NAG FB . -35.69 -17.79 -16.16
C7 NAG FB . -36.13 -22.76 -20.61
C8 NAG FB . -36.57 -23.33 -21.93
N2 NAG FB . -36.52 -21.52 -20.34
O3 NAG FB . -38.15 -21.67 -18.04
O4 NAG FB . -38.24 -19.28 -16.37
O5 NAG FB . -35.04 -18.93 -18.13
O6 NAG FB . -34.29 -17.86 -16.06
O7 NAG FB . -35.44 -23.41 -19.83
C1 BMA FB . -38.53 -20.12 -15.22
C2 BMA FB . -38.29 -19.32 -13.91
C3 BMA FB . -38.62 -20.23 -12.72
C4 BMA FB . -40.01 -20.92 -12.84
C5 BMA FB . -40.18 -21.58 -14.24
C6 BMA FB . -41.59 -22.09 -14.48
O2 BMA FB . -39.19 -18.23 -13.82
O3 BMA FB . -38.54 -19.53 -11.49
O4 BMA FB . -40.15 -21.91 -11.84
O5 BMA FB . -39.87 -20.61 -15.26
O6 BMA FB . -42.04 -22.74 -13.30
C1 NAG GB . -46.25 10.06 12.20
C2 NAG GB . -46.62 9.99 13.68
C3 NAG GB . -46.73 8.53 14.12
C4 NAG GB . -47.69 7.76 13.21
C5 NAG GB . -47.29 7.93 11.75
C6 NAG GB . -48.28 7.32 10.79
C7 NAG GB . -46.01 11.45 15.55
C8 NAG GB . -44.89 12.10 16.29
N2 NAG GB . -45.66 10.70 14.50
O3 NAG GB . -47.18 8.50 15.48
O4 NAG GB . -47.65 6.37 13.52
O5 NAG GB . -47.20 9.33 11.42
O6 NAG GB . -49.61 7.41 11.30
O7 NAG GB . -47.18 11.59 15.88
C1 NAG GB . -48.82 5.96 14.25
C2 NAG GB . -49.16 4.51 13.91
C3 NAG GB . -50.31 4.01 14.77
C4 NAG GB . -50.01 4.22 16.24
C5 NAG GB . -49.70 5.69 16.50
C6 NAG GB . -49.30 6.00 17.93
C7 NAG GB . -49.07 3.35 11.75
C8 NAG GB . -49.49 3.38 10.30
N2 NAG GB . -49.47 4.37 12.49
O3 NAG GB . -50.55 2.64 14.49
O4 NAG GB . -51.11 3.81 17.05
O5 NAG GB . -48.60 6.08 15.67
O6 NAG GB . -49.60 7.34 18.26
O7 NAG GB . -48.38 2.44 12.20
C1 BMA GB . -50.76 2.60 17.78
C2 BMA GB . -51.55 2.59 19.12
C3 BMA GB . -51.39 1.23 19.82
C4 BMA GB . -51.66 0.04 18.86
C5 BMA GB . -50.75 0.17 17.63
C6 BMA GB . -50.96 -0.92 16.61
O2 BMA GB . -52.93 2.77 18.90
O3 BMA GB . -52.23 1.12 20.96
O4 BMA GB . -51.42 -1.18 19.52
O5 BMA GB . -51.03 1.44 17.00
O6 BMA GB . -51.15 -2.15 17.31
C1 NAG HB . -54.07 19.51 5.96
C2 NAG HB . -53.98 19.55 4.43
C3 NAG HB . -55.25 18.97 3.80
C4 NAG HB . -55.50 17.56 4.31
C5 NAG HB . -55.58 17.58 5.84
C6 NAG HB . -55.73 16.20 6.45
C7 NAG HB . -53.10 21.23 2.87
C8 NAG HB . -53.01 22.69 2.54
N2 NAG HB . -53.78 20.92 3.97
O3 NAG HB . -55.12 18.95 2.38
O4 NAG HB . -56.73 17.05 3.79
O5 NAG HB . -54.38 18.15 6.39
O6 NAG HB . -57.09 15.82 6.57
O7 NAG HB . -52.59 20.37 2.15
C1 NAG HB . -56.54 15.97 2.84
C2 NAG HB . -57.88 15.52 2.24
C3 NAG HB . -57.66 14.49 1.13
C4 NAG HB . -56.63 14.98 0.11
C5 NAG HB . -55.35 15.38 0.84
C6 NAG HB . -54.31 15.97 -0.09
C7 NAG HB . -60.09 15.01 3.22
C8 NAG HB . -60.82 14.36 4.36
N2 NAG HB . -58.74 14.95 3.27
O3 NAG HB . -58.90 14.23 0.48
O4 NAG HB . -56.35 13.95 -0.83
O5 NAG HB . -55.66 16.40 1.80
O6 NAG HB . -53.25 16.58 0.64
O7 NAG HB . -60.67 15.56 2.30
C1 BMA HB . -56.91 14.30 -2.12
C2 BMA HB . -55.74 14.51 -3.12
C3 BMA HB . -56.32 14.75 -4.50
C4 BMA HB . -57.23 13.59 -4.91
C5 BMA HB . -58.38 13.49 -3.87
C6 BMA HB . -59.33 12.35 -4.14
O2 BMA HB . -54.96 13.33 -3.20
O3 BMA HB . -55.29 14.95 -5.46
O4 BMA HB . -57.75 13.80 -6.20
O5 BMA HB . -57.81 13.29 -2.55
O6 BMA HB . -59.62 12.32 -5.52
C1 NAG IB . -36.82 21.00 32.22
C2 NAG IB . -37.91 21.81 32.91
C3 NAG IB . -39.11 20.91 33.22
C4 NAG IB . -39.59 20.19 31.96
C5 NAG IB . -38.43 19.45 31.31
C6 NAG IB . -38.80 18.82 29.98
C7 NAG IB . -36.75 23.59 34.12
C8 NAG IB . -36.30 24.09 35.46
N2 NAG IB . -37.41 22.43 34.12
O3 NAG IB . -40.16 21.70 33.77
O4 NAG IB . -40.62 19.26 32.30
O5 NAG IB . -37.35 20.36 31.05
O6 NAG IB . -38.98 19.81 28.98
O7 NAG IB . -36.52 24.21 33.08
C1 NAG IB . -41.91 19.66 31.78
C2 NAG IB . -43.00 18.90 32.56
C3 NAG IB . -44.38 19.34 32.08
C4 NAG IB . -44.54 20.86 32.14
C5 NAG IB . -43.41 21.52 31.36
C6 NAG IB . -43.43 23.03 31.47
C7 NAG IB . -42.16 16.73 33.31
C8 NAG IB . -42.08 15.26 33.03
N2 NAG IB . -42.84 17.47 32.44
O3 NAG IB . -45.38 18.71 32.89
O4 NAG IB . -45.79 21.24 31.59
O5 NAG IB . -42.14 21.09 31.88
O6 NAG IB . -42.39 23.51 32.31
O7 NAG IB . -41.62 17.23 34.30
C1 NAG JB . 14.64 -34.77 31.43
C2 NAG JB . 15.42 -35.98 31.89
C3 NAG JB . 14.61 -37.27 31.67
C4 NAG JB . 13.20 -37.16 32.23
C5 NAG JB . 12.55 -35.82 31.85
C6 NAG JB . 11.28 -35.53 32.63
C7 NAG JB . 17.05 -36.22 29.98
C8 NAG JB . 18.51 -36.29 29.67
N2 NAG JB . 16.76 -36.08 31.30
O3 NAG JB . 15.31 -38.35 32.28
O4 NAG JB . 12.42 -38.19 31.63
O5 NAG JB . 13.42 -34.71 32.11
O6 NAG JB . 11.51 -35.69 34.03
O7 NAG JB . 16.20 -36.28 29.10
C1 NAG JB . 11.79 -39.17 32.51
C2 NAG JB . 12.75 -40.35 32.75
C3 NAG JB . 12.10 -41.37 33.66
C4 NAG JB . 11.61 -40.73 34.95
C5 NAG JB . 10.72 -39.53 34.64
C6 NAG JB . 10.31 -38.76 35.88
C7 NAG JB . 14.42 -41.27 31.21
C8 NAG JB . 14.66 -41.88 29.86
N2 NAG JB . 13.15 -40.94 31.49
O3 NAG JB . 13.06 -42.39 33.96
O4 NAG JB . 10.86 -41.68 35.71
O5 NAG JB . 11.41 -38.59 33.80
O6 NAG JB . 9.09 -38.07 35.68
O7 NAG JB . 15.33 -41.06 32.01
C1 NAG KB . 18.22 -32.24 44.66
C2 NAG KB . 18.33 -32.04 46.17
C3 NAG KB . 18.02 -33.34 46.90
C4 NAG KB . 16.70 -33.93 46.45
C5 NAG KB . 16.65 -34.03 44.94
C6 NAG KB . 15.30 -34.47 44.40
C7 NAG KB . 19.98 -30.25 46.52
C8 NAG KB . 21.38 -29.93 46.91
N2 NAG KB . 19.64 -31.55 46.53
O3 NAG KB . 18.00 -33.09 48.30
O4 NAG KB . 16.57 -35.24 46.98
O5 NAG KB . 16.93 -32.75 44.35
O6 NAG KB . 15.14 -35.88 44.52
O7 NAG KB . 19.18 -29.38 46.20
C1 NAG KB . 15.59 -35.35 48.03
C2 NAG KB . 15.67 -36.82 48.47
C3 NAG KB . 14.73 -37.07 49.64
C4 NAG KB . 15.01 -36.09 50.77
C5 NAG KB . 14.89 -34.66 50.24
C6 NAG KB . 15.23 -33.61 51.27
C7 NAG KB . 16.12 -38.75 47.02
C8 NAG KB . 15.64 -39.57 45.87
N2 NAG KB . 15.35 -37.71 47.37
O3 NAG KB . 14.91 -38.40 50.11
O4 NAG KB . 14.20 -36.31 51.93
O5 NAG KB . 15.81 -34.49 49.16
O6 NAG KB . 16.62 -33.31 51.26
O7 NAG KB . 17.16 -39.01 47.62
C1 BMA KB . 12.76 -36.37 51.73
C2 BMA KB . 12.25 -37.79 52.16
C3 BMA KB . 10.88 -37.67 52.72
C4 BMA KB . 10.93 -36.90 54.03
C5 BMA KB . 11.56 -35.49 53.82
C6 BMA KB . 12.65 -35.16 54.82
O2 BMA KB . 13.07 -38.34 53.17
O3 BMA KB . 10.32 -38.96 52.92
O4 BMA KB . 9.63 -36.74 54.56
O5 BMA KB . 12.07 -35.29 52.42
O6 BMA KB . 12.12 -35.32 56.13
C1 MAN KB . 9.35 -39.23 51.89
C2 MAN KB . 8.44 -40.37 52.40
C3 MAN KB . 9.22 -41.69 52.42
C4 MAN KB . 9.84 -42.00 51.05
C5 MAN KB . 10.74 -40.83 50.63
C6 MAN KB . 11.31 -40.99 49.23
O2 MAN KB . 7.34 -40.59 51.52
O3 MAN KB . 8.42 -42.77 52.86
O4 MAN KB . 10.61 -43.18 51.13
O5 MAN KB . 9.96 -39.60 50.64
O6 MAN KB . 10.33 -40.56 48.30
C1 NAG LB . 22.62 -25.73 27.48
C2 NAG LB . 23.55 -25.30 28.61
C3 NAG LB . 24.90 -24.92 28.04
C4 NAG LB . 25.49 -26.06 27.20
C5 NAG LB . 24.47 -26.48 26.13
C6 NAG LB . 24.90 -27.71 25.36
C7 NAG LB . 22.10 -24.39 30.36
C8 NAG LB . 21.62 -23.14 31.04
N2 NAG LB . 22.98 -24.21 29.37
O3 NAG LB . 25.80 -24.61 29.11
O4 NAG LB . 26.68 -25.61 26.57
O5 NAG LB . 23.21 -26.80 26.75
O6 NAG LB . 23.87 -28.13 24.48
O7 NAG LB . 21.71 -25.49 30.68
C1 NAG LB . 27.81 -26.32 27.10
C2 NAG LB . 29.04 -25.90 26.31
C3 NAG LB . 30.26 -26.64 26.81
C4 NAG LB . 30.44 -26.44 28.31
C5 NAG LB . 29.14 -26.77 29.06
C6 NAG LB . 29.17 -26.39 30.52
C7 NAG LB . 28.76 -25.15 23.98
C8 NAG LB . 28.55 -25.57 22.57
N2 NAG LB . 28.84 -26.14 24.88
O3 NAG LB . 31.42 -26.18 26.13
O4 NAG LB . 31.47 -27.31 28.77
O5 NAG LB . 28.03 -26.05 28.48
O6 NAG LB . 28.09 -26.96 31.25
O7 NAG LB . 28.86 -23.98 24.32
C1 BMA LB . 32.59 -26.52 29.26
C2 BMA LB . 33.65 -27.47 29.83
C3 BMA LB . 34.78 -26.62 30.40
C4 BMA LB . 35.35 -25.64 29.35
C5 BMA LB . 34.19 -24.82 28.72
C6 BMA LB . 34.63 -23.93 27.59
O2 BMA LB . 34.23 -28.27 28.82
O3 BMA LB . 35.82 -27.40 30.98
O4 BMA LB . 36.26 -24.76 29.96
O5 BMA LB . 33.19 -25.73 28.23
O6 BMA LB . 35.37 -24.70 26.66
C1 MAN LB . 35.69 -27.26 32.42
C2 MAN LB . 37.08 -27.50 33.08
C3 MAN LB . 37.40 -29.01 33.20
C4 MAN LB . 36.20 -29.82 33.73
C5 MAN LB . 34.99 -29.55 32.85
C6 MAN LB . 33.77 -30.32 33.27
O2 MAN LB . 37.11 -27.00 34.41
O3 MAN LB . 38.54 -29.25 34.02
O4 MAN LB . 36.50 -31.20 33.73
O5 MAN LB . 34.68 -28.15 32.93
O6 MAN LB . 34.17 -31.68 33.41
C1 MAN LB . 38.05 -25.92 34.51
C2 MAN LB . 38.44 -25.80 36.00
C3 MAN LB . 37.26 -25.29 36.81
C4 MAN LB . 36.66 -23.99 36.20
C5 MAN LB . 36.33 -24.20 34.72
C6 MAN LB . 35.90 -22.93 34.02
O2 MAN LB . 39.47 -24.83 36.20
O3 MAN LB . 37.60 -25.07 38.17
O4 MAN LB . 35.49 -23.62 36.90
O5 MAN LB . 37.50 -24.71 34.02
O6 MAN LB . 37.00 -22.02 34.06
C1 MAN LB . 36.45 -23.87 26.17
C2 MAN LB . 36.42 -23.91 24.60
C3 MAN LB . 37.10 -25.18 24.05
C4 MAN LB . 38.43 -25.47 24.75
C5 MAN LB . 38.18 -25.59 26.25
C6 MAN LB . 39.44 -25.91 27.03
O2 MAN LB . 37.16 -22.82 24.05
O3 MAN LB . 37.29 -25.09 22.64
O4 MAN LB . 38.99 -26.67 24.28
O5 MAN LB . 37.70 -24.31 26.72
O6 MAN LB . 40.00 -27.09 26.48
C1 NAG MB . 23.48 -30.33 12.65
C2 NAG MB . 22.85 -31.58 13.29
C3 NAG MB . 23.85 -32.73 13.34
C4 NAG MB . 24.45 -32.99 11.96
C5 NAG MB . 25.03 -31.70 11.39
C6 NAG MB . 25.52 -31.86 9.97
C7 NAG MB . 22.87 -30.87 15.70
C8 NAG MB . 21.99 -30.69 16.90
N2 NAG MB . 22.25 -31.31 14.59
O3 NAG MB . 23.17 -33.89 13.82
O4 NAG MB . 25.48 -33.96 12.06
O5 NAG MB . 24.02 -30.67 11.36
O6 NAG MB . 24.55 -31.42 9.03
O7 NAG MB . 24.08 -30.65 15.75
C1 NAG MB . 25.05 -35.23 11.53
C2 NAG MB . 26.27 -36.12 11.27
C3 NAG MB . 25.81 -37.50 10.80
C4 NAG MB . 24.84 -38.11 11.81
C5 NAG MB . 23.67 -37.16 12.02
C6 NAG MB . 22.70 -37.64 13.09
C7 NAG MB . 28.30 -34.93 10.62
C8 NAG MB . 29.10 -34.36 9.49
N2 NAG MB . 27.15 -35.52 10.29
O3 NAG MB . 26.96 -38.33 10.64
O4 NAG MB . 24.38 -39.37 11.34
O5 NAG MB . 24.16 -35.89 12.45
O6 NAG MB . 23.35 -37.76 14.34
O7 NAG MB . 28.68 -34.85 11.78
C1 BMA MB . 24.90 -40.43 12.19
C2 BMA MB . 24.21 -41.78 11.81
C3 BMA MB . 24.84 -42.92 12.62
C4 BMA MB . 26.39 -42.92 12.48
C5 BMA MB . 26.90 -41.54 12.93
C6 BMA MB . 28.41 -41.42 12.89
O2 BMA MB . 24.42 -42.10 10.44
O3 BMA MB . 24.28 -44.21 12.29
O4 BMA MB . 26.98 -43.92 13.29
O5 BMA MB . 26.32 -40.55 12.06
O6 BMA MB . 28.85 -41.76 11.58
C1 MAN MB . 23.83 -44.96 13.45
C2 MAN MB . 22.25 -44.99 13.41
C3 MAN MB . 21.65 -44.14 14.50
C4 MAN MB . 22.19 -44.63 15.82
C5 MAN MB . 23.63 -44.16 15.93
C6 MAN MB . 24.37 -44.74 17.11
O2 MAN MB . 21.78 -46.29 13.71
O3 MAN MB . 20.24 -44.21 14.50
O4 MAN MB . 21.42 -44.09 16.88
O5 MAN MB . 24.43 -44.46 14.71
O6 MAN MB . 25.64 -44.11 17.20
C1 MAN MB . 21.43 -47.01 12.51
C2 MAN MB . 20.00 -46.59 12.09
C3 MAN MB . 18.93 -47.17 13.05
C4 MAN MB . 19.18 -48.67 13.39
C5 MAN MB . 20.65 -48.88 13.82
C6 MAN MB . 21.00 -50.32 14.11
O2 MAN MB . 19.68 -47.06 10.77
O3 MAN MB . 17.61 -46.98 12.56
O4 MAN MB . 18.32 -49.08 14.43
O5 MAN MB . 21.51 -48.40 12.76
O6 MAN MB . 20.91 -51.06 12.90
C1 MAN MB . 19.39 -45.93 9.91
C2 MAN MB . 18.85 -46.48 8.55
C3 MAN MB . 20.00 -46.97 7.65
C4 MAN MB . 21.09 -45.89 7.52
C5 MAN MB . 21.65 -45.57 8.90
C6 MAN MB . 22.72 -44.50 8.87
O2 MAN MB . 18.21 -45.44 7.80
O3 MAN MB . 19.54 -47.36 6.37
O4 MAN MB . 22.13 -46.37 6.69
O5 MAN MB . 20.56 -45.08 9.75
O6 MAN MB . 23.69 -44.87 7.90
C1 MAN MB . 29.45 -40.60 10.96
C2 MAN MB . 29.58 -40.93 9.45
C3 MAN MB . 30.68 -41.96 9.24
C4 MAN MB . 32.02 -41.47 9.85
C5 MAN MB . 31.81 -41.21 11.36
C6 MAN MB . 33.04 -40.63 12.03
O2 MAN MB . 29.99 -39.78 8.71
O3 MAN MB . 30.81 -42.30 7.86
O4 MAN MB . 33.03 -42.46 9.69
O5 MAN MB . 30.72 -40.26 11.55
O6 MAN MB . 32.76 -40.47 13.41
C1 MAN MB . 30.66 -43.74 7.69
C2 MAN MB . 30.90 -44.03 6.18
C3 MAN MB . 29.69 -43.61 5.36
C4 MAN MB . 28.42 -44.32 5.86
C5 MAN MB . 28.18 -43.92 7.31
C6 MAN MB . 27.01 -44.69 7.94
O2 MAN MB . 31.06 -45.43 5.96
O3 MAN MB . 29.88 -43.88 3.97
O4 MAN MB . 27.32 -43.91 5.07
O5 MAN MB . 29.36 -44.22 8.14
O6 MAN MB . 26.00 -44.83 6.94
C1 NAG NB . -0.71 -29.09 14.27
C2 NAG NB . -1.86 -30.06 14.05
C3 NAG NB . -2.53 -30.41 15.38
C4 NAG NB . -1.49 -30.86 16.41
C5 NAG NB . -0.34 -29.87 16.50
C6 NAG NB . 0.80 -30.34 17.36
C7 NAG NB . -2.78 -29.66 11.81
C8 NAG NB . -3.87 -29.01 11.02
N2 NAG NB . -2.84 -29.49 13.13
O3 NAG NB . -3.48 -31.44 15.17
O4 NAG NB . -2.12 -30.94 17.69
O5 NAG NB . 0.21 -29.65 15.20
O6 NAG NB . 1.07 -31.72 17.13
O7 NAG NB . -1.88 -30.31 11.27
C1 NAG NB . -2.17 -32.29 18.19
C2 NAG NB . -2.76 -32.23 19.61
C3 NAG NB . -2.86 -33.64 20.19
C4 NAG NB . -3.64 -34.55 19.24
C5 NAG NB . -3.03 -34.52 17.85
C6 NAG NB . -3.83 -35.30 16.83
C7 NAG NB . -2.24 -30.10 20.69
C8 NAG NB . -1.31 -29.37 21.61
N2 NAG NB . -1.95 -31.38 20.47
O3 NAG NB . -3.52 -33.57 21.45
O4 NAG NB . -3.62 -35.89 19.73
O5 NAG NB . -2.97 -33.16 17.37
O6 NAG NB . -4.58 -34.42 16.00
O7 NAG NB . -3.22 -29.55 20.19
C1 NAG OB . -30.07 -0.77 34.92
C2 NAG OB . -30.83 -2.08 34.75
C3 NAG OB . -32.15 -1.85 34.00
C4 NAG OB . -32.93 -0.65 34.56
C5 NAG OB . -32.01 0.55 34.75
C6 NAG OB . -32.66 1.73 35.44
C7 NAG OB . -29.03 -3.76 34.57
C8 NAG OB . -28.29 -4.67 33.65
N2 NAG OB . -30.02 -3.04 34.02
O3 NAG OB . -32.96 -3.02 34.10
O4 NAG OB . -33.93 -0.33 33.61
O5 NAG OB . -30.90 0.16 35.56
O6 NAG OB . -31.92 2.91 35.23
O7 NAG OB . -28.75 -3.68 35.77
C1 NAG OB . -35.29 -0.41 34.13
C2 NAG OB . -36.18 -1.02 33.04
C3 NAG OB . -37.63 -1.07 33.54
C4 NAG OB . -37.73 -1.73 34.91
C5 NAG OB . -36.68 -1.21 35.89
C6 NAG OB . -36.60 -2.04 37.16
C7 NAG OB . -35.23 -0.58 30.83
C8 NAG OB . -35.26 0.31 29.62
N2 NAG OB . -36.08 -0.27 31.81
O3 NAG OB . -38.42 -1.77 32.58
O4 NAG OB . -39.00 -1.39 35.48
O5 NAG OB . -35.38 -1.23 35.31
O6 NAG OB . -35.25 -2.33 37.49
O7 NAG OB . -34.47 -1.53 30.92
C1 BMA OB . -39.97 -2.45 35.43
C2 BMA OB . -40.73 -2.41 36.77
C3 BMA OB . -42.01 -3.27 36.70
C4 BMA OB . -42.85 -2.93 35.45
C5 BMA OB . -41.97 -3.11 34.20
C6 BMA OB . -42.69 -2.76 32.91
O2 BMA OB . -41.16 -1.09 37.05
O3 BMA OB . -42.80 -3.15 37.88
O4 BMA OB . -43.97 -3.78 35.38
O5 BMA OB . -40.81 -2.24 34.31
O6 BMA OB . -43.54 -1.64 33.13
C1 MAN OB . -42.12 -3.77 38.99
C2 MAN OB . -42.38 -5.30 38.95
C3 MAN OB . -43.83 -5.60 39.37
C4 MAN OB . -44.19 -4.93 40.70
C5 MAN OB . -43.93 -3.43 40.61
C6 MAN OB . -44.19 -2.70 41.92
O2 MAN OB . -41.57 -5.99 39.89
O3 MAN OB . -44.06 -7.00 39.44
O4 MAN OB . -45.56 -5.17 41.00
O5 MAN OB . -42.55 -3.19 40.24
O6 MAN OB . -43.01 -1.96 42.26
C1 MAN OB . -42.94 -0.45 32.57
C2 MAN OB . -43.52 0.77 33.34
C3 MAN OB . -44.97 1.03 32.93
C4 MAN OB . -45.11 1.14 31.41
C5 MAN OB . -44.57 -0.16 30.75
C6 MAN OB . -44.59 -0.09 29.23
O2 MAN OB . -42.81 1.97 33.02
O3 MAN OB . -45.50 2.19 33.56
O4 MAN OB . -46.47 1.30 31.05
O5 MAN OB . -43.19 -0.36 31.16
O6 MAN OB . -43.87 -1.21 28.73
C1 NAG PB . -0.19 -0.22 34.81
C2 NAG PB . 0.71 -1.08 33.93
C3 NAG PB . 2.12 -1.14 34.51
C4 NAG PB . 2.67 0.27 34.72
C5 NAG PB . 1.69 1.09 35.57
C6 NAG PB . 2.09 2.54 35.70
C7 NAG PB . 0.23 -3.13 32.67
C8 NAG PB . -0.39 -4.49 32.71
N2 NAG PB . 0.17 -2.42 33.80
O3 NAG PB . 2.96 -1.85 33.61
O4 NAG PB . 3.92 0.19 35.39
O5 NAG PB . 0.39 1.07 34.96
O6 NAG PB . 2.71 3.01 34.51
O7 NAG PB . 0.77 -2.70 31.66
C1 NAG PB . 4.98 0.62 34.51
C2 NAG PB . 6.20 0.93 35.37
C3 NAG PB . 7.34 1.43 34.48
C4 NAG PB . 7.64 0.44 33.36
C5 NAG PB . 6.35 0.03 32.63
C6 NAG PB . 6.57 -1.14 31.68
C7 NAG PB . 6.36 1.84 37.63
C8 NAG PB . 5.94 2.93 38.56
N2 NAG PB . 5.88 1.91 36.38
O3 NAG PB . 8.50 1.64 35.27
O4 NAG PB . 8.50 1.05 32.42
O5 NAG PB . 5.34 -0.39 33.55
O6 NAG PB . 6.07 -0.83 30.38
O7 NAG PB . 7.11 0.93 37.99
C1 BMA PB . 9.83 0.50 32.45
C2 BMA PB . 10.57 0.97 31.20
C3 BMA PB . 11.99 0.41 31.19
C4 BMA PB . 12.74 0.56 32.53
C5 BMA PB . 11.82 0.33 33.78
C6 BMA PB . 12.38 0.87 35.12
O2 BMA PB . 10.71 2.38 31.20
O3 BMA PB . 12.75 1.02 30.15
O4 BMA PB . 13.83 -0.33 32.59
O5 BMA PB . 10.53 0.94 33.58
O6 BMA PB . 13.19 2.04 34.91
C1 MAN PB . 12.41 3.27 34.96
C2 MAN PB . 13.25 4.34 34.17
C3 MAN PB . 14.04 5.37 35.04
C4 MAN PB . 13.58 5.48 36.55
C5 MAN PB . 13.18 4.11 37.09
C6 MAN PB . 12.67 4.17 38.51
O2 MAN PB . 12.41 5.09 33.29
O3 MAN PB . 14.19 6.65 34.32
O4 MAN PB . 14.64 5.96 37.36
O5 MAN PB . 12.10 3.64 36.30
O6 MAN PB . 11.27 4.39 38.46
C1 MAN PB . 13.66 7.86 34.90
C2 MAN PB . 12.28 8.20 34.32
C3 MAN PB . 12.43 8.46 32.81
C4 MAN PB . 13.48 9.57 32.55
C5 MAN PB . 14.81 9.21 33.24
C6 MAN PB . 15.84 10.33 33.16
O2 MAN PB . 11.76 9.42 34.83
O3 MAN PB . 11.19 8.79 32.20
O4 MAN PB . 13.70 9.69 31.16
O5 MAN PB . 14.57 8.93 34.65
O6 MAN PB . 16.76 9.99 32.13
C1 MAN PB . 11.42 9.28 36.22
C2 MAN PB . 9.95 8.84 36.32
C3 MAN PB . 9.02 9.98 35.89
C4 MAN PB . 9.36 11.31 36.60
C5 MAN PB . 10.85 11.63 36.41
C6 MAN PB . 11.30 12.88 37.15
O2 MAN PB . 9.59 8.53 37.67
O3 MAN PB . 7.65 9.65 36.08
O4 MAN PB . 8.57 12.37 36.07
O5 MAN PB . 11.64 10.52 36.89
O6 MAN PB . 12.48 13.36 36.52
C1 MAN PB . 13.24 0.02 29.23
C2 MAN PB . 14.36 0.68 28.38
C3 MAN PB . 13.71 1.76 27.52
C4 MAN PB . 12.65 1.15 26.60
C5 MAN PB . 11.58 0.47 27.47
C6 MAN PB . 10.57 -0.29 26.64
O2 MAN PB . 14.90 -0.29 27.48
O3 MAN PB . 14.65 2.51 26.76
O4 MAN PB . 12.05 2.16 25.82
O5 MAN PB . 12.20 -0.47 28.39
O6 MAN PB . 9.36 -0.39 27.38
C1 MAN PB . 16.34 -0.23 27.44
C2 MAN PB . 16.80 -1.02 26.18
C3 MAN PB . 16.58 -2.51 26.39
C4 MAN PB . 17.26 -3.00 27.68
C5 MAN PB . 16.74 -2.19 28.88
C6 MAN PB . 17.49 -2.52 30.16
O2 MAN PB . 18.19 -0.86 25.94
O3 MAN PB . 17.06 -3.27 25.28
O4 MAN PB . 16.94 -4.37 27.89
O5 MAN PB . 16.93 -0.77 28.63
O6 MAN PB . 18.83 -2.06 30.01
C1 NAG QB . 4.14 -4.48 45.80
C2 NAG QB . 3.78 -4.59 47.27
C3 NAG QB . 3.88 -3.24 47.96
C4 NAG QB . 5.26 -2.62 47.71
C5 NAG QB . 5.58 -2.60 46.22
C6 NAG QB . 6.99 -2.17 45.92
C7 NAG QB . 2.20 -6.32 48.04
C8 NAG QB . 0.77 -6.74 48.13
N2 NAG QB . 2.44 -5.15 47.43
O3 NAG QB . 3.66 -3.39 49.35
O4 NAG QB . 5.27 -1.29 48.22
O5 NAG QB . 5.44 -3.93 45.67
O6 NAG QB . 7.92 -3.15 46.36
O7 NAG QB . 3.11 -7.00 48.50
C1 NAG QB . 6.17 -1.16 49.34
C2 NAG QB . 5.96 0.21 49.99
C3 NAG QB . 6.86 0.35 51.22
C4 NAG QB . 6.65 -0.81 52.18
C5 NAG QB . 6.83 -2.13 51.45
C6 NAG QB . 6.53 -3.34 52.32
C7 NAG QB . 5.30 1.84 48.28
C8 NAG QB . 5.75 2.93 47.36
N2 NAG QB . 6.24 1.28 49.04
O3 NAG QB . 6.56 1.58 51.88
O4 NAG QB . 7.59 -0.73 53.25
O5 NAG QB . 5.94 -2.19 50.33
O6 NAG QB . 6.60 -4.54 51.56
O7 NAG QB . 4.12 1.49 48.33
C1 NAG RB . 21.77 -10.45 36.13
C2 NAG RB . 22.38 -9.80 37.36
C3 NAG RB . 23.36 -8.70 36.96
C4 NAG RB . 24.36 -9.17 35.92
C5 NAG RB . 23.62 -9.83 34.76
C6 NAG RB . 24.55 -10.44 33.73
C7 NAG RB . 20.64 -10.00 39.08
C8 NAG RB . 19.60 -9.26 39.90
N2 NAG RB . 21.34 -9.25 38.22
O3 NAG RB . 24.05 -8.25 38.12
O4 NAG RB . 25.02 -8.03 35.37
O5 NAG RB . 22.79 -10.90 35.26
O6 NAG RB . 23.89 -11.42 32.95
O7 NAG RB . 20.82 -11.20 39.21
C1 NAG RB . 26.39 -7.85 35.74
C2 NAG RB . 27.04 -7.17 34.54
C3 NAG RB . 28.48 -6.74 34.85
C4 NAG RB . 28.49 -5.87 36.11
C5 NAG RB . 27.92 -6.69 37.26
C6 NAG RB . 27.84 -5.91 38.55
C7 NAG RB . 26.78 -7.56 32.13
C8 NAG RB . 26.80 -8.58 31.03
N2 NAG RB . 27.03 -8.02 33.37
O3 NAG RB . 29.01 -6.01 33.75
O4 NAG RB . 29.76 -5.28 36.40
O5 NAG RB . 26.57 -7.06 36.93
O6 NAG RB . 26.51 -5.58 38.87
O7 NAG RB . 26.56 -6.38 31.91
C1 BMA RB . 30.95 -6.11 36.44
C2 BMA RB . 31.93 -5.59 35.34
C3 BMA RB . 33.31 -6.23 35.51
C4 BMA RB . 33.82 -6.08 36.95
C5 BMA RB . 32.82 -6.73 37.90
C6 BMA RB . 33.24 -6.60 39.35
O2 BMA RB . 32.11 -4.19 35.44
O3 BMA RB . 34.25 -5.67 34.60
O4 BMA RB . 35.08 -6.71 37.09
O5 BMA RB . 31.52 -6.08 37.74
O6 BMA RB . 34.65 -6.83 39.41
C1 NAG SB . 5.44 -12.23 47.06
C2 NAG SB . 6.84 -11.71 46.84
C3 NAG SB . 7.85 -12.81 47.11
C4 NAG SB . 7.65 -13.41 48.50
C5 NAG SB . 6.19 -13.83 48.68
C6 NAG SB . 5.87 -14.25 50.09
C7 NAG SB . 7.52 -9.97 45.25
C8 NAG SB . 7.63 -9.59 43.81
N2 NAG SB . 7.01 -11.19 45.49
O3 NAG SB . 9.16 -12.27 46.98
O4 NAG SB . 8.45 -14.58 48.66
O5 NAG SB . 5.31 -12.73 48.38
O6 NAG SB . 5.14 -13.24 50.78
O7 NAG SB . 7.87 -9.22 46.16
C1 NAG SB . 9.64 -14.32 49.43
C2 NAG SB . 10.07 -15.58 50.17
C3 NAG SB . 11.36 -15.32 50.95
C4 NAG SB . 12.44 -14.77 50.04
C5 NAG SB . 11.92 -13.58 49.23
C6 NAG SB . 12.89 -13.14 48.15
C7 NAG SB . 8.45 -15.64 52.08
C8 NAG SB . 7.41 -16.49 52.74
N2 NAG SB . 9.04 -16.18 51.00
O3 NAG SB . 11.73 -16.55 51.55
O4 NAG SB . 13.52 -14.24 50.82
O5 NAG SB . 10.69 -13.89 48.57
O6 NAG SB . 12.30 -13.20 46.86
O7 NAG SB . 8.72 -14.51 52.50
C1 BMA SB . 14.58 -15.18 51.08
C2 BMA SB . 15.94 -14.47 51.02
C3 BMA SB . 17.05 -15.33 51.65
C4 BMA SB . 16.59 -16.01 52.97
C5 BMA SB . 15.26 -16.67 52.76
C6 BMA SB . 14.72 -17.27 54.02
O2 BMA SB . 15.89 -13.30 51.77
O3 BMA SB . 18.18 -14.51 51.88
O4 BMA SB . 17.51 -16.99 53.38
O5 BMA SB . 14.36 -15.68 52.36
O6 BMA SB . 14.87 -16.30 55.04
C1 MAN SB . 14.10 -16.72 56.18
C2 MAN SB . 13.72 -15.43 56.93
C3 MAN SB . 14.95 -14.82 57.59
C4 MAN SB . 15.78 -15.87 58.39
C5 MAN SB . 16.08 -17.06 57.50
C6 MAN SB . 16.83 -18.18 58.20
O2 MAN SB . 12.83 -15.72 58.00
O3 MAN SB . 14.58 -13.75 58.41
O4 MAN SB . 17.00 -15.31 58.83
O5 MAN SB . 14.83 -17.60 57.01
O6 MAN SB . 16.04 -18.68 59.27
C1 MAN SB . 15.34 -12.60 58.00
C2 MAN SB . 15.89 -11.96 59.31
C3 MAN SB . 14.77 -11.20 60.04
C4 MAN SB . 14.02 -10.25 59.10
C5 MAN SB . 13.46 -11.05 57.91
C6 MAN SB . 12.77 -10.17 56.90
O2 MAN SB . 16.89 -11.00 59.03
O3 MAN SB . 15.28 -10.48 61.15
O4 MAN SB . 12.95 -9.63 59.78
O5 MAN SB . 14.56 -11.70 57.23
O6 MAN SB . 12.08 -9.14 57.61
C1 MAN SB . 18.17 -11.64 59.04
C2 MAN SB . 19.18 -10.66 59.69
C3 MAN SB . 19.35 -9.43 58.77
C4 MAN SB . 19.63 -9.82 57.30
C5 MAN SB . 18.59 -10.85 56.81
C6 MAN SB . 18.89 -11.39 55.43
O2 MAN SB . 20.46 -11.25 59.80
O3 MAN SB . 20.37 -8.56 59.25
O4 MAN SB . 19.58 -8.68 56.49
O5 MAN SB . 18.57 -11.97 57.73
O6 MAN SB . 18.36 -10.47 54.47
C1 MAN SB . 16.89 -18.86 60.43
C2 MAN SB . 17.32 -20.36 60.50
C3 MAN SB . 16.16 -21.24 60.96
C4 MAN SB . 15.51 -20.68 62.25
C5 MAN SB . 15.07 -19.24 61.99
C6 MAN SB . 14.45 -18.58 63.20
O2 MAN SB . 18.36 -20.55 61.46
O3 MAN SB . 16.57 -22.59 61.17
O4 MAN SB . 14.39 -21.46 62.60
O5 MAN SB . 16.23 -18.45 61.62
O6 MAN SB . 14.62 -17.17 63.06
C1 MAN SB . 19.43 -15.13 51.53
C2 MAN SB . 20.54 -14.12 51.98
C3 MAN SB . 20.60 -12.96 51.00
C4 MAN SB . 20.78 -13.45 49.57
C5 MAN SB . 19.62 -14.36 49.20
C6 MAN SB . 19.80 -14.97 47.85
O2 MAN SB . 21.83 -14.71 51.99
O3 MAN SB . 21.65 -12.06 51.33
O4 MAN SB . 20.80 -12.36 48.69
O5 MAN SB . 19.53 -15.46 50.14
O6 MAN SB . 20.20 -13.94 46.97
C1 MAN SB . 22.30 -14.70 53.34
C2 MAN SB . 23.74 -14.13 53.33
C3 MAN SB . 24.70 -15.14 52.69
C4 MAN SB . 24.49 -16.57 53.21
C5 MAN SB . 23.02 -16.95 53.10
C6 MAN SB . 22.72 -18.31 53.65
O2 MAN SB . 24.24 -13.93 54.64
O3 MAN SB . 26.04 -14.75 52.91
O4 MAN SB . 25.24 -17.45 52.43
O5 MAN SB . 22.26 -15.99 53.86
O6 MAN SB . 23.12 -18.33 55.02
C1 NAG TB . -10.03 -25.37 39.60
C2 NAG TB . -8.87 -25.66 38.67
C3 NAG TB . -8.79 -27.16 38.39
C4 NAG TB . -8.69 -27.93 39.70
C5 NAG TB . -9.82 -27.53 40.64
C6 NAG TB . -9.67 -28.11 42.03
C7 NAG TB . -7.97 -24.26 36.87
C8 NAG TB . -8.27 -23.55 35.59
N2 NAG TB . -8.99 -24.92 37.42
O3 NAG TB . -7.65 -27.39 37.57
O4 NAG TB . -8.81 -29.33 39.45
O5 NAG TB . -9.86 -26.10 40.81
O6 NAG TB . -9.94 -27.14 43.02
O7 NAG TB . -6.87 -24.21 37.41
C1 NAG TB . -7.53 -29.99 39.51
C2 NAG TB . -7.69 -31.36 40.14
C3 NAG TB . -6.34 -32.05 40.23
C4 NAG TB . -5.68 -32.13 38.84
C5 NAG TB . -5.68 -30.76 38.15
C6 NAG TB . -5.29 -30.84 36.70
C7 NAG TB . -9.51 -31.83 41.70
C8 NAG TB . -10.02 -31.67 43.10
N2 NAG TB . -8.31 -31.29 41.45
O3 NAG TB . -6.52 -33.34 40.79
O4 NAG TB . -4.32 -32.52 38.95
O5 NAG TB . -6.97 -30.14 38.20
O6 NAG TB . -5.80 -29.73 35.97
O7 NAG TB . -10.16 -32.41 40.84
C1 BMA TB . -3.97 -33.93 38.85
C2 BMA TB . -4.88 -34.76 37.89
C3 BMA TB . -4.41 -36.20 37.92
C4 BMA TB . -2.90 -36.33 37.59
C5 BMA TB . -2.07 -35.39 38.48
C6 BMA TB . -0.60 -35.32 38.07
O2 BMA TB . -4.73 -34.33 36.55
O3 BMA TB . -5.16 -37.01 37.03
O4 BMA TB . -2.46 -37.66 37.79
O5 BMA TB . -2.61 -34.05 38.41
O6 BMA TB . -0.52 -34.70 36.80
C1 NAG UB . -3.81 -23.55 40.25
C2 NAG UB . -3.53 -24.90 39.61
C3 NAG UB . -4.18 -26.01 40.42
C4 NAG UB . -3.70 -25.96 41.87
C5 NAG UB . -4.01 -24.57 42.43
C6 NAG UB . -3.49 -24.38 43.84
C7 NAG UB . -3.35 -25.57 37.26
C8 NAG UB . -3.96 -25.50 35.90
N2 NAG UB . -4.00 -24.94 38.23
O3 NAG UB . -3.85 -27.27 39.84
O4 NAG UB . -4.37 -26.94 42.67
O5 NAG UB . -3.38 -23.57 41.62
O6 NAG UB . -2.24 -25.05 44.03
O7 NAG UB . -2.30 -26.18 37.47
C1 NAG UB . -3.53 -28.05 43.02
C2 NAG UB . -4.40 -29.04 43.79
C3 NAG UB . -3.67 -30.37 44.05
C4 NAG UB . -2.99 -30.90 42.78
C5 NAG UB . -2.16 -29.80 42.14
C6 NAG UB . -1.55 -30.22 40.83
C7 NAG UB . -6.14 -28.18 45.28
C8 NAG UB . -6.43 -27.59 46.63
N2 NAG UB . -4.85 -28.47 45.04
O3 NAG UB . -4.70 -31.26 44.50
O4 NAG UB . -2.13 -32.02 42.95
O5 NAG UB . -3.01 -28.68 41.87
O6 NAG UB . -0.40 -29.44 40.53
O7 NAG UB . -7.02 -28.38 44.45
C1 BMA UB . -1.93 -32.75 44.18
C2 BMA UB . -2.62 -34.13 44.01
C3 BMA UB . -2.34 -35.02 45.22
C4 BMA UB . -0.85 -35.07 45.56
C5 BMA UB . -0.29 -33.64 45.71
C6 BMA UB . 1.21 -33.61 45.94
O2 BMA UB . -2.08 -34.82 42.89
O3 BMA UB . -2.85 -36.33 45.03
O4 BMA UB . -0.65 -35.78 46.77
O5 BMA UB . -0.55 -32.90 44.49
O6 BMA UB . 1.82 -34.50 45.01
C1 MAN UB . 3.06 -34.94 45.60
C2 MAN UB . 4.02 -35.42 44.47
C3 MAN UB . 3.63 -36.82 43.96
C4 MAN UB . 3.38 -37.81 45.12
C5 MAN UB . 2.31 -37.21 46.05
C6 MAN UB . 1.99 -38.10 47.23
O2 MAN UB . 5.36 -35.53 44.96
O3 MAN UB . 4.61 -37.35 43.07
O4 MAN UB . 2.94 -39.06 44.61
O5 MAN UB . 2.80 -35.96 46.57
O6 MAN UB . 1.08 -37.37 48.07
C1 NAG VB . -9.70 -22.46 48.65
C2 NAG VB . -8.40 -23.25 48.53
C3 NAG VB . -8.39 -24.41 49.52
C4 NAG VB . -8.65 -23.90 50.93
C5 NAG VB . -9.95 -23.11 50.96
C6 NAG VB . -10.25 -22.49 52.30
C7 NAG VB . -7.06 -23.70 46.53
C8 NAG VB . -7.04 -24.25 45.14
N2 NAG VB . -8.22 -23.75 47.17
O3 NAG VB . -7.13 -25.07 49.43
O4 NAG VB . -8.74 -24.98 51.86
O5 NAG VB . -9.87 -22.03 50.01
O6 NAG VB . -11.65 -22.33 52.50
O7 NAG VB . -6.05 -23.23 47.05
C1 NAG VB . -7.52 -25.10 52.64
C2 NAG VB . -7.82 -25.36 54.13
C3 NAG VB . -6.52 -25.55 54.90
C4 NAG VB . -5.69 -26.66 54.27
C5 NAG VB . -5.45 -26.37 52.79
C6 NAG VB . -4.74 -27.49 52.07
C7 NAG VB . -9.50 -24.44 55.68
C8 NAG VB . -10.21 -23.21 56.14
N2 NAG VB . -8.60 -24.26 54.69
O3 NAG VB . -6.81 -25.85 56.26
O4 NAG VB . -4.43 -26.76 54.93
O5 NAG VB . -6.71 -26.18 52.13
O6 NAG VB . -5.13 -27.56 50.71
O7 NAG VB . -9.71 -25.55 56.16
C1 BMA VB . -4.29 -27.96 55.74
C2 BMA VB . -3.94 -27.50 57.22
C3 BMA VB . -4.19 -28.61 58.26
C4 BMA VB . -5.48 -29.40 57.99
C5 BMA VB . -5.42 -29.95 56.57
C6 BMA VB . -6.56 -30.87 56.24
O2 BMA VB . -4.72 -26.38 57.61
O3 BMA VB . -4.21 -28.08 59.58
O4 BMA VB . -5.61 -30.46 58.91
O5 BMA VB . -5.47 -28.81 55.70
O6 BMA VB . -6.14 -31.73 55.19
C1 NAG WB . -2.90 3.38 41.10
C2 NAG WB . -1.75 4.29 40.65
C3 NAG WB . -1.11 5.00 41.86
C4 NAG WB . -2.15 5.66 42.75
C5 NAG WB . -3.27 4.67 43.09
C6 NAG WB . -4.42 5.30 43.84
C7 NAG WB . 0.04 2.58 40.24
C8 NAG WB . 0.98 2.07 39.20
N2 NAG WB . -0.74 3.60 39.85
O3 NAG WB . -0.18 5.98 41.39
O4 NAG WB . -1.53 6.03 43.98
O5 NAG WB . -3.83 4.13 41.88
O6 NAG WB . -4.74 4.55 45.01
O7 NAG WB . -0.02 2.07 41.36
C1 NAG WB . -1.36 7.46 44.15
C2 NAG WB . -0.33 7.62 45.26
C3 NAG WB . -0.06 9.10 45.51
C4 NAG WB . 0.34 9.81 44.22
C5 NAG WB . -0.71 9.56 43.14
C6 NAG WB . -0.33 10.13 41.80
C7 NAG WB . -0.04 5.95 47.03
C8 NAG WB . -0.62 5.37 48.29
N2 NAG WB . -0.74 6.95 46.48
O3 NAG WB . 0.96 9.20 46.50
O4 NAG WB . 0.47 11.21 44.43
O5 NAG WB . -0.92 8.15 42.96
O6 NAG WB . -0.16 9.10 40.83
O7 NAG WB . 0.98 5.53 46.52
C1 BMA WB . 1.87 11.59 44.50
C2 BMA WB . 2.26 12.44 43.27
C3 BMA WB . 3.74 12.83 43.38
C4 BMA WB . 4.07 13.47 44.76
C5 BMA WB . 3.54 12.61 45.92
C6 BMA WB . 3.67 13.29 47.27
O2 BMA WB . 1.52 13.64 43.23
O3 BMA WB . 4.12 13.71 42.33
O4 BMA WB . 5.48 13.62 44.89
O5 BMA WB . 2.13 12.33 45.70
O6 BMA WB . 4.95 13.90 47.34
C1 NAG XB . -5.98 64.43 7.02
C2 NAG XB . -4.54 64.26 7.48
C3 NAG XB . -3.63 65.24 6.73
C4 NAG XB . -3.82 65.11 5.22
C5 NAG XB . -5.30 65.25 4.86
C6 NAG XB . -5.58 65.02 3.40
C7 NAG XB . -3.80 63.59 9.72
C8 NAG XB . -3.77 63.95 11.18
N2 NAG XB . -4.41 64.47 8.92
O3 NAG XB . -2.27 64.96 7.06
O4 NAG XB . -3.07 66.11 4.54
O5 NAG XB . -6.07 64.29 5.60
O6 NAG XB . -6.97 65.06 3.13
O7 NAG XB . -3.28 62.56 9.29
C1 MAN YB . 41.48 -29.68 -23.01
C2 MAN YB . 42.68 -29.54 -22.03
C3 MAN YB . 42.31 -30.05 -20.62
C4 MAN YB . 40.95 -29.52 -20.15
C5 MAN YB . 39.88 -29.87 -21.19
C6 MAN YB . 38.51 -29.36 -20.80
O2 MAN YB . 43.04 -28.16 -21.85
O3 MAN YB . 43.32 -29.74 -19.67
O4 MAN YB . 40.60 -30.11 -18.91
O5 MAN YB . 40.25 -29.26 -22.45
O6 MAN YB . 37.55 -30.01 -21.64
C1 NAG ZB . 47.70 30.54 -12.37
C2 NAG ZB . 48.78 30.06 -11.39
C3 NAG ZB . 49.06 31.14 -10.36
C4 NAG ZB . 49.42 32.45 -11.04
C5 NAG ZB . 48.33 32.85 -12.03
C6 NAG ZB . 48.70 34.07 -12.85
C7 NAG ZB . 48.58 27.62 -11.29
C8 NAG ZB . 48.13 26.44 -10.49
N2 NAG ZB . 48.38 28.82 -10.74
O3 NAG ZB . 50.11 30.73 -9.50
O4 NAG ZB . 49.59 33.49 -10.07
O5 NAG ZB . 48.11 31.79 -12.97
O6 NAG ZB . 50.10 34.25 -12.91
O7 NAG ZB . 49.12 27.49 -12.40
C1 NAG AC . 39.88 45.89 -0.57
C2 NAG AC . 39.15 47.21 -0.34
C3 NAG AC . 38.27 47.54 -1.54
C4 NAG AC . 39.09 47.53 -2.83
C5 NAG AC . 39.83 46.20 -2.96
C6 NAG AC . 40.76 46.17 -4.15
C7 NAG AC . 38.87 47.36 2.10
C8 NAG AC . 37.89 47.26 3.24
N2 NAG AC . 38.36 47.15 0.87
O3 NAG AC . 37.67 48.81 -1.36
O4 NAG AC . 38.23 47.69 -3.95
O5 NAG AC . 40.62 45.96 -1.80
O6 NAG AC . 40.07 45.89 -5.35
O7 NAG AC . 40.06 47.61 2.27
C1 NAG BC . -40.28 37.83 -34.44
C2 NAG BC . -39.79 36.91 -35.57
C3 NAG BC . -40.97 36.32 -36.33
C4 NAG BC . -41.97 35.67 -35.37
C5 NAG BC . -42.38 36.64 -34.28
C6 NAG BC . -43.26 36.03 -33.22
C7 NAG BC . -37.69 37.15 -36.81
C8 NAG BC . -36.91 38.01 -37.76
N2 NAG BC . -38.89 37.61 -36.47
O3 NAG BC . -40.50 35.36 -37.26
O4 NAG BC . -43.12 35.25 -36.08
O5 NAG BC . -41.20 37.12 -33.60
O6 NAG BC . -43.53 36.95 -32.17
O7 NAG BC . -37.26 36.09 -36.39
C1 MAN CC . 5.71 -55.65 -0.40
C2 MAN CC . 6.34 -55.97 -1.78
C3 MAN CC . 7.69 -55.26 -1.95
C4 MAN CC . 7.62 -53.77 -1.55
C5 MAN CC . 7.08 -53.65 -0.12
C6 MAN CC . 6.95 -52.22 0.34
O2 MAN CC . 5.52 -55.53 -2.85
O3 MAN CC . 8.20 -55.39 -3.27
O4 MAN CC . 8.90 -53.18 -1.62
O5 MAN CC . 5.76 -54.26 -0.07
O6 MAN CC . 6.78 -52.22 1.74
C1 NAG DC . -28.58 -27.01 -42.61
C2 NAG DC . -27.52 -27.54 -43.57
C3 NAG DC . -27.53 -26.73 -44.86
C4 NAG DC . -28.92 -26.73 -45.47
C5 NAG DC . -29.95 -26.23 -44.46
C6 NAG DC . -31.37 -26.33 -44.95
C7 NAG DC . -25.74 -28.49 -42.16
C8 NAG DC . -24.36 -28.29 -41.61
N2 NAG DC . -26.20 -27.51 -42.95
O3 NAG DC . -26.58 -27.29 -45.77
O4 NAG DC . -28.94 -25.90 -46.63
O5 NAG DC . -29.87 -27.02 -43.26
O6 NAG DC . -31.50 -27.31 -45.98
O7 NAG DC . -26.43 -29.47 -41.90
C1 NAG EC . -31.16 -8.32 -51.56
C2 NAG EC . -31.94 -7.05 -51.89
C3 NAG EC . -33.06 -6.83 -50.88
C4 NAG EC . -33.95 -8.07 -50.78
C5 NAG EC . -33.09 -9.31 -50.49
C6 NAG EC . -33.89 -10.59 -50.52
C7 NAG EC . -30.32 -5.57 -53.00
C8 NAG EC . -29.47 -4.35 -52.86
N2 NAG EC . -31.06 -5.90 -51.94
O3 NAG EC . -33.85 -5.71 -51.26
O4 NAG EC . -34.90 -7.92 -49.73
O5 NAG EC . -32.07 -9.43 -51.48
O6 NAG EC . -34.57 -10.80 -49.30
O7 NAG EC . -30.34 -6.25 -54.02
C1 NAG FC . -52.44 30.38 23.79
C2 NAG FC . -52.56 29.05 24.51
C3 NAG FC . -52.74 29.27 26.02
C4 NAG FC . -51.63 30.16 26.56
C5 NAG FC . -51.56 31.45 25.76
C6 NAG FC . -50.40 32.34 26.17
C7 NAG FC . -53.56 27.00 23.59
C8 NAG FC . -54.80 26.36 23.06
N2 NAG FC . -53.68 28.27 23.98
O3 NAG FC . -52.72 28.02 26.69
O4 NAG FC . -51.90 30.47 27.93
O5 NAG FC . -51.36 31.15 24.37
O6 NAG FC . -50.29 33.48 25.33
O7 NAG FC . -52.49 26.40 23.67
C1 MAN GC . 38.82 -30.26 26.58
C2 MAN GC . 38.09 -31.56 27.01
C3 MAN GC . 37.51 -32.31 25.79
C4 MAN GC . 36.74 -31.37 24.84
C5 MAN GC . 37.67 -30.22 24.43
C6 MAN GC . 36.99 -29.23 23.52
O2 MAN GC . 36.97 -31.27 27.86
O3 MAN GC . 36.67 -33.39 26.19
O4 MAN GC . 36.34 -32.07 23.69
O5 MAN GC . 38.09 -29.50 25.62
O6 MAN GC . 37.99 -28.41 22.92
C1 NAG HC . -12.54 -12.38 55.22
C2 NAG HC . -12.81 -13.87 55.26
C3 NAG HC . -14.30 -14.13 55.48
C4 NAG HC . -14.79 -13.40 56.73
C5 NAG HC . -14.45 -11.91 56.63
C6 NAG HC . -14.79 -11.16 57.90
C7 NAG HC . -11.08 -14.93 53.89
C8 NAG HC . -10.77 -15.59 52.58
N2 NAG HC . -12.35 -14.52 54.05
O3 NAG HC . -14.54 -15.53 55.60
O4 NAG HC . -16.20 -13.56 56.86
O5 NAG HC . -13.03 -11.74 56.41
O6 NAG HC . -14.83 -12.02 59.03
O7 NAG HC . -10.22 -14.76 54.75
C1 NAG IC . -32.08 -6.17 51.26
C2 NAG IC . -33.24 -5.17 51.27
C3 NAG IC . -32.70 -3.75 51.41
C4 NAG IC . -31.80 -3.63 52.63
C5 NAG IC . -30.70 -4.69 52.57
C6 NAG IC . -29.85 -4.71 53.83
C7 NAG IC . -35.00 -6.22 49.92
C8 NAG IC . -35.73 -6.21 48.62
N2 NAG IC . -34.04 -5.31 50.07
O3 NAG IC . -33.78 -2.84 51.51
O4 NAG IC . -31.19 -2.34 52.66
O5 NAG IC . -31.28 -5.99 52.44
O6 NAG IC . -28.85 -3.71 53.79
O7 NAG IC . -35.26 -7.04 50.81
#